data_5JEA
#
_entry.id   5JEA
#
_cell.length_a   106.080
_cell.length_b   182.530
_cell.length_c   250.550
_cell.angle_alpha   90.00
_cell.angle_beta   90.00
_cell.angle_gamma   90.00
#
_symmetry.space_group_name_H-M   'P 21 21 21'
#
loop_
_entity.id
_entity.type
_entity.pdbx_description
1 polymer 'Exosome complex component RRP45'
2 polymer 'Exosome complex component SKI6'
3 polymer 'Exosome complex component RRP43'
4 polymer 'Exosome complex component RRP46'
5 polymer 'Exosome complex component RRP42'
6 polymer 'Exosome complex component MTR3'
7 polymer 'Exosome complex component RRP40'
8 polymer 'Exosome complex component RRP4'
9 polymer 'Exosome complex component CSL4'
10 polymer 'Exosome complex exonuclease DIS3'
11 polymer 'Superkiller protein 7,Endolysin'
12 polymer 'RNA (29-MER)'
13 non-polymer (4S)-2-METHYL-2,4-PENTANEDIOL
14 non-polymer 'SODIUM ION'
15 non-polymer 'ZINC ION'
16 water water
#
loop_
_entity_poly.entity_id
_entity_poly.type
_entity_poly.pdbx_seq_one_letter_code
_entity_poly.pdbx_strand_id
1 'polypeptide(L)'
;MAKDIEISASESKFILEALRQNYRLDGRSFDQFRDVEITFGKEFGDVSVKMGNTKVHCRISCQIAQPYEDRPFEGLFVIS
TEISPMAGSQFENGNITGEDEVLCSRIIEKSVRRSGALDVEGLCIVAGSKCWAVRADVHFLDCDGGFIDASCIAVMAGLM
HFKKPDITVHGEQIIVHPVNEREPVPLGILHIPICVTFSFFNPQDTEENIKGETNSEISIIDATLKEELLRDGVLTVTLN
KNREVVQVSKAGGLPMDALTLMKCCHEAYSIIEKITDQILQLLKEDSEKRNKYAAMLTSENAREI
;
A
2 'polypeptide(L)'
;GPHMSRLEIYSPEGLRLDGRRWNELRRFESSINTHPHAADGSSYMEQGNNKIITLVKGPKEPRLKSQMDTSKALLNVSVN
ITKFSKFERSKSSHKNERRVLEIQTSLVRMFEKNVMLNIYPRTVIDIEIHVLEQDGGIMGSLINGITLALIDAGISMFDY
ISGISVGLYDTTPLLDTNSLEENAMSTVTLGVVGKSEKLSLLLVEDKIPLDRLENVLAIGIAGAHRVRDLMDEELRKHAQ
KRVSNASAR
;
B
3 'polypeptide(L)'
;MAESTTLETIEIHPITFPPEVLARISPELSLQRHLSLGIRPCLRKYEEFRDVAIENNTLSRYADAGNIDTKNNILGSNVL
KSGKTIVITSITGGIIEETSASIKDLDDFGEEELFEVTKEEDIIANYASVYPVVEVERGRVGACTDEEMTISQKLHDSIL
HSRILPKKALKVKAGVRSANEDGTFSVLYPDELEDDTLNETNLKMKRKWSYVLYAKIVVLSRTGPVFDLCWNSLMYALQS
VKLPRAFIDERASDLRMTIRTRGRSATIRETYEIICDQTKSVPLMINAKNIAFASNYGIVELDPECQLQNSDNSEEEEVD
IDMDKLNTVLIADLDTEAEETSIHSTISILAAPSGNYKQLTLMGGGAKITPEMIKRSLLLSRVRADDLSTRFNI
;
C
4 'polypeptide(L)'
;AASMSVQAEIGILDHVDGSSEFVSQDTKVICSVTGPIEPKARQELPTQLALEIIVRPAKGVATTREKVLEDKLRAVLTPL
ITRHCYPRQLCQITCQILESGEDEAEFSLRELSCCINAAFLALVDAGIALNSMCASIPIAIIKDTSDIIVDPTAEQLKIS
LSVHTLALEFVNGGKVVKNVLLLDSNGDFNEDQLFSLLELGEQKCQELVTNIRRIIQDNISPRLVV
;
D
5 'polypeptide(L)'
;GPHMSLSVAEKSYLYDSLASTPSIRPDGRLPHQFRPIEIFTDFLPSSNGSSRIIASDGSECIVSIKSKVVDHHVENELLQ
VDVDIAGQRDDALVVETITSLLNKVLKSGSGVDSSKLQLTKKYSFKIFVDVLVISSHSHPISLISFAIYSALNSTYLPKL
ISAFDDLEVEELPTFHDYDMVKLDINPPLVFILAVVGNNMLLDPAANESEVANNGLIISWSNGKITSPIRSVALNDSNVK
SFKPHLLKQGLAMVEKYAPDVVRSLENL
;
E
6 'polypeptide(L)'
;MNVQDRRRLLGPAAAKPMAFSNTTTHVPEKKSTDLTPKGNESEQELSLHTGFIENCNGSALVEARSLGHQTSLITAVYGP
RSIRGSFTSQGTISIQLKNGLLEKYNTNELKEVSSFLMGIFNSVVNLSRYPKSGIDIFVYLTYDKDLTNNPQDDDSQSKM
TSSQISSLIPHCITSITLALADAGIELVDMAGAGEANGTVVSFIKNGEEIVGFWKDDGDDEDLLECLDRCKEQYNRYRDL
MISCLMNQET
;
F
7 'polypeptide(L)'
;GPDSMSTFIFPGDSFPVDPTTPVKLGPGIYCDPNTQEIRPVNTGVLHVSAKGKSGVQTAYIDYSSKRYIPSVNDFVIGVI
IGTFSDSYKVSLQNFSSSVSLSYMAFPNASKKNRPTLQVGDLVYARVCTAEKELEAEIECFDSTTGRDAGFGILEDGMII
DVNLNFARQLLFNNDFPLLKVLAAHTKFEVAIGLNGKIWVKCEELSNTLACYRTIMECCQKNDTAAFKDIAKRQFKEILT
VKEE
;
G
8 'polypeptide(L)'
;TGGRSMSDSQIVTPGELVTDDPIWMRGHGTYFLDNMTYSSVAGTVSRVNRLLSVIPLKGRYAPETGDHVVGRIAEVGNKR
WKVDIGGKQHAVLMLGSVNLPGGILRRKSESDELQMRSFLKEGDLLNAEVQSLFQDGSASLHTRSLKYGKLRNGMFCQVP
SSLIVRAKNHTHNLPGNITVVLGVNGYIWLRKTSQMDLARDTPSANNSSSIKSTGPTGAVSLNPSITRLEEESSWQIYSD
ENDPSISNNIRQAICRYANVIKALAFCEIGITQQRIVSAYEASMVYSNVGELIEKNVMESIGSDILTAEKMRGNGN
;
H
9 'polypeptide(L)'
;GPHMACNFQFPEIAYPGKLICPQYGTENKDGEDIIFNYVPGPGTKLIQYEHNGRTLEAITATLVGTVRCEEEKKTDQEEE
REGTDQSTEEEKSVDASPNDVTRRTVKNILVSVLPGTEKGRKTNKYANNDFANNLPKEGDIVLTRVTRLSLQRANVEILA
VEDKPSPIDSGIGSNGSGIVAAGGGSGAATFSVSQASSDLGETFRGIIRSQDVRSTDRDRVKVIECFKPGDIVRAQVLSL
GDGTNYYLTTARNDLGVVFARAANGAGGLMYATDWQMMTSPVTGATEKRKCAKPF
;
I
10 'polypeptide(L)'
;GPDSMSVPAIAPRRKRLADGLSVTQKVFVRSRNGGATKIVREHYLRSDIPCLSRSCTKCPQIVVPDAQNELPKFILSDSP
LELSAPIGKHYVVLDTNVVLQAIDLLENPNCFFDVIVPQIVLDEVRNKSYPVYTRLRTLCRDSDDHKRFIVFHNEFSEHT
FVERLPNETINDRNNRAIRKTCQWYSEHLKPYDINVVLVTNDRLNREAATKEVESNIITKSLVQYIELLPNADDIRDSIP
QMDSFDKDLERDTFSDFTFPEYYSTARVMGGLKNGVLYQGNIQISEYNFLEGSVSLPRFSKPVLIVGQKNLNRAFNGDQV
IVELLPQSEWKAPSSIVLDSEHFDVNDNPDIEAGDDDDNNESSSNTTVISDKQRRLLAKDAMIAQRSKKIQPTAKVVYIQ
RRSWRQYVGQLAPSSVDPQSSSTQNVFVILMDKCLPKVRIRTRRAAELLDKRIVISIDSWPTTHKYPLGHFVRDLGTIES
AQAETEALLLEHDVEYRPFSKKVLECLPAEGHDWKAPTKLDDPEAVSKDPLLTKRKDLRDKLICSIDPPGCVDINDALHA
KKLPNGNWEVGVHIADVTHFVKPGTALDAEGAARGTSVYLVDKRIDMLPMLLGTDLCSLKPYVDRFAFSVIWELDDSANI
VNVNFMKSVIRSREAFSYEQAQLRIDDKTQNDELTMGMRALLKLSVKLKQKRLEAGALNLASPEVKVHMDSETSDPNEVE
IKKLLATNSLVEEFMLLANISVARKIYDAFPQTAMLRRHAAPPSTNFEILNEMLNTRKNMSISLESSKALADSLDRCVDP
EDPYFNTLVRIMSTRCMMAAQYFYSGAYSYPDFRHYGLAVDIYTHFTSPIRRYCDVVAHRQLAGAIGYEPLSLTHRDKNK
MDMICRNINRKHRNAQFAGRASIEYYVGQVMRNNESTETGYVIKVFNNGIVVLVPKFGVEGLIRLDNLTEDPNSAAFDEV
EYKLTFVPTNSDKPRDVYVFDKVEVQVRSVMDPITSKRKAELLLK
;
J
11 'polypeptide(L)'
;GPDSMDDKLNLEESWKAIKEMNHYCFLKNDPCINQTDDFAFTNFIIKDKKNSLSTSIPLSSQNSSFLSLKKHNNELLGIF
VPCNLPKTTRKVAIENFNRPSPDDIIQSAQLNAFNMNIFEMLRIDEGLRLKIYKDTEGYYTIGIGHLLTKSPSLNAAKSE
LDKAIGRNTNGVITKDEAEKLFNQDVDAAVRGILRNAKLKPVYDSLDAVRRAALINMVFQMGETGVAGFTNSLRMLQQKR
WDEAAVNLAKSRWHNQTPNRAKRVITTFRTGTWDAYKNL
;
K
12 'polyribonucleotide' CCCCCCGAAGGGGGUUUUUUUUUUUUUUUUUUUUUUUUUUUUUUUA R
#
# COMPACT_ATOMS: atom_id res chain seq x y z
N ALA A 2 13.66 -18.66 -5.61
CA ALA A 2 12.43 -19.34 -5.25
C ALA A 2 12.25 -19.40 -3.73
N LYS A 3 13.27 -19.92 -3.05
CA LYS A 3 13.31 -20.01 -1.59
C LYS A 3 12.11 -20.77 -1.03
N ASP A 4 11.75 -21.87 -1.66
CA ASP A 4 10.57 -22.64 -1.27
C ASP A 4 10.89 -23.65 -0.16
N ILE A 5 9.91 -23.89 0.71
CA ILE A 5 10.03 -24.93 1.72
C ILE A 5 9.54 -26.26 1.14
N GLU A 6 10.46 -27.18 0.88
CA GLU A 6 10.13 -28.45 0.26
C GLU A 6 9.53 -29.43 1.27
N ILE A 7 8.24 -29.67 1.15
CA ILE A 7 7.56 -30.62 2.03
C ILE A 7 7.28 -31.93 1.31
N SER A 8 7.67 -33.03 1.94
CA SER A 8 7.51 -34.36 1.34
C SER A 8 6.11 -34.92 1.54
N ALA A 9 5.75 -35.88 0.70
CA ALA A 9 4.44 -36.53 0.74
C ALA A 9 4.21 -37.27 2.06
N SER A 10 5.24 -37.94 2.55
CA SER A 10 5.14 -38.67 3.81
C SER A 10 4.85 -37.73 4.97
N GLU A 11 5.42 -36.54 4.94
CA GLU A 11 5.23 -35.57 6.02
C GLU A 11 3.81 -35.02 6.02
N SER A 12 3.33 -34.63 4.85
CA SER A 12 1.97 -34.15 4.69
C SER A 12 0.96 -35.21 5.13
N LYS A 13 1.13 -36.42 4.61
CA LYS A 13 0.23 -37.52 4.93
C LYS A 13 0.29 -37.84 6.42
N PHE A 14 1.48 -37.74 7.01
CA PHE A 14 1.67 -38.06 8.41
C PHE A 14 0.94 -37.07 9.30
N ILE A 15 1.18 -35.79 9.06
CA ILE A 15 0.55 -34.74 9.86
C ILE A 15 -0.98 -34.74 9.68
N LEU A 16 -1.43 -34.93 8.45
CA LEU A 16 -2.87 -34.99 8.18
C LEU A 16 -3.52 -36.18 8.87
N GLU A 17 -2.90 -37.35 8.77
CA GLU A 17 -3.40 -38.57 9.42
C GLU A 17 -3.39 -38.40 10.93
N ALA A 18 -2.40 -37.67 11.44
CA ALA A 18 -2.31 -37.38 12.86
C ALA A 18 -3.48 -36.51 13.28
N LEU A 19 -3.83 -35.53 12.44
CA LEU A 19 -5.01 -34.71 12.69
C LEU A 19 -6.27 -35.55 12.67
N ARG A 20 -6.31 -36.55 11.80
CA ARG A 20 -7.47 -37.44 11.72
C ARG A 20 -7.63 -38.25 13.01
N GLN A 21 -6.51 -38.59 13.64
CA GLN A 21 -6.54 -39.36 14.88
C GLN A 21 -6.43 -38.47 16.12
N ASN A 22 -6.83 -37.20 15.95
CA ASN A 22 -6.82 -36.22 17.03
C ASN A 22 -5.44 -36.05 17.69
N TYR A 23 -4.41 -35.92 16.85
CA TYR A 23 -3.05 -35.70 17.33
C TYR A 23 -2.41 -34.45 16.71
N ARG A 24 -1.77 -33.64 17.55
CA ARG A 24 -0.91 -32.56 17.07
C ARG A 24 0.53 -32.87 17.46
N LEU A 25 1.47 -32.49 16.61
CA LEU A 25 2.88 -32.82 16.78
C LEU A 25 3.45 -32.36 18.13
N ASP A 26 3.13 -31.13 18.52
CA ASP A 26 3.69 -30.55 19.75
C ASP A 26 2.88 -30.93 21.00
N GLY A 27 1.90 -31.82 20.83
CA GLY A 27 1.16 -32.36 21.96
C GLY A 27 0.03 -31.49 22.48
N ARG A 28 -0.48 -30.59 21.66
CA ARG A 28 -1.60 -29.76 22.04
C ARG A 28 -2.91 -30.36 21.55
N SER A 29 -4.02 -30.02 22.21
CA SER A 29 -5.33 -30.38 21.68
C SER A 29 -5.69 -29.37 20.59
N PHE A 30 -6.75 -29.66 19.84
CA PHE A 30 -7.10 -28.84 18.69
C PHE A 30 -7.47 -27.42 19.08
N ASP A 31 -8.00 -27.25 20.29
CA ASP A 31 -8.47 -25.94 20.74
C ASP A 31 -7.51 -25.29 21.73
N GLN A 32 -6.27 -25.76 21.74
CA GLN A 32 -5.29 -25.29 22.71
C GLN A 32 -4.32 -24.27 22.13
N PHE A 33 -4.47 -23.03 22.58
CA PHE A 33 -3.56 -21.94 22.26
C PHE A 33 -2.23 -22.18 22.97
N ARG A 34 -1.15 -21.66 22.41
CA ARG A 34 0.17 -21.83 23.01
C ARG A 34 0.36 -20.92 24.21
N ASP A 35 1.17 -21.38 25.17
CA ASP A 35 1.51 -20.59 26.34
C ASP A 35 2.22 -19.31 25.92
N VAL A 36 1.59 -18.17 26.18
CA VAL A 36 2.16 -16.88 25.82
C VAL A 36 3.11 -16.38 26.90
N GLU A 37 4.35 -16.12 26.51
CA GLU A 37 5.34 -15.57 27.42
C GLU A 37 5.62 -14.11 27.07
N ILE A 38 5.14 -13.20 27.91
CA ILE A 38 5.34 -11.78 27.69
C ILE A 38 6.40 -11.25 28.64
N THR A 39 7.46 -10.66 28.08
CA THR A 39 8.55 -10.14 28.88
C THR A 39 8.85 -8.68 28.55
N PHE A 40 8.74 -7.82 29.56
CA PHE A 40 9.10 -6.41 29.41
C PHE A 40 10.56 -6.21 29.76
N GLY A 41 11.12 -5.08 29.34
CA GLY A 41 12.49 -4.76 29.69
C GLY A 41 12.88 -3.33 29.38
N LYS A 42 13.79 -2.77 30.18
CA LYS A 42 14.36 -1.45 29.95
C LYS A 42 13.31 -0.34 29.92
N GLU A 43 13.22 0.35 28.78
CA GLU A 43 12.27 1.45 28.64
C GLU A 43 10.86 0.96 28.39
N PHE A 44 9.89 1.84 28.64
CA PHE A 44 8.49 1.51 28.40
C PHE A 44 8.25 1.36 26.89
N GLY A 45 7.41 0.38 26.53
CA GLY A 45 7.08 0.15 25.13
C GLY A 45 7.97 -0.87 24.46
N ASP A 46 8.82 -1.52 25.24
CA ASP A 46 9.69 -2.56 24.74
C ASP A 46 9.25 -3.92 25.27
N VAL A 47 8.73 -4.76 24.37
CA VAL A 47 8.15 -6.03 24.81
C VAL A 47 8.58 -7.21 23.93
N SER A 48 8.82 -8.37 24.55
CA SER A 48 9.12 -9.59 23.81
C SER A 48 8.05 -10.65 24.07
N VAL A 49 7.49 -11.19 22.99
CA VAL A 49 6.45 -12.20 23.10
C VAL A 49 6.90 -13.53 22.53
N LYS A 50 6.65 -14.60 23.29
CA LYS A 50 7.07 -15.94 22.91
C LYS A 50 5.91 -16.94 22.96
N MET A 51 5.55 -17.47 21.80
CA MET A 51 4.55 -18.54 21.70
C MET A 51 5.22 -19.84 21.27
N GLY A 52 5.51 -20.71 22.23
CA GLY A 52 6.24 -21.92 21.94
C GLY A 52 7.62 -21.56 21.42
N ASN A 53 7.86 -21.84 20.14
CA ASN A 53 9.13 -21.49 19.52
C ASN A 53 9.05 -20.18 18.75
N THR A 54 7.82 -19.73 18.48
CA THR A 54 7.61 -18.47 17.79
C THR A 54 8.06 -17.32 18.67
N LYS A 55 8.93 -16.46 18.14
CA LYS A 55 9.46 -15.35 18.92
C LYS A 55 9.31 -14.03 18.18
N VAL A 56 8.59 -13.09 18.78
CA VAL A 56 8.47 -11.75 18.20
C VAL A 56 8.86 -10.68 19.22
N HIS A 57 9.19 -9.50 18.72
CA HIS A 57 9.62 -8.40 19.57
C HIS A 57 9.02 -7.09 19.06
N CYS A 58 8.49 -6.28 19.97
CA CYS A 58 7.88 -5.02 19.60
C CYS A 58 8.50 -3.85 20.36
N ARG A 59 8.62 -2.74 19.65
CA ARG A 59 9.20 -1.52 20.21
C ARG A 59 8.29 -0.32 19.93
N ILE A 60 7.73 0.24 20.99
CA ILE A 60 6.87 1.41 20.86
C ILE A 60 7.68 2.69 21.02
N SER A 61 7.42 3.68 20.17
CA SER A 61 8.12 4.96 20.23
C SER A 61 7.22 6.10 19.78
N CYS A 62 7.59 7.33 20.14
CA CYS A 62 6.81 8.50 19.75
C CYS A 62 7.70 9.72 19.55
N GLN A 63 7.26 10.61 18.67
CA GLN A 63 7.95 11.87 18.44
C GLN A 63 6.95 12.95 18.03
N ILE A 64 7.26 14.20 18.30
CA ILE A 64 6.36 15.30 18.00
C ILE A 64 6.29 15.55 16.50
N ALA A 65 5.07 15.73 16.00
CA ALA A 65 4.85 15.95 14.57
C ALA A 65 3.67 16.90 14.33
N GLN A 66 3.31 17.07 13.07
CA GLN A 66 2.16 17.90 12.70
C GLN A 66 0.98 17.04 12.30
N PRO A 67 -0.20 17.35 12.84
CA PRO A 67 -1.45 16.63 12.53
C PRO A 67 -1.78 16.71 11.05
N TYR A 68 -2.39 15.67 10.50
CA TYR A 68 -2.78 15.67 9.10
C TYR A 68 -3.83 16.76 8.85
N GLU A 69 -3.83 17.30 7.63
CA GLU A 69 -4.73 18.40 7.28
C GLU A 69 -6.20 18.02 7.41
N ASP A 70 -6.52 16.78 7.06
CA ASP A 70 -7.90 16.31 7.11
C ASP A 70 -8.39 16.13 8.55
N ARG A 71 -7.54 15.58 9.41
CA ARG A 71 -7.89 15.34 10.80
C ARG A 71 -7.13 16.27 11.74
N PRO A 72 -7.80 17.33 12.21
CA PRO A 72 -7.17 18.39 13.01
C PRO A 72 -6.95 18.03 14.49
N PHE A 73 -7.75 17.11 15.02
CA PHE A 73 -7.71 16.82 16.46
C PHE A 73 -7.06 15.48 16.80
N GLU A 74 -6.64 14.74 15.78
CA GLU A 74 -6.14 13.39 16.01
C GLU A 74 -4.62 13.30 15.87
N GLY A 75 -4.01 12.45 16.68
CA GLY A 75 -2.58 12.19 16.59
C GLY A 75 -2.29 11.20 15.48
N LEU A 76 -1.02 10.83 15.35
CA LEU A 76 -0.59 9.92 14.28
C LEU A 76 -0.17 8.57 14.84
N PHE A 77 -0.65 7.49 14.23
CA PHE A 77 -0.31 6.15 14.69
C PHE A 77 -0.09 5.18 13.52
N VAL A 78 1.11 4.63 13.43
CA VAL A 78 1.44 3.65 12.39
C VAL A 78 2.03 2.36 12.98
N ILE A 79 1.76 1.24 12.32
CA ILE A 79 2.31 -0.04 12.73
C ILE A 79 3.10 -0.67 11.57
N SER A 80 4.30 -1.14 11.86
CA SER A 80 5.14 -1.79 10.85
C SER A 80 5.38 -3.26 11.20
N THR A 81 5.15 -4.13 10.23
CA THR A 81 5.38 -5.56 10.38
C THR A 81 6.18 -6.09 9.19
N GLU A 82 7.43 -5.66 9.08
CA GLU A 82 8.29 -6.07 7.97
C GLU A 82 9.11 -7.30 8.32
N ILE A 83 8.86 -8.38 7.58
CA ILE A 83 9.53 -9.66 7.81
C ILE A 83 10.98 -9.59 7.34
N SER A 84 11.81 -10.49 7.87
CA SER A 84 13.22 -10.56 7.48
C SER A 84 13.63 -12.03 7.43
N PRO A 85 14.77 -12.33 6.77
CA PRO A 85 15.27 -13.71 6.73
C PRO A 85 15.67 -14.26 8.10
N MET A 86 15.61 -13.44 9.14
CA MET A 86 15.94 -13.90 10.49
C MET A 86 14.93 -14.92 10.99
N ALA A 87 13.67 -14.73 10.63
CA ALA A 87 12.61 -15.64 11.03
C ALA A 87 12.69 -16.94 10.24
N GLY A 88 13.32 -16.88 9.08
CA GLY A 88 13.43 -18.03 8.19
C GLY A 88 13.79 -17.57 6.78
N SER A 89 14.56 -18.38 6.07
CA SER A 89 15.05 -18.00 4.75
C SER A 89 13.94 -17.99 3.69
N GLN A 90 12.81 -18.61 4.01
CA GLN A 90 11.68 -18.60 3.09
C GLN A 90 11.14 -17.17 2.92
N PHE A 91 11.45 -16.29 3.87
CA PHE A 91 11.03 -14.89 3.79
C PHE A 91 12.06 -14.05 3.02
N GLU A 92 11.58 -13.30 2.03
CA GLU A 92 12.43 -12.34 1.34
C GLU A 92 12.49 -11.05 2.15
N ASN A 93 13.58 -10.31 2.00
CA ASN A 93 13.80 -9.11 2.79
C ASN A 93 12.89 -7.96 2.37
N GLY A 94 11.84 -7.73 3.15
CA GLY A 94 10.93 -6.61 2.93
C GLY A 94 10.07 -6.72 1.67
N ASN A 95 9.33 -7.81 1.54
CA ASN A 95 8.36 -7.94 0.46
C ASN A 95 6.97 -7.54 0.96
N ILE A 96 6.79 -6.24 1.17
CA ILE A 96 5.55 -5.70 1.73
C ILE A 96 4.34 -5.97 0.81
N THR A 97 4.61 -6.26 -0.46
CA THR A 97 3.55 -6.53 -1.42
C THR A 97 3.19 -8.02 -1.52
N GLY A 98 3.72 -8.82 -0.60
CA GLY A 98 3.44 -10.25 -0.60
C GLY A 98 2.05 -10.57 -0.04
N GLU A 99 1.53 -11.73 -0.39
CA GLU A 99 0.19 -12.15 0.06
C GLU A 99 0.05 -12.17 1.58
N ASP A 100 0.85 -13.01 2.23
CA ASP A 100 0.77 -13.17 3.67
C ASP A 100 1.23 -11.90 4.40
N GLU A 101 2.11 -11.15 3.76
CA GLU A 101 2.61 -9.90 4.33
C GLU A 101 1.49 -8.86 4.38
N VAL A 102 0.88 -8.61 3.22
CA VAL A 102 -0.25 -7.68 3.12
C VAL A 102 -1.38 -8.13 4.03
N LEU A 103 -1.67 -9.42 4.04
CA LEU A 103 -2.71 -9.96 4.92
C LEU A 103 -2.40 -9.66 6.38
N CYS A 104 -1.20 -10.02 6.83
CA CYS A 104 -0.80 -9.81 8.23
C CYS A 104 -0.93 -8.34 8.62
N SER A 105 -0.29 -7.49 7.83
CA SER A 105 -0.32 -6.04 8.05
C SER A 105 -1.74 -5.52 8.15
N ARG A 106 -2.61 -5.95 7.24
CA ARG A 106 -4.00 -5.51 7.21
C ARG A 106 -4.78 -5.98 8.43
N ILE A 107 -4.53 -7.23 8.85
CA ILE A 107 -5.21 -7.77 10.01
C ILE A 107 -4.83 -7.00 11.26
N ILE A 108 -3.53 -6.80 11.45
CA ILE A 108 -3.05 -6.06 12.61
C ILE A 108 -3.60 -4.63 12.60
N GLU A 109 -3.57 -4.00 11.43
CA GLU A 109 -4.06 -2.64 11.30
C GLU A 109 -5.53 -2.54 11.65
N LYS A 110 -6.33 -3.49 11.15
CA LYS A 110 -7.76 -3.50 11.44
C LYS A 110 -8.03 -3.84 12.91
N SER A 111 -7.13 -4.59 13.53
CA SER A 111 -7.30 -5.00 14.91
C SER A 111 -6.96 -3.90 15.91
N VAL A 112 -5.91 -3.14 15.62
CA VAL A 112 -5.39 -2.17 16.58
C VAL A 112 -5.59 -0.72 16.16
N ARG A 113 -5.15 -0.38 14.94
CA ARG A 113 -5.12 1.01 14.51
C ARG A 113 -6.52 1.58 14.21
N ARG A 114 -7.38 0.77 13.61
CA ARG A 114 -8.69 1.25 13.19
C ARG A 114 -9.82 0.95 14.19
N SER A 115 -9.56 0.03 15.12
CA SER A 115 -10.56 -0.33 16.12
C SER A 115 -10.65 0.72 17.21
N GLY A 116 -9.77 1.71 17.14
CA GLY A 116 -9.69 2.74 18.17
C GLY A 116 -9.13 2.21 19.47
N ALA A 117 -8.25 1.21 19.39
CA ALA A 117 -7.64 0.66 20.60
C ALA A 117 -6.75 1.71 21.28
N LEU A 118 -6.19 2.60 20.46
CA LEU A 118 -5.39 3.70 20.97
C LEU A 118 -6.16 5.01 20.85
N ASP A 119 -6.10 5.85 21.88
CA ASP A 119 -6.75 7.14 21.85
C ASP A 119 -5.93 8.13 21.03
N VAL A 120 -6.33 8.34 19.78
CA VAL A 120 -5.58 9.19 18.86
C VAL A 120 -5.78 10.68 19.16
N GLU A 121 -6.95 11.02 19.71
CA GLU A 121 -7.25 12.41 20.03
C GLU A 121 -6.55 12.82 21.32
N GLY A 122 -6.15 11.82 22.10
CA GLY A 122 -5.35 12.07 23.29
C GLY A 122 -3.89 12.29 22.94
N LEU A 123 -3.55 12.03 21.68
CA LEU A 123 -2.18 12.23 21.20
C LEU A 123 -1.97 13.68 20.77
N CYS A 124 -3.06 14.36 20.44
CA CYS A 124 -2.99 15.74 19.98
C CYS A 124 -2.48 16.66 21.08
N ILE A 125 -1.50 17.49 20.74
CA ILE A 125 -0.93 18.44 21.71
C ILE A 125 -1.59 19.80 21.53
N VAL A 126 -1.53 20.34 20.32
CA VAL A 126 -2.35 21.48 19.94
C VAL A 126 -2.91 21.25 18.53
N ALA A 127 -4.20 21.52 18.37
CA ALA A 127 -4.94 21.13 17.17
C ALA A 127 -4.26 21.53 15.85
N GLY A 128 -3.68 22.72 15.82
CA GLY A 128 -3.15 23.26 14.57
C GLY A 128 -1.74 22.82 14.20
N SER A 129 -0.83 22.86 15.16
CA SER A 129 0.59 22.74 14.83
C SER A 129 1.30 21.48 15.34
N LYS A 130 0.75 20.82 16.37
CA LYS A 130 1.45 19.68 16.97
C LYS A 130 0.56 18.49 17.31
N CYS A 131 1.20 17.32 17.40
CA CYS A 131 0.55 16.09 17.81
C CYS A 131 1.61 15.02 18.08
N TRP A 132 1.24 13.97 18.82
CA TRP A 132 2.13 12.86 19.05
C TRP A 132 2.07 11.86 17.90
N ALA A 133 3.23 11.38 17.46
CA ALA A 133 3.28 10.35 16.43
C ALA A 133 3.77 9.04 17.03
N VAL A 134 2.83 8.26 17.56
CA VAL A 134 3.13 6.97 18.15
C VAL A 134 3.40 5.93 17.08
N ARG A 135 4.48 5.18 17.25
CA ARG A 135 4.88 4.16 16.28
C ARG A 135 5.03 2.80 16.95
N ALA A 136 4.51 1.76 16.30
CA ALA A 136 4.67 0.39 16.79
C ALA A 136 5.40 -0.47 15.76
N ASP A 137 6.64 -0.80 16.05
CA ASP A 137 7.48 -1.56 15.13
C ASP A 137 7.67 -3.00 15.60
N VAL A 138 7.10 -3.95 14.87
CA VAL A 138 7.20 -5.35 15.20
C VAL A 138 8.43 -5.98 14.56
N HIS A 139 9.19 -6.73 15.34
CA HIS A 139 10.37 -7.42 14.85
C HIS A 139 10.19 -8.93 14.95
N PHE A 140 10.12 -9.60 13.81
CA PHE A 140 9.88 -11.04 13.78
C PHE A 140 11.20 -11.80 13.89
N LEU A 141 11.40 -12.45 15.04
CA LEU A 141 12.67 -13.08 15.33
C LEU A 141 12.71 -14.58 14.97
N ASP A 142 11.61 -15.28 15.21
CA ASP A 142 11.58 -16.70 14.92
C ASP A 142 10.19 -17.18 14.55
N CYS A 143 10.08 -17.89 13.42
CA CYS A 143 8.79 -18.27 12.91
C CYS A 143 8.47 -19.76 13.07
N ASP A 144 7.53 -20.03 13.98
CA ASP A 144 6.91 -21.33 14.08
C ASP A 144 5.40 -21.15 14.03
N GLY A 145 4.96 -20.25 13.16
CA GLY A 145 3.54 -19.96 12.99
C GLY A 145 3.00 -18.95 13.98
N GLY A 146 1.72 -18.59 13.81
CA GLY A 146 1.04 -17.70 14.73
C GLY A 146 1.62 -16.31 14.82
N PHE A 147 2.08 -15.79 13.68
CA PHE A 147 2.70 -14.47 13.67
C PHE A 147 1.71 -13.34 13.87
N ILE A 148 0.50 -13.50 13.34
CA ILE A 148 -0.52 -12.47 13.49
C ILE A 148 -0.92 -12.28 14.95
N ASP A 149 -1.20 -13.39 15.62
CA ASP A 149 -1.60 -13.37 17.03
C ASP A 149 -0.49 -12.81 17.92
N ALA A 150 0.73 -13.32 17.73
CA ALA A 150 1.88 -12.86 18.48
C ALA A 150 2.12 -11.37 18.25
N SER A 151 1.94 -10.92 17.01
CA SER A 151 2.11 -9.52 16.67
C SER A 151 1.08 -8.66 17.40
N CYS A 152 -0.17 -9.13 17.41
CA CYS A 152 -1.24 -8.38 18.06
C CYS A 152 -0.98 -8.25 19.56
N ILE A 153 -0.63 -9.38 20.19
CA ILE A 153 -0.30 -9.39 21.61
C ILE A 153 0.88 -8.47 21.91
N ALA A 154 1.91 -8.53 21.08
CA ALA A 154 3.10 -7.72 21.27
C ALA A 154 2.78 -6.23 21.17
N VAL A 155 2.04 -5.87 20.13
CA VAL A 155 1.68 -4.48 19.89
C VAL A 155 0.84 -3.93 21.04
N MET A 156 -0.17 -4.70 21.45
CA MET A 156 -1.04 -4.26 22.54
C MET A 156 -0.30 -4.12 23.86
N ALA A 157 0.40 -5.18 24.27
CA ALA A 157 1.17 -5.16 25.50
C ALA A 157 2.15 -3.99 25.49
N GLY A 158 2.76 -3.74 24.34
CA GLY A 158 3.70 -2.64 24.20
C GLY A 158 3.04 -1.28 24.38
N LEU A 159 1.91 -1.09 23.70
CA LEU A 159 1.17 0.17 23.79
C LEU A 159 0.71 0.45 25.22
N MET A 160 0.32 -0.60 25.94
CA MET A 160 -0.14 -0.44 27.30
C MET A 160 1.02 -0.22 28.26
N HIS A 161 2.18 -0.77 27.90
CA HIS A 161 3.38 -0.63 28.73
C HIS A 161 4.05 0.71 28.49
N PHE A 162 3.84 1.28 27.30
CA PHE A 162 4.53 2.49 26.89
C PHE A 162 4.09 3.72 27.68
N LYS A 163 5.01 4.66 27.85
CA LYS A 163 4.72 5.93 28.51
C LYS A 163 5.44 7.06 27.78
N LYS A 164 4.67 8.05 27.35
CA LYS A 164 5.24 9.24 26.73
C LYS A 164 5.58 10.26 27.82
N PRO A 165 6.63 11.06 27.59
CA PRO A 165 7.01 12.07 28.60
C PRO A 165 5.91 13.10 28.81
N ASP A 166 5.63 13.44 30.05
CA ASP A 166 4.72 14.53 30.38
C ASP A 166 5.20 15.79 29.68
N ILE A 167 4.27 16.66 29.29
CA ILE A 167 4.58 17.93 28.64
C ILE A 167 3.53 18.94 29.06
N THR A 168 3.82 20.23 28.96
CA THR A 168 2.69 21.16 29.05
C THR A 168 2.85 22.25 27.99
N VAL A 169 1.81 23.05 27.77
CA VAL A 169 1.77 23.95 26.62
C VAL A 169 1.46 25.39 26.98
N HIS A 170 2.29 26.28 26.45
CA HIS A 170 2.04 27.72 26.53
C HIS A 170 1.94 28.26 25.11
N GLY A 171 0.71 28.30 24.59
CA GLY A 171 0.44 28.83 23.27
C GLY A 171 1.27 28.23 22.15
N GLU A 172 2.13 29.06 21.57
CA GLU A 172 3.00 28.63 20.48
C GLU A 172 3.92 27.50 20.90
N GLN A 173 4.35 27.52 22.16
CA GLN A 173 5.47 26.71 22.60
C GLN A 173 5.06 25.59 23.53
N ILE A 174 5.81 24.50 23.47
CA ILE A 174 5.57 23.41 24.41
C ILE A 174 6.83 23.14 25.20
N ILE A 175 6.65 22.46 26.31
CA ILE A 175 7.75 22.18 27.19
C ILE A 175 7.71 20.68 27.45
N VAL A 176 8.79 20.03 27.01
CA VAL A 176 8.99 18.59 27.07
C VAL A 176 10.01 18.30 28.17
N HIS A 177 9.81 17.19 28.88
CA HIS A 177 10.57 16.89 30.09
C HIS A 177 11.29 15.55 30.04
N PRO A 178 12.56 15.53 30.48
CA PRO A 178 13.22 14.27 30.77
C PRO A 178 12.59 13.68 32.04
N VAL A 179 12.85 12.41 32.31
CA VAL A 179 12.22 11.68 33.42
C VAL A 179 12.40 12.38 34.77
N ASN A 180 13.57 12.99 34.98
CA ASN A 180 13.86 13.68 36.23
C ASN A 180 12.94 14.87 36.45
N GLU A 181 12.62 15.59 35.39
CA GLU A 181 11.75 16.76 35.47
C GLU A 181 10.36 16.36 35.94
N ARG A 182 9.64 15.62 35.10
CA ARG A 182 8.33 15.08 35.46
C ARG A 182 8.19 13.62 35.02
N GLU A 183 7.36 12.88 35.74
CA GLU A 183 7.11 11.48 35.41
C GLU A 183 6.38 11.35 34.07
N PRO A 184 6.64 10.25 33.35
CA PRO A 184 5.94 10.01 32.08
C PRO A 184 4.51 9.51 32.30
N VAL A 185 3.64 9.73 31.32
CA VAL A 185 2.26 9.29 31.40
C VAL A 185 1.91 8.31 30.28
N PRO A 186 1.14 7.27 30.60
CA PRO A 186 0.78 6.25 29.61
C PRO A 186 -0.18 6.75 28.54
N LEU A 187 -0.39 5.94 27.51
CA LEU A 187 -1.29 6.31 26.43
C LEU A 187 -2.72 5.93 26.78
N GLY A 188 -3.67 6.44 25.99
CA GLY A 188 -5.07 6.13 26.20
C GLY A 188 -5.50 4.86 25.49
N ILE A 189 -5.55 3.76 26.24
CA ILE A 189 -6.02 2.49 25.69
C ILE A 189 -7.52 2.33 25.98
N LEU A 190 -8.30 2.19 24.91
CA LEU A 190 -9.76 2.09 25.04
C LEU A 190 -10.19 0.65 25.25
N HIS A 191 -9.60 -0.26 24.50
CA HIS A 191 -9.87 -1.69 24.67
C HIS A 191 -8.65 -2.50 24.26
N ILE A 192 -8.68 -3.79 24.54
CA ILE A 192 -7.56 -4.68 24.26
C ILE A 192 -7.97 -5.75 23.25
N PRO A 193 -7.74 -5.49 21.96
CA PRO A 193 -8.03 -6.45 20.89
C PRO A 193 -7.03 -7.59 20.86
N ILE A 194 -7.52 -8.83 20.82
CA ILE A 194 -6.67 -10.00 20.74
C ILE A 194 -7.11 -10.87 19.57
N CYS A 195 -6.15 -11.31 18.77
CA CYS A 195 -6.40 -12.14 17.60
C CYS A 195 -6.19 -13.62 17.89
N VAL A 196 -7.08 -14.46 17.36
CA VAL A 196 -6.89 -15.91 17.39
C VAL A 196 -7.02 -16.46 15.97
N THR A 197 -6.05 -17.27 15.56
CA THR A 197 -6.01 -17.80 14.21
C THR A 197 -6.33 -19.30 14.16
N PHE A 198 -7.43 -19.63 13.47
CA PHE A 198 -7.85 -20.99 13.25
C PHE A 198 -7.37 -21.51 11.89
N SER A 199 -6.82 -22.72 11.89
CA SER A 199 -6.38 -23.34 10.64
C SER A 199 -7.31 -24.49 10.27
N PHE A 200 -7.66 -24.54 8.99
CA PHE A 200 -8.60 -25.53 8.48
C PHE A 200 -7.93 -26.53 7.55
N PHE A 201 -8.14 -27.81 7.82
CA PHE A 201 -7.61 -28.89 7.01
C PHE A 201 -8.76 -29.72 6.42
N ASN A 202 -8.62 -30.07 5.14
CA ASN A 202 -9.57 -30.95 4.47
C ASN A 202 -9.05 -32.38 4.43
N PRO A 203 -9.61 -33.26 5.27
CA PRO A 203 -9.13 -34.65 5.37
C PRO A 203 -9.55 -35.49 4.16
N GLN A 204 -10.69 -35.17 3.57
CA GLN A 204 -11.17 -35.88 2.39
C GLN A 204 -10.86 -35.10 1.12
N ASP A 205 -11.61 -35.40 0.06
CA ASP A 205 -11.37 -34.75 -1.23
C ASP A 205 -12.20 -33.48 -1.35
N THR A 206 -11.83 -32.63 -2.31
CA THR A 206 -12.50 -31.35 -2.55
C THR A 206 -13.99 -31.53 -2.87
N GLU A 207 -14.31 -32.61 -3.58
CA GLU A 207 -15.69 -32.95 -3.91
C GLU A 207 -16.57 -33.08 -2.67
N GLU A 208 -16.02 -33.68 -1.61
CA GLU A 208 -16.73 -33.84 -0.35
C GLU A 208 -16.92 -32.49 0.34
N ASN A 209 -15.98 -31.57 0.13
CA ASN A 209 -16.07 -30.25 0.73
C ASN A 209 -17.11 -29.38 0.06
N ILE A 210 -17.20 -29.49 -1.28
CA ILE A 210 -18.12 -28.65 -2.03
C ILE A 210 -19.53 -29.23 -2.08
N LYS A 211 -19.64 -30.54 -2.28
CA LYS A 211 -20.95 -31.17 -2.46
C LYS A 211 -21.15 -32.40 -1.58
N GLY A 212 -20.52 -32.44 -0.42
CA GLY A 212 -20.65 -33.58 0.46
C GLY A 212 -21.21 -33.24 1.83
N GLU A 213 -22.02 -34.16 2.36
CA GLU A 213 -22.56 -34.03 3.71
C GLU A 213 -21.53 -34.54 4.72
N THR A 214 -21.92 -34.55 5.99
CA THR A 214 -21.03 -34.95 7.08
C THR A 214 -19.68 -34.24 6.98
N ASN A 215 -19.68 -32.94 7.29
CA ASN A 215 -18.48 -32.12 7.18
C ASN A 215 -17.35 -32.62 8.07
N SER A 216 -16.28 -33.09 7.44
CA SER A 216 -15.14 -33.64 8.15
C SER A 216 -14.01 -32.63 8.28
N GLU A 217 -14.26 -31.39 7.87
CA GLU A 217 -13.25 -30.34 7.93
C GLU A 217 -12.70 -30.15 9.34
N ILE A 218 -11.39 -30.30 9.48
CA ILE A 218 -10.73 -30.19 10.79
C ILE A 218 -10.30 -28.75 11.07
N SER A 219 -10.50 -28.30 12.30
CA SER A 219 -10.06 -26.97 12.69
C SER A 219 -9.12 -27.06 13.90
N ILE A 220 -7.99 -26.37 13.83
CA ILE A 220 -7.11 -26.28 15.00
C ILE A 220 -6.78 -24.83 15.31
N ILE A 221 -6.23 -24.59 16.50
CA ILE A 221 -5.92 -23.24 16.95
C ILE A 221 -4.42 -23.01 17.06
N ASP A 222 -3.97 -21.85 16.58
CA ASP A 222 -2.58 -21.42 16.69
C ASP A 222 -1.63 -22.46 16.10
N ALA A 223 -1.73 -22.66 14.80
CA ALA A 223 -0.95 -23.70 14.12
C ALA A 223 0.55 -23.41 14.16
N THR A 224 1.35 -24.48 14.21
CA THR A 224 2.79 -24.34 14.10
C THR A 224 3.15 -24.12 12.63
N LEU A 225 4.44 -23.92 12.35
CA LEU A 225 4.90 -23.72 10.99
C LEU A 225 4.60 -24.95 10.14
N LYS A 226 4.86 -26.13 10.68
CA LYS A 226 4.59 -27.37 9.96
C LYS A 226 3.10 -27.52 9.66
N GLU A 227 2.27 -27.06 10.59
CA GLU A 227 0.83 -27.12 10.41
C GLU A 227 0.34 -26.01 9.48
N GLU A 228 0.95 -24.84 9.60
CA GLU A 228 0.58 -23.69 8.78
C GLU A 228 0.88 -23.93 7.30
N LEU A 229 1.93 -24.70 7.03
CA LEU A 229 2.35 -24.97 5.65
C LEU A 229 1.43 -25.97 4.95
N LEU A 230 0.69 -26.74 5.74
CA LEU A 230 -0.14 -27.81 5.17
C LEU A 230 -1.63 -27.50 5.22
N ARG A 231 -2.01 -26.36 5.76
CA ARG A 231 -3.43 -26.05 5.93
C ARG A 231 -4.09 -25.62 4.61
N ASP A 232 -5.39 -25.87 4.52
CA ASP A 232 -6.16 -25.54 3.33
C ASP A 232 -6.95 -24.25 3.53
N GLY A 233 -7.09 -23.84 4.78
CA GLY A 233 -7.82 -22.63 5.10
C GLY A 233 -7.30 -21.94 6.35
N VAL A 234 -7.61 -20.66 6.47
CA VAL A 234 -7.18 -19.89 7.64
C VAL A 234 -8.17 -18.77 7.97
N LEU A 235 -8.54 -18.69 9.24
CA LEU A 235 -9.42 -17.63 9.73
C LEU A 235 -8.75 -16.88 10.87
N THR A 236 -8.80 -15.55 10.85
CA THR A 236 -8.29 -14.79 11.99
C THR A 236 -9.40 -13.95 12.60
N VAL A 237 -9.70 -14.20 13.87
CA VAL A 237 -10.74 -13.46 14.56
C VAL A 237 -10.19 -12.63 15.72
N THR A 238 -10.43 -11.33 15.67
CA THR A 238 -10.02 -10.42 16.72
C THR A 238 -11.20 -10.01 17.59
N LEU A 239 -11.09 -10.30 18.89
CA LEU A 239 -12.12 -9.98 19.88
C LEU A 239 -11.54 -9.24 21.08
N ASN A 240 -12.40 -8.59 21.86
CA ASN A 240 -12.00 -8.00 23.14
C ASN A 240 -12.94 -8.44 24.27
N LYS A 241 -12.63 -8.05 25.50
CA LYS A 241 -13.40 -8.50 26.66
C LYS A 241 -14.78 -7.84 26.76
N ASN A 242 -15.15 -7.05 25.76
CA ASN A 242 -16.48 -6.49 25.68
C ASN A 242 -17.37 -7.33 24.76
N ARG A 243 -16.96 -8.58 24.55
CA ARG A 243 -17.64 -9.49 23.63
C ARG A 243 -17.87 -8.87 22.26
N GLU A 244 -16.96 -8.00 21.85
CA GLU A 244 -17.00 -7.39 20.53
C GLU A 244 -16.16 -8.16 19.53
N VAL A 245 -16.72 -8.44 18.37
CA VAL A 245 -15.93 -8.93 17.26
C VAL A 245 -15.20 -7.73 16.66
N VAL A 246 -13.95 -7.52 17.07
CA VAL A 246 -13.18 -6.40 16.56
C VAL A 246 -13.01 -6.55 15.06
N GLN A 247 -12.62 -7.74 14.62
CA GLN A 247 -12.58 -8.00 13.18
C GLN A 247 -12.57 -9.50 12.88
N VAL A 248 -12.88 -9.84 11.64
CA VAL A 248 -12.85 -11.24 11.19
C VAL A 248 -12.33 -11.30 9.77
N SER A 249 -11.37 -12.19 9.55
CA SER A 249 -10.81 -12.35 8.21
C SER A 249 -10.71 -13.82 7.81
N LYS A 250 -11.61 -14.22 6.91
CA LYS A 250 -11.52 -15.49 6.21
C LYS A 250 -11.34 -15.17 4.74
N ALA A 251 -10.10 -14.84 4.36
CA ALA A 251 -9.80 -14.38 3.00
C ALA A 251 -9.66 -15.57 2.06
N GLY A 252 -10.77 -16.24 1.82
CA GLY A 252 -10.79 -17.38 0.91
C GLY A 252 -10.36 -18.67 1.58
N GLY A 253 -9.76 -19.56 0.80
CA GLY A 253 -9.33 -20.84 1.31
C GLY A 253 -10.46 -21.84 1.35
N LEU A 254 -10.25 -22.94 2.06
CA LEU A 254 -11.24 -24.00 2.18
C LEU A 254 -12.57 -23.49 2.71
N PRO A 255 -13.64 -23.65 1.93
CA PRO A 255 -14.98 -23.27 2.38
C PRO A 255 -15.38 -23.99 3.67
N MET A 256 -15.80 -23.23 4.68
CA MET A 256 -16.20 -23.78 5.96
C MET A 256 -17.64 -23.45 6.29
N ASP A 257 -18.34 -24.38 6.95
CA ASP A 257 -19.71 -24.14 7.41
C ASP A 257 -19.76 -22.97 8.39
N ALA A 258 -20.81 -22.15 8.27
CA ALA A 258 -20.92 -20.92 9.05
C ALA A 258 -20.96 -21.17 10.56
N LEU A 259 -21.71 -22.19 10.97
CA LEU A 259 -21.84 -22.54 12.38
C LEU A 259 -20.48 -22.85 13.00
N THR A 260 -19.65 -23.56 12.25
CA THR A 260 -18.30 -23.90 12.71
C THR A 260 -17.49 -22.63 12.95
N LEU A 261 -17.62 -21.68 12.04
CA LEU A 261 -16.92 -20.40 12.16
C LEU A 261 -17.39 -19.64 13.41
N MET A 262 -18.69 -19.70 13.68
CA MET A 262 -19.23 -19.08 14.89
C MET A 262 -18.64 -19.71 16.15
N LYS A 263 -18.64 -21.04 16.18
CA LYS A 263 -18.05 -21.78 17.29
C LYS A 263 -16.60 -21.35 17.50
N CYS A 264 -15.88 -21.21 16.39
CA CYS A 264 -14.51 -20.71 16.41
C CYS A 264 -14.45 -19.36 17.09
N CYS A 265 -15.31 -18.44 16.69
CA CYS A 265 -15.37 -17.11 17.32
C CYS A 265 -15.55 -17.19 18.85
N HIS A 266 -16.49 -18.03 19.29
CA HIS A 266 -16.76 -18.14 20.74
C HIS A 266 -15.59 -18.74 21.53
N GLU A 267 -15.02 -19.83 21.01
CA GLU A 267 -13.85 -20.44 21.64
C GLU A 267 -12.70 -19.42 21.70
N ALA A 268 -12.56 -18.67 20.62
CA ALA A 268 -11.56 -17.60 20.55
C ALA A 268 -11.78 -16.62 21.70
N TYR A 269 -13.04 -16.28 21.97
CA TYR A 269 -13.33 -15.40 23.10
C TYR A 269 -12.86 -16.01 24.42
N SER A 270 -13.16 -17.29 24.59
CA SER A 270 -12.69 -18.03 25.76
C SER A 270 -11.17 -17.89 25.92
N ILE A 271 -10.44 -17.87 24.81
CA ILE A 271 -8.98 -17.72 24.87
C ILE A 271 -8.53 -16.28 25.17
N ILE A 272 -9.15 -15.31 24.50
CA ILE A 272 -8.78 -13.91 24.67
C ILE A 272 -9.06 -13.40 26.08
N GLU A 273 -9.99 -14.04 26.80
CA GLU A 273 -10.18 -13.72 28.21
C GLU A 273 -8.90 -13.98 29.00
N LYS A 274 -8.45 -15.23 28.94
CA LYS A 274 -7.20 -15.65 29.57
C LYS A 274 -6.03 -14.75 29.16
N ILE A 275 -5.88 -14.53 27.86
CA ILE A 275 -4.74 -13.74 27.37
C ILE A 275 -4.79 -12.31 27.89
N THR A 276 -5.97 -11.68 27.84
CA THR A 276 -6.13 -10.32 28.35
C THR A 276 -5.80 -10.22 29.85
N ASP A 277 -6.39 -11.10 30.65
CA ASP A 277 -6.12 -11.10 32.08
C ASP A 277 -4.61 -11.28 32.34
N GLN A 278 -3.99 -12.14 31.54
CA GLN A 278 -2.55 -12.38 31.65
C GLN A 278 -1.76 -11.11 31.38
N ILE A 279 -2.13 -10.39 30.32
CA ILE A 279 -1.45 -9.16 29.95
C ILE A 279 -1.54 -8.13 31.07
N LEU A 280 -2.76 -7.91 31.54
CA LEU A 280 -2.98 -6.96 32.64
C LEU A 280 -2.17 -7.32 33.88
N GLN A 281 -2.23 -8.59 34.27
CA GLN A 281 -1.49 -9.08 35.42
C GLN A 281 0.02 -8.82 35.29
N LEU A 282 0.59 -9.26 34.18
CA LEU A 282 2.02 -9.10 33.93
C LEU A 282 2.43 -7.63 33.93
N LEU A 283 1.58 -6.78 33.35
CA LEU A 283 1.79 -5.34 33.37
C LEU A 283 1.91 -4.81 34.79
N LYS A 284 0.90 -5.12 35.61
CA LYS A 284 0.88 -4.61 36.98
C LYS A 284 2.06 -5.13 37.78
N GLU A 285 2.45 -6.38 37.57
CA GLU A 285 3.64 -6.93 38.21
C GLU A 285 4.90 -6.16 37.81
N ASP A 286 4.99 -5.82 36.52
CA ASP A 286 6.13 -5.03 36.03
C ASP A 286 6.20 -3.68 36.74
N SER A 287 5.07 -2.98 36.77
CA SER A 287 5.01 -1.67 37.43
C SER A 287 5.39 -1.77 38.91
N GLU A 288 4.87 -2.78 39.58
CA GLU A 288 5.15 -2.99 41.00
C GLU A 288 6.63 -3.23 41.25
N LYS A 289 7.24 -4.06 40.40
CA LYS A 289 8.67 -4.35 40.54
C LYS A 289 9.51 -3.09 40.31
N ARG A 290 9.07 -2.27 39.35
CA ARG A 290 9.74 -0.99 39.10
C ARG A 290 9.69 -0.09 40.34
N ASN A 291 8.49 0.02 40.91
CA ASN A 291 8.31 0.81 42.12
C ASN A 291 9.19 0.31 43.28
N LYS A 292 9.22 -1.00 43.47
CA LYS A 292 9.99 -1.58 44.56
C LYS A 292 11.49 -1.37 44.32
N TYR A 293 11.88 -1.35 43.05
CA TYR A 293 13.27 -1.06 42.70
C TYR A 293 13.61 0.38 43.07
N ALA A 294 12.70 1.30 42.78
CA ALA A 294 12.88 2.69 43.17
C ALA A 294 13.03 2.81 44.69
N ALA A 295 12.20 2.06 45.40
CA ALA A 295 12.26 2.00 46.86
C ALA A 295 13.60 1.42 47.35
N MET A 296 14.19 0.54 46.54
CA MET A 296 15.49 -0.03 46.88
C MET A 296 16.61 0.93 46.53
N LEU A 297 16.33 1.87 45.64
CA LEU A 297 17.32 2.84 45.18
C LEU A 297 17.41 4.05 46.10
N THR A 298 16.27 4.46 46.66
CA THR A 298 16.25 5.65 47.52
C THR A 298 16.99 5.43 48.84
N SER A 299 17.10 4.18 49.29
CA SER A 299 17.81 3.87 50.53
C SER A 299 18.66 2.62 50.40
N GLU A 300 19.97 2.77 50.57
CA GLU A 300 20.90 1.66 50.47
C GLU A 300 20.80 0.75 51.69
N ARG B 6 -27.16 11.82 11.65
CA ARG B 6 -28.19 10.87 12.07
C ARG B 6 -29.49 11.07 11.30
N LEU B 7 -30.06 9.96 10.84
CA LEU B 7 -31.36 9.96 10.17
C LEU B 7 -31.93 8.53 10.14
N GLU B 8 -33.24 8.41 9.96
CA GLU B 8 -33.93 7.13 9.88
C GLU B 8 -33.30 6.14 8.89
N ILE B 9 -32.23 5.49 9.31
CA ILE B 9 -31.68 4.36 8.57
C ILE B 9 -32.72 3.26 8.49
N TYR B 10 -33.43 3.07 9.60
CA TYR B 10 -34.52 2.11 9.65
C TYR B 10 -35.72 2.71 10.39
N SER B 11 -36.73 3.12 9.63
CA SER B 11 -37.95 3.70 10.20
C SER B 11 -38.77 2.65 10.93
N PRO B 12 -39.62 3.08 11.88
CA PRO B 12 -40.53 2.17 12.58
C PRO B 12 -41.43 1.39 11.61
N GLU B 13 -41.64 1.97 10.43
CA GLU B 13 -42.44 1.34 9.39
C GLU B 13 -41.67 0.21 8.72
N GLY B 14 -40.36 0.17 8.96
CA GLY B 14 -39.51 -0.88 8.40
C GLY B 14 -38.97 -0.57 7.02
N LEU B 15 -38.76 0.71 6.74
CA LEU B 15 -38.23 1.14 5.45
C LEU B 15 -36.88 1.80 5.59
N ARG B 16 -36.09 1.77 4.52
CA ARG B 16 -34.78 2.39 4.52
C ARG B 16 -34.81 3.67 3.68
N LEU B 17 -33.66 4.34 3.59
CA LEU B 17 -33.56 5.59 2.85
C LEU B 17 -33.87 5.41 1.37
N ASP B 18 -33.43 4.29 0.80
CA ASP B 18 -33.67 4.02 -0.61
C ASP B 18 -35.06 3.42 -0.84
N GLY B 19 -35.72 3.05 0.25
CA GLY B 19 -37.08 2.52 0.18
C GLY B 19 -37.15 1.00 0.20
N ARG B 20 -36.06 0.36 0.59
CA ARG B 20 -36.06 -1.11 0.69
C ARG B 20 -36.38 -1.56 2.12
N ARG B 21 -36.73 -2.83 2.26
CA ARG B 21 -36.91 -3.43 3.57
C ARG B 21 -35.62 -4.12 3.99
N TRP B 22 -35.62 -4.66 5.20
CA TRP B 22 -34.40 -5.19 5.81
C TRP B 22 -33.83 -6.40 5.06
N ASN B 23 -34.69 -7.14 4.37
CA ASN B 23 -34.30 -8.41 3.77
C ASN B 23 -34.45 -8.44 2.25
N GLU B 24 -34.24 -7.29 1.62
CA GLU B 24 -34.39 -7.18 0.17
C GLU B 24 -33.08 -6.76 -0.49
N LEU B 25 -32.73 -7.45 -1.58
CA LEU B 25 -31.54 -7.12 -2.34
C LEU B 25 -31.76 -5.88 -3.20
N ARG B 26 -30.67 -5.21 -3.54
CA ARG B 26 -30.73 -4.13 -4.51
C ARG B 26 -30.99 -4.74 -5.89
N ARG B 27 -31.26 -3.88 -6.86
CA ARG B 27 -31.42 -4.32 -8.24
C ARG B 27 -30.14 -5.02 -8.71
N PHE B 28 -30.29 -6.25 -9.17
CA PHE B 28 -29.14 -7.05 -9.59
C PHE B 28 -29.29 -7.55 -11.02
N GLU B 29 -28.49 -6.99 -11.93
CA GLU B 29 -28.53 -7.42 -13.33
C GLU B 29 -27.14 -7.75 -13.83
N SER B 30 -27.05 -8.77 -14.68
CA SER B 30 -25.76 -9.22 -15.20
C SER B 30 -25.80 -9.53 -16.70
N SER B 31 -24.66 -9.36 -17.34
CA SER B 31 -24.51 -9.62 -18.76
C SER B 31 -23.21 -10.39 -19.01
N ILE B 32 -23.28 -11.36 -19.91
CA ILE B 32 -22.19 -12.30 -20.15
C ILE B 32 -21.71 -12.19 -21.60
N ASN B 33 -20.40 -12.38 -21.81
CA ASN B 33 -19.79 -12.31 -23.13
C ASN B 33 -19.94 -10.90 -23.71
N THR B 34 -19.57 -9.91 -22.90
CA THR B 34 -19.72 -8.51 -23.26
C THR B 34 -18.46 -7.96 -23.95
N HIS B 35 -17.35 -8.68 -23.80
CA HIS B 35 -16.10 -8.29 -24.43
C HIS B 35 -15.41 -9.48 -25.10
N PRO B 36 -16.03 -10.02 -26.17
CA PRO B 36 -15.52 -11.23 -26.83
C PRO B 36 -14.17 -11.03 -27.52
N HIS B 37 -13.83 -9.78 -27.83
CA HIS B 37 -12.57 -9.49 -28.52
C HIS B 37 -11.46 -9.08 -27.57
N ALA B 38 -11.77 -9.02 -26.29
CA ALA B 38 -10.79 -8.55 -25.31
C ALA B 38 -10.38 -9.64 -24.32
N ALA B 39 -11.23 -10.64 -24.16
CA ALA B 39 -10.98 -11.69 -23.19
C ALA B 39 -11.69 -12.99 -23.55
N ASP B 40 -11.22 -14.09 -22.96
CA ASP B 40 -11.85 -15.40 -23.15
C ASP B 40 -13.21 -15.44 -22.46
N GLY B 41 -13.27 -14.89 -21.26
CA GLY B 41 -14.53 -14.76 -20.56
C GLY B 41 -14.72 -13.30 -20.16
N SER B 42 -15.96 -12.87 -20.00
CA SER B 42 -16.22 -11.49 -19.59
C SER B 42 -17.61 -11.34 -19.01
N SER B 43 -17.77 -10.35 -18.14
CA SER B 43 -19.07 -10.05 -17.55
C SER B 43 -19.18 -8.58 -17.24
N TYR B 44 -20.33 -7.99 -17.56
CA TYR B 44 -20.65 -6.66 -17.07
C TYR B 44 -21.75 -6.81 -16.05
N MET B 45 -21.56 -6.19 -14.89
CA MET B 45 -22.47 -6.41 -13.79
C MET B 45 -22.92 -5.11 -13.12
N GLU B 46 -24.21 -5.04 -12.82
CA GLU B 46 -24.78 -3.92 -12.09
C GLU B 46 -25.50 -4.40 -10.82
N GLN B 47 -25.00 -3.96 -9.68
CA GLN B 47 -25.64 -4.26 -8.39
C GLN B 47 -25.94 -2.95 -7.68
N GLY B 48 -27.21 -2.57 -7.65
CA GLY B 48 -27.58 -1.25 -7.18
C GLY B 48 -26.99 -0.22 -8.12
N ASN B 49 -26.10 0.62 -7.60
CA ASN B 49 -25.40 1.58 -8.45
C ASN B 49 -23.98 1.11 -8.78
N ASN B 50 -23.58 -0.03 -8.22
CA ASN B 50 -22.28 -0.62 -8.56
C ASN B 50 -22.26 -1.07 -10.01
N LYS B 51 -21.30 -0.57 -10.77
CA LYS B 51 -21.12 -0.96 -12.16
C LYS B 51 -19.69 -1.48 -12.37
N ILE B 52 -19.59 -2.76 -12.73
CA ILE B 52 -18.29 -3.44 -12.80
C ILE B 52 -18.08 -4.22 -14.09
N ILE B 53 -16.90 -4.04 -14.69
CA ILE B 53 -16.48 -4.87 -15.82
C ILE B 53 -15.43 -5.88 -15.36
N THR B 54 -15.72 -7.16 -15.58
CA THR B 54 -14.77 -8.23 -15.23
C THR B 54 -14.32 -8.97 -16.47
N LEU B 55 -13.00 -9.05 -16.67
CA LEU B 55 -12.42 -9.74 -17.82
C LEU B 55 -11.55 -10.91 -17.38
N VAL B 56 -11.82 -12.07 -17.94
CA VAL B 56 -11.00 -13.26 -17.69
C VAL B 56 -10.22 -13.63 -18.95
N LYS B 57 -8.90 -13.52 -18.85
CA LYS B 57 -7.99 -13.91 -19.91
C LYS B 57 -7.30 -15.22 -19.58
N GLY B 58 -7.59 -16.26 -20.37
CA GLY B 58 -6.95 -17.55 -20.17
C GLY B 58 -7.89 -18.74 -20.25
N PRO B 59 -7.38 -19.94 -19.95
CA PRO B 59 -5.99 -20.25 -19.63
C PRO B 59 -5.06 -20.04 -20.83
N LYS B 60 -3.87 -19.49 -20.58
CA LYS B 60 -2.95 -19.14 -21.64
C LYS B 60 -1.50 -19.35 -21.21
N GLU B 61 -0.59 -19.23 -22.18
CA GLU B 61 0.83 -19.39 -21.94
C GLU B 61 1.35 -18.32 -20.98
N PRO B 62 2.08 -18.73 -19.95
CA PRO B 62 2.66 -17.81 -18.97
C PRO B 62 3.57 -16.77 -19.63
N ARG B 63 3.41 -15.50 -19.25
CA ARG B 63 4.22 -14.41 -19.78
C ARG B 63 5.70 -14.65 -19.53
N LEU B 64 6.03 -14.93 -18.29
CA LEU B 64 7.38 -15.33 -17.92
C LEU B 64 7.48 -16.84 -17.94
N LYS B 65 8.70 -17.35 -18.08
CA LYS B 65 8.96 -18.77 -17.91
C LYS B 65 9.33 -19.03 -16.46
N SER B 66 9.16 -17.98 -15.67
CA SER B 66 8.90 -18.12 -14.24
C SER B 66 7.39 -18.11 -14.12
N GLN B 67 6.87 -18.00 -12.90
CA GLN B 67 5.43 -17.99 -12.63
C GLN B 67 4.69 -19.17 -13.28
N MET B 68 5.45 -20.15 -13.75
CA MET B 68 4.90 -21.35 -14.37
C MET B 68 4.90 -22.52 -13.39
N ASP B 69 3.73 -23.11 -13.17
CA ASP B 69 3.59 -24.23 -12.26
C ASP B 69 3.25 -25.49 -13.03
N THR B 70 4.05 -26.54 -12.83
CA THR B 70 3.89 -27.79 -13.58
C THR B 70 2.68 -28.60 -13.13
N SER B 71 2.13 -28.27 -11.96
CA SER B 71 1.03 -29.04 -11.39
C SER B 71 -0.32 -28.35 -11.51
N LYS B 72 -0.31 -27.02 -11.55
CA LYS B 72 -1.56 -26.25 -11.59
C LYS B 72 -1.42 -24.92 -12.33
N ALA B 73 -2.56 -24.31 -12.64
CA ALA B 73 -2.60 -22.99 -13.26
C ALA B 73 -2.32 -21.90 -12.25
N LEU B 74 -1.77 -20.78 -12.73
CA LEU B 74 -1.57 -19.60 -11.92
C LEU B 74 -2.78 -18.67 -12.03
N LEU B 75 -3.30 -18.23 -10.89
CA LEU B 75 -4.47 -17.36 -10.89
C LEU B 75 -4.13 -15.97 -10.38
N ASN B 76 -4.28 -14.98 -11.25
CA ASN B 76 -4.04 -13.58 -10.88
C ASN B 76 -5.31 -12.76 -10.97
N VAL B 77 -5.46 -11.81 -10.06
CA VAL B 77 -6.62 -10.92 -10.04
C VAL B 77 -6.19 -9.46 -9.99
N SER B 78 -6.69 -8.67 -10.93
CA SER B 78 -6.39 -7.24 -10.98
C SER B 78 -7.64 -6.41 -10.76
N VAL B 79 -7.69 -5.67 -9.66
CA VAL B 79 -8.83 -4.82 -9.36
C VAL B 79 -8.54 -3.35 -9.61
N ASN B 80 -9.20 -2.79 -10.62
CA ASN B 80 -9.04 -1.38 -10.94
C ASN B 80 -10.23 -0.56 -10.44
N ILE B 81 -10.02 0.13 -9.33
CA ILE B 81 -11.03 1.07 -8.84
C ILE B 81 -10.78 2.43 -9.45
N THR B 82 -11.56 2.77 -10.48
CA THR B 82 -11.36 4.02 -11.22
C THR B 82 -11.56 5.24 -10.32
N LYS B 83 -10.92 6.33 -10.69
CA LYS B 83 -10.98 7.57 -9.91
C LYS B 83 -12.36 8.22 -9.96
N PHE B 84 -13.19 7.78 -10.90
CA PHE B 84 -14.53 8.35 -11.06
C PHE B 84 -15.62 7.43 -10.55
N SER B 85 -15.25 6.45 -9.73
CA SER B 85 -16.23 5.51 -9.21
C SER B 85 -17.08 6.15 -8.10
N LYS B 86 -16.48 7.07 -7.36
CA LYS B 86 -17.19 7.78 -6.30
C LYS B 86 -17.76 9.10 -6.80
N PHE B 87 -18.51 9.79 -5.95
CA PHE B 87 -19.03 11.12 -6.28
C PHE B 87 -17.88 12.10 -6.42
N GLU B 88 -16.97 12.08 -5.44
CA GLU B 88 -15.80 12.94 -5.49
C GLU B 88 -14.64 12.17 -6.10
N ARG B 89 -14.12 12.70 -7.21
CA ARG B 89 -13.00 12.08 -7.89
C ARG B 89 -11.78 12.02 -6.97
N SER B 90 -11.14 10.85 -6.94
CA SER B 90 -9.92 10.68 -6.15
C SER B 90 -8.70 11.06 -6.97
N LYS B 91 -7.91 12.01 -6.46
CA LYS B 91 -6.73 12.48 -7.17
C LYS B 91 -5.62 11.42 -7.13
N SER B 92 -5.79 10.45 -6.25
CA SER B 92 -4.81 9.38 -6.09
C SER B 92 -5.29 8.09 -6.72
N SER B 93 -4.37 7.36 -7.36
CA SER B 93 -4.66 6.02 -7.85
C SER B 93 -4.78 5.08 -6.66
N HIS B 94 -5.49 3.97 -6.85
CA HIS B 94 -5.69 3.00 -5.77
C HIS B 94 -4.91 1.71 -6.01
N LYS B 95 -4.24 1.62 -7.16
CA LYS B 95 -3.68 0.36 -7.64
C LYS B 95 -2.69 -0.32 -6.69
N ASN B 96 -1.92 0.48 -5.95
CA ASN B 96 -0.93 -0.10 -5.04
C ASN B 96 -1.27 0.09 -3.56
N GLU B 97 -2.51 0.49 -3.29
CA GLU B 97 -2.97 0.60 -1.91
C GLU B 97 -3.09 -0.79 -1.28
N ARG B 98 -2.80 -0.87 0.02
CA ARG B 98 -2.83 -2.14 0.73
C ARG B 98 -4.24 -2.73 0.78
N ARG B 99 -5.25 -1.86 0.77
CA ARG B 99 -6.64 -2.31 0.73
C ARG B 99 -6.91 -3.11 -0.53
N VAL B 100 -6.47 -2.57 -1.65
CA VAL B 100 -6.68 -3.20 -2.95
C VAL B 100 -5.89 -4.51 -3.07
N LEU B 101 -4.66 -4.51 -2.57
CA LEU B 101 -3.87 -5.74 -2.54
C LEU B 101 -4.55 -6.81 -1.70
N GLU B 102 -5.11 -6.41 -0.56
CA GLU B 102 -5.81 -7.36 0.31
C GLU B 102 -7.04 -7.93 -0.38
N ILE B 103 -7.76 -7.07 -1.09
CA ILE B 103 -8.93 -7.49 -1.86
C ILE B 103 -8.52 -8.50 -2.94
N GLN B 104 -7.46 -8.18 -3.67
CA GLN B 104 -6.95 -9.02 -4.75
C GLN B 104 -6.55 -10.40 -4.25
N THR B 105 -5.73 -10.43 -3.19
CA THR B 105 -5.29 -11.69 -2.64
C THR B 105 -6.47 -12.48 -2.09
N SER B 106 -7.45 -11.76 -1.53
CA SER B 106 -8.66 -12.41 -1.02
C SER B 106 -9.42 -13.13 -2.14
N LEU B 107 -9.62 -12.44 -3.26
CA LEU B 107 -10.33 -13.03 -4.40
C LEU B 107 -9.56 -14.21 -5.00
N VAL B 108 -8.24 -14.04 -5.12
CA VAL B 108 -7.37 -15.12 -5.59
C VAL B 108 -7.51 -16.36 -4.70
N ARG B 109 -7.33 -16.20 -3.40
CA ARG B 109 -7.39 -17.32 -2.48
C ARG B 109 -8.80 -17.90 -2.37
N MET B 110 -9.79 -17.09 -2.73
CA MET B 110 -11.17 -17.57 -2.83
C MET B 110 -11.34 -18.53 -4.00
N PHE B 111 -10.87 -18.11 -5.17
CA PHE B 111 -11.12 -18.91 -6.37
C PHE B 111 -10.01 -19.92 -6.68
N GLU B 112 -9.00 -19.99 -5.83
CA GLU B 112 -8.01 -21.05 -5.90
C GLU B 112 -8.61 -22.38 -5.47
N LYS B 113 -9.59 -22.31 -4.57
CA LYS B 113 -10.22 -23.50 -4.03
C LYS B 113 -11.49 -23.86 -4.78
N ASN B 114 -11.90 -23.02 -5.72
CA ASN B 114 -13.13 -23.26 -6.48
C ASN B 114 -12.83 -23.63 -7.92
N VAL B 115 -11.92 -22.88 -8.53
CA VAL B 115 -11.48 -23.17 -9.89
C VAL B 115 -10.54 -24.38 -9.91
N MET B 116 -10.82 -25.33 -10.79
CA MET B 116 -9.98 -26.51 -10.93
C MET B 116 -8.69 -26.16 -11.65
N LEU B 117 -7.78 -25.50 -10.94
CA LEU B 117 -6.51 -25.07 -11.49
C LEU B 117 -5.64 -26.25 -11.93
N ASN B 118 -5.82 -27.39 -11.25
CA ASN B 118 -4.97 -28.56 -11.47
C ASN B 118 -5.17 -29.19 -12.85
N ILE B 119 -6.28 -28.87 -13.50
CA ILE B 119 -6.54 -29.41 -14.84
C ILE B 119 -6.06 -28.43 -15.91
N TYR B 120 -5.47 -27.33 -15.48
CA TYR B 120 -4.87 -26.38 -16.41
C TYR B 120 -3.40 -26.09 -16.10
N PRO B 121 -2.57 -27.14 -15.97
CA PRO B 121 -1.19 -26.87 -15.55
C PRO B 121 -0.39 -26.12 -16.61
N ARG B 122 0.64 -25.40 -16.16
CA ARG B 122 1.52 -24.63 -17.03
C ARG B 122 0.76 -23.55 -17.79
N THR B 123 -0.31 -23.04 -17.19
CA THR B 123 -1.07 -21.94 -17.77
C THR B 123 -1.24 -20.82 -16.76
N VAL B 124 -1.69 -19.67 -17.24
CA VAL B 124 -1.98 -18.55 -16.37
C VAL B 124 -3.39 -18.04 -16.65
N ILE B 125 -4.15 -17.80 -15.58
CA ILE B 125 -5.48 -17.23 -15.71
C ILE B 125 -5.49 -15.84 -15.11
N ASP B 126 -5.52 -14.83 -15.96
CA ASP B 126 -5.52 -13.43 -15.52
C ASP B 126 -6.92 -12.87 -15.42
N ILE B 127 -7.28 -12.38 -14.24
CA ILE B 127 -8.57 -11.73 -14.05
C ILE B 127 -8.40 -10.22 -13.94
N GLU B 128 -9.04 -9.50 -14.86
CA GLU B 128 -8.92 -8.05 -14.95
C GLU B 128 -10.25 -7.37 -14.66
N ILE B 129 -10.32 -6.66 -13.55
CA ILE B 129 -11.58 -6.06 -13.09
C ILE B 129 -11.54 -4.54 -13.10
N HIS B 130 -12.59 -3.93 -13.65
CA HIS B 130 -12.72 -2.48 -13.65
C HIS B 130 -14.00 -2.05 -12.95
N VAL B 131 -13.87 -1.42 -11.79
CA VAL B 131 -15.03 -0.88 -11.08
C VAL B 131 -15.37 0.50 -11.64
N LEU B 132 -16.39 0.55 -12.50
CA LEU B 132 -16.79 1.80 -13.14
C LEU B 132 -17.55 2.69 -12.17
N GLU B 133 -18.43 2.08 -11.37
CA GLU B 133 -19.19 2.86 -10.41
C GLU B 133 -19.32 2.10 -9.09
N GLN B 134 -19.30 2.85 -8.00
CA GLN B 134 -19.29 2.28 -6.65
C GLN B 134 -20.39 2.88 -5.77
N ASP B 135 -21.04 2.03 -4.98
CA ASP B 135 -22.12 2.45 -4.09
C ASP B 135 -22.26 1.49 -2.91
N GLY B 136 -21.12 1.05 -2.37
CA GLY B 136 -21.13 0.16 -1.21
C GLY B 136 -21.40 -1.30 -1.55
N GLY B 137 -20.92 -2.19 -0.68
CA GLY B 137 -21.07 -3.62 -0.88
C GLY B 137 -20.30 -4.09 -2.11
N ILE B 138 -19.18 -3.43 -2.38
CA ILE B 138 -18.45 -3.61 -3.62
C ILE B 138 -17.70 -4.95 -3.67
N MET B 139 -17.39 -5.50 -2.50
CA MET B 139 -16.64 -6.76 -2.41
C MET B 139 -17.46 -7.92 -2.98
N GLY B 140 -18.68 -8.06 -2.49
CA GLY B 140 -19.60 -9.08 -2.99
C GLY B 140 -19.84 -8.93 -4.48
N SER B 141 -19.90 -7.67 -4.93
CA SER B 141 -20.05 -7.38 -6.34
C SER B 141 -18.87 -7.91 -7.14
N LEU B 142 -17.66 -7.64 -6.66
CA LEU B 142 -16.46 -8.17 -7.27
C LEU B 142 -16.54 -9.68 -7.39
N ILE B 143 -16.91 -10.33 -6.28
CA ILE B 143 -17.05 -11.78 -6.26
C ILE B 143 -18.00 -12.29 -7.35
N ASN B 144 -19.19 -11.70 -7.41
CA ASN B 144 -20.18 -12.09 -8.40
C ASN B 144 -19.69 -11.89 -9.84
N GLY B 145 -19.06 -10.75 -10.08
CA GLY B 145 -18.49 -10.46 -11.39
C GLY B 145 -17.47 -11.50 -11.81
N ILE B 146 -16.60 -11.86 -10.87
CA ILE B 146 -15.59 -12.89 -11.12
C ILE B 146 -16.24 -14.21 -11.46
N THR B 147 -17.23 -14.64 -10.66
CA THR B 147 -17.93 -15.89 -10.93
C THR B 147 -18.53 -15.91 -12.34
N LEU B 148 -19.31 -14.89 -12.66
CA LEU B 148 -19.91 -14.76 -13.99
C LEU B 148 -18.87 -14.85 -15.11
N ALA B 149 -17.82 -14.04 -15.03
CA ALA B 149 -16.81 -13.98 -16.08
C ALA B 149 -16.04 -15.29 -16.23
N LEU B 150 -15.72 -15.92 -15.10
CA LEU B 150 -15.01 -17.20 -15.11
C LEU B 150 -15.86 -18.29 -15.74
N ILE B 151 -17.15 -18.30 -15.43
CA ILE B 151 -18.07 -19.27 -16.03
C ILE B 151 -18.19 -19.01 -17.54
N ASP B 152 -18.22 -17.74 -17.93
CA ASP B 152 -18.30 -17.38 -19.34
C ASP B 152 -17.08 -17.86 -20.12
N ALA B 153 -15.94 -17.96 -19.44
CA ALA B 153 -14.68 -18.35 -20.07
C ALA B 153 -14.62 -19.86 -20.35
N GLY B 154 -15.56 -20.60 -19.78
CA GLY B 154 -15.58 -22.04 -19.92
C GLY B 154 -14.59 -22.72 -18.99
N ILE B 155 -14.08 -21.96 -18.03
CA ILE B 155 -13.12 -22.49 -17.08
C ILE B 155 -13.82 -23.27 -15.97
N SER B 156 -13.43 -24.52 -15.81
CA SER B 156 -14.07 -25.43 -14.86
C SER B 156 -13.97 -24.97 -13.41
N MET B 157 -15.07 -25.09 -12.68
CA MET B 157 -15.09 -24.81 -11.25
C MET B 157 -16.14 -25.68 -10.57
N PHE B 158 -16.02 -25.84 -9.26
CA PHE B 158 -16.90 -26.74 -8.52
C PHE B 158 -18.30 -26.19 -8.36
N ASP B 159 -18.40 -24.88 -8.14
CA ASP B 159 -19.71 -24.28 -7.94
C ASP B 159 -19.69 -22.76 -8.11
N TYR B 160 -20.86 -22.16 -8.03
CA TYR B 160 -20.98 -20.71 -7.95
C TYR B 160 -20.38 -20.20 -6.65
N ILE B 161 -19.95 -18.95 -6.65
CA ILE B 161 -19.66 -18.27 -5.40
C ILE B 161 -20.40 -16.93 -5.40
N SER B 162 -21.36 -16.79 -4.48
CA SER B 162 -22.20 -15.60 -4.43
C SER B 162 -21.72 -14.67 -3.33
N GLY B 163 -21.49 -13.40 -3.70
CA GLY B 163 -21.04 -12.41 -2.76
C GLY B 163 -22.16 -11.46 -2.35
N ILE B 164 -22.25 -11.18 -1.06
CA ILE B 164 -23.27 -10.27 -0.55
C ILE B 164 -22.76 -9.53 0.69
N SER B 165 -23.39 -8.42 1.05
CA SER B 165 -23.03 -7.70 2.26
C SER B 165 -24.25 -7.47 3.15
N VAL B 166 -24.03 -7.52 4.46
CA VAL B 166 -25.11 -7.27 5.42
C VAL B 166 -24.64 -6.32 6.52
N GLY B 167 -25.34 -5.20 6.66
CA GLY B 167 -25.04 -4.24 7.70
C GLY B 167 -25.78 -4.57 8.99
N LEU B 168 -25.31 -4.01 10.10
CA LEU B 168 -25.98 -4.24 11.38
C LEU B 168 -26.35 -2.93 12.05
N TYR B 169 -27.61 -2.54 11.90
CA TYR B 169 -28.12 -1.33 12.54
C TYR B 169 -28.80 -1.68 13.86
N ASP B 170 -28.14 -1.34 14.96
CA ASP B 170 -28.62 -1.65 16.30
C ASP B 170 -28.89 -3.15 16.45
N THR B 171 -30.17 -3.51 16.54
CA THR B 171 -30.56 -4.90 16.69
C THR B 171 -30.84 -5.56 15.35
N THR B 172 -31.28 -4.77 14.38
CA THR B 172 -31.73 -5.31 13.10
C THR B 172 -30.64 -5.28 12.03
N PRO B 173 -30.48 -6.40 11.31
CA PRO B 173 -29.57 -6.49 10.17
C PRO B 173 -30.22 -6.04 8.87
N LEU B 174 -29.47 -5.33 8.04
CA LEU B 174 -29.98 -4.85 6.77
C LEU B 174 -29.21 -5.49 5.60
N LEU B 175 -29.95 -6.09 4.68
CA LEU B 175 -29.37 -6.84 3.57
C LEU B 175 -28.92 -5.96 2.42
N ASP B 176 -27.73 -6.26 1.89
CA ASP B 176 -27.17 -5.59 0.71
C ASP B 176 -27.10 -4.07 0.88
N THR B 177 -26.16 -3.63 1.70
CA THR B 177 -26.05 -2.23 2.08
C THR B 177 -25.45 -1.33 0.99
N ASN B 178 -26.01 -0.13 0.85
CA ASN B 178 -25.42 0.86 -0.05
C ASN B 178 -24.37 1.69 0.67
N SER B 179 -23.86 2.71 0.00
CA SER B 179 -22.78 3.53 0.53
C SER B 179 -23.15 4.24 1.83
N LEU B 180 -24.32 4.87 1.86
CA LEU B 180 -24.78 5.57 3.05
C LEU B 180 -24.96 4.64 4.23
N GLU B 181 -25.43 3.43 3.97
CA GLU B 181 -25.63 2.45 5.01
C GLU B 181 -24.29 1.89 5.49
N GLU B 182 -23.32 1.77 4.58
CA GLU B 182 -22.00 1.25 4.94
C GLU B 182 -21.31 2.18 5.93
N ASN B 183 -21.55 3.48 5.78
CA ASN B 183 -21.10 4.44 6.78
C ASN B 183 -22.11 4.46 7.93
N ALA B 184 -21.65 4.84 9.12
CA ALA B 184 -22.48 4.86 10.32
C ALA B 184 -23.10 3.49 10.61
N MET B 185 -22.38 2.43 10.25
CA MET B 185 -22.83 1.06 10.48
C MET B 185 -21.73 0.06 10.16
N SER B 186 -21.69 -1.04 10.90
CA SER B 186 -20.72 -2.10 10.63
C SER B 186 -21.30 -3.11 9.65
N THR B 187 -20.48 -3.57 8.71
CA THR B 187 -20.94 -4.47 7.67
C THR B 187 -20.14 -5.77 7.62
N VAL B 188 -20.82 -6.86 7.29
CA VAL B 188 -20.20 -8.16 7.08
C VAL B 188 -20.31 -8.57 5.62
N THR B 189 -19.18 -8.93 5.01
CA THR B 189 -19.22 -9.42 3.63
C THR B 189 -19.11 -10.93 3.62
N LEU B 190 -19.95 -11.57 2.81
CA LEU B 190 -20.01 -13.02 2.71
C LEU B 190 -19.77 -13.50 1.28
N GLY B 191 -18.89 -14.50 1.17
CA GLY B 191 -18.72 -15.23 -0.06
C GLY B 191 -19.18 -16.66 0.15
N VAL B 192 -20.39 -16.96 -0.33
CA VAL B 192 -21.03 -18.25 -0.09
C VAL B 192 -20.90 -19.19 -1.29
N VAL B 193 -20.53 -20.44 -1.01
CA VAL B 193 -20.36 -21.43 -2.06
C VAL B 193 -21.68 -22.09 -2.46
N GLY B 194 -22.09 -21.86 -3.70
CA GLY B 194 -23.28 -22.46 -4.25
C GLY B 194 -24.54 -22.25 -3.44
N LYS B 195 -25.23 -23.34 -3.13
CA LYS B 195 -26.43 -23.29 -2.30
C LYS B 195 -26.12 -23.79 -0.90
N SER B 196 -24.85 -24.05 -0.64
CA SER B 196 -24.43 -24.60 0.65
C SER B 196 -24.46 -23.56 1.76
N GLU B 197 -24.15 -23.99 2.98
CA GLU B 197 -24.03 -23.09 4.12
C GLU B 197 -22.56 -22.76 4.34
N LYS B 198 -21.70 -23.29 3.47
CA LYS B 198 -20.26 -23.13 3.63
C LYS B 198 -19.78 -21.80 3.04
N LEU B 199 -18.92 -21.12 3.79
CA LEU B 199 -18.45 -19.79 3.41
C LEU B 199 -17.05 -19.83 2.81
N SER B 200 -16.93 -19.33 1.59
CA SER B 200 -15.64 -19.10 0.97
C SER B 200 -14.99 -17.87 1.61
N LEU B 201 -15.79 -16.82 1.77
CA LEU B 201 -15.31 -15.57 2.34
C LEU B 201 -16.14 -15.12 3.53
N LEU B 202 -15.47 -14.64 4.57
CA LEU B 202 -16.14 -14.02 5.70
C LEU B 202 -15.32 -12.81 6.15
N LEU B 203 -15.83 -11.62 5.87
CA LEU B 203 -15.07 -10.41 6.14
C LEU B 203 -15.80 -9.45 7.09
N VAL B 204 -15.18 -9.18 8.22
CA VAL B 204 -15.69 -8.18 9.17
C VAL B 204 -14.56 -7.20 9.49
N GLU B 205 -14.74 -5.95 9.10
CA GLU B 205 -13.66 -4.96 9.24
C GLU B 205 -13.93 -3.92 10.33
N ASP B 206 -15.13 -3.95 10.90
CA ASP B 206 -15.47 -3.05 12.00
C ASP B 206 -16.15 -3.80 13.13
N LYS B 207 -16.15 -3.20 14.31
CA LYS B 207 -16.60 -3.88 15.53
C LYS B 207 -18.08 -4.28 15.49
N ILE B 208 -18.34 -5.52 15.92
CA ILE B 208 -19.68 -6.07 15.96
C ILE B 208 -19.84 -6.91 17.23
N PRO B 209 -20.97 -6.74 17.93
CA PRO B 209 -21.28 -7.58 19.09
C PRO B 209 -21.32 -9.05 18.70
N LEU B 210 -20.50 -9.86 19.35
CA LEU B 210 -20.40 -11.29 19.05
C LEU B 210 -21.77 -11.98 19.04
N ASP B 211 -22.56 -11.71 20.07
CA ASP B 211 -23.84 -12.40 20.28
C ASP B 211 -24.84 -12.14 19.15
N ARG B 212 -24.57 -11.14 18.32
CA ARG B 212 -25.48 -10.82 17.23
C ARG B 212 -24.88 -11.12 15.85
N LEU B 213 -23.68 -11.70 15.83
CA LEU B 213 -23.01 -11.97 14.56
C LEU B 213 -23.70 -13.07 13.75
N GLU B 214 -23.99 -14.18 14.42
CA GLU B 214 -24.62 -15.33 13.78
C GLU B 214 -25.88 -14.95 13.00
N ASN B 215 -26.75 -14.20 13.66
CA ASN B 215 -27.98 -13.72 13.02
C ASN B 215 -27.68 -12.99 11.71
N VAL B 216 -26.66 -12.12 11.74
CA VAL B 216 -26.27 -11.37 10.56
C VAL B 216 -25.90 -12.32 9.41
N LEU B 217 -25.24 -13.42 9.75
CA LEU B 217 -24.89 -14.41 8.75
C LEU B 217 -26.13 -15.06 8.15
N ALA B 218 -27.11 -15.34 9.01
CA ALA B 218 -28.31 -16.08 8.63
C ALA B 218 -29.00 -15.49 7.41
N ILE B 219 -29.30 -14.20 7.47
CA ILE B 219 -29.94 -13.53 6.34
C ILE B 219 -28.94 -13.46 5.17
N GLY B 220 -27.68 -13.19 5.49
CA GLY B 220 -26.64 -13.02 4.48
C GLY B 220 -26.57 -14.18 3.51
N ILE B 221 -26.37 -15.37 4.07
CA ILE B 221 -26.41 -16.61 3.30
C ILE B 221 -27.64 -16.65 2.41
N ALA B 222 -28.80 -16.43 3.01
CA ALA B 222 -30.06 -16.47 2.27
C ALA B 222 -29.97 -15.51 1.08
N GLY B 223 -29.53 -14.29 1.36
CA GLY B 223 -29.42 -13.28 0.33
C GLY B 223 -28.52 -13.78 -0.78
N ALA B 224 -27.38 -14.33 -0.38
CA ALA B 224 -26.41 -14.83 -1.34
C ALA B 224 -27.05 -15.87 -2.23
N HIS B 225 -27.86 -16.74 -1.63
CA HIS B 225 -28.55 -17.78 -2.38
C HIS B 225 -29.37 -17.15 -3.49
N ARG B 226 -30.13 -16.11 -3.14
CA ARG B 226 -30.94 -15.39 -4.12
C ARG B 226 -30.05 -14.89 -5.24
N VAL B 227 -28.92 -14.29 -4.86
CA VAL B 227 -27.96 -13.77 -5.84
C VAL B 227 -27.55 -14.89 -6.79
N ARG B 228 -27.28 -16.07 -6.23
CA ARG B 228 -26.91 -17.21 -7.06
C ARG B 228 -28.02 -17.47 -8.07
N ASP B 229 -29.25 -17.56 -7.56
CA ASP B 229 -30.41 -17.84 -8.40
C ASP B 229 -30.51 -16.83 -9.53
N LEU B 230 -30.04 -15.60 -9.29
CA LEU B 230 -30.08 -14.58 -10.32
C LEU B 230 -29.03 -14.85 -11.38
N MET B 231 -27.79 -15.05 -10.94
CA MET B 231 -26.67 -15.25 -11.87
C MET B 231 -26.97 -16.44 -12.76
N ASP B 232 -27.31 -17.56 -12.11
CA ASP B 232 -27.79 -18.76 -12.77
C ASP B 232 -28.82 -18.41 -13.84
N GLU B 233 -29.87 -17.69 -13.42
CA GLU B 233 -30.98 -17.35 -14.29
C GLU B 233 -30.51 -16.63 -15.55
N GLU B 234 -29.46 -15.83 -15.43
CA GLU B 234 -28.93 -15.16 -16.61
C GLU B 234 -28.23 -16.17 -17.50
N LEU B 235 -27.30 -16.93 -16.92
CA LEU B 235 -26.45 -17.84 -17.68
C LEU B 235 -27.29 -18.77 -18.56
N ARG B 236 -28.21 -19.49 -17.94
CA ARG B 236 -29.12 -20.38 -18.65
C ARG B 236 -29.74 -19.68 -19.86
N LYS B 237 -30.30 -18.49 -19.63
CA LYS B 237 -30.91 -17.74 -20.73
C LYS B 237 -29.86 -17.53 -21.82
N HIS B 238 -28.72 -16.96 -21.44
CA HIS B 238 -27.66 -16.69 -22.39
C HIS B 238 -27.20 -17.99 -23.04
N ALA B 239 -27.32 -19.09 -22.31
CA ALA B 239 -26.99 -20.39 -22.87
C ALA B 239 -28.08 -20.77 -23.87
N GLN B 240 -29.32 -20.75 -23.39
CA GLN B 240 -30.46 -21.20 -24.18
C GLN B 240 -30.56 -20.43 -25.48
N LYS B 241 -30.25 -19.15 -25.42
CA LYS B 241 -30.25 -18.29 -26.59
C LYS B 241 -29.13 -18.69 -27.57
N ARG B 242 -27.92 -18.90 -27.06
CA ARG B 242 -26.78 -19.07 -27.96
C ARG B 242 -26.50 -20.53 -28.29
N VAL B 243 -27.38 -21.42 -27.88
CA VAL B 243 -27.24 -22.83 -28.24
C VAL B 243 -28.33 -23.19 -29.26
N SER B 244 -29.35 -22.33 -29.33
CA SER B 244 -30.45 -22.54 -30.26
C SER B 244 -30.20 -21.84 -31.59
N ASN B 245 -29.63 -20.64 -31.52
CA ASN B 245 -29.34 -19.85 -32.72
C ASN B 245 -28.13 -20.42 -33.48
N ALA B 246 -27.19 -21.00 -32.75
CA ALA B 246 -26.02 -21.62 -33.35
C ALA B 246 -26.44 -22.86 -34.14
N SER B 247 -27.57 -23.44 -33.76
CA SER B 247 -28.15 -24.56 -34.48
C SER B 247 -28.77 -24.08 -35.80
N ALA B 248 -28.29 -24.63 -36.91
CA ALA B 248 -28.77 -24.29 -38.25
C ALA B 248 -28.71 -22.78 -38.51
N PRO C 14 52.58 -13.35 -30.14
CA PRO C 14 52.53 -12.80 -28.78
C PRO C 14 51.17 -12.13 -28.50
N ILE C 15 50.29 -12.84 -27.81
CA ILE C 15 48.95 -12.34 -27.55
C ILE C 15 49.00 -11.11 -26.63
N THR C 16 48.11 -10.16 -26.86
CA THR C 16 48.15 -8.88 -26.16
C THR C 16 46.76 -8.34 -25.87
N PHE C 17 46.57 -7.82 -24.67
CA PHE C 17 45.32 -7.20 -24.28
C PHE C 17 45.50 -5.71 -24.03
N PRO C 18 44.58 -4.88 -24.55
CA PRO C 18 44.54 -3.46 -24.19
C PRO C 18 44.36 -3.29 -22.67
N PRO C 19 44.96 -2.23 -22.10
CA PRO C 19 44.92 -1.96 -20.66
C PRO C 19 43.51 -2.01 -20.07
N GLU C 20 42.53 -1.52 -20.83
CA GLU C 20 41.13 -1.57 -20.47
C GLU C 20 40.65 -3.01 -20.24
N VAL C 21 40.81 -3.85 -21.26
CA VAL C 21 40.32 -5.21 -21.19
C VAL C 21 41.20 -6.05 -20.27
N LEU C 22 42.44 -5.63 -20.05
CA LEU C 22 43.30 -6.32 -19.10
C LEU C 22 42.82 -6.03 -17.69
N ALA C 23 42.38 -4.79 -17.47
CA ALA C 23 41.80 -4.38 -16.20
C ALA C 23 40.50 -5.13 -15.97
N ARG C 24 39.80 -5.46 -17.04
CA ARG C 24 38.57 -6.25 -16.94
C ARG C 24 38.87 -7.73 -16.63
N ILE C 25 39.88 -8.27 -17.31
CA ILE C 25 40.19 -9.69 -17.25
C ILE C 25 40.94 -10.10 -15.98
N SER C 26 42.04 -9.42 -15.71
CA SER C 26 42.85 -9.69 -14.53
C SER C 26 43.30 -8.40 -13.85
N PRO C 27 42.40 -7.81 -13.04
CA PRO C 27 42.68 -6.53 -12.36
C PRO C 27 43.89 -6.63 -11.45
N GLU C 28 43.98 -7.73 -10.69
CA GLU C 28 45.09 -7.94 -9.77
C GLU C 28 46.42 -7.98 -10.52
N LEU C 29 46.46 -8.77 -11.59
CA LEU C 29 47.66 -8.89 -12.41
C LEU C 29 48.05 -7.56 -13.04
N SER C 30 47.06 -6.83 -13.53
CA SER C 30 47.32 -5.51 -14.12
C SER C 30 47.93 -4.56 -13.10
N LEU C 31 47.31 -4.50 -11.92
CA LEU C 31 47.78 -3.64 -10.84
C LEU C 31 49.21 -3.97 -10.43
N GLN C 32 49.46 -5.25 -10.12
CA GLN C 32 50.79 -5.71 -9.74
C GLN C 32 51.83 -5.39 -10.82
N ARG C 33 51.47 -5.69 -12.07
CA ARG C 33 52.36 -5.48 -13.20
C ARG C 33 52.74 -4.01 -13.35
N HIS C 34 51.75 -3.13 -13.23
CA HIS C 34 52.02 -1.69 -13.29
C HIS C 34 52.89 -1.24 -12.12
N LEU C 35 52.60 -1.77 -10.93
CA LEU C 35 53.35 -1.39 -9.74
C LEU C 35 54.80 -1.86 -9.79
N SER C 36 55.07 -2.90 -10.57
CA SER C 36 56.42 -3.39 -10.74
C SER C 36 57.28 -2.39 -11.53
N LEU C 37 56.63 -1.45 -12.19
CA LEU C 37 57.33 -0.44 -12.98
C LEU C 37 57.34 0.91 -12.26
N GLY C 38 56.78 0.94 -11.07
CA GLY C 38 56.72 2.17 -10.30
C GLY C 38 55.58 3.08 -10.72
N ILE C 39 54.64 2.53 -11.49
CA ILE C 39 53.47 3.28 -11.91
C ILE C 39 52.18 2.56 -11.55
N ARG C 40 51.06 3.17 -11.92
CA ARG C 40 49.75 2.61 -11.63
C ARG C 40 48.94 2.50 -12.92
N PRO C 41 47.93 1.62 -12.95
CA PRO C 41 47.07 1.50 -14.14
C PRO C 41 46.33 2.80 -14.49
N CYS C 42 46.39 3.79 -13.59
CA CYS C 42 45.83 5.10 -13.87
C CYS C 42 46.91 6.08 -14.34
N LEU C 43 48.10 5.55 -14.61
CA LEU C 43 49.23 6.31 -15.16
C LEU C 43 49.69 7.46 -14.26
N ARG C 44 49.59 7.25 -12.96
CA ARG C 44 50.17 8.16 -11.97
C ARG C 44 51.04 7.33 -11.04
N LYS C 45 52.03 7.94 -10.40
CA LYS C 45 52.86 7.18 -9.46
C LYS C 45 52.23 7.18 -8.07
N TYR C 46 52.83 6.40 -7.18
CA TYR C 46 52.20 5.98 -5.92
C TYR C 46 51.48 7.06 -5.14
N GLU C 47 52.14 8.21 -4.95
CA GLU C 47 51.57 9.27 -4.11
C GLU C 47 51.14 10.49 -4.91
N GLU C 48 50.86 10.28 -6.20
CA GLU C 48 50.42 11.37 -7.07
C GLU C 48 48.90 11.45 -7.15
N PHE C 49 48.35 12.56 -6.64
CA PHE C 49 46.92 12.81 -6.73
C PHE C 49 46.52 13.28 -8.12
N ARG C 50 45.24 13.13 -8.45
CA ARG C 50 44.68 13.78 -9.64
C ARG C 50 44.52 15.26 -9.35
N ASP C 51 44.80 16.10 -10.33
CA ASP C 51 44.59 17.53 -10.18
C ASP C 51 43.08 17.81 -10.16
N VAL C 52 42.68 18.91 -9.57
CA VAL C 52 41.27 19.28 -9.53
C VAL C 52 41.04 20.69 -10.07
N ALA C 53 39.91 20.88 -10.74
CA ALA C 53 39.52 22.19 -11.26
C ALA C 53 38.11 22.51 -10.81
N ILE C 54 37.87 23.75 -10.43
CA ILE C 54 36.59 24.13 -9.84
C ILE C 54 35.95 25.35 -10.51
N GLU C 55 34.67 25.21 -10.84
CA GLU C 55 33.82 26.34 -11.20
C GLU C 55 32.81 26.56 -10.08
N ASN C 56 33.04 27.59 -9.26
CA ASN C 56 32.21 27.78 -8.08
C ASN C 56 31.11 28.81 -8.25
N ASN C 57 29.93 28.49 -7.73
CA ASN C 57 28.78 29.40 -7.72
C ASN C 57 28.39 29.88 -9.12
N THR C 58 28.31 28.95 -10.06
CA THR C 58 27.93 29.27 -11.43
C THR C 58 26.46 28.94 -11.71
N LEU C 59 25.88 28.12 -10.85
CA LEU C 59 24.51 27.66 -11.04
C LEU C 59 23.56 28.36 -10.08
N SER C 60 24.11 29.08 -9.11
CA SER C 60 23.30 29.74 -8.10
C SER C 60 22.47 30.87 -8.70
N ARG C 61 21.40 31.24 -8.02
CA ARG C 61 20.58 32.36 -8.45
C ARG C 61 21.28 33.68 -8.16
N TYR C 62 22.15 33.64 -7.16
CA TYR C 62 22.93 34.82 -6.78
C TYR C 62 24.28 34.83 -7.50
N ALA C 63 24.35 34.11 -8.61
CA ALA C 63 25.58 34.04 -9.40
C ALA C 63 25.97 35.42 -9.89
N ASP C 64 24.99 36.16 -10.40
CA ASP C 64 25.20 37.53 -10.83
C ASP C 64 24.42 38.47 -9.93
N ALA C 65 25.16 39.27 -9.15
CA ALA C 65 24.55 40.22 -8.22
C ALA C 65 23.73 41.27 -8.96
N GLY C 66 24.24 41.69 -10.11
CA GLY C 66 23.56 42.69 -10.93
C GLY C 66 22.24 42.19 -11.48
N ASN C 67 22.28 41.05 -12.17
CA ASN C 67 21.08 40.46 -12.73
C ASN C 67 20.76 39.10 -12.09
N ILE C 68 20.07 39.13 -10.96
CA ILE C 68 19.72 37.92 -10.24
C ILE C 68 18.63 37.13 -10.97
N ASP C 69 18.88 35.84 -11.19
CA ASP C 69 17.92 34.98 -11.87
C ASP C 69 16.71 34.72 -10.97
N THR C 70 15.53 35.10 -11.46
CA THR C 70 14.30 34.99 -10.69
C THR C 70 13.81 33.55 -10.59
N LYS C 71 13.88 32.83 -11.70
CA LYS C 71 13.36 31.47 -11.78
C LYS C 71 14.19 30.48 -10.98
N ASN C 72 15.47 30.79 -10.83
CA ASN C 72 16.41 29.89 -10.15
C ASN C 72 16.14 29.80 -8.65
N ASN C 73 16.33 28.60 -8.11
CA ASN C 73 16.13 28.37 -6.68
C ASN C 73 17.36 27.78 -6.02
N ILE C 74 18.48 27.78 -6.75
CA ILE C 74 19.73 27.23 -6.25
C ILE C 74 20.45 28.23 -5.35
N LEU C 75 20.63 27.86 -4.09
CA LEU C 75 21.29 28.72 -3.11
C LEU C 75 22.81 28.65 -3.27
N GLY C 76 23.32 27.46 -3.59
CA GLY C 76 24.76 27.30 -3.74
C GLY C 76 25.16 26.38 -4.88
N SER C 77 26.37 26.55 -5.40
CA SER C 77 26.77 25.79 -6.57
C SER C 77 28.25 25.41 -6.56
N ASN C 78 28.57 24.27 -7.16
CA ASN C 78 29.96 23.90 -7.42
C ASN C 78 30.09 22.86 -8.53
N VAL C 79 31.10 23.06 -9.37
CA VAL C 79 31.41 22.09 -10.42
C VAL C 79 32.87 21.69 -10.32
N LEU C 80 33.11 20.45 -9.89
CA LEU C 80 34.46 19.95 -9.69
C LEU C 80 34.85 18.99 -10.80
N LYS C 81 36.14 18.99 -11.16
CA LYS C 81 36.65 18.03 -12.14
C LYS C 81 38.01 17.49 -11.71
N SER C 82 38.10 16.18 -11.57
CA SER C 82 39.35 15.53 -11.18
C SER C 82 39.61 14.33 -12.08
N GLY C 83 40.78 14.32 -12.71
CA GLY C 83 41.07 13.32 -13.72
C GLY C 83 40.11 13.52 -14.87
N LYS C 84 39.20 12.57 -15.07
CA LYS C 84 38.18 12.71 -16.08
C LYS C 84 36.79 12.66 -15.45
N THR C 85 36.75 12.66 -14.12
CA THR C 85 35.48 12.60 -13.42
C THR C 85 34.96 14.00 -13.10
N ILE C 86 33.66 14.19 -13.32
CA ILE C 86 33.02 15.48 -13.08
C ILE C 86 31.93 15.37 -12.01
N VAL C 87 31.90 16.32 -11.09
CA VAL C 87 30.90 16.32 -10.03
C VAL C 87 30.16 17.67 -9.98
N ILE C 88 28.85 17.63 -10.12
CA ILE C 88 28.05 18.85 -10.07
C ILE C 88 27.15 18.88 -8.82
N THR C 89 27.41 19.85 -7.96
CA THR C 89 26.70 19.96 -6.68
C THR C 89 25.87 21.24 -6.61
N SER C 90 24.59 21.08 -6.29
CA SER C 90 23.69 22.22 -6.16
C SER C 90 22.95 22.21 -4.83
N ILE C 91 22.97 23.34 -4.15
CA ILE C 91 22.34 23.51 -2.84
C ILE C 91 21.05 24.30 -2.94
N THR C 92 19.93 23.62 -2.67
CA THR C 92 18.63 24.26 -2.56
C THR C 92 18.23 24.33 -1.10
N GLY C 93 17.05 24.87 -0.81
CA GLY C 93 16.66 25.10 0.56
C GLY C 93 15.17 25.06 0.84
N GLY C 94 14.83 25.01 2.11
CA GLY C 94 13.46 25.03 2.58
C GLY C 94 13.40 25.58 3.99
N ILE C 95 12.20 25.70 4.55
CA ILE C 95 12.04 26.22 5.89
C ILE C 95 11.16 25.30 6.74
N ILE C 96 11.61 25.00 7.95
CA ILE C 96 10.82 24.20 8.86
C ILE C 96 10.44 25.02 10.10
N GLU C 97 9.21 24.84 10.57
CA GLU C 97 8.77 25.47 11.80
C GLU C 97 9.32 24.72 13.00
N GLU C 98 10.14 25.41 13.80
CA GLU C 98 10.73 24.80 14.98
C GLU C 98 9.66 24.55 16.05
N THR C 99 9.93 23.59 16.93
CA THR C 99 8.99 23.23 17.98
C THR C 99 9.66 23.33 19.35
N SER C 100 8.93 23.87 20.33
CA SER C 100 9.43 24.05 21.70
C SER C 100 10.69 24.90 21.74
N GLU C 121 28.31 26.03 23.06
CA GLU C 121 28.86 24.69 23.27
C GLU C 121 29.36 24.07 21.96
N ASP C 122 30.18 23.03 22.09
CA ASP C 122 30.70 22.32 20.94
C ASP C 122 30.10 20.91 20.86
N ILE C 123 29.22 20.60 21.81
CA ILE C 123 28.59 19.28 21.85
C ILE C 123 27.75 19.08 20.60
N ILE C 124 27.63 17.82 20.16
CA ILE C 124 27.05 17.50 18.86
C ILE C 124 25.57 17.87 18.75
N ALA C 125 24.90 18.04 19.89
CA ALA C 125 23.47 18.32 19.91
C ALA C 125 23.13 19.66 19.25
N ASN C 126 24.07 20.60 19.30
CA ASN C 126 23.83 21.95 18.80
C ASN C 126 24.24 22.16 17.35
N TYR C 127 24.52 21.07 16.64
CA TYR C 127 24.98 21.18 15.27
C TYR C 127 24.01 20.58 14.26
N ALA C 128 24.14 21.01 13.01
CA ALA C 128 23.23 20.57 11.95
C ALA C 128 24.01 19.94 10.78
N SER C 129 23.25 19.49 9.78
CA SER C 129 23.83 18.90 8.58
C SER C 129 22.97 19.21 7.37
N VAL C 130 23.47 18.90 6.18
CA VAL C 130 22.66 19.04 4.97
C VAL C 130 22.08 17.68 4.59
N TYR C 131 21.08 17.68 3.73
CA TYR C 131 20.46 16.44 3.28
C TYR C 131 20.76 16.22 1.80
N PRO C 132 21.87 15.52 1.51
CA PRO C 132 22.31 15.33 0.13
C PRO C 132 21.67 14.14 -0.56
N VAL C 133 21.47 14.27 -1.87
CA VAL C 133 21.04 13.15 -2.70
C VAL C 133 22.09 12.94 -3.79
N VAL C 134 22.85 11.87 -3.67
CA VAL C 134 23.93 11.59 -4.61
C VAL C 134 23.43 10.73 -5.77
N GLU C 135 23.68 11.20 -6.98
CA GLU C 135 23.25 10.50 -8.18
C GLU C 135 24.47 10.21 -9.06
N VAL C 136 25.05 9.03 -8.91
CA VAL C 136 26.24 8.65 -9.65
C VAL C 136 25.87 8.10 -11.02
N GLU C 137 26.17 8.88 -12.07
CA GLU C 137 25.73 8.52 -13.41
C GLU C 137 26.46 7.33 -14.00
N ARG C 138 25.83 6.18 -13.87
CA ARG C 138 26.28 4.96 -14.52
C ARG C 138 25.09 4.46 -15.32
N GLY C 139 25.28 3.39 -16.09
CA GLY C 139 24.30 2.96 -17.08
C GLY C 139 22.85 2.78 -16.67
N ARG C 140 22.62 2.48 -15.40
CA ARG C 140 21.30 2.06 -14.96
C ARG C 140 20.34 3.23 -14.75
N VAL C 141 19.05 2.90 -14.71
CA VAL C 141 18.04 3.85 -14.26
C VAL C 141 17.12 3.12 -13.28
N GLY C 142 16.75 3.81 -12.21
CA GLY C 142 15.96 3.20 -11.15
C GLY C 142 16.32 3.81 -9.81
N ALA C 143 15.96 3.13 -8.73
CA ALA C 143 16.19 3.66 -7.39
C ALA C 143 17.68 3.64 -7.04
N CYS C 144 18.02 4.20 -5.89
CA CYS C 144 19.40 4.43 -5.51
C CYS C 144 20.19 3.15 -5.24
N THR C 145 21.44 3.12 -5.71
CA THR C 145 22.35 2.02 -5.42
C THR C 145 22.93 2.14 -4.01
N ASP C 146 23.63 1.11 -3.56
CA ASP C 146 24.31 1.12 -2.27
C ASP C 146 25.34 2.25 -2.21
N GLU C 147 26.05 2.44 -3.31
CA GLU C 147 27.02 3.52 -3.46
C GLU C 147 26.38 4.89 -3.18
N GLU C 148 25.31 5.20 -3.90
CA GLU C 148 24.64 6.50 -3.77
C GLU C 148 24.08 6.73 -2.37
N MET C 149 23.44 5.70 -1.82
CA MET C 149 22.85 5.80 -0.49
C MET C 149 23.90 6.00 0.60
N THR C 150 24.96 5.18 0.56
CA THR C 150 26.01 5.27 1.57
C THR C 150 26.82 6.56 1.45
N ILE C 151 27.04 7.02 0.22
CA ILE C 151 27.75 8.28 0.03
C ILE C 151 26.91 9.44 0.55
N SER C 152 25.62 9.45 0.24
CA SER C 152 24.73 10.48 0.75
C SER C 152 24.73 10.52 2.28
N GLN C 153 24.47 9.36 2.88
CA GLN C 153 24.38 9.25 4.33
C GLN C 153 25.70 9.65 5.01
N LYS C 154 26.82 9.21 4.44
CA LYS C 154 28.12 9.53 5.02
C LYS C 154 28.46 11.00 4.88
N LEU C 155 28.02 11.62 3.77
CA LEU C 155 28.15 13.06 3.61
C LEU C 155 27.42 13.79 4.72
N HIS C 156 26.15 13.41 4.92
CA HIS C 156 25.35 13.98 5.99
C HIS C 156 26.03 13.84 7.36
N ASP C 157 26.37 12.60 7.71
CA ASP C 157 26.97 12.29 9.01
C ASP C 157 28.30 13.00 9.24
N SER C 158 29.13 13.09 8.20
CA SER C 158 30.43 13.71 8.33
C SER C 158 30.29 15.22 8.46
N ILE C 159 29.32 15.79 7.76
CA ILE C 159 29.01 17.20 7.94
C ILE C 159 28.59 17.46 9.39
N LEU C 160 27.78 16.55 9.92
CA LEU C 160 27.32 16.66 11.31
C LEU C 160 28.48 16.58 12.32
N HIS C 161 29.34 15.58 12.16
CA HIS C 161 30.38 15.31 13.16
C HIS C 161 31.58 16.24 13.04
N SER C 162 31.90 16.68 11.82
CA SER C 162 32.99 17.63 11.64
C SER C 162 32.59 19.00 12.17
N ARG C 163 31.30 19.16 12.47
CA ARG C 163 30.77 20.37 13.10
C ARG C 163 31.03 21.63 12.27
N ILE C 164 30.77 21.53 10.97
CA ILE C 164 30.96 22.64 10.05
C ILE C 164 29.77 23.58 10.07
N LEU C 165 28.60 23.03 10.40
CA LEU C 165 27.36 23.80 10.35
C LEU C 165 26.62 23.80 11.68
N PRO C 166 26.74 24.90 12.43
CA PRO C 166 26.00 25.06 13.69
C PRO C 166 24.51 25.30 13.44
N LYS C 167 23.66 24.74 14.30
CA LYS C 167 22.22 24.93 14.20
C LYS C 167 21.84 26.41 14.23
N LYS C 168 22.55 27.18 15.05
CA LYS C 168 22.31 28.61 15.21
C LYS C 168 22.37 29.36 13.88
N ALA C 169 23.28 28.93 13.00
CA ALA C 169 23.46 29.58 11.71
C ALA C 169 22.28 29.33 10.77
N LEU C 170 21.47 28.33 11.08
CA LEU C 170 20.32 28.00 10.24
C LEU C 170 19.05 28.68 10.74
N LYS C 171 19.16 29.41 11.84
CA LYS C 171 18.02 30.14 12.38
C LYS C 171 17.63 31.30 11.45
N VAL C 172 16.33 31.40 11.21
CA VAL C 172 15.76 32.46 10.38
C VAL C 172 15.32 33.63 11.27
N LYS C 173 15.70 34.85 10.90
CA LYS C 173 15.16 36.04 11.55
C LYS C 173 14.06 36.66 10.71
N ALA C 174 12.81 36.34 11.06
CA ALA C 174 11.67 36.72 10.25
C ALA C 174 11.38 38.22 10.28
N GLY C 175 11.43 38.84 9.11
CA GLY C 175 10.95 40.20 8.95
C GLY C 175 9.44 40.16 8.79
N VAL C 176 8.80 41.32 8.74
CA VAL C 176 7.35 41.36 8.61
C VAL C 176 6.94 42.28 7.46
N ARG C 177 5.96 41.83 6.68
CA ARG C 177 5.45 42.61 5.57
C ARG C 177 4.30 43.50 6.02
N SER C 178 4.59 44.78 6.23
CA SER C 178 3.55 45.75 6.60
C SER C 178 3.11 46.54 5.36
N ALA C 179 1.84 46.93 5.34
CA ALA C 179 1.22 47.51 4.14
C ALA C 179 1.64 48.98 3.91
N ASN C 180 2.02 49.37 2.70
CA ASN C 180 2.23 50.78 2.48
C ASN C 180 0.87 51.41 2.46
N GLU C 181 0.93 52.59 3.10
CA GLU C 181 -0.14 53.33 3.74
C GLU C 181 -1.44 52.55 3.73
N ASP C 182 -2.22 52.76 2.70
CA ASP C 182 -3.11 51.74 2.24
C ASP C 182 -3.01 51.75 0.72
N GLY C 183 -2.58 50.63 0.14
CA GLY C 183 -2.40 50.64 -1.28
C GLY C 183 -1.31 49.72 -1.81
N THR C 184 -0.31 49.36 -1.02
CA THR C 184 0.52 48.17 -1.40
C THR C 184 1.27 47.70 -0.19
N PHE C 185 2.49 47.21 -0.39
CA PHE C 185 3.21 46.49 0.66
C PHE C 185 4.74 46.64 0.66
N SER C 186 5.29 46.86 1.85
CA SER C 186 6.74 46.89 2.09
C SER C 186 7.14 45.97 3.23
N VAL C 187 8.38 45.48 3.21
CA VAL C 187 8.84 44.55 4.23
C VAL C 187 9.90 45.16 5.14
N LEU C 188 9.83 44.85 6.43
CA LEU C 188 10.77 45.37 7.41
C LEU C 188 11.50 44.22 8.10
N TYR C 189 12.83 44.25 8.00
CA TYR C 189 13.67 43.24 8.64
C TYR C 189 14.39 43.82 9.85
N PRO C 190 14.52 43.03 10.92
CA PRO C 190 15.33 43.44 12.07
C PRO C 190 16.81 43.50 11.70
N ASP C 191 17.48 44.58 12.08
CA ASP C 191 18.89 44.77 11.74
C ASP C 191 19.78 43.73 12.42
N LYS C 206 5.11 35.33 17.91
CA LYS C 206 6.30 35.38 17.06
C LYS C 206 7.09 34.08 17.18
N ARG C 207 6.76 33.13 16.31
CA ARG C 207 7.31 31.78 16.38
C ARG C 207 8.76 31.71 15.91
N LYS C 208 9.36 30.53 16.07
CA LYS C 208 10.72 30.28 15.59
C LYS C 208 10.69 29.52 14.26
N TRP C 209 11.79 29.57 13.53
CA TRP C 209 11.92 28.86 12.26
C TRP C 209 13.36 28.46 12.02
N SER C 210 13.57 27.50 11.12
CA SER C 210 14.91 27.08 10.77
C SER C 210 15.06 26.79 9.28
N TYR C 211 16.24 27.11 8.76
CA TYR C 211 16.62 26.78 7.39
C TYR C 211 16.97 25.31 7.26
N VAL C 212 16.57 24.71 6.14
CA VAL C 212 16.93 23.34 5.82
C VAL C 212 17.60 23.28 4.45
N LEU C 213 18.85 22.83 4.43
CA LEU C 213 19.63 22.80 3.19
C LEU C 213 19.57 21.42 2.52
N TYR C 214 19.36 21.42 1.21
CA TYR C 214 19.37 20.19 0.44
C TYR C 214 20.47 20.23 -0.62
N ALA C 215 21.10 19.09 -0.88
CA ALA C 215 22.15 19.04 -1.88
C ALA C 215 21.89 17.96 -2.93
N LYS C 216 21.92 18.35 -4.20
CA LYS C 216 21.86 17.38 -5.28
C LYS C 216 23.24 17.29 -5.92
N ILE C 217 23.79 16.08 -5.91
CA ILE C 217 25.15 15.85 -6.38
C ILE C 217 25.16 14.80 -7.48
N VAL C 218 25.44 15.22 -8.71
CA VAL C 218 25.52 14.28 -9.82
C VAL C 218 26.96 14.02 -10.23
N VAL C 219 27.27 12.76 -10.54
CA VAL C 219 28.62 12.35 -10.86
C VAL C 219 28.72 11.74 -12.26
N LEU C 220 29.40 12.46 -13.15
CA LEU C 220 29.62 12.01 -14.52
C LEU C 220 31.03 11.44 -14.69
N SER C 221 31.13 10.42 -15.54
CA SER C 221 32.40 9.80 -15.91
C SER C 221 33.15 9.23 -14.70
N ARG C 222 32.43 8.49 -13.87
CA ARG C 222 33.02 7.81 -12.73
C ARG C 222 34.03 6.76 -13.19
N THR C 223 35.23 6.79 -12.61
CA THR C 223 36.25 5.81 -12.94
C THR C 223 36.73 5.08 -11.68
N GLY C 224 36.37 5.61 -10.52
CA GLY C 224 36.75 5.02 -9.25
C GLY C 224 35.85 5.51 -8.14
N PRO C 225 36.24 5.26 -6.88
CA PRO C 225 35.48 5.75 -5.72
C PRO C 225 35.32 7.26 -5.77
N VAL C 226 34.11 7.76 -5.53
CA VAL C 226 33.80 9.14 -5.83
C VAL C 226 33.37 9.92 -4.59
N PHE C 227 33.46 9.28 -3.43
CA PHE C 227 33.07 9.95 -2.18
C PHE C 227 33.90 11.20 -1.89
N ASP C 228 35.21 11.13 -2.14
CA ASP C 228 36.10 12.26 -1.87
C ASP C 228 35.71 13.47 -2.70
N LEU C 229 35.47 13.22 -3.99
CA LEU C 229 35.08 14.26 -4.92
C LEU C 229 33.78 14.91 -4.49
N CYS C 230 32.82 14.07 -4.10
CA CYS C 230 31.52 14.55 -3.61
C CYS C 230 31.67 15.42 -2.37
N TRP C 231 32.54 14.99 -1.45
CA TRP C 231 32.76 15.74 -0.23
C TRP C 231 33.38 17.10 -0.50
N ASN C 232 34.47 17.12 -1.26
CA ASN C 232 35.16 18.37 -1.57
C ASN C 232 34.26 19.34 -2.34
N SER C 233 33.57 18.82 -3.35
CA SER C 233 32.61 19.59 -4.13
C SER C 233 31.54 20.19 -3.24
N LEU C 234 31.03 19.38 -2.31
CA LEU C 234 30.02 19.84 -1.38
C LEU C 234 30.59 20.91 -0.44
N MET C 235 31.88 20.83 -0.15
CA MET C 235 32.53 21.81 0.73
C MET C 235 32.58 23.17 0.04
N TYR C 236 33.15 23.19 -1.15
CA TYR C 236 33.18 24.44 -1.93
C TYR C 236 31.77 24.99 -2.15
N ALA C 237 30.84 24.10 -2.46
CA ALA C 237 29.45 24.48 -2.68
C ALA C 237 28.84 25.13 -1.44
N LEU C 238 29.10 24.53 -0.28
CA LEU C 238 28.60 25.06 0.98
C LEU C 238 29.19 26.43 1.26
N GLN C 239 30.45 26.63 0.88
CA GLN C 239 31.10 27.93 1.07
C GLN C 239 30.46 29.03 0.23
N SER C 240 29.77 28.64 -0.84
CA SER C 240 29.17 29.61 -1.76
C SER C 240 27.69 29.86 -1.49
N VAL C 241 27.14 29.16 -0.51
CA VAL C 241 25.71 29.25 -0.21
C VAL C 241 25.32 30.59 0.40
N LYS C 242 24.25 31.18 -0.11
CA LYS C 242 23.70 32.40 0.47
C LYS C 242 22.23 32.15 0.86
N LEU C 243 21.93 32.33 2.15
CA LEU C 243 20.59 32.08 2.66
C LEU C 243 19.65 33.25 2.38
N PRO C 244 18.56 33.00 1.63
CA PRO C 244 17.58 34.03 1.30
C PRO C 244 16.89 34.60 2.55
N ARG C 245 16.68 35.91 2.58
CA ARG C 245 15.96 36.52 3.68
C ARG C 245 14.49 36.16 3.62
N ALA C 246 13.84 36.06 4.78
CA ALA C 246 12.45 35.61 4.85
C ALA C 246 11.56 36.58 5.63
N PHE C 247 10.31 36.70 5.19
CA PHE C 247 9.36 37.58 5.84
C PHE C 247 7.97 36.95 5.92
N ILE C 248 7.09 37.58 6.70
CA ILE C 248 5.73 37.10 6.92
C ILE C 248 4.72 38.23 6.70
N ASP C 249 3.44 37.88 6.59
CA ASP C 249 2.35 38.84 6.52
C ASP C 249 2.27 39.60 7.85
N ARG C 269 -5.63 28.39 15.76
CA ARG C 269 -5.69 27.23 14.88
C ARG C 269 -5.49 27.62 13.42
N GLU C 270 -5.32 28.93 13.19
CA GLU C 270 -5.08 29.44 11.84
C GLU C 270 -3.72 30.14 11.75
N THR C 271 -3.00 29.88 10.67
CA THR C 271 -1.60 30.28 10.55
C THR C 271 -1.26 30.82 9.16
N TYR C 272 -0.36 31.81 9.11
CA TYR C 272 0.05 32.40 7.85
C TYR C 272 1.43 31.88 7.42
N GLU C 273 1.59 31.68 6.11
CA GLU C 273 2.81 31.14 5.54
C GLU C 273 3.98 32.14 5.59
N ILE C 274 5.20 31.61 5.78
CA ILE C 274 6.40 32.43 5.67
C ILE C 274 6.95 32.34 4.24
N ILE C 275 7.41 33.47 3.71
CA ILE C 275 7.83 33.54 2.32
C ILE C 275 9.21 34.21 2.19
N CYS C 276 10.06 33.66 1.32
CA CYS C 276 11.42 34.17 1.15
C CYS C 276 11.49 35.42 0.28
N ASP C 277 12.37 36.34 0.64
CA ASP C 277 12.60 37.53 -0.17
C ASP C 277 13.25 37.15 -1.49
N GLN C 278 12.91 37.89 -2.54
CA GLN C 278 13.36 37.56 -3.88
C GLN C 278 14.85 37.85 -4.09
N THR C 279 15.34 38.95 -3.55
CA THR C 279 16.71 39.39 -3.83
C THR C 279 17.66 39.35 -2.63
N LYS C 280 17.19 39.81 -1.48
CA LYS C 280 18.05 39.92 -0.29
C LYS C 280 18.52 38.56 0.21
N SER C 281 19.76 38.49 0.69
CA SER C 281 20.34 37.26 1.18
C SER C 281 21.48 37.52 2.16
N VAL C 282 21.59 36.66 3.16
CA VAL C 282 22.65 36.75 4.16
C VAL C 282 23.62 35.57 4.02
N PRO C 283 24.89 35.78 4.36
CA PRO C 283 25.91 34.73 4.26
C PRO C 283 25.63 33.52 5.16
N LEU C 284 25.70 32.31 4.59
CA LEU C 284 25.65 31.10 5.40
C LEU C 284 26.96 30.96 6.16
N MET C 285 26.95 31.37 7.41
CA MET C 285 28.19 31.40 8.19
C MET C 285 28.51 30.01 8.74
N ILE C 286 29.49 29.37 8.10
CA ILE C 286 29.96 28.06 8.51
C ILE C 286 31.32 28.21 9.20
N ASN C 287 31.66 27.25 10.04
CA ASN C 287 32.93 27.28 10.75
C ASN C 287 34.08 26.85 9.84
N ALA C 288 34.75 27.83 9.25
CA ALA C 288 35.85 27.59 8.31
C ALA C 288 36.99 26.82 8.96
N LYS C 289 37.11 26.96 10.28
CA LYS C 289 38.09 26.20 11.05
C LYS C 289 37.89 24.70 10.89
N ASN C 290 36.64 24.28 10.81
CA ASN C 290 36.29 22.87 10.80
C ASN C 290 36.06 22.28 9.40
N ILE C 291 36.33 23.06 8.37
CA ILE C 291 36.18 22.55 7.00
C ILE C 291 37.35 21.65 6.62
N ALA C 292 37.05 20.39 6.36
CA ALA C 292 38.09 19.42 6.00
C ALA C 292 38.00 19.04 4.53
N PHE C 293 39.02 18.34 4.05
CA PHE C 293 39.01 17.83 2.68
C PHE C 293 39.34 16.35 2.67
N ALA C 294 38.95 15.69 1.59
CA ALA C 294 38.93 14.23 1.55
C ALA C 294 40.09 13.61 0.79
N SER C 295 40.59 12.51 1.33
CA SER C 295 41.69 11.76 0.72
C SER C 295 41.42 10.27 0.84
N ASN C 296 41.90 9.49 -0.10
CA ASN C 296 41.80 8.03 0.03
C ASN C 296 43.09 7.37 -0.44
N TYR C 297 43.38 6.20 0.14
CA TYR C 297 44.63 5.50 -0.07
C TYR C 297 44.43 4.00 -0.10
N GLY C 298 45.21 3.33 -0.93
CA GLY C 298 45.18 1.87 -0.99
C GLY C 298 46.51 1.28 -0.54
N ILE C 299 46.45 0.14 0.12
CA ILE C 299 47.67 -0.54 0.55
C ILE C 299 47.82 -1.84 -0.24
N VAL C 300 48.86 -1.91 -1.07
CA VAL C 300 49.01 -3.06 -1.95
C VAL C 300 50.21 -3.94 -1.56
N GLU C 301 49.98 -5.24 -1.50
CA GLU C 301 51.02 -6.21 -1.20
C GLU C 301 51.60 -6.77 -2.50
N LEU C 302 52.89 -6.58 -2.70
CA LEU C 302 53.55 -6.97 -3.95
C LEU C 302 53.75 -8.49 -4.06
N ASP C 303 53.20 -9.07 -5.12
CA ASP C 303 53.36 -10.50 -5.39
C ASP C 303 54.53 -10.73 -6.34
N PRO C 304 55.59 -11.40 -5.84
CA PRO C 304 56.88 -11.63 -6.52
C PRO C 304 56.76 -12.21 -7.93
N GLU C 305 55.74 -13.01 -8.18
CA GLU C 305 55.60 -13.68 -9.47
C GLU C 305 55.09 -12.74 -10.56
N CYS C 306 54.30 -11.74 -10.17
CA CYS C 306 53.67 -10.85 -11.14
C CYS C 306 54.52 -9.62 -11.46
N GLN C 307 55.73 -9.61 -10.93
CA GLN C 307 56.62 -8.48 -11.12
C GLN C 307 57.35 -8.55 -12.47
N LEU C 308 57.37 -7.43 -13.18
CA LEU C 308 58.02 -7.38 -14.49
C LEU C 308 59.53 -7.39 -14.37
N GLN C 309 60.19 -7.94 -15.39
CA GLN C 309 61.64 -8.03 -15.43
C GLN C 309 62.29 -6.65 -15.38
N ASN C 310 61.68 -5.69 -16.07
CA ASN C 310 62.19 -4.32 -16.15
C ASN C 310 63.66 -4.29 -16.58
N SER C 311 63.96 -4.96 -17.68
CA SER C 311 65.32 -5.06 -18.21
C SER C 311 65.89 -3.69 -18.57
N LYS C 325 60.86 -12.29 1.77
CA LYS C 325 61.07 -11.18 0.85
C LYS C 325 59.74 -10.62 0.35
N LEU C 326 59.05 -9.88 1.21
CA LEU C 326 57.74 -9.33 0.86
C LEU C 326 57.70 -7.81 1.01
N ASN C 327 57.06 -7.15 0.05
CA ASN C 327 56.98 -5.68 0.05
C ASN C 327 55.54 -5.18 -0.07
N THR C 328 55.29 -3.99 0.48
CA THR C 328 53.99 -3.34 0.37
C THR C 328 54.15 -1.87 0.01
N VAL C 329 53.26 -1.36 -0.83
CA VAL C 329 53.31 0.04 -1.23
C VAL C 329 52.01 0.78 -0.93
N LEU C 330 52.14 2.08 -0.68
CA LEU C 330 51.00 2.95 -0.44
C LEU C 330 50.63 3.69 -1.73
N ILE C 331 49.33 3.80 -1.97
CA ILE C 331 48.80 4.37 -3.20
C ILE C 331 47.81 5.49 -2.87
N ALA C 332 47.86 6.59 -3.60
CA ALA C 332 46.98 7.73 -3.31
C ALA C 332 45.97 7.98 -4.43
N ASP C 333 44.74 8.34 -4.04
CA ASP C 333 43.67 8.71 -4.97
C ASP C 333 43.37 7.58 -5.97
N LEU C 334 42.67 6.55 -5.51
CA LEU C 334 42.40 5.36 -6.31
C LEU C 334 41.52 5.65 -7.53
N ASP C 335 41.75 4.89 -8.60
CA ASP C 335 40.97 5.03 -9.82
C ASP C 335 41.09 3.78 -10.70
N THR C 336 40.65 3.91 -11.96
CA THR C 336 40.91 2.98 -13.07
C THR C 336 40.54 1.49 -12.88
N GLU C 337 39.56 1.21 -12.02
CA GLU C 337 38.96 -0.12 -11.91
C GLU C 337 39.91 -1.22 -11.42
N ALA C 338 41.04 -1.39 -12.10
CA ALA C 338 42.07 -2.34 -11.69
C ALA C 338 42.41 -2.14 -10.22
N GLU C 339 42.65 -0.89 -9.85
CA GLU C 339 42.89 -0.53 -8.45
C GLU C 339 41.66 -0.77 -7.59
N GLU C 340 40.49 -0.34 -8.07
CA GLU C 340 39.27 -0.46 -7.29
C GLU C 340 38.85 -1.92 -7.09
N THR C 341 39.07 -2.74 -8.11
CA THR C 341 38.71 -4.16 -8.04
C THR C 341 39.72 -4.96 -7.22
N SER C 342 41.00 -4.61 -7.34
CA SER C 342 42.06 -5.40 -6.70
C SER C 342 42.29 -5.02 -5.23
N ILE C 343 42.33 -3.72 -4.94
CA ILE C 343 42.70 -3.25 -3.61
C ILE C 343 41.55 -3.39 -2.62
N HIS C 344 41.82 -4.08 -1.51
CA HIS C 344 40.80 -4.29 -0.48
C HIS C 344 41.21 -3.70 0.86
N SER C 345 42.46 -3.26 0.96
CA SER C 345 42.91 -2.54 2.14
C SER C 345 42.94 -1.04 1.84
N THR C 346 42.03 -0.30 2.46
CA THR C 346 41.81 1.10 2.11
C THR C 346 41.78 2.01 3.34
N ILE C 347 42.25 3.24 3.16
CA ILE C 347 42.17 4.29 4.18
C ILE C 347 41.50 5.52 3.60
N SER C 348 40.60 6.15 4.34
CA SER C 348 39.98 7.39 3.86
C SER C 348 39.95 8.44 4.97
N ILE C 349 40.38 9.65 4.64
CA ILE C 349 40.54 10.71 5.64
C ILE C 349 39.85 12.02 5.28
N LEU C 350 39.11 12.58 6.23
CA LEU C 350 38.72 13.99 6.17
C LEU C 350 39.64 14.78 7.08
N ALA C 351 40.52 15.57 6.47
CA ALA C 351 41.54 16.31 7.21
C ALA C 351 41.41 17.82 7.05
N ALA C 352 41.56 18.54 8.16
CA ALA C 352 41.47 20.00 8.15
C ALA C 352 42.84 20.63 7.94
N PRO C 353 42.87 21.80 7.28
CA PRO C 353 44.13 22.53 7.05
C PRO C 353 44.83 22.92 8.35
N SER C 354 44.06 23.10 9.41
CA SER C 354 44.61 23.47 10.72
C SER C 354 45.56 22.40 11.26
N GLY C 355 45.26 21.14 10.95
CA GLY C 355 46.08 20.03 11.40
C GLY C 355 45.25 18.92 12.00
N ASN C 356 44.05 19.25 12.46
CA ASN C 356 43.13 18.28 13.03
C ASN C 356 42.46 17.43 11.96
N TYR C 357 41.97 16.26 12.36
CA TYR C 357 41.31 15.35 11.43
C TYR C 357 39.84 15.22 11.78
N LYS C 358 38.99 15.26 10.75
CA LYS C 358 37.55 15.21 10.96
C LYS C 358 37.02 13.80 10.78
N GLN C 359 37.68 13.01 9.94
CA GLN C 359 37.24 11.63 9.74
C GLN C 359 38.38 10.69 9.37
N LEU C 360 38.28 9.45 9.85
CA LEU C 360 39.26 8.43 9.52
C LEU C 360 38.60 7.07 9.38
N THR C 361 38.87 6.40 8.26
CA THR C 361 38.31 5.09 8.01
C THR C 361 39.40 4.11 7.57
N LEU C 362 39.58 3.05 8.33
CA LEU C 362 40.54 2.00 8.02
C LEU C 362 39.80 0.69 7.73
N MET C 363 40.07 0.12 6.55
CA MET C 363 39.48 -1.16 6.18
C MET C 363 40.56 -2.14 5.72
N GLY C 364 40.90 -3.08 6.59
CA GLY C 364 41.93 -4.05 6.29
C GLY C 364 41.38 -5.33 5.67
N GLY C 365 40.81 -5.20 4.49
CA GLY C 365 40.24 -6.34 3.79
C GLY C 365 41.28 -7.19 3.10
N GLY C 366 42.46 -6.63 2.91
CA GLY C 366 43.53 -7.33 2.22
C GLY C 366 44.83 -7.30 3.00
N ALA C 367 45.73 -6.42 2.60
CA ALA C 367 47.05 -6.33 3.22
C ALA C 367 47.00 -5.76 4.63
N LYS C 368 47.96 -6.16 5.45
CA LYS C 368 48.09 -5.69 6.83
C LYS C 368 48.30 -4.18 6.88
N ILE C 369 47.42 -3.49 7.59
CA ILE C 369 47.54 -2.04 7.77
C ILE C 369 48.46 -1.72 8.95
N THR C 370 49.67 -1.27 8.64
CA THR C 370 50.67 -0.98 9.66
C THR C 370 50.61 0.50 10.05
N PRO C 371 51.04 0.82 11.28
CA PRO C 371 51.08 2.22 11.76
C PRO C 371 51.78 3.18 10.79
N GLU C 372 52.90 2.76 10.21
CA GLU C 372 53.63 3.59 9.25
C GLU C 372 52.72 4.07 8.12
N MET C 373 51.94 3.14 7.55
CA MET C 373 51.00 3.47 6.49
C MET C 373 49.98 4.50 6.96
N ILE C 374 49.49 4.33 8.18
CA ILE C 374 48.54 5.26 8.77
C ILE C 374 49.12 6.67 8.87
N LYS C 375 50.38 6.76 9.33
CA LYS C 375 51.03 8.05 9.50
C LYS C 375 51.31 8.74 8.16
N ARG C 376 51.82 7.99 7.20
CA ARG C 376 52.04 8.53 5.86
C ARG C 376 50.71 9.00 5.26
N SER C 377 49.66 8.23 5.54
CA SER C 377 48.32 8.57 5.05
C SER C 377 47.82 9.88 5.66
N LEU C 378 48.06 10.07 6.96
CA LEU C 378 47.67 11.31 7.63
C LEU C 378 48.45 12.51 7.08
N LEU C 379 49.74 12.31 6.88
CA LEU C 379 50.61 13.32 6.30
C LEU C 379 50.12 13.78 4.93
N LEU C 380 49.93 12.80 4.05
CA LEU C 380 49.45 13.05 2.71
C LEU C 380 48.06 13.68 2.71
N SER C 381 47.23 13.29 3.67
CA SER C 381 45.89 13.85 3.77
C SER C 381 45.96 15.32 4.15
N ARG C 382 46.90 15.66 5.02
CA ARG C 382 47.02 17.04 5.46
C ARG C 382 47.62 17.94 4.38
N VAL C 383 48.62 17.46 3.66
CA VAL C 383 49.17 18.26 2.57
C VAL C 383 48.12 18.40 1.46
N ARG C 384 47.33 17.34 1.23
CA ARG C 384 46.24 17.41 0.26
C ARG C 384 45.19 18.42 0.68
N ALA C 385 44.96 18.50 2.00
CA ALA C 385 43.98 19.44 2.55
C ALA C 385 44.46 20.88 2.36
N ASP C 386 45.70 21.15 2.74
CA ASP C 386 46.29 22.49 2.54
C ASP C 386 46.20 22.88 1.07
N ASP C 387 46.53 21.92 0.21
CA ASP C 387 46.48 22.12 -1.23
C ASP C 387 45.07 22.51 -1.69
N LEU C 388 44.08 21.70 -1.32
CA LEU C 388 42.72 21.92 -1.79
C LEU C 388 42.09 23.18 -1.21
N SER C 389 42.58 23.61 -0.05
CA SER C 389 42.02 24.82 0.58
C SER C 389 42.70 26.08 0.06
N THR C 390 43.93 25.94 -0.42
CA THR C 390 44.72 27.11 -0.83
C THR C 390 44.64 27.40 -2.34
N ARG C 391 44.57 26.34 -3.15
CA ARG C 391 44.67 26.45 -4.60
C ARG C 391 43.69 27.43 -5.25
N PHE C 392 42.60 27.72 -4.57
CA PHE C 392 41.66 28.72 -5.06
C PHE C 392 41.49 29.84 -4.03
N ASN C 393 41.66 31.08 -4.50
CA ASN C 393 41.60 32.26 -3.64
C ASN C 393 42.63 32.20 -2.52
N SER D 3 36.57 -4.23 34.02
CA SER D 3 35.72 -3.04 33.91
C SER D 3 34.62 -3.25 32.87
N MET D 4 35.02 -3.74 31.69
CA MET D 4 34.07 -3.98 30.60
C MET D 4 33.54 -5.41 30.64
N SER D 5 32.25 -5.53 30.92
CA SER D 5 31.58 -6.82 30.97
C SER D 5 30.45 -6.88 29.96
N VAL D 6 30.38 -7.98 29.21
CA VAL D 6 29.35 -8.14 28.19
C VAL D 6 28.52 -9.40 28.43
N GLN D 7 27.28 -9.38 27.93
CA GLN D 7 26.43 -10.56 27.98
C GLN D 7 26.26 -11.11 26.57
N ALA D 8 26.39 -12.41 26.39
CA ALA D 8 26.28 -12.99 25.05
C ALA D 8 25.73 -14.41 25.07
N GLU D 9 24.84 -14.70 24.13
CA GLU D 9 24.25 -16.03 24.02
C GLU D 9 24.33 -16.56 22.59
N ILE D 10 24.27 -17.89 22.45
CA ILE D 10 24.50 -18.55 21.18
C ILE D 10 23.48 -19.65 20.92
N GLY D 11 22.95 -19.69 19.69
CA GLY D 11 22.00 -20.71 19.30
C GLY D 11 20.64 -20.49 19.93
N ILE D 12 20.10 -19.30 19.74
CA ILE D 12 18.83 -18.91 20.35
C ILE D 12 17.67 -18.96 19.36
N LEU D 13 17.98 -19.03 18.08
CA LEU D 13 16.95 -19.08 17.04
C LEU D 13 16.86 -20.46 16.40
N ASP D 14 15.64 -20.91 16.13
CA ASP D 14 15.39 -22.28 15.68
C ASP D 14 15.53 -22.48 14.18
N HIS D 15 15.06 -21.52 13.40
CA HIS D 15 14.97 -21.71 11.96
C HIS D 15 16.06 -21.01 11.16
N VAL D 16 17.25 -20.92 11.76
CA VAL D 16 18.44 -20.45 11.06
C VAL D 16 19.60 -21.37 11.42
N ASP D 17 20.68 -21.31 10.64
CA ASP D 17 21.81 -22.21 10.84
C ASP D 17 22.60 -21.80 12.08
N GLY D 18 22.73 -20.50 12.28
CA GLY D 18 23.41 -19.96 13.44
C GLY D 18 22.71 -18.72 13.94
N SER D 19 22.90 -18.40 15.21
CA SER D 19 22.26 -17.22 15.79
C SER D 19 23.00 -16.79 17.05
N SER D 20 22.92 -15.50 17.36
CA SER D 20 23.60 -14.97 18.53
C SER D 20 22.85 -13.78 19.12
N GLU D 21 23.08 -13.55 20.40
CA GLU D 21 22.56 -12.36 21.06
C GLU D 21 23.71 -11.66 21.78
N PHE D 22 23.98 -10.41 21.40
CA PHE D 22 25.05 -9.66 22.01
C PHE D 22 24.54 -8.42 22.74
N VAL D 23 25.02 -8.25 23.98
CA VAL D 23 24.59 -7.15 24.83
C VAL D 23 25.78 -6.47 25.51
N SER D 24 25.93 -5.18 25.23
CA SER D 24 26.94 -4.36 25.88
C SER D 24 26.30 -3.07 26.39
N GLN D 25 26.33 -2.89 27.71
CA GLN D 25 25.62 -1.80 28.37
C GLN D 25 24.13 -1.88 28.04
N ASP D 26 23.61 -0.86 27.35
CA ASP D 26 22.20 -0.86 26.97
C ASP D 26 22.03 -1.23 25.49
N THR D 27 23.14 -1.43 24.79
CA THR D 27 23.04 -1.83 23.40
C THR D 27 22.83 -3.34 23.28
N LYS D 28 21.72 -3.69 22.65
CA LYS D 28 21.27 -5.07 22.56
C LYS D 28 20.97 -5.41 21.10
N VAL D 29 21.71 -6.37 20.55
CA VAL D 29 21.58 -6.75 19.14
C VAL D 29 21.49 -8.27 18.98
N ILE D 30 20.48 -8.74 18.27
CA ILE D 30 20.36 -10.16 17.95
C ILE D 30 20.65 -10.38 16.46
N CYS D 31 21.50 -11.37 16.16
CA CYS D 31 21.91 -11.64 14.78
C CYS D 31 21.63 -13.09 14.38
N SER D 32 21.32 -13.31 13.11
CA SER D 32 21.13 -14.67 12.59
C SER D 32 21.93 -14.89 11.31
N VAL D 33 22.32 -16.13 11.09
CA VAL D 33 23.09 -16.53 9.91
C VAL D 33 22.52 -17.80 9.28
N THR D 34 22.27 -17.73 7.98
CA THR D 34 21.91 -18.91 7.21
C THR D 34 22.88 -19.09 6.04
N GLY D 35 23.55 -20.25 6.00
CA GLY D 35 24.50 -20.52 4.95
C GLY D 35 25.47 -21.63 5.30
N PRO D 36 26.13 -22.22 4.29
CA PRO D 36 25.98 -21.82 2.89
C PRO D 36 24.72 -22.38 2.23
N ILE D 37 23.95 -21.51 1.60
CA ILE D 37 22.75 -21.93 0.90
C ILE D 37 22.80 -21.48 -0.56
N GLU D 38 21.78 -21.84 -1.32
CA GLU D 38 21.74 -21.47 -2.73
C GLU D 38 21.43 -19.98 -2.87
N PRO D 39 22.28 -19.27 -3.64
CA PRO D 39 22.06 -17.85 -3.91
C PRO D 39 21.14 -17.65 -5.11
N LYS D 40 20.51 -16.49 -5.20
CA LYS D 40 19.80 -16.17 -6.44
C LYS D 40 20.84 -15.74 -7.46
N ALA D 41 20.51 -15.90 -8.74
CA ALA D 41 21.45 -15.72 -9.84
C ALA D 41 22.22 -14.39 -9.78
N ARG D 42 21.55 -13.33 -9.34
CA ARG D 42 22.16 -12.01 -9.31
C ARG D 42 23.19 -11.87 -8.17
N GLN D 43 23.10 -12.74 -7.17
CA GLN D 43 24.04 -12.71 -6.04
C GLN D 43 25.26 -13.61 -6.28
N GLU D 44 25.07 -14.62 -7.12
CA GLU D 44 26.04 -15.69 -7.31
C GLU D 44 27.43 -15.22 -7.75
N LEU D 45 28.45 -15.77 -7.10
CA LEU D 45 29.85 -15.53 -7.45
C LEU D 45 30.51 -16.86 -7.80
N PRO D 46 31.29 -16.90 -8.89
CA PRO D 46 31.84 -18.16 -9.41
C PRO D 46 32.79 -18.87 -8.46
N THR D 47 33.65 -18.12 -7.78
CA THR D 47 34.75 -18.73 -7.03
C THR D 47 34.68 -18.56 -5.52
N GLN D 48 33.63 -17.90 -5.02
CA GLN D 48 33.58 -17.58 -3.61
C GLN D 48 32.17 -17.35 -3.08
N LEU D 49 32.06 -17.32 -1.76
CA LEU D 49 30.79 -17.10 -1.08
C LEU D 49 30.32 -15.66 -1.25
N ALA D 50 29.02 -15.51 -1.52
CA ALA D 50 28.40 -14.19 -1.61
C ALA D 50 27.70 -13.87 -0.29
N LEU D 51 27.66 -12.59 0.07
CA LEU D 51 27.08 -12.17 1.34
C LEU D 51 25.85 -11.30 1.14
N GLU D 52 24.76 -11.70 1.77
CA GLU D 52 23.58 -10.85 1.87
C GLU D 52 23.48 -10.34 3.30
N ILE D 53 23.69 -9.05 3.48
CA ILE D 53 23.76 -8.49 4.82
C ILE D 53 22.64 -7.49 5.10
N ILE D 54 21.95 -7.69 6.21
CA ILE D 54 20.79 -6.88 6.57
C ILE D 54 20.89 -6.36 7.99
N VAL D 55 20.65 -5.07 8.17
CA VAL D 55 20.61 -4.47 9.50
C VAL D 55 19.29 -3.74 9.73
N ARG D 56 18.58 -4.13 10.78
CA ARG D 56 17.32 -3.52 11.13
C ARG D 56 17.47 -2.66 12.39
N PRO D 57 16.88 -1.45 12.37
CA PRO D 57 16.94 -0.52 13.50
C PRO D 57 16.02 -0.95 14.64
N ALA D 58 16.25 -0.40 15.84
CA ALA D 58 15.41 -0.71 16.99
C ALA D 58 14.07 0.01 16.85
N LYS D 59 14.10 1.26 16.42
CA LYS D 59 12.89 2.03 16.20
C LYS D 59 12.77 2.37 14.73
N GLY D 60 11.53 2.53 14.27
CA GLY D 60 11.28 2.92 12.90
C GLY D 60 11.55 1.79 11.92
N VAL D 61 11.87 2.17 10.69
CA VAL D 61 12.04 1.22 9.60
C VAL D 61 13.37 1.50 8.89
N ALA D 62 13.97 0.45 8.31
CA ALA D 62 15.30 0.53 7.71
C ALA D 62 15.50 1.70 6.75
N THR D 63 16.61 2.41 6.91
CA THR D 63 16.91 3.58 6.10
C THR D 63 18.35 3.54 5.58
N THR D 64 18.83 4.67 5.09
CA THR D 64 20.19 4.78 4.56
C THR D 64 21.23 4.62 5.68
N ARG D 65 20.82 4.98 6.89
CA ARG D 65 21.64 4.78 8.09
C ARG D 65 22.02 3.32 8.24
N GLU D 66 21.00 2.46 8.19
CA GLU D 66 21.19 1.03 8.29
C GLU D 66 21.93 0.47 7.08
N LYS D 67 21.84 1.18 5.96
CA LYS D 67 22.55 0.78 4.76
C LYS D 67 24.05 0.97 4.96
N VAL D 68 24.41 2.10 5.57
CA VAL D 68 25.80 2.37 5.91
C VAL D 68 26.29 1.34 6.93
N LEU D 69 25.45 1.06 7.92
CA LEU D 69 25.75 0.00 8.89
C LEU D 69 26.05 -1.33 8.20
N GLU D 70 25.21 -1.69 7.22
CA GLU D 70 25.39 -2.91 6.44
C GLU D 70 26.70 -2.87 5.68
N ASP D 71 27.04 -1.70 5.16
CA ASP D 71 28.25 -1.53 4.36
C ASP D 71 29.49 -1.79 5.21
N LYS D 72 29.55 -1.16 6.38
CA LYS D 72 30.68 -1.33 7.28
C LYS D 72 30.75 -2.76 7.83
N LEU D 73 29.59 -3.31 8.15
CA LEU D 73 29.51 -4.70 8.60
C LEU D 73 30.06 -5.64 7.53
N ARG D 74 29.75 -5.34 6.27
CA ARG D 74 30.26 -6.13 5.14
C ARG D 74 31.77 -5.99 5.05
N ALA D 75 32.26 -4.76 5.22
CA ALA D 75 33.70 -4.50 5.20
C ALA D 75 34.42 -5.31 6.27
N VAL D 76 33.76 -5.53 7.40
CA VAL D 76 34.36 -6.33 8.47
C VAL D 76 34.27 -7.83 8.20
N LEU D 77 33.09 -8.30 7.81
CA LEU D 77 32.84 -9.73 7.69
C LEU D 77 33.44 -10.38 6.44
N THR D 78 33.67 -9.59 5.39
CA THR D 78 34.19 -10.15 4.14
C THR D 78 35.58 -10.81 4.30
N PRO D 79 36.57 -10.09 4.86
CA PRO D 79 37.86 -10.78 4.99
C PRO D 79 37.88 -11.80 6.13
N LEU D 80 36.91 -11.68 7.03
CA LEU D 80 36.75 -12.61 8.14
C LEU D 80 36.41 -14.01 7.65
N ILE D 81 35.47 -14.09 6.72
CA ILE D 81 34.96 -15.36 6.22
C ILE D 81 35.88 -15.96 5.16
N THR D 82 36.13 -17.27 5.27
CA THR D 82 36.86 -18.00 4.24
C THR D 82 35.91 -18.29 3.08
N ARG D 83 35.68 -17.28 2.26
CA ARG D 83 34.68 -17.31 1.19
C ARG D 83 34.95 -18.32 0.08
N HIS D 84 36.22 -18.63 -0.18
CA HIS D 84 36.55 -19.52 -1.28
C HIS D 84 36.26 -20.99 -0.95
N CYS D 85 35.81 -21.25 0.27
CA CYS D 85 35.39 -22.60 0.63
C CYS D 85 33.98 -22.89 0.13
N TYR D 86 33.24 -21.83 -0.20
CA TYR D 86 31.86 -21.96 -0.64
C TYR D 86 31.60 -21.22 -1.96
N PRO D 87 32.15 -21.73 -3.08
CA PRO D 87 31.90 -21.08 -4.37
C PRO D 87 30.44 -21.21 -4.81
N ARG D 88 29.90 -20.13 -5.37
CA ARG D 88 28.52 -20.09 -5.87
C ARG D 88 27.49 -20.37 -4.78
N GLN D 89 27.81 -19.97 -3.55
CA GLN D 89 26.90 -20.13 -2.42
C GLN D 89 26.60 -18.79 -1.75
N LEU D 90 25.54 -18.77 -0.93
CA LEU D 90 25.15 -17.55 -0.24
C LEU D 90 25.19 -17.72 1.28
N CYS D 91 25.62 -16.67 1.97
CA CYS D 91 25.49 -16.62 3.41
C CYS D 91 24.60 -15.45 3.80
N GLN D 92 23.45 -15.76 4.40
CA GLN D 92 22.49 -14.76 4.82
C GLN D 92 22.77 -14.30 6.25
N ILE D 93 23.15 -13.03 6.39
CA ILE D 93 23.46 -12.48 7.70
C ILE D 93 22.53 -11.31 8.03
N THR D 94 21.70 -11.49 9.05
CA THR D 94 20.73 -10.47 9.44
C THR D 94 20.92 -10.04 10.89
N CYS D 95 21.00 -8.73 11.11
CA CYS D 95 21.10 -8.17 12.45
C CYS D 95 19.86 -7.36 12.82
N GLN D 96 19.22 -7.73 13.93
CA GLN D 96 18.11 -6.95 14.45
C GLN D 96 18.53 -6.22 15.72
N ILE D 97 18.69 -4.90 15.60
CA ILE D 97 18.98 -4.07 16.76
C ILE D 97 17.76 -4.02 17.66
N LEU D 98 17.88 -4.56 18.87
CA LEU D 98 16.78 -4.58 19.82
C LEU D 98 16.76 -3.29 20.62
N GLU D 99 17.93 -2.85 21.05
CA GLU D 99 18.05 -1.57 21.75
C GLU D 99 19.34 -0.87 21.33
N SER D 100 19.23 0.41 20.99
CA SER D 100 20.38 1.17 20.51
C SER D 100 21.42 1.46 21.59
N GLY D 101 20.96 1.78 22.79
CA GLY D 101 21.86 2.11 23.88
C GLY D 101 22.62 3.39 23.63
N GLU D 102 22.14 4.17 22.68
CA GLU D 102 22.75 5.43 22.32
C GLU D 102 21.72 6.28 21.60
N ASP D 103 21.90 7.59 21.63
CA ASP D 103 20.98 8.51 20.96
C ASP D 103 21.06 8.33 19.44
N GLU D 104 20.07 7.63 18.90
CA GLU D 104 20.08 7.15 17.51
C GLU D 104 20.33 8.24 16.47
N ALA D 105 19.78 9.42 16.70
CA ALA D 105 19.86 10.50 15.73
C ALA D 105 21.28 11.01 15.53
N GLU D 106 22.11 10.91 16.56
CA GLU D 106 23.45 11.47 16.49
C GLU D 106 24.55 10.41 16.40
N PHE D 107 24.32 9.25 17.01
CA PHE D 107 25.34 8.20 17.01
C PHE D 107 24.80 6.84 16.60
N SER D 108 25.70 5.97 16.15
CA SER D 108 25.33 4.60 15.80
C SER D 108 26.54 3.67 15.95
N LEU D 109 27.53 4.11 16.71
CA LEU D 109 28.77 3.34 16.86
C LEU D 109 28.56 2.14 17.78
N ARG D 110 27.77 2.30 18.84
CA ARG D 110 27.48 1.20 19.74
C ARG D 110 26.79 0.08 18.98
N GLU D 111 25.75 0.45 18.24
CA GLU D 111 25.01 -0.48 17.41
C GLU D 111 25.89 -1.19 16.41
N LEU D 112 26.82 -0.46 15.78
CA LEU D 112 27.73 -1.05 14.81
C LEU D 112 28.64 -2.09 15.47
N SER D 113 29.27 -1.70 16.57
CA SER D 113 30.17 -2.60 17.31
C SER D 113 29.45 -3.87 17.74
N CYS D 114 28.27 -3.72 18.35
CA CYS D 114 27.49 -4.87 18.78
C CYS D 114 27.04 -5.72 17.60
N CYS D 115 26.81 -5.07 16.46
CA CYS D 115 26.45 -5.78 15.23
C CYS D 115 27.60 -6.65 14.76
N ILE D 116 28.82 -6.12 14.81
CA ILE D 116 30.00 -6.87 14.43
C ILE D 116 30.22 -8.06 15.37
N ASN D 117 30.14 -7.82 16.67
CA ASN D 117 30.31 -8.88 17.66
C ASN D 117 29.27 -9.99 17.50
N ALA D 118 28.01 -9.59 17.41
CA ALA D 118 26.91 -10.54 17.26
C ALA D 118 27.01 -11.32 15.94
N ALA D 119 27.38 -10.63 14.87
CA ALA D 119 27.52 -11.28 13.57
C ALA D 119 28.64 -12.32 13.63
N PHE D 120 29.74 -11.96 14.28
CA PHE D 120 30.85 -12.89 14.45
C PHE D 120 30.40 -14.12 15.22
N LEU D 121 29.71 -13.89 16.34
CA LEU D 121 29.24 -14.98 17.18
C LEU D 121 28.29 -15.92 16.43
N ALA D 122 27.37 -15.33 15.67
CA ALA D 122 26.41 -16.11 14.88
C ALA D 122 27.10 -16.90 13.77
N LEU D 123 28.12 -16.29 13.15
CA LEU D 123 28.91 -16.97 12.14
C LEU D 123 29.63 -18.17 12.75
N VAL D 124 30.09 -18.01 14.00
CA VAL D 124 30.72 -19.11 14.71
C VAL D 124 29.71 -20.22 14.98
N ASP D 125 28.53 -19.84 15.45
CA ASP D 125 27.48 -20.79 15.75
C ASP D 125 27.00 -21.56 14.52
N ALA D 126 27.03 -20.91 13.36
CA ALA D 126 26.54 -21.51 12.12
C ALA D 126 27.45 -22.62 11.62
N GLY D 127 28.75 -22.48 11.87
CA GLY D 127 29.71 -23.47 11.43
C GLY D 127 30.42 -23.05 10.15
N ILE D 128 30.40 -21.75 9.87
CA ILE D 128 31.02 -21.23 8.66
C ILE D 128 32.51 -20.96 8.87
N ALA D 129 33.30 -21.39 7.89
CA ALA D 129 34.76 -21.23 7.93
C ALA D 129 35.17 -19.77 8.10
N LEU D 130 35.88 -19.50 9.19
CA LEU D 130 36.40 -18.17 9.46
C LEU D 130 37.93 -18.17 9.43
N ASN D 131 38.51 -17.12 8.87
CA ASN D 131 39.96 -16.99 8.79
C ASN D 131 40.59 -16.84 10.17
N SER D 132 39.87 -16.16 11.06
CA SER D 132 40.39 -15.82 12.37
C SER D 132 39.30 -15.30 13.29
N MET D 133 39.68 -14.89 14.49
CA MET D 133 38.71 -14.33 15.42
C MET D 133 38.62 -12.82 15.25
N CYS D 134 37.67 -12.21 15.93
CA CYS D 134 37.41 -10.78 15.74
C CYS D 134 36.77 -10.19 16.98
N ALA D 135 37.02 -8.90 17.22
CA ALA D 135 36.37 -8.21 18.32
C ALA D 135 36.26 -6.72 18.06
N SER D 136 35.10 -6.15 18.39
CA SER D 136 34.86 -4.74 18.15
C SER D 136 34.44 -4.00 19.42
N ILE D 137 34.98 -2.80 19.60
CA ILE D 137 34.58 -1.94 20.71
C ILE D 137 34.33 -0.51 20.22
N PRO D 138 33.41 0.19 20.89
CA PRO D 138 33.20 1.63 20.71
C PRO D 138 34.10 2.43 21.65
N ILE D 139 34.67 3.53 21.16
CA ILE D 139 35.56 4.37 21.96
C ILE D 139 35.25 5.85 21.76
N ALA D 140 35.21 6.62 22.84
CA ALA D 140 34.90 8.04 22.71
C ALA D 140 35.97 8.92 23.35
N ILE D 141 36.14 10.13 22.81
CA ILE D 141 36.98 11.14 23.43
C ILE D 141 36.10 12.33 23.82
N ILE D 142 36.15 12.68 25.10
CA ILE D 142 35.23 13.63 25.72
C ILE D 142 35.68 15.09 25.54
N LYS D 143 34.71 16.01 25.58
CA LYS D 143 34.93 17.42 25.29
C LYS D 143 35.91 18.13 26.23
N ASP D 144 35.72 18.00 27.54
CA ASP D 144 36.47 18.82 28.48
C ASP D 144 37.64 18.06 29.10
N THR D 145 37.37 16.83 29.49
CA THR D 145 38.38 15.96 30.10
C THR D 145 39.41 15.52 29.07
N SER D 146 38.97 15.46 27.82
CA SER D 146 39.79 14.95 26.71
C SER D 146 40.30 13.54 26.99
N ASP D 147 39.57 12.81 27.84
CA ASP D 147 39.93 11.42 28.16
C ASP D 147 39.42 10.44 27.11
N ILE D 148 40.05 9.27 27.08
CA ILE D 148 39.67 8.21 26.15
C ILE D 148 38.87 7.13 26.88
N ILE D 149 37.55 7.11 26.64
CA ILE D 149 36.65 6.17 27.28
C ILE D 149 36.31 5.00 26.36
N VAL D 150 36.71 3.80 26.77
CA VAL D 150 36.31 2.58 26.08
C VAL D 150 34.94 2.15 26.58
N ASP D 151 34.08 1.73 25.66
CA ASP D 151 32.70 1.37 25.97
C ASP D 151 31.96 2.54 26.62
N PRO D 152 31.85 3.67 25.91
CA PRO D 152 31.24 4.86 26.50
C PRO D 152 29.72 4.75 26.60
N THR D 153 29.15 5.33 27.65
CA THR D 153 27.70 5.35 27.81
C THR D 153 27.09 6.39 26.87
N ALA D 154 25.76 6.36 26.74
CA ALA D 154 25.05 7.34 25.93
C ALA D 154 25.31 8.77 26.44
N GLU D 155 25.31 8.91 27.76
CA GLU D 155 25.61 10.19 28.38
C GLU D 155 27.00 10.69 27.98
N GLN D 156 27.99 9.81 28.10
CA GLN D 156 29.36 10.16 27.72
C GLN D 156 29.44 10.51 26.25
N LEU D 157 28.62 9.86 25.44
CA LEU D 157 28.57 10.15 24.01
C LEU D 157 28.01 11.54 23.74
N LYS D 158 26.99 11.95 24.49
CA LYS D 158 26.38 13.26 24.32
C LYS D 158 27.40 14.40 24.44
N ILE D 159 28.40 14.21 25.29
CA ILE D 159 29.41 15.23 25.52
C ILE D 159 30.74 14.87 24.87
N SER D 160 30.70 13.90 23.96
CA SER D 160 31.92 13.45 23.30
C SER D 160 32.42 14.48 22.28
N LEU D 161 33.73 14.55 22.12
CA LEU D 161 34.33 15.39 21.10
C LEU D 161 34.57 14.54 19.85
N SER D 162 34.80 13.24 20.06
CA SER D 162 34.95 12.32 18.93
C SER D 162 34.48 10.92 19.28
N VAL D 163 34.01 10.18 18.27
CA VAL D 163 33.54 8.81 18.45
C VAL D 163 34.25 7.87 17.47
N HIS D 164 34.41 6.62 17.89
CA HIS D 164 35.27 5.68 17.18
C HIS D 164 34.76 4.25 17.26
N THR D 165 34.85 3.53 16.15
CA THR D 165 34.57 2.11 16.14
C THR D 165 35.85 1.35 15.81
N LEU D 166 36.24 0.43 16.69
CA LEU D 166 37.47 -0.33 16.46
C LEU D 166 37.19 -1.83 16.43
N ALA D 167 37.26 -2.41 15.23
CA ALA D 167 37.10 -3.84 15.03
C ALA D 167 38.43 -4.46 14.59
N LEU D 168 38.99 -5.30 15.46
CA LEU D 168 40.28 -5.92 15.22
C LEU D 168 40.17 -7.42 14.94
N GLU D 169 41.10 -7.90 14.12
CA GLU D 169 41.20 -9.30 13.73
C GLU D 169 42.31 -10.00 14.52
N PHE D 170 41.95 -11.08 15.20
CA PHE D 170 42.88 -11.76 16.11
C PHE D 170 43.20 -13.19 15.69
N VAL D 171 44.45 -13.57 15.91
CA VAL D 171 44.93 -14.93 15.67
C VAL D 171 45.75 -15.44 16.86
N ASN D 172 46.07 -16.72 16.84
CA ASN D 172 46.91 -17.36 17.86
C ASN D 172 46.42 -17.15 19.29
N GLY D 173 45.26 -17.72 19.60
CA GLY D 173 44.72 -17.65 20.95
C GLY D 173 44.28 -16.26 21.37
N GLY D 174 44.25 -15.34 20.40
CA GLY D 174 43.85 -13.97 20.66
C GLY D 174 44.99 -13.14 21.21
N LYS D 175 46.23 -13.53 20.88
CA LYS D 175 47.40 -12.83 21.37
C LYS D 175 48.00 -11.93 20.31
N VAL D 176 47.76 -12.27 19.05
CA VAL D 176 48.35 -11.55 17.93
C VAL D 176 47.28 -10.80 17.14
N VAL D 177 47.56 -9.54 16.82
CA VAL D 177 46.68 -8.76 15.96
C VAL D 177 47.07 -8.98 14.50
N LYS D 178 46.26 -9.76 13.79
CA LYS D 178 46.48 -10.05 12.38
C LYS D 178 46.31 -8.80 11.52
N ASN D 179 45.23 -8.07 11.76
CA ASN D 179 44.92 -6.87 11.00
C ASN D 179 43.83 -6.06 11.68
N VAL D 180 43.70 -4.80 11.29
CA VAL D 180 42.59 -3.98 11.74
C VAL D 180 41.47 -4.06 10.71
N LEU D 181 40.39 -4.74 11.07
CA LEU D 181 39.26 -4.95 10.16
C LEU D 181 38.54 -3.65 9.88
N LEU D 182 38.28 -2.87 10.94
CA LEU D 182 37.62 -1.59 10.76
C LEU D 182 38.05 -0.57 11.80
N LEU D 183 38.29 0.66 11.35
CA LEU D 183 38.46 1.80 12.25
C LEU D 183 37.62 2.94 11.72
N ASP D 184 36.54 3.27 12.41
CA ASP D 184 35.64 4.33 11.97
C ASP D 184 35.67 5.51 12.94
N SER D 185 36.44 6.54 12.59
CA SER D 185 36.64 7.68 13.46
C SER D 185 35.94 8.93 12.95
N ASN D 186 35.11 9.52 13.81
CA ASN D 186 34.33 10.70 13.43
C ASN D 186 34.32 11.75 14.53
N GLY D 187 34.64 12.99 14.16
CA GLY D 187 34.71 14.07 15.12
C GLY D 187 36.00 14.84 14.97
N ASP D 188 36.47 15.47 16.05
CA ASP D 188 37.71 16.22 15.99
C ASP D 188 38.79 15.56 16.83
N PHE D 189 39.90 15.19 16.19
CA PHE D 189 40.99 14.51 16.87
C PHE D 189 42.31 14.69 16.13
N ASN D 190 43.41 14.38 16.82
CA ASN D 190 44.74 14.47 16.20
C ASN D 190 45.47 13.12 16.26
N GLU D 191 46.68 13.09 15.72
CA GLU D 191 47.44 11.86 15.55
C GLU D 191 47.82 11.19 16.87
N ASP D 192 48.29 11.98 17.82
CA ASP D 192 48.68 11.46 19.13
C ASP D 192 47.49 10.79 19.82
N GLN D 193 46.38 11.54 19.88
CA GLN D 193 45.12 11.02 20.39
C GLN D 193 44.73 9.73 19.69
N LEU D 194 44.89 9.72 18.37
CA LEU D 194 44.56 8.56 17.56
C LEU D 194 45.34 7.33 17.99
N PHE D 195 46.65 7.45 18.14
CA PHE D 195 47.49 6.29 18.46
C PHE D 195 47.37 5.84 19.92
N SER D 196 47.12 6.79 20.83
CA SER D 196 46.81 6.42 22.21
C SER D 196 45.52 5.60 22.22
N LEU D 197 44.53 6.12 21.50
CA LEU D 197 43.24 5.46 21.33
C LEU D 197 43.40 4.08 20.73
N LEU D 198 44.39 3.92 19.85
CA LEU D 198 44.63 2.66 19.18
C LEU D 198 45.28 1.64 20.12
N GLU D 199 46.19 2.11 20.97
CA GLU D 199 46.85 1.21 21.91
C GLU D 199 45.86 0.70 22.96
N LEU D 200 45.19 1.65 23.62
CA LEU D 200 44.18 1.31 24.62
C LEU D 200 43.09 0.44 23.99
N GLY D 201 42.65 0.84 22.79
CA GLY D 201 41.63 0.10 22.06
C GLY D 201 42.04 -1.32 21.78
N GLU D 202 43.30 -1.52 21.38
CA GLU D 202 43.80 -2.85 21.10
C GLU D 202 43.80 -3.71 22.37
N GLN D 203 44.24 -3.12 23.48
CA GLN D 203 44.25 -3.88 24.73
C GLN D 203 42.82 -4.32 25.11
N LYS D 204 41.90 -3.37 25.13
CA LYS D 204 40.52 -3.65 25.50
C LYS D 204 39.86 -4.67 24.57
N CYS D 205 40.19 -4.57 23.28
CA CYS D 205 39.70 -5.53 22.28
C CYS D 205 40.28 -6.92 22.49
N GLN D 206 41.51 -6.99 23.00
CA GLN D 206 42.11 -8.28 23.33
C GLN D 206 41.37 -8.89 24.52
N GLU D 207 41.08 -8.05 25.51
CA GLU D 207 40.26 -8.46 26.63
C GLU D 207 38.95 -9.07 26.11
N LEU D 208 38.32 -8.35 25.20
CA LEU D 208 37.05 -8.78 24.62
C LEU D 208 37.17 -10.09 23.86
N VAL D 209 38.30 -10.29 23.16
CA VAL D 209 38.55 -11.54 22.46
C VAL D 209 38.62 -12.70 23.43
N THR D 210 39.39 -12.53 24.51
CA THR D 210 39.47 -13.55 25.56
C THR D 210 38.08 -13.91 26.10
N ASN D 211 37.33 -12.89 26.51
CA ASN D 211 36.00 -13.09 27.06
C ASN D 211 35.10 -13.83 26.07
N ILE D 212 35.17 -13.43 24.80
CA ILE D 212 34.38 -14.05 23.74
C ILE D 212 34.76 -15.50 23.52
N ARG D 213 36.05 -15.80 23.59
CA ARG D 213 36.54 -17.17 23.48
C ARG D 213 35.93 -18.02 24.56
N ARG D 214 35.94 -17.51 25.79
CA ARG D 214 35.37 -18.24 26.91
C ARG D 214 33.86 -18.47 26.71
N ILE D 215 33.15 -17.41 26.31
CA ILE D 215 31.72 -17.49 26.04
C ILE D 215 31.39 -18.53 24.97
N ILE D 216 32.20 -18.57 23.92
CA ILE D 216 32.02 -19.51 22.82
C ILE D 216 32.24 -20.95 23.28
N GLN D 217 33.37 -21.19 23.94
CA GLN D 217 33.68 -22.55 24.39
C GLN D 217 32.66 -23.05 25.41
N ASP D 218 32.18 -22.15 26.26
CA ASP D 218 31.22 -22.49 27.31
C ASP D 218 29.97 -23.21 26.80
N ASN D 219 29.47 -22.81 25.65
CA ASN D 219 28.24 -23.40 25.14
C ASN D 219 28.42 -24.19 23.85
N ILE D 220 29.62 -24.14 23.27
CA ILE D 220 29.90 -25.00 22.12
C ILE D 220 30.44 -26.35 22.59
N SER D 221 31.30 -26.34 23.60
CA SER D 221 31.89 -27.58 24.13
C SER D 221 30.85 -28.66 24.52
N PRO D 222 29.76 -28.28 25.24
CA PRO D 222 28.79 -29.33 25.57
C PRO D 222 28.07 -29.95 24.37
N ARG D 223 28.02 -29.23 23.26
CA ARG D 223 27.36 -29.74 22.05
C ARG D 223 28.14 -30.89 21.42
N LEU D 224 29.45 -30.90 21.64
CA LEU D 224 30.33 -31.82 20.93
C LEU D 224 30.74 -33.02 21.78
N VAL D 225 31.34 -34.02 21.13
CA VAL D 225 31.73 -35.25 21.80
C VAL D 225 33.25 -35.26 22.00
N VAL D 226 33.69 -35.93 23.06
CA VAL D 226 35.11 -36.01 23.40
C VAL D 226 35.94 -36.63 22.28
N HIS E 3 -2.22 -8.64 -37.38
CA HIS E 3 -2.00 -7.93 -36.14
C HIS E 3 -0.52 -7.63 -35.91
N MET E 4 -0.07 -7.80 -34.67
CA MET E 4 1.32 -7.57 -34.31
C MET E 4 2.13 -8.85 -34.43
N SER E 5 3.44 -8.70 -34.61
CA SER E 5 4.37 -9.82 -34.79
C SER E 5 4.06 -10.63 -36.05
N LEU E 6 3.96 -9.93 -37.18
CA LEU E 6 3.79 -10.58 -38.47
C LEU E 6 5.14 -11.12 -38.96
N SER E 7 5.10 -12.14 -39.80
CA SER E 7 6.33 -12.66 -40.39
C SER E 7 6.82 -11.70 -41.48
N VAL E 8 8.08 -11.86 -41.87
CA VAL E 8 8.67 -11.00 -42.90
C VAL E 8 7.93 -11.13 -44.23
N ALA E 9 7.48 -12.34 -44.54
CA ALA E 9 6.68 -12.59 -45.74
C ALA E 9 5.38 -11.82 -45.71
N GLU E 10 4.67 -11.91 -44.58
CA GLU E 10 3.41 -11.19 -44.39
C GLU E 10 3.60 -9.69 -44.52
N LYS E 11 4.66 -9.19 -43.88
CA LYS E 11 4.98 -7.77 -43.92
C LYS E 11 5.26 -7.32 -45.35
N SER E 12 5.98 -8.14 -46.10
CA SER E 12 6.30 -7.81 -47.48
C SER E 12 5.05 -7.78 -48.36
N TYR E 13 4.17 -8.75 -48.16
CA TYR E 13 2.92 -8.81 -48.91
C TYR E 13 2.06 -7.58 -48.61
N LEU E 14 1.81 -7.35 -47.33
CA LEU E 14 1.00 -6.21 -46.89
C LEU E 14 1.57 -4.89 -47.37
N TYR E 15 2.88 -4.73 -47.26
CA TYR E 15 3.53 -3.50 -47.69
C TYR E 15 3.38 -3.31 -49.18
N ASP E 16 3.61 -4.37 -49.95
CA ASP E 16 3.49 -4.28 -51.41
C ASP E 16 2.08 -3.90 -51.82
N SER E 17 1.08 -4.43 -51.14
CA SER E 17 -0.30 -4.08 -51.43
C SER E 17 -0.62 -2.64 -51.02
N LEU E 18 -0.07 -2.21 -49.90
CA LEU E 18 -0.36 -0.88 -49.35
C LEU E 18 0.44 0.24 -50.03
N ALA E 19 1.47 -0.13 -50.78
CA ALA E 19 2.34 0.86 -51.40
C ALA E 19 2.08 0.94 -52.90
N SER E 20 1.40 -0.06 -53.43
CA SER E 20 1.01 -0.05 -54.84
C SER E 20 0.07 1.12 -55.12
N THR E 21 -0.08 1.47 -56.39
CA THR E 21 -0.96 2.58 -56.76
C THR E 21 -2.12 2.09 -57.62
N PRO E 22 -3.36 2.19 -57.09
CA PRO E 22 -3.67 2.72 -55.75
C PRO E 22 -3.43 1.67 -54.66
N SER E 23 -3.41 2.11 -53.40
CA SER E 23 -3.10 1.21 -52.30
C SER E 23 -4.20 0.18 -52.09
N ILE E 24 -3.79 -1.06 -51.88
CA ILE E 24 -4.72 -2.14 -51.57
C ILE E 24 -4.65 -2.49 -50.09
N ARG E 25 -5.66 -2.06 -49.34
CA ARG E 25 -5.71 -2.32 -47.91
C ARG E 25 -6.28 -3.71 -47.64
N PRO E 26 -5.74 -4.41 -46.62
CA PRO E 26 -6.07 -5.80 -46.30
C PRO E 26 -7.57 -6.09 -46.23
N ASP E 27 -8.38 -5.09 -45.92
CA ASP E 27 -9.83 -5.27 -45.87
C ASP E 27 -10.53 -4.50 -47.00
N GLY E 28 -9.75 -3.95 -47.91
CA GLY E 28 -10.28 -3.29 -49.08
C GLY E 28 -10.80 -1.89 -48.85
N ARG E 29 -10.41 -1.30 -47.73
CA ARG E 29 -10.82 0.05 -47.40
C ARG E 29 -10.18 1.08 -48.33
N LEU E 30 -10.86 2.19 -48.55
CA LEU E 30 -10.27 3.33 -49.24
C LEU E 30 -9.29 4.00 -48.29
N PRO E 31 -8.29 4.71 -48.83
CA PRO E 31 -7.27 5.35 -47.99
C PRO E 31 -7.86 6.27 -46.91
N HIS E 32 -9.04 6.81 -47.19
CA HIS E 32 -9.67 7.77 -46.29
C HIS E 32 -10.86 7.19 -45.52
N GLN E 33 -11.06 5.87 -45.64
CA GLN E 33 -12.21 5.23 -45.02
C GLN E 33 -11.91 4.73 -43.61
N PHE E 34 -12.85 4.99 -42.71
CA PHE E 34 -12.75 4.51 -41.33
C PHE E 34 -13.41 3.14 -41.17
N ARG E 35 -13.07 2.45 -40.09
CA ARG E 35 -13.71 1.20 -39.74
C ARG E 35 -14.95 1.46 -38.88
N PRO E 36 -15.98 0.62 -39.01
CA PRO E 36 -17.21 0.78 -38.23
C PRO E 36 -16.97 0.81 -36.74
N ILE E 37 -17.48 1.84 -36.09
CA ILE E 37 -17.44 1.94 -34.63
C ILE E 37 -18.83 2.27 -34.12
N GLU E 38 -19.11 2.00 -32.85
CA GLU E 38 -20.32 2.55 -32.27
C GLU E 38 -20.09 3.09 -30.86
N ILE E 39 -20.87 4.11 -30.53
CA ILE E 39 -20.67 4.92 -29.33
C ILE E 39 -21.91 4.96 -28.46
N PHE E 40 -21.73 4.90 -27.15
CA PHE E 40 -22.83 5.08 -26.22
C PHE E 40 -22.48 6.18 -25.23
N THR E 41 -23.48 6.95 -24.81
CA THR E 41 -23.22 8.06 -23.89
C THR E 41 -24.19 8.05 -22.72
N ASP E 42 -23.89 8.86 -21.71
CA ASP E 42 -24.80 9.15 -20.60
C ASP E 42 -25.14 7.90 -19.77
N PHE E 43 -24.21 6.95 -19.69
CA PHE E 43 -24.49 5.71 -18.97
C PHE E 43 -23.92 5.71 -17.55
N LEU E 44 -23.04 6.68 -17.26
CA LEU E 44 -22.50 6.84 -15.92
C LEU E 44 -23.14 8.05 -15.23
N PRO E 45 -24.17 7.79 -14.40
CA PRO E 45 -24.96 8.85 -13.75
C PRO E 45 -24.14 9.70 -12.79
N SER E 46 -23.19 9.09 -12.09
CA SER E 46 -22.38 9.80 -11.11
C SER E 46 -21.50 10.87 -11.75
N SER E 47 -21.19 10.71 -13.02
CA SER E 47 -20.34 11.65 -13.74
C SER E 47 -21.14 12.73 -14.48
N ASN E 48 -20.48 13.84 -14.78
CA ASN E 48 -21.13 14.94 -15.49
C ASN E 48 -21.31 14.59 -16.96
N GLY E 49 -20.36 13.82 -17.48
CA GLY E 49 -20.46 13.29 -18.83
C GLY E 49 -19.89 11.89 -18.87
N SER E 50 -20.20 11.14 -19.92
CA SER E 50 -19.69 9.78 -20.06
C SER E 50 -19.81 9.27 -21.50
N SER E 51 -18.83 8.48 -21.92
CA SER E 51 -18.86 7.90 -23.26
C SER E 51 -18.16 6.54 -23.29
N ARG E 52 -18.59 5.71 -24.24
CA ARG E 52 -17.98 4.42 -24.49
C ARG E 52 -17.91 4.20 -25.99
N ILE E 53 -16.72 3.87 -26.48
CA ILE E 53 -16.55 3.66 -27.91
C ILE E 53 -16.01 2.26 -28.18
N ILE E 54 -16.67 1.57 -29.11
CA ILE E 54 -16.22 0.24 -29.51
C ILE E 54 -15.89 0.20 -31.00
N ALA E 55 -14.69 -0.28 -31.31
CA ALA E 55 -14.23 -0.42 -32.69
C ALA E 55 -14.47 -1.85 -33.18
N SER E 56 -14.36 -2.04 -34.49
CA SER E 56 -14.66 -3.33 -35.09
C SER E 56 -13.61 -4.38 -34.78
N ASP E 57 -12.39 -3.93 -34.49
CA ASP E 57 -11.27 -4.85 -34.24
C ASP E 57 -11.20 -5.25 -32.76
N GLY E 58 -12.08 -4.66 -31.95
CA GLY E 58 -12.16 -5.02 -30.55
C GLY E 58 -11.71 -3.93 -29.61
N SER E 59 -11.02 -2.92 -30.15
CA SER E 59 -10.55 -1.80 -29.35
C SER E 59 -11.70 -1.07 -28.68
N GLU E 60 -11.69 -1.04 -27.36
CA GLU E 60 -12.76 -0.45 -26.58
C GLU E 60 -12.23 0.57 -25.58
N CYS E 61 -12.87 1.73 -25.53
CA CYS E 61 -12.46 2.79 -24.62
C CYS E 61 -13.63 3.40 -23.86
N ILE E 62 -13.35 3.84 -22.64
CA ILE E 62 -14.36 4.47 -21.79
C ILE E 62 -13.86 5.80 -21.25
N VAL E 63 -14.68 6.84 -21.38
CA VAL E 63 -14.31 8.17 -20.91
C VAL E 63 -15.35 8.71 -19.91
N SER E 64 -14.86 9.25 -18.79
CA SER E 64 -15.71 9.88 -17.79
C SER E 64 -15.38 11.36 -17.64
N ILE E 65 -16.42 12.19 -17.60
CA ILE E 65 -16.26 13.63 -17.42
C ILE E 65 -16.79 14.07 -16.06
N LYS E 66 -15.88 14.53 -15.20
CA LYS E 66 -16.25 15.04 -13.89
C LYS E 66 -15.79 16.48 -13.73
N SER E 67 -16.34 17.17 -12.74
CA SER E 67 -16.07 18.59 -12.55
C SER E 67 -15.89 18.96 -11.09
N LYS E 68 -15.16 20.04 -10.84
CA LYS E 68 -15.00 20.56 -9.49
C LYS E 68 -14.68 22.06 -9.53
N VAL E 69 -15.21 22.79 -8.56
CA VAL E 69 -15.00 24.24 -8.48
C VAL E 69 -13.58 24.57 -8.04
N VAL E 70 -12.94 25.47 -8.78
CA VAL E 70 -11.59 25.89 -8.46
C VAL E 70 -11.39 27.39 -8.70
N ASP E 71 -10.48 27.98 -7.94
CA ASP E 71 -10.03 29.34 -8.19
C ASP E 71 -9.09 29.33 -9.40
N HIS E 72 -9.39 30.14 -10.41
CA HIS E 72 -8.53 30.23 -11.60
C HIS E 72 -7.11 30.57 -11.20
N HIS E 73 -7.00 31.50 -10.27
CA HIS E 73 -5.72 32.06 -9.86
C HIS E 73 -4.81 31.00 -9.27
N VAL E 74 -5.38 30.06 -8.53
CA VAL E 74 -4.59 28.99 -7.93
C VAL E 74 -4.45 27.79 -8.87
N GLU E 75 -5.39 27.66 -9.80
CA GLU E 75 -5.36 26.56 -10.77
C GLU E 75 -5.56 27.10 -12.18
N ASN E 76 -4.46 27.41 -12.85
CA ASN E 76 -4.52 28.00 -14.19
C ASN E 76 -4.99 27.01 -15.24
N GLU E 77 -4.85 25.72 -14.94
CA GLU E 77 -5.28 24.67 -15.86
C GLU E 77 -6.68 24.17 -15.49
N LEU E 78 -7.66 24.53 -16.31
CA LEU E 78 -9.06 24.21 -16.03
C LEU E 78 -9.50 22.90 -16.68
N LEU E 79 -8.57 22.19 -17.29
CA LEU E 79 -8.89 20.92 -17.94
C LEU E 79 -7.73 19.93 -17.82
N GLN E 80 -8.00 18.79 -17.18
CA GLN E 80 -6.96 17.80 -16.94
C GLN E 80 -7.35 16.43 -17.50
N VAL E 81 -6.46 15.85 -18.30
CA VAL E 81 -6.72 14.54 -18.88
C VAL E 81 -5.86 13.47 -18.21
N ASP E 82 -6.53 12.47 -17.64
CA ASP E 82 -5.82 11.36 -17.01
C ASP E 82 -6.10 10.06 -17.76
N VAL E 83 -5.06 9.43 -18.29
CA VAL E 83 -5.22 8.25 -19.14
C VAL E 83 -4.78 6.97 -18.43
N ASP E 84 -5.65 5.97 -18.46
CA ASP E 84 -5.36 4.67 -17.88
C ASP E 84 -5.58 3.58 -18.93
N ILE E 85 -4.47 3.00 -19.40
CA ILE E 85 -4.54 1.91 -20.37
C ILE E 85 -4.33 0.58 -19.65
N ALA E 86 -5.25 -0.36 -19.88
CA ALA E 86 -5.19 -1.67 -19.25
C ALA E 86 -3.98 -2.47 -19.73
N GLY E 87 -3.28 -3.10 -18.80
CA GLY E 87 -2.10 -3.87 -19.11
C GLY E 87 -0.85 -3.00 -19.19
N GLN E 88 -1.04 -1.69 -18.99
CA GLN E 88 0.06 -0.75 -19.00
C GLN E 88 0.12 0.02 -17.68
N ARG E 89 1.30 0.07 -17.07
CA ARG E 89 1.47 0.79 -15.82
C ARG E 89 1.36 2.29 -16.08
N ASP E 90 1.00 3.05 -15.05
CA ASP E 90 0.86 4.49 -15.17
C ASP E 90 2.21 5.14 -15.43
N ASP E 91 3.28 4.39 -15.15
CA ASP E 91 4.64 4.85 -15.36
C ASP E 91 5.04 4.75 -16.84
N ALA E 92 4.34 3.90 -17.58
CA ALA E 92 4.68 3.58 -18.97
C ALA E 92 4.89 4.81 -19.85
N LEU E 93 5.81 4.69 -20.80
CA LEU E 93 6.17 5.79 -21.68
C LEU E 93 5.02 6.21 -22.58
N VAL E 94 4.35 5.24 -23.19
CA VAL E 94 3.28 5.52 -24.14
C VAL E 94 2.08 6.18 -23.45
N VAL E 95 1.82 5.76 -22.21
CA VAL E 95 0.69 6.31 -21.45
C VAL E 95 0.92 7.78 -21.11
N GLU E 96 2.13 8.11 -20.68
CA GLU E 96 2.46 9.50 -20.35
C GLU E 96 2.56 10.35 -21.61
N THR E 97 2.98 9.73 -22.70
CA THR E 97 3.03 10.42 -23.99
C THR E 97 1.62 10.81 -24.44
N ILE E 98 0.72 9.83 -24.44
CA ILE E 98 -0.67 10.06 -24.80
C ILE E 98 -1.32 11.09 -23.86
N THR E 99 -1.02 10.97 -22.57
CA THR E 99 -1.55 11.89 -21.58
C THR E 99 -1.12 13.33 -21.86
N SER E 100 0.17 13.52 -22.08
CA SER E 100 0.73 14.82 -22.39
C SER E 100 0.08 15.40 -23.65
N LEU E 101 0.05 14.58 -24.69
CA LEU E 101 -0.53 14.97 -25.98
C LEU E 101 -1.97 15.45 -25.81
N LEU E 102 -2.81 14.62 -25.21
CA LEU E 102 -4.22 14.93 -24.97
C LEU E 102 -4.39 16.19 -24.12
N ASN E 103 -3.57 16.33 -23.09
CA ASN E 103 -3.57 17.53 -22.26
C ASN E 103 -3.29 18.78 -23.09
N LYS E 104 -2.44 18.63 -24.10
CA LYS E 104 -2.11 19.75 -24.97
C LYS E 104 -3.21 20.04 -26.00
N VAL E 105 -3.89 19.00 -26.48
CA VAL E 105 -4.99 19.21 -27.42
C VAL E 105 -6.14 19.92 -26.74
N LEU E 106 -6.27 19.70 -25.43
CA LEU E 106 -7.41 20.18 -24.67
C LEU E 106 -7.04 21.31 -23.72
N LYS E 107 -5.86 21.89 -23.90
CA LYS E 107 -5.40 22.97 -23.04
C LYS E 107 -6.38 24.13 -23.06
N SER E 108 -6.76 24.62 -21.88
CA SER E 108 -7.74 25.70 -21.76
C SER E 108 -7.27 26.96 -22.48
N GLY E 109 -5.95 27.07 -22.66
CA GLY E 109 -5.36 28.15 -23.43
C GLY E 109 -5.99 28.41 -24.80
N SER E 110 -6.07 27.37 -25.63
CA SER E 110 -6.59 27.48 -27.00
C SER E 110 -7.03 26.11 -27.50
N GLY E 111 -6.97 25.09 -26.65
CA GLY E 111 -7.52 23.78 -27.02
C GLY E 111 -9.02 23.92 -27.09
N VAL E 112 -9.60 24.42 -26.00
CA VAL E 112 -11.02 24.75 -25.96
C VAL E 112 -11.25 26.14 -25.37
N ASP E 113 -12.47 26.64 -25.49
CA ASP E 113 -12.80 27.97 -25.00
C ASP E 113 -12.96 28.00 -23.49
N SER E 114 -11.98 28.58 -22.82
CA SER E 114 -11.95 28.65 -21.36
C SER E 114 -13.13 29.43 -20.77
N SER E 115 -13.60 30.44 -21.50
CA SER E 115 -14.67 31.31 -21.02
C SER E 115 -15.96 30.54 -20.72
N LYS E 116 -16.17 29.44 -21.44
CA LYS E 116 -17.37 28.63 -21.26
C LYS E 116 -17.38 27.94 -19.90
N LEU E 117 -16.23 27.90 -19.23
CA LEU E 117 -16.14 27.26 -17.92
C LEU E 117 -16.33 28.24 -16.77
N GLN E 118 -16.18 29.53 -17.04
CA GLN E 118 -16.16 30.55 -16.00
C GLN E 118 -17.51 30.70 -15.29
N LEU E 119 -17.47 30.71 -13.96
CA LEU E 119 -18.64 30.95 -13.14
C LEU E 119 -18.60 32.37 -12.58
N THR E 120 -17.54 32.64 -11.81
CA THR E 120 -17.33 33.92 -11.16
C THR E 120 -15.89 34.35 -11.45
N LYS E 121 -15.59 35.64 -11.28
CA LYS E 121 -14.25 36.16 -11.51
C LYS E 121 -13.18 35.52 -10.62
N LYS E 122 -13.61 34.67 -9.67
CA LYS E 122 -12.68 33.99 -8.77
C LYS E 122 -12.84 32.46 -8.84
N TYR E 123 -13.97 31.98 -9.33
CA TYR E 123 -14.21 30.53 -9.36
C TYR E 123 -14.69 30.00 -10.72
N SER E 124 -14.37 28.74 -10.98
CA SER E 124 -14.83 28.05 -12.19
C SER E 124 -14.85 26.54 -12.02
N PHE E 125 -15.39 25.86 -13.02
CA PHE E 125 -15.36 24.40 -13.08
C PHE E 125 -14.07 23.91 -13.72
N LYS E 126 -13.33 23.08 -12.99
CA LYS E 126 -12.23 22.34 -13.59
C LYS E 126 -12.79 21.06 -14.18
N ILE E 127 -12.41 20.75 -15.41
CA ILE E 127 -12.91 19.54 -16.06
C ILE E 127 -11.91 18.38 -15.95
N PHE E 128 -12.33 17.32 -15.28
CA PHE E 128 -11.52 16.11 -15.16
C PHE E 128 -11.95 15.08 -16.20
N VAL E 129 -11.11 14.88 -17.20
CA VAL E 129 -11.38 13.88 -18.22
C VAL E 129 -10.62 12.59 -17.91
N ASP E 130 -11.34 11.57 -17.48
CA ASP E 130 -10.73 10.29 -17.16
C ASP E 130 -10.94 9.27 -18.27
N VAL E 131 -9.83 8.81 -18.83
CA VAL E 131 -9.86 7.84 -19.93
C VAL E 131 -9.49 6.46 -19.43
N LEU E 132 -10.28 5.46 -19.80
CA LEU E 132 -9.96 4.08 -19.49
C LEU E 132 -9.98 3.24 -20.77
N VAL E 133 -8.80 2.95 -21.29
CA VAL E 133 -8.69 2.11 -22.48
C VAL E 133 -8.77 0.63 -22.09
N ILE E 134 -9.93 0.03 -22.31
CA ILE E 134 -10.14 -1.38 -22.00
C ILE E 134 -9.33 -2.25 -22.95
N SER E 135 -9.39 -1.93 -24.24
CA SER E 135 -8.66 -2.71 -25.24
C SER E 135 -8.18 -1.84 -26.39
N SER E 136 -7.00 -2.17 -26.92
CA SER E 136 -6.44 -1.46 -28.06
C SER E 136 -5.43 -2.33 -28.82
N HIS E 137 -5.53 -2.32 -30.14
CA HIS E 137 -4.63 -3.10 -30.98
C HIS E 137 -3.78 -2.20 -31.86
N SER E 138 -4.10 -0.91 -31.83
CA SER E 138 -3.30 0.10 -32.53
C SER E 138 -3.17 1.34 -31.65
N HIS E 139 -2.54 2.39 -32.18
CA HIS E 139 -2.42 3.64 -31.44
C HIS E 139 -3.82 4.19 -31.15
N PRO E 140 -4.17 4.26 -29.85
CA PRO E 140 -5.54 4.57 -29.42
C PRO E 140 -5.85 6.07 -29.34
N ILE E 141 -4.95 6.91 -29.85
CA ILE E 141 -5.09 8.35 -29.72
C ILE E 141 -6.39 8.89 -30.37
N SER E 142 -6.71 8.40 -31.56
CA SER E 142 -7.95 8.82 -32.23
C SER E 142 -9.18 8.25 -31.52
N LEU E 143 -9.07 6.99 -31.10
CA LEU E 143 -10.12 6.32 -30.34
C LEU E 143 -10.51 7.14 -29.12
N ILE E 144 -9.51 7.40 -28.28
CA ILE E 144 -9.66 8.23 -27.10
C ILE E 144 -10.21 9.61 -27.44
N SER E 145 -9.64 10.24 -28.46
CA SER E 145 -10.08 11.58 -28.88
C SER E 145 -11.57 11.61 -29.21
N PHE E 146 -12.03 10.58 -29.93
CA PHE E 146 -13.43 10.49 -30.33
C PHE E 146 -14.32 10.28 -29.12
N ALA E 147 -13.91 9.38 -28.24
CA ALA E 147 -14.66 9.12 -27.01
C ALA E 147 -14.80 10.39 -26.17
N ILE E 148 -13.72 11.15 -26.09
CA ILE E 148 -13.70 12.40 -25.34
C ILE E 148 -14.62 13.44 -26.00
N TYR E 149 -14.60 13.47 -27.32
CA TYR E 149 -15.48 14.35 -28.08
C TYR E 149 -16.94 14.07 -27.74
N SER E 150 -17.32 12.79 -27.84
CA SER E 150 -18.68 12.37 -27.54
C SER E 150 -19.06 12.67 -26.10
N ALA E 151 -18.14 12.40 -25.17
CA ALA E 151 -18.39 12.63 -23.76
C ALA E 151 -18.61 14.11 -23.45
N LEU E 152 -17.81 14.97 -24.08
CA LEU E 152 -17.90 16.41 -23.85
C LEU E 152 -19.15 17.01 -24.50
N ASN E 153 -19.54 16.46 -25.65
CA ASN E 153 -20.75 16.92 -26.34
C ASN E 153 -22.03 16.45 -25.66
N SER E 154 -21.90 15.61 -24.64
CA SER E 154 -23.04 15.14 -23.87
C SER E 154 -22.79 15.35 -22.38
N THR E 155 -22.01 16.38 -22.06
CA THR E 155 -21.66 16.68 -20.67
C THR E 155 -22.58 17.76 -20.09
N TYR E 156 -23.11 17.49 -18.90
CA TYR E 156 -23.96 18.44 -18.20
C TYR E 156 -23.34 18.86 -16.88
N LEU E 157 -23.45 20.14 -16.56
CA LEU E 157 -22.84 20.70 -15.36
C LEU E 157 -23.89 21.36 -14.47
N PRO E 158 -23.63 21.42 -13.15
CA PRO E 158 -24.57 22.10 -12.24
C PRO E 158 -24.68 23.58 -12.55
N LYS E 159 -25.88 24.14 -12.45
CA LYS E 159 -26.12 25.53 -12.83
C LYS E 159 -25.98 26.48 -11.65
N LEU E 160 -25.21 27.56 -11.86
CA LEU E 160 -25.00 28.57 -10.83
C LEU E 160 -26.23 29.45 -10.64
N ILE E 161 -26.46 29.89 -9.41
CA ILE E 161 -27.55 30.81 -9.11
C ILE E 161 -27.08 32.00 -8.28
N LEU E 172 -19.38 33.02 -2.00
CA LEU E 172 -19.19 31.65 -2.43
C LEU E 172 -20.40 31.13 -3.22
N PRO E 173 -20.14 30.47 -4.35
CA PRO E 173 -21.16 29.99 -5.29
C PRO E 173 -22.10 28.95 -4.71
N THR E 174 -23.39 29.07 -5.06
CA THR E 174 -24.41 28.10 -4.71
C THR E 174 -25.05 27.62 -6.00
N PHE E 175 -25.53 26.38 -6.03
CA PHE E 175 -25.99 25.79 -7.30
C PHE E 175 -27.41 25.23 -7.22
N HIS E 176 -28.09 25.24 -8.36
CA HIS E 176 -29.42 24.67 -8.49
C HIS E 176 -29.41 23.19 -8.14
N ASP E 177 -30.40 22.74 -7.37
CA ASP E 177 -30.40 21.38 -6.86
C ASP E 177 -30.78 20.33 -7.90
N TYR E 178 -31.67 20.69 -8.84
CA TYR E 178 -32.17 19.69 -9.78
C TYR E 178 -31.89 20.00 -11.25
N ASP E 179 -31.72 21.28 -11.58
CA ASP E 179 -31.52 21.68 -12.96
C ASP E 179 -30.04 21.85 -13.30
N MET E 180 -29.66 21.36 -14.48
CA MET E 180 -28.27 21.43 -14.93
C MET E 180 -28.16 21.92 -16.37
N VAL E 181 -27.09 22.66 -16.65
CA VAL E 181 -26.87 23.25 -17.97
C VAL E 181 -25.90 22.41 -18.79
N LYS E 182 -26.25 22.19 -20.06
CA LYS E 182 -25.37 21.45 -20.96
C LYS E 182 -24.10 22.24 -21.26
N LEU E 183 -22.95 21.62 -21.01
CA LEU E 183 -21.66 22.24 -21.32
C LEU E 183 -21.53 22.45 -22.82
N ASP E 184 -21.51 23.71 -23.24
CA ASP E 184 -21.39 24.02 -24.66
C ASP E 184 -19.95 24.36 -24.99
N ILE E 185 -19.38 23.58 -25.89
CA ILE E 185 -18.00 23.74 -26.30
C ILE E 185 -17.77 22.92 -27.56
N ASN E 186 -16.80 23.33 -28.38
CA ASN E 186 -16.41 22.55 -29.53
C ASN E 186 -15.14 21.76 -29.23
N PRO E 187 -15.30 20.49 -28.83
CA PRO E 187 -14.15 19.65 -28.49
C PRO E 187 -13.31 19.35 -29.71
N PRO E 188 -11.99 19.28 -29.55
CA PRO E 188 -11.13 18.96 -30.69
C PRO E 188 -11.08 17.46 -30.97
N LEU E 189 -10.72 17.11 -32.20
CA LEU E 189 -10.50 15.73 -32.59
C LEU E 189 -9.04 15.51 -32.96
N VAL E 190 -8.49 14.39 -32.56
CA VAL E 190 -7.13 14.03 -32.95
C VAL E 190 -7.17 12.89 -33.95
N PHE E 191 -6.49 13.06 -35.08
CA PHE E 191 -6.48 12.03 -36.12
C PHE E 191 -5.11 11.36 -36.20
N ILE E 192 -5.12 10.08 -36.55
CA ILE E 192 -3.88 9.32 -36.71
C ILE E 192 -3.79 8.76 -38.13
N LEU E 193 -2.64 8.98 -38.77
CA LEU E 193 -2.44 8.57 -40.15
C LEU E 193 -1.22 7.67 -40.28
N ALA E 194 -1.30 6.71 -41.19
CA ALA E 194 -0.18 5.82 -41.48
C ALA E 194 0.48 6.22 -42.80
N VAL E 195 1.78 6.47 -42.75
CA VAL E 195 2.55 6.75 -43.94
C VAL E 195 3.18 5.46 -44.45
N VAL E 196 2.65 4.96 -45.57
CA VAL E 196 3.20 3.76 -46.19
C VAL E 196 3.65 4.07 -47.62
N GLY E 197 4.96 4.15 -47.82
CA GLY E 197 5.51 4.52 -49.10
C GLY E 197 5.11 5.94 -49.45
N ASN E 198 4.37 6.09 -50.54
CA ASN E 198 3.85 7.40 -50.95
C ASN E 198 2.37 7.53 -50.67
N ASN E 199 1.85 6.66 -49.80
CA ASN E 199 0.41 6.66 -49.52
C ASN E 199 0.09 6.99 -48.07
N MET E 200 -0.96 7.80 -47.89
CA MET E 200 -1.47 8.17 -46.58
C MET E 200 -2.73 7.39 -46.26
N LEU E 201 -2.80 6.80 -45.07
CA LEU E 201 -3.96 6.02 -44.68
C LEU E 201 -4.59 6.55 -43.40
N LEU E 202 -5.92 6.68 -43.40
CA LEU E 202 -6.65 7.05 -42.20
C LEU E 202 -7.17 5.81 -41.48
N ASP E 203 -7.19 5.86 -40.15
CA ASP E 203 -7.63 4.74 -39.32
C ASP E 203 -6.85 3.47 -39.63
N PRO E 204 -5.54 3.46 -39.33
CA PRO E 204 -4.72 2.30 -39.68
C PRO E 204 -5.02 1.08 -38.82
N ALA E 205 -5.20 -0.07 -39.46
CA ALA E 205 -5.38 -1.32 -38.73
C ALA E 205 -4.05 -1.75 -38.12
N ALA E 206 -4.09 -2.72 -37.22
CA ALA E 206 -2.88 -3.19 -36.54
C ALA E 206 -1.83 -3.70 -37.53
N ASN E 207 -2.27 -4.54 -38.46
CA ASN E 207 -1.37 -5.07 -39.47
C ASN E 207 -0.82 -3.97 -40.37
N GLU E 208 -1.65 -2.98 -40.64
CA GLU E 208 -1.23 -1.82 -41.44
C GLU E 208 -0.16 -1.03 -40.69
N SER E 209 -0.38 -0.87 -39.39
CA SER E 209 0.53 -0.12 -38.53
C SER E 209 1.86 -0.85 -38.33
N GLU E 210 1.84 -2.17 -38.50
CA GLU E 210 3.04 -2.99 -38.33
C GLU E 210 4.06 -2.78 -39.46
N VAL E 211 3.59 -2.31 -40.62
CA VAL E 211 4.47 -2.17 -41.78
C VAL E 211 4.59 -0.73 -42.24
N ALA E 212 3.87 0.18 -41.58
CA ALA E 212 3.86 1.59 -41.96
C ALA E 212 5.25 2.22 -41.84
N ASN E 213 5.64 3.00 -42.85
CA ASN E 213 6.92 3.70 -42.83
C ASN E 213 6.97 4.74 -41.72
N ASN E 214 5.85 5.41 -41.49
CA ASN E 214 5.75 6.32 -40.36
C ASN E 214 4.29 6.64 -40.01
N GLY E 215 4.09 7.72 -39.26
CA GLY E 215 2.76 8.09 -38.83
C GLY E 215 2.62 9.58 -38.58
N LEU E 216 1.38 10.05 -38.64
CA LEU E 216 1.09 11.47 -38.44
C LEU E 216 -0.08 11.67 -37.47
N ILE E 217 0.20 12.32 -36.35
CA ILE E 217 -0.84 12.73 -35.43
C ILE E 217 -1.22 14.15 -35.75
N ILE E 218 -2.48 14.37 -36.13
CA ILE E 218 -2.92 15.70 -36.52
C ILE E 218 -4.17 16.13 -35.76
N SER E 219 -4.04 17.16 -34.94
CA SER E 219 -5.17 17.69 -34.20
C SER E 219 -6.06 18.53 -35.11
N TRP E 220 -7.27 18.81 -34.63
CA TRP E 220 -8.30 19.45 -35.45
C TRP E 220 -9.36 20.07 -34.54
N SER E 221 -9.70 21.34 -34.78
CA SER E 221 -10.67 22.00 -33.92
C SER E 221 -11.43 23.01 -34.78
N ASN E 222 -12.59 23.49 -34.31
CA ASN E 222 -13.52 24.37 -35.10
C ASN E 222 -13.45 24.33 -36.63
N GLY E 223 -13.14 23.19 -37.25
CA GLY E 223 -13.02 23.22 -38.69
C GLY E 223 -11.67 23.70 -39.19
N LYS E 224 -10.66 23.64 -38.32
CA LYS E 224 -9.31 24.03 -38.70
C LYS E 224 -8.26 23.02 -38.23
N ILE E 225 -7.25 22.79 -39.06
CA ILE E 225 -6.12 21.94 -38.68
C ILE E 225 -5.30 22.62 -37.60
N THR E 226 -5.50 22.21 -36.35
CA THR E 226 -4.80 22.84 -35.23
C THR E 226 -3.73 21.94 -34.65
N SER E 227 -2.97 22.50 -33.72
CA SER E 227 -1.92 21.76 -33.02
C SER E 227 -2.52 20.98 -31.86
N PRO E 228 -1.81 19.96 -31.35
CA PRO E 228 -0.50 19.43 -31.73
C PRO E 228 -0.46 18.63 -33.02
N ILE E 229 0.67 18.71 -33.72
CA ILE E 229 0.95 17.82 -34.84
C ILE E 229 2.25 17.07 -34.57
N ARG E 230 2.21 15.75 -34.70
CA ARG E 230 3.37 14.90 -34.45
C ARG E 230 3.67 13.97 -35.61
N SER E 231 4.92 13.59 -35.74
CA SER E 231 5.27 12.41 -36.50
C SER E 231 5.48 11.30 -35.48
N VAL E 232 4.87 10.14 -35.71
CA VAL E 232 4.93 9.07 -34.71
C VAL E 232 5.21 7.72 -35.35
N ALA E 233 6.20 7.02 -34.81
CA ALA E 233 6.53 5.68 -35.28
C ALA E 233 5.46 4.70 -34.80
N LEU E 234 4.73 4.11 -35.74
CA LEU E 234 3.69 3.16 -35.42
C LEU E 234 4.28 1.79 -35.07
N ASN E 235 5.57 1.64 -35.35
CA ASN E 235 6.31 0.45 -34.98
C ASN E 235 7.80 0.80 -34.79
N ASP E 236 8.64 -0.23 -34.71
CA ASP E 236 10.08 -0.01 -34.57
C ASP E 236 10.84 -0.75 -35.66
N SER E 237 10.12 -1.49 -36.47
CA SER E 237 10.72 -2.37 -37.47
C SER E 237 10.99 -1.67 -38.80
N ASN E 238 10.04 -0.84 -39.23
CA ASN E 238 10.11 -0.26 -40.57
C ASN E 238 10.00 1.27 -40.57
N VAL E 239 10.43 1.90 -39.49
CA VAL E 239 10.40 3.36 -39.38
C VAL E 239 11.38 3.97 -40.38
N LYS E 240 10.85 4.64 -41.40
CA LYS E 240 11.68 5.30 -42.40
C LYS E 240 11.33 6.77 -42.52
N SER E 241 12.23 7.53 -43.16
CA SER E 241 12.00 8.94 -43.41
C SER E 241 10.94 9.11 -44.49
N PHE E 242 10.37 10.31 -44.57
CA PHE E 242 9.36 10.60 -45.60
C PHE E 242 9.54 12.00 -46.17
N LYS E 243 9.01 12.21 -47.36
CA LYS E 243 9.09 13.50 -48.04
C LYS E 243 7.99 14.43 -47.57
N PRO E 244 8.26 15.74 -47.52
CA PRO E 244 7.34 16.77 -47.03
C PRO E 244 5.98 16.77 -47.71
N HIS E 245 5.96 16.44 -49.00
CA HIS E 245 4.73 16.42 -49.77
C HIS E 245 3.75 15.41 -49.16
N LEU E 246 4.29 14.39 -48.50
CA LEU E 246 3.47 13.43 -47.78
C LEU E 246 2.80 14.09 -46.58
N LEU E 247 3.56 14.89 -45.84
CA LEU E 247 3.00 15.64 -44.71
C LEU E 247 1.88 16.55 -45.17
N LYS E 248 2.13 17.28 -46.26
CA LYS E 248 1.10 18.12 -46.87
C LYS E 248 -0.12 17.30 -47.26
N GLN E 249 0.11 16.12 -47.82
CA GLN E 249 -0.96 15.20 -48.19
C GLN E 249 -1.79 14.82 -46.98
N GLY E 250 -1.13 14.54 -45.88
CA GLY E 250 -1.81 14.13 -44.66
C GLY E 250 -2.68 15.24 -44.12
N LEU E 251 -2.11 16.45 -44.05
CA LEU E 251 -2.86 17.61 -43.60
C LEU E 251 -4.10 17.87 -44.47
N ALA E 252 -3.88 17.90 -45.78
CA ALA E 252 -4.98 18.11 -46.73
C ALA E 252 -6.05 17.02 -46.58
N MET E 253 -5.59 15.80 -46.35
CA MET E 253 -6.46 14.64 -46.21
C MET E 253 -7.34 14.77 -44.97
N VAL E 254 -6.74 15.23 -43.88
CA VAL E 254 -7.49 15.44 -42.65
C VAL E 254 -8.52 16.54 -42.86
N GLU E 255 -8.07 17.72 -43.27
CA GLU E 255 -8.99 18.85 -43.42
C GLU E 255 -10.04 18.62 -44.50
N LYS E 256 -9.82 17.64 -45.37
CA LYS E 256 -10.82 17.27 -46.36
C LYS E 256 -11.82 16.27 -45.78
N TYR E 257 -11.33 15.31 -45.02
CA TYR E 257 -12.18 14.25 -44.47
C TYR E 257 -12.41 14.38 -42.96
N ALA E 258 -12.36 15.60 -42.44
CA ALA E 258 -12.64 15.82 -41.03
C ALA E 258 -14.08 16.32 -40.75
N PRO E 259 -14.59 17.26 -41.56
CA PRO E 259 -15.96 17.73 -41.26
C PRO E 259 -17.03 16.64 -41.28
N ASP E 260 -16.81 15.56 -42.02
CA ASP E 260 -17.77 14.47 -42.06
C ASP E 260 -17.68 13.60 -40.80
N VAL E 261 -16.47 13.50 -40.23
CA VAL E 261 -16.30 12.83 -38.94
C VAL E 261 -16.97 13.68 -37.86
N VAL E 262 -16.83 15.00 -37.99
CA VAL E 262 -17.44 15.93 -37.06
C VAL E 262 -18.96 15.87 -37.11
N ARG E 263 -19.53 15.85 -38.31
CA ARG E 263 -20.98 15.80 -38.45
C ARG E 263 -21.52 14.42 -38.08
N SER E 264 -20.69 13.39 -38.23
CA SER E 264 -21.09 12.04 -37.85
C SER E 264 -21.09 11.89 -36.33
N LEU E 265 -20.13 12.52 -35.67
CA LEU E 265 -20.02 12.44 -34.22
C LEU E 265 -21.04 13.35 -33.54
N GLU E 266 -21.40 14.45 -34.18
CA GLU E 266 -22.24 15.46 -33.54
C GLU E 266 -23.73 15.28 -33.86
N ASN E 267 -24.06 14.25 -34.63
CA ASN E 267 -25.47 13.98 -34.88
C ASN E 267 -26.04 12.94 -33.92
N LEU E 268 -26.91 13.41 -33.04
CA LEU E 268 -27.46 12.59 -31.97
C LEU E 268 -28.98 12.50 -32.04
N ASP F 5 10.86 8.76 2.12
CA ASP F 5 11.72 7.95 1.28
C ASP F 5 12.75 7.19 2.13
N ARG F 6 12.84 5.89 1.90
CA ARG F 6 13.72 5.03 2.68
C ARG F 6 15.09 4.90 2.03
N ARG F 7 15.20 5.36 0.79
CA ARG F 7 16.42 5.23 0.02
C ARG F 7 17.10 6.58 -0.19
N ARG F 8 16.57 7.62 0.43
CA ARG F 8 17.11 8.96 0.26
C ARG F 8 17.00 9.78 1.54
N LEU F 9 17.86 10.77 1.68
CA LEU F 9 17.78 11.72 2.79
C LEU F 9 17.05 12.98 2.35
N LEU F 10 15.74 12.99 2.56
CA LEU F 10 14.92 14.13 2.15
C LEU F 10 14.71 15.10 3.30
N GLY F 11 15.25 14.75 4.46
CA GLY F 11 15.15 15.59 5.64
C GLY F 11 13.77 15.58 6.26
N PRO F 12 13.45 16.61 7.05
CA PRO F 12 12.17 16.75 7.76
C PRO F 12 11.00 16.89 6.79
N ALA F 13 9.87 16.29 7.16
CA ALA F 13 8.66 16.37 6.35
C ALA F 13 7.90 17.65 6.62
N ALA F 14 8.08 18.19 7.82
CA ALA F 14 7.41 19.43 8.23
C ALA F 14 7.91 20.62 7.42
N ALA F 15 9.13 20.52 6.92
CA ALA F 15 9.73 21.59 6.12
C ALA F 15 9.02 21.72 4.78
N LYS F 16 9.02 22.94 4.23
CA LYS F 16 8.45 23.18 2.91
C LYS F 16 9.46 23.95 2.06
N PRO F 17 9.54 23.59 0.76
CA PRO F 17 10.47 24.19 -0.20
C PRO F 17 10.41 25.71 -0.24
N MET F 18 11.54 26.34 -0.57
CA MET F 18 11.60 27.80 -0.63
C MET F 18 10.93 28.34 -1.89
N ALA F 19 9.89 29.14 -1.68
CA ALA F 19 9.24 29.87 -2.78
C ALA F 19 9.70 31.32 -2.76
N PHE F 20 9.68 31.97 -3.92
CA PHE F 20 10.13 33.35 -4.02
C PHE F 20 9.09 34.23 -4.72
N GLU F 43 22.24 32.02 -36.27
CA GLU F 43 21.75 32.96 -35.26
C GLU F 43 22.37 32.68 -33.90
N GLN F 44 22.66 31.40 -33.63
CA GLN F 44 23.28 31.00 -32.36
C GLN F 44 24.55 30.20 -32.58
N GLU F 45 25.55 30.46 -31.74
CA GLU F 45 26.84 29.78 -31.84
C GLU F 45 26.79 28.40 -31.20
N LEU F 46 27.63 27.49 -31.71
CA LEU F 46 27.65 26.11 -31.24
C LEU F 46 29.04 25.62 -30.86
N SER F 47 29.11 24.89 -29.74
CA SER F 47 30.32 24.17 -29.38
C SER F 47 29.97 22.70 -29.21
N LEU F 48 30.67 21.84 -29.95
CA LEU F 48 30.40 20.41 -29.96
C LEU F 48 31.64 19.59 -29.63
N HIS F 49 31.53 18.67 -28.68
CA HIS F 49 32.65 17.78 -28.36
C HIS F 49 32.17 16.37 -28.06
N THR F 50 33.05 15.39 -28.25
CA THR F 50 32.68 13.99 -28.04
C THR F 50 33.76 13.20 -27.30
N GLY F 51 33.33 12.16 -26.59
CA GLY F 51 34.24 11.21 -25.97
C GLY F 51 34.97 11.73 -24.74
N PHE F 52 34.23 12.32 -23.81
CA PHE F 52 34.83 12.84 -22.59
C PHE F 52 34.32 12.09 -21.35
N ILE F 53 33.31 11.26 -21.53
CA ILE F 53 32.81 10.41 -20.44
C ILE F 53 33.36 8.99 -20.59
N GLU F 54 34.04 8.51 -19.55
CA GLU F 54 34.84 7.29 -19.65
C GLU F 54 34.10 5.99 -19.34
N ASN F 55 32.99 6.08 -18.60
CA ASN F 55 32.28 4.87 -18.20
C ASN F 55 31.08 4.54 -19.09
N CYS F 56 30.99 5.19 -20.26
CA CYS F 56 30.00 4.82 -21.26
C CYS F 56 30.65 4.68 -22.64
N ASN F 57 29.88 4.16 -23.59
CA ASN F 57 30.39 3.92 -24.94
C ASN F 57 30.51 5.21 -25.75
N GLY F 58 29.50 6.06 -25.66
CA GLY F 58 29.52 7.32 -26.39
C GLY F 58 29.13 8.49 -25.53
N SER F 59 29.60 9.68 -25.88
CA SER F 59 29.26 10.87 -25.11
C SER F 59 29.37 12.12 -25.97
N ALA F 60 28.55 13.12 -25.69
CA ALA F 60 28.57 14.35 -26.46
C ALA F 60 28.20 15.57 -25.61
N LEU F 61 28.98 16.63 -25.76
CA LEU F 61 28.70 17.90 -25.11
C LEU F 61 28.31 18.92 -26.16
N VAL F 62 27.11 19.47 -26.01
CA VAL F 62 26.61 20.48 -26.93
C VAL F 62 26.23 21.76 -26.18
N GLU F 63 26.91 22.86 -26.51
CA GLU F 63 26.56 24.14 -25.89
C GLU F 63 26.18 25.18 -26.96
N ALA F 64 25.06 25.85 -26.72
CA ALA F 64 24.52 26.81 -27.69
C ALA F 64 24.38 28.20 -27.09
N ARG F 65 24.79 29.21 -27.84
CA ARG F 65 24.70 30.59 -27.36
C ARG F 65 24.08 31.54 -28.38
N SER F 66 22.84 31.96 -28.12
CA SER F 66 22.20 33.02 -28.88
C SER F 66 22.04 34.25 -27.99
N LEU F 67 21.69 35.38 -28.61
CA LEU F 67 21.53 36.64 -27.88
C LEU F 67 20.52 36.52 -26.75
N GLY F 68 20.97 36.79 -25.54
CA GLY F 68 20.12 36.71 -24.36
C GLY F 68 19.57 35.31 -24.11
N HIS F 69 20.31 34.30 -24.55
CA HIS F 69 19.86 32.92 -24.40
C HIS F 69 21.01 31.93 -24.47
N GLN F 70 21.24 31.17 -23.39
CA GLN F 70 22.31 30.19 -23.39
C GLN F 70 21.86 28.82 -22.87
N THR F 71 22.22 27.79 -23.63
CA THR F 71 21.92 26.41 -23.24
C THR F 71 23.15 25.52 -23.33
N SER F 72 23.08 24.38 -22.66
CA SER F 72 24.17 23.41 -22.66
C SER F 72 23.67 22.06 -22.12
N LEU F 73 23.90 21.00 -22.90
CA LEU F 73 23.46 19.68 -22.48
C LEU F 73 24.44 18.57 -22.90
N ILE F 74 24.32 17.44 -22.21
CA ILE F 74 25.25 16.31 -22.40
C ILE F 74 24.50 15.02 -22.70
N THR F 75 25.02 14.20 -23.61
CA THR F 75 24.43 12.89 -23.86
C THR F 75 25.42 11.77 -23.64
N ALA F 76 24.89 10.62 -23.21
CA ALA F 76 25.70 9.43 -22.97
C ALA F 76 25.00 8.20 -23.54
N VAL F 77 25.70 7.49 -24.41
CA VAL F 77 25.20 6.26 -25.00
C VAL F 77 25.87 5.05 -24.36
N TYR F 78 25.10 4.33 -23.57
CA TYR F 78 25.49 3.04 -23.02
C TYR F 78 24.95 1.94 -23.93
N GLY F 79 25.83 1.19 -24.56
CA GLY F 79 25.40 0.12 -25.45
C GLY F 79 26.36 -0.14 -26.60
N PRO F 80 26.14 -1.23 -27.34
CA PRO F 80 25.04 -2.19 -27.20
C PRO F 80 25.14 -3.10 -25.98
N ARG F 81 24.09 -3.11 -25.16
CA ARG F 81 24.05 -3.92 -23.94
C ARG F 81 23.07 -5.08 -24.09
N SER F 82 23.07 -5.98 -23.10
CA SER F 82 22.13 -7.10 -23.10
C SER F 82 20.74 -6.67 -22.67
N ILE F 83 19.72 -7.41 -23.12
CA ILE F 83 18.34 -7.13 -22.74
C ILE F 83 17.73 -8.29 -21.95
N ARG F 84 16.91 -7.94 -20.98
CA ARG F 84 16.09 -8.95 -20.30
C ARG F 84 14.88 -9.26 -21.16
N GLY F 85 14.54 -10.55 -21.25
CA GLY F 85 13.38 -10.97 -22.00
C GLY F 85 13.70 -11.87 -23.18
N SER F 86 12.70 -12.08 -24.03
CA SER F 86 12.84 -12.96 -25.18
C SER F 86 13.83 -12.41 -26.20
N PHE F 87 14.28 -13.28 -27.10
CA PHE F 87 15.18 -12.89 -28.17
C PHE F 87 14.54 -11.82 -29.05
N THR F 88 15.29 -10.75 -29.32
CA THR F 88 14.81 -9.70 -30.22
C THR F 88 15.64 -9.69 -31.50
N SER F 89 14.96 -9.55 -32.63
CA SER F 89 15.60 -9.67 -33.94
C SER F 89 16.47 -8.47 -34.28
N GLN F 90 16.30 -7.38 -33.54
CA GLN F 90 17.02 -6.15 -33.83
C GLN F 90 17.31 -5.36 -32.56
N GLY F 91 18.01 -4.24 -32.72
CA GLY F 91 18.35 -3.39 -31.59
C GLY F 91 17.14 -2.75 -30.96
N THR F 92 17.23 -2.48 -29.66
CA THR F 92 16.15 -1.80 -28.95
C THR F 92 16.71 -0.54 -28.29
N ILE F 93 16.23 0.61 -28.75
CA ILE F 93 16.74 1.89 -28.28
C ILE F 93 15.84 2.49 -27.19
N SER F 94 16.48 2.93 -26.11
CA SER F 94 15.78 3.67 -25.07
C SER F 94 16.38 5.07 -24.96
N ILE F 95 15.53 6.04 -24.64
CA ILE F 95 16.00 7.42 -24.48
C ILE F 95 15.43 8.02 -23.21
N GLN F 96 16.32 8.54 -22.37
CA GLN F 96 15.98 9.06 -21.06
C GLN F 96 16.38 10.52 -20.92
N LEU F 97 15.40 11.40 -20.79
CA LEU F 97 15.68 12.81 -20.56
C LEU F 97 15.75 13.12 -19.06
N LYS F 98 16.86 13.70 -18.62
CA LYS F 98 17.03 14.07 -17.22
C LYS F 98 17.10 15.58 -17.04
N ASN F 99 16.20 16.10 -16.21
CA ASN F 99 16.22 17.50 -15.81
C ASN F 99 17.55 17.87 -15.19
N GLY F 100 18.13 18.98 -15.65
CA GLY F 100 19.36 19.48 -15.08
C GLY F 100 19.10 20.73 -14.27
N LEU F 101 19.76 20.83 -13.11
CA LEU F 101 19.58 21.96 -12.20
C LEU F 101 18.11 22.14 -11.83
N LEU F 102 17.47 23.14 -12.44
CA LEU F 102 16.05 23.40 -12.21
C LEU F 102 15.20 22.24 -12.72
N GLU F 103 14.18 21.87 -11.97
CA GLU F 103 13.18 20.92 -12.45
C GLU F 103 12.30 21.65 -13.46
N LYS F 104 12.87 21.93 -14.63
CA LYS F 104 12.28 22.88 -15.58
C LYS F 104 11.02 22.37 -16.29
N TYR F 105 10.92 21.06 -16.50
CA TYR F 105 9.84 20.54 -17.33
C TYR F 105 9.04 19.42 -16.67
N ASN F 106 7.85 19.19 -17.21
CA ASN F 106 6.97 18.13 -16.72
C ASN F 106 7.46 16.76 -17.15
N THR F 107 7.25 15.76 -16.31
CA THR F 107 7.69 14.39 -16.60
C THR F 107 7.00 13.85 -17.84
N ASN F 108 5.71 14.15 -17.98
CA ASN F 108 4.93 13.69 -19.13
C ASN F 108 5.48 14.25 -20.44
N GLU F 109 5.83 15.53 -20.43
CA GLU F 109 6.35 16.19 -21.62
C GLU F 109 7.74 15.66 -21.94
N LEU F 110 8.53 15.40 -20.90
CA LEU F 110 9.86 14.79 -21.07
C LEU F 110 9.76 13.42 -21.72
N LYS F 111 8.81 12.62 -21.27
CA LYS F 111 8.60 11.29 -21.83
C LYS F 111 8.05 11.36 -23.24
N GLU F 112 7.25 12.39 -23.51
CA GLU F 112 6.73 12.61 -24.85
C GLU F 112 7.87 12.93 -25.83
N VAL F 113 8.72 13.88 -25.45
CA VAL F 113 9.89 14.23 -26.25
C VAL F 113 10.79 13.01 -26.43
N SER F 114 10.97 12.25 -25.36
CA SER F 114 11.73 11.01 -25.40
C SER F 114 11.18 10.07 -26.47
N SER F 115 9.86 9.93 -26.51
CA SER F 115 9.20 9.06 -27.48
C SER F 115 9.44 9.57 -28.91
N PHE F 116 9.35 10.90 -29.08
CA PHE F 116 9.63 11.55 -30.36
C PHE F 116 11.04 11.21 -30.86
N LEU F 117 12.02 11.44 -30.00
CA LEU F 117 13.42 11.15 -30.31
C LEU F 117 13.62 9.65 -30.60
N MET F 118 12.91 8.81 -29.86
CA MET F 118 12.96 7.37 -30.09
C MET F 118 12.52 7.05 -31.51
N GLY F 119 11.44 7.68 -31.96
CA GLY F 119 11.00 7.51 -33.33
C GLY F 119 12.08 7.92 -34.32
N ILE F 120 12.60 9.12 -34.12
CA ILE F 120 13.64 9.66 -35.00
C ILE F 120 14.84 8.71 -35.16
N PHE F 121 15.40 8.30 -34.03
CA PHE F 121 16.60 7.48 -34.09
C PHE F 121 16.29 6.01 -34.33
N ASN F 122 15.00 5.66 -34.31
CA ASN F 122 14.57 4.38 -34.84
C ASN F 122 14.59 4.44 -36.36
N SER F 123 14.40 5.64 -36.89
CA SER F 123 14.56 5.86 -38.33
C SER F 123 16.03 5.93 -38.72
N VAL F 124 16.88 6.41 -37.81
CA VAL F 124 18.28 6.65 -38.16
C VAL F 124 19.23 5.49 -37.86
N VAL F 125 19.12 4.87 -36.69
CA VAL F 125 20.05 3.83 -36.28
C VAL F 125 19.85 2.53 -37.08
N ASN F 126 20.95 1.88 -37.44
CA ASN F 126 20.92 0.60 -38.14
C ASN F 126 20.66 -0.55 -37.18
N LEU F 127 19.41 -0.73 -36.79
CA LEU F 127 19.04 -1.67 -35.73
C LEU F 127 19.27 -3.14 -36.10
N SER F 128 19.30 -3.44 -37.39
CA SER F 128 19.48 -4.80 -37.86
C SER F 128 20.80 -5.40 -37.39
N ARG F 129 21.77 -4.54 -37.11
CA ARG F 129 23.11 -4.97 -36.71
C ARG F 129 23.17 -5.43 -35.27
N TYR F 130 22.14 -5.13 -34.49
CA TYR F 130 22.19 -5.37 -33.06
C TYR F 130 21.05 -6.23 -32.51
N PRO F 131 20.94 -7.49 -32.96
CA PRO F 131 19.89 -8.34 -32.40
C PRO F 131 20.13 -8.59 -30.91
N LYS F 132 19.09 -9.01 -30.18
CA LYS F 132 19.13 -9.25 -28.74
C LYS F 132 20.00 -8.25 -27.98
N SER F 133 19.83 -6.97 -28.28
CA SER F 133 20.70 -5.94 -27.74
C SER F 133 19.99 -4.61 -27.52
N GLY F 134 20.36 -3.90 -26.47
CA GLY F 134 19.74 -2.64 -26.13
C GLY F 134 20.72 -1.48 -26.09
N ILE F 135 20.31 -0.35 -26.66
CA ILE F 135 21.11 0.87 -26.62
C ILE F 135 20.38 1.93 -25.81
N ASP F 136 20.94 2.26 -24.65
CA ASP F 136 20.34 3.24 -23.76
C ASP F 136 21.03 4.59 -23.89
N ILE F 137 20.25 5.63 -24.16
CA ILE F 137 20.78 6.97 -24.34
C ILE F 137 20.26 7.89 -23.25
N PHE F 138 21.16 8.63 -22.61
CA PHE F 138 20.77 9.56 -21.56
C PHE F 138 21.09 10.99 -21.97
N VAL F 139 20.12 11.88 -21.84
CA VAL F 139 20.32 13.29 -22.14
C VAL F 139 20.14 14.14 -20.90
N TYR F 140 21.25 14.62 -20.34
CA TYR F 140 21.23 15.52 -19.20
C TYR F 140 21.10 16.96 -19.67
N LEU F 141 20.02 17.60 -19.25
CA LEU F 141 19.73 18.99 -19.61
C LEU F 141 20.36 19.94 -18.60
N THR F 142 21.67 19.89 -18.48
CA THR F 142 22.40 20.59 -17.43
C THR F 142 21.98 22.06 -17.28
N TYR F 143 22.03 22.81 -18.39
CA TYR F 143 21.87 24.25 -18.32
C TYR F 143 20.93 24.77 -19.42
N ASP F 144 19.99 25.63 -19.04
CA ASP F 144 19.01 26.20 -19.97
C ASP F 144 18.50 27.54 -19.46
N LYS F 145 19.37 28.55 -19.47
CA LYS F 145 19.01 29.89 -19.00
C LYS F 145 18.98 30.87 -20.17
N ASP F 146 17.77 31.30 -20.54
CA ASP F 146 17.61 32.30 -21.58
C ASP F 146 17.12 33.60 -20.95
N LEU F 147 17.86 34.68 -21.17
CA LEU F 147 17.61 35.94 -20.48
C LEU F 147 16.38 36.69 -20.98
N THR F 148 15.73 36.14 -22.01
CA THR F 148 14.56 36.77 -22.59
C THR F 148 13.39 36.82 -21.61
N ASN F 149 12.83 38.01 -21.42
CA ASN F 149 11.72 38.21 -20.49
C ASN F 149 10.75 39.28 -20.99
N SER F 163 7.25 25.98 -22.54
CA SER F 163 7.17 25.70 -23.97
C SER F 163 8.51 25.91 -24.66
N GLN F 164 9.57 25.99 -23.87
CA GLN F 164 10.91 26.16 -24.42
C GLN F 164 11.49 24.82 -24.88
N ILE F 165 10.70 23.77 -24.71
CA ILE F 165 11.06 22.42 -25.15
C ILE F 165 11.42 22.38 -26.64
N SER F 166 10.58 23.03 -27.45
CA SER F 166 10.75 23.06 -28.89
C SER F 166 12.14 23.53 -29.30
N SER F 167 12.58 24.65 -28.75
CA SER F 167 13.88 25.21 -29.09
C SER F 167 15.02 24.32 -28.59
N LEU F 168 14.69 23.40 -27.68
CA LEU F 168 15.70 22.56 -27.05
C LEU F 168 15.86 21.22 -27.77
N ILE F 169 14.80 20.78 -28.44
CA ILE F 169 14.82 19.48 -29.15
C ILE F 169 15.94 19.32 -30.20
N PRO F 170 16.17 20.33 -31.07
CA PRO F 170 17.22 20.13 -32.09
C PRO F 170 18.61 19.89 -31.48
N HIS F 171 18.89 20.50 -30.35
CA HIS F 171 20.18 20.31 -29.69
C HIS F 171 20.26 18.92 -29.08
N CYS F 172 19.13 18.43 -28.58
CA CYS F 172 19.03 17.06 -28.11
C CYS F 172 19.37 16.10 -29.24
N ILE F 173 18.79 16.34 -30.42
CA ILE F 173 19.01 15.47 -31.56
C ILE F 173 20.46 15.51 -32.01
N THR F 174 21.02 16.71 -32.08
CA THR F 174 22.44 16.91 -32.39
C THR F 174 23.31 16.07 -31.46
N SER F 175 23.09 16.24 -30.15
CA SER F 175 23.90 15.58 -29.14
C SER F 175 23.75 14.05 -29.21
N ILE F 176 22.54 13.57 -29.46
CA ILE F 176 22.32 12.12 -29.53
C ILE F 176 22.97 11.53 -30.77
N THR F 177 22.88 12.22 -31.90
CA THR F 177 23.54 11.76 -33.12
C THR F 177 25.06 11.73 -32.91
N LEU F 178 25.60 12.78 -32.31
CA LEU F 178 27.03 12.86 -32.02
C LEU F 178 27.48 11.73 -31.10
N ALA F 179 26.71 11.47 -30.06
CA ALA F 179 27.06 10.45 -29.07
C ALA F 179 26.93 9.04 -29.65
N LEU F 180 25.96 8.85 -30.54
CA LEU F 180 25.78 7.57 -31.21
C LEU F 180 26.94 7.31 -32.17
N ALA F 181 27.36 8.33 -32.89
CA ALA F 181 28.50 8.21 -33.79
C ALA F 181 29.78 7.99 -32.98
N ASP F 182 29.81 8.57 -31.78
CA ASP F 182 30.97 8.45 -30.91
C ASP F 182 31.04 7.06 -30.27
N ALA F 183 29.88 6.48 -30.02
CA ALA F 183 29.79 5.17 -29.39
C ALA F 183 30.10 4.05 -30.38
N GLY F 184 30.26 4.41 -31.65
CA GLY F 184 30.46 3.43 -32.70
C GLY F 184 29.17 2.74 -33.08
N ILE F 185 28.05 3.36 -32.72
CA ILE F 185 26.74 2.86 -33.10
C ILE F 185 26.42 3.29 -34.53
N GLU F 186 26.09 2.32 -35.37
CA GLU F 186 25.89 2.59 -36.79
C GLU F 186 24.66 3.44 -37.09
N LEU F 187 24.85 4.44 -37.95
CA LEU F 187 23.79 5.35 -38.35
C LEU F 187 23.69 5.41 -39.87
N VAL F 188 22.49 5.27 -40.43
CA VAL F 188 22.31 5.34 -41.87
C VAL F 188 22.57 6.76 -42.36
N ASP F 189 22.45 7.72 -41.45
CA ASP F 189 22.66 9.13 -41.76
C ASP F 189 22.88 9.94 -40.48
N MET F 190 23.24 11.20 -40.65
CA MET F 190 23.40 12.11 -39.53
C MET F 190 22.09 12.86 -39.27
N ALA F 191 21.34 12.42 -38.27
CA ALA F 191 20.07 13.04 -37.93
C ALA F 191 20.27 14.49 -37.50
N GLY F 192 19.63 15.41 -38.21
CA GLY F 192 19.71 16.81 -37.86
C GLY F 192 18.32 17.36 -37.59
N ALA F 193 18.26 18.62 -37.14
CA ALA F 193 16.97 19.24 -36.85
C ALA F 193 17.06 20.76 -36.79
N GLY F 194 15.90 21.41 -36.83
CA GLY F 194 15.82 22.85 -36.68
C GLY F 194 14.53 23.24 -36.00
N GLU F 195 14.50 24.46 -35.46
CA GLU F 195 13.30 24.94 -34.78
C GLU F 195 12.93 26.34 -35.24
N ALA F 196 11.63 26.55 -35.47
CA ALA F 196 11.12 27.84 -35.89
C ALA F 196 9.62 27.94 -35.62
N ASN F 197 9.22 28.96 -34.86
CA ASN F 197 7.82 29.20 -34.54
C ASN F 197 7.15 28.00 -33.88
N GLY F 198 7.82 27.42 -32.90
CA GLY F 198 7.28 26.27 -32.19
C GLY F 198 7.26 25.02 -33.04
N THR F 199 7.83 25.10 -34.25
CA THR F 199 7.88 23.96 -35.14
C THR F 199 9.30 23.40 -35.22
N VAL F 200 9.47 22.20 -34.67
CA VAL F 200 10.72 21.48 -34.79
C VAL F 200 10.62 20.50 -35.94
N VAL F 201 11.58 20.54 -36.85
CA VAL F 201 11.61 19.56 -37.94
C VAL F 201 12.99 18.92 -38.04
N SER F 202 13.01 17.59 -37.99
CA SER F 202 14.25 16.83 -38.03
C SER F 202 14.42 16.15 -39.40
N PHE F 203 15.54 16.45 -40.04
CA PHE F 203 15.85 15.94 -41.39
C PHE F 203 17.00 14.95 -41.43
N ILE F 204 17.01 14.15 -42.49
CA ILE F 204 18.19 13.40 -42.92
C ILE F 204 18.33 13.53 -44.44
N LYS F 205 19.40 12.97 -44.99
CA LYS F 205 19.66 12.99 -46.42
C LYS F 205 19.64 14.39 -47.02
N ASN F 206 20.53 15.26 -46.53
CA ASN F 206 20.67 16.62 -47.03
C ASN F 206 19.38 17.44 -46.97
N GLY F 207 18.45 17.04 -46.11
CA GLY F 207 17.21 17.78 -45.93
C GLY F 207 16.14 17.42 -46.94
N GLU F 208 16.38 16.35 -47.70
CA GLU F 208 15.43 15.91 -48.71
C GLU F 208 14.21 15.25 -48.08
N GLU F 209 14.44 14.49 -47.00
CA GLU F 209 13.35 13.77 -46.35
C GLU F 209 13.28 14.09 -44.86
N ILE F 210 12.12 13.79 -44.25
CA ILE F 210 11.86 14.09 -42.85
C ILE F 210 11.86 12.85 -41.98
N VAL F 211 12.61 12.88 -40.89
CA VAL F 211 12.55 11.82 -39.89
C VAL F 211 11.76 12.25 -38.67
N GLY F 212 11.67 13.55 -38.44
CA GLY F 212 10.93 14.05 -37.29
C GLY F 212 10.11 15.28 -37.57
N PHE F 213 8.91 15.34 -36.99
CA PHE F 213 8.09 16.54 -37.07
C PHE F 213 7.33 16.77 -35.77
N TRP F 214 7.63 17.90 -35.13
CA TRP F 214 7.02 18.28 -33.87
C TRP F 214 6.40 19.67 -33.99
N LYS F 215 5.09 19.75 -33.79
CA LYS F 215 4.39 21.03 -33.81
C LYS F 215 3.45 21.13 -32.62
N ASP F 216 3.74 22.02 -31.69
CA ASP F 216 2.94 22.18 -30.48
C ASP F 216 2.61 23.63 -30.23
N ASP F 217 1.42 24.05 -30.68
CA ASP F 217 1.01 25.44 -30.62
C ASP F 217 2.11 26.31 -31.21
N GLY F 218 2.61 27.25 -30.42
CA GLY F 218 3.66 28.14 -30.89
C GLY F 218 3.21 28.91 -32.12
N ASP F 219 1.98 29.43 -32.06
CA ASP F 219 1.38 30.24 -33.10
C ASP F 219 1.09 29.49 -34.40
N ASP F 220 0.34 30.14 -35.28
CA ASP F 220 0.00 29.59 -36.58
C ASP F 220 0.65 30.37 -37.68
N GLU F 221 1.57 29.72 -38.38
CA GLU F 221 2.15 30.27 -39.58
C GLU F 221 2.15 29.17 -40.63
N ASP F 222 2.32 29.54 -41.90
CA ASP F 222 2.37 28.56 -42.98
C ASP F 222 3.58 27.64 -42.79
N LEU F 223 3.52 26.45 -43.39
CA LEU F 223 4.47 25.37 -43.12
C LEU F 223 5.82 25.57 -43.82
N LEU F 224 5.77 26.14 -45.03
CA LEU F 224 6.93 26.18 -45.91
C LEU F 224 8.14 26.95 -45.36
N GLU F 225 7.92 28.13 -44.78
CA GLU F 225 9.07 28.92 -44.29
C GLU F 225 9.62 28.32 -43.00
N CYS F 226 8.77 27.72 -42.18
CA CYS F 226 9.26 26.98 -41.02
C CYS F 226 10.14 25.84 -41.51
N LEU F 227 9.71 25.17 -42.57
CA LEU F 227 10.50 24.12 -43.18
C LEU F 227 11.84 24.64 -43.67
N ASP F 228 11.84 25.81 -44.30
CA ASP F 228 13.06 26.38 -44.85
C ASP F 228 14.05 26.80 -43.76
N ARG F 229 13.54 27.48 -42.74
CA ARG F 229 14.38 27.93 -41.63
C ARG F 229 14.97 26.73 -40.88
N CYS F 230 14.10 25.78 -40.53
CA CYS F 230 14.52 24.57 -39.85
C CYS F 230 15.50 23.76 -40.70
N LYS F 231 15.37 23.85 -42.02
CA LYS F 231 16.27 23.15 -42.92
C LYS F 231 17.64 23.82 -42.96
N GLU F 232 17.65 25.16 -42.87
CA GLU F 232 18.92 25.88 -42.83
C GLU F 232 19.65 25.57 -41.53
N GLN F 233 18.91 25.62 -40.42
CA GLN F 233 19.45 25.23 -39.12
C GLN F 233 20.00 23.81 -39.19
N TYR F 234 19.23 22.91 -39.81
CA TYR F 234 19.63 21.53 -39.96
C TYR F 234 20.94 21.39 -40.74
N ASN F 235 21.07 22.14 -41.84
CA ASN F 235 22.27 22.04 -42.68
C ASN F 235 23.50 22.57 -41.96
N ARG F 236 23.34 23.69 -41.26
CA ARG F 236 24.42 24.24 -40.46
C ARG F 236 24.86 23.26 -39.38
N TYR F 237 23.88 22.75 -38.63
CA TYR F 237 24.14 21.78 -37.57
C TYR F 237 24.82 20.53 -38.11
N ARG F 238 24.43 20.13 -39.31
CA ARG F 238 25.02 18.97 -39.97
C ARG F 238 26.48 19.22 -40.29
N ASP F 239 26.76 20.37 -40.90
CA ASP F 239 28.14 20.74 -41.21
C ASP F 239 29.00 20.78 -39.95
N LEU F 240 28.47 21.41 -38.91
CA LEU F 240 29.18 21.51 -37.63
C LEU F 240 29.42 20.13 -37.01
N MET F 241 28.46 19.23 -37.19
CA MET F 241 28.55 17.90 -36.59
C MET F 241 29.58 17.03 -37.31
N ILE F 242 29.60 17.10 -38.63
CA ILE F 242 30.59 16.37 -39.41
C ILE F 242 31.97 16.94 -39.14
N SER F 243 32.04 18.26 -39.03
CA SER F 243 33.30 18.95 -38.71
C SER F 243 33.83 18.46 -37.36
N CYS F 244 32.95 18.43 -36.37
CA CYS F 244 33.30 17.91 -35.05
C CYS F 244 33.70 16.45 -35.13
N LEU F 245 33.11 15.71 -36.07
CA LEU F 245 33.43 14.30 -36.22
C LEU F 245 34.69 14.08 -37.04
N MET F 246 35.26 15.15 -37.59
CA MET F 246 36.48 15.03 -38.37
C MET F 246 37.69 15.59 -37.62
N ASN F 247 37.46 16.60 -36.78
CA ASN F 247 38.51 17.09 -35.89
C ASN F 247 38.60 16.18 -34.68
N GLN F 248 37.44 15.66 -34.30
CA GLN F 248 37.32 14.77 -33.15
C GLN F 248 36.73 13.42 -33.53
N GLU F 249 37.32 12.34 -33.00
CA GLU F 249 36.69 11.04 -32.82
C GLU F 249 37.75 10.05 -32.39
N ASP G 3 47.37 -35.53 19.59
CA ASP G 3 47.04 -36.80 18.96
C ASP G 3 45.76 -37.37 19.56
N SER G 4 45.90 -38.45 20.35
CA SER G 4 44.76 -39.13 20.95
C SER G 4 43.95 -38.20 21.84
N MET G 5 44.60 -37.16 22.35
CA MET G 5 43.95 -36.16 23.18
C MET G 5 43.30 -35.08 22.31
N SER G 6 41.98 -35.06 22.30
CA SER G 6 41.25 -34.07 21.53
C SER G 6 41.28 -32.72 22.23
N THR G 7 41.49 -31.64 21.46
CA THR G 7 41.66 -30.32 22.06
C THR G 7 40.80 -29.24 21.40
N PHE G 8 40.16 -28.41 22.22
CA PHE G 8 39.33 -27.32 21.70
C PHE G 8 40.16 -26.33 20.91
N ILE G 9 39.59 -25.81 19.83
CA ILE G 9 40.34 -24.97 18.89
C ILE G 9 39.44 -23.92 18.21
N PHE G 10 40.03 -22.74 18.02
CA PHE G 10 39.38 -21.61 17.35
C PHE G 10 40.02 -21.34 15.99
N PRO G 11 39.27 -20.73 15.07
CA PRO G 11 39.88 -20.31 13.80
C PRO G 11 40.97 -19.28 14.03
N GLY G 12 42.15 -19.53 13.47
CA GLY G 12 43.27 -18.62 13.62
C GLY G 12 44.29 -19.08 14.65
N ASP G 13 43.90 -20.05 15.48
CA ASP G 13 44.81 -20.62 16.46
C ASP G 13 45.93 -21.38 15.77
N SER G 14 47.06 -21.54 16.45
CA SER G 14 48.19 -22.27 15.90
C SER G 14 47.93 -23.77 15.94
N PHE G 15 48.09 -24.42 14.78
CA PHE G 15 47.88 -25.85 14.66
C PHE G 15 48.95 -26.61 15.45
N PRO G 16 48.52 -27.54 16.33
CA PRO G 16 49.41 -28.16 17.31
C PRO G 16 49.86 -29.59 16.99
N VAL G 17 49.76 -30.04 15.74
CA VAL G 17 50.19 -31.39 15.41
C VAL G 17 51.65 -31.43 14.98
N ASP G 18 52.19 -32.64 14.91
CA ASP G 18 53.61 -32.85 14.58
C ASP G 18 53.91 -32.54 13.11
N PRO G 19 54.80 -31.57 12.87
CA PRO G 19 55.18 -31.12 11.52
C PRO G 19 55.83 -32.21 10.66
N THR G 20 56.69 -33.04 11.24
CA THR G 20 57.39 -34.07 10.46
C THR G 20 56.47 -35.24 10.12
N THR G 21 55.43 -35.43 10.91
CA THR G 21 54.46 -36.50 10.66
C THR G 21 53.46 -36.08 9.58
N PRO G 22 53.33 -36.90 8.53
CA PRO G 22 52.35 -36.64 7.46
C PRO G 22 50.92 -36.73 7.98
N VAL G 23 50.09 -35.75 7.63
CA VAL G 23 48.72 -35.68 8.14
C VAL G 23 47.71 -35.37 7.04
N LYS G 24 46.79 -36.30 6.80
CA LYS G 24 45.71 -36.04 5.87
C LYS G 24 44.66 -35.18 6.59
N LEU G 25 44.19 -34.16 5.89
CA LEU G 25 43.36 -33.11 6.50
C LEU G 25 41.89 -33.29 6.19
N GLY G 26 41.07 -33.29 7.24
CA GLY G 26 39.64 -33.41 7.08
C GLY G 26 38.96 -32.07 7.24
N PRO G 27 37.65 -32.10 7.53
CA PRO G 27 36.85 -30.89 7.76
C PRO G 27 37.40 -30.03 8.90
N GLY G 28 37.31 -28.72 8.74
CA GLY G 28 37.77 -27.79 9.77
C GLY G 28 39.16 -27.25 9.51
N ILE G 29 39.98 -28.04 8.82
CA ILE G 29 41.35 -27.65 8.54
C ILE G 29 41.53 -27.22 7.10
N TYR G 30 42.08 -26.04 6.91
CA TYR G 30 42.21 -25.42 5.59
C TYR G 30 43.66 -25.20 5.21
N CYS G 31 44.01 -25.64 4.01
CA CYS G 31 45.33 -25.37 3.46
C CYS G 31 45.25 -24.14 2.56
N ASP G 32 45.81 -23.04 3.05
CA ASP G 32 45.80 -21.77 2.32
C ASP G 32 46.48 -21.91 0.96
N PRO G 33 45.78 -21.52 -0.10
CA PRO G 33 46.26 -21.64 -1.49
C PRO G 33 47.46 -20.73 -1.79
N ASN G 34 47.61 -19.63 -1.06
CA ASN G 34 48.69 -18.69 -1.32
C ASN G 34 49.87 -18.85 -0.36
N THR G 35 49.58 -19.02 0.93
CA THR G 35 50.63 -19.10 1.94
C THR G 35 51.08 -20.55 2.17
N GLN G 36 50.29 -21.50 1.70
CA GLN G 36 50.53 -22.93 1.91
C GLN G 36 50.60 -23.28 3.39
N GLU G 37 50.00 -22.44 4.22
CA GLU G 37 49.94 -22.66 5.66
C GLU G 37 48.74 -23.51 6.03
N ILE G 38 48.92 -24.39 7.00
CA ILE G 38 47.81 -25.19 7.53
C ILE G 38 47.14 -24.43 8.67
N ARG G 39 45.87 -24.05 8.46
CA ARG G 39 45.17 -23.19 9.39
C ARG G 39 43.78 -23.70 9.73
N PRO G 40 43.41 -23.65 11.02
CA PRO G 40 42.04 -24.04 11.39
C PRO G 40 41.05 -22.94 11.05
N VAL G 41 39.87 -23.32 10.56
CA VAL G 41 38.87 -22.35 10.15
C VAL G 41 37.52 -22.58 10.82
N ASN G 42 37.43 -23.62 11.65
CA ASN G 42 36.20 -23.89 12.36
C ASN G 42 36.40 -23.98 13.87
N THR G 43 35.41 -23.50 14.62
CA THR G 43 35.45 -23.54 16.07
C THR G 43 34.91 -24.88 16.58
N GLY G 44 35.70 -25.58 17.38
CA GLY G 44 35.23 -26.86 17.90
C GLY G 44 36.30 -27.73 18.49
N VAL G 45 36.16 -29.04 18.32
CA VAL G 45 37.09 -29.98 18.92
C VAL G 45 38.01 -30.62 17.89
N LEU G 46 39.32 -30.43 18.11
CA LEU G 46 40.34 -31.01 17.24
C LEU G 46 40.63 -32.44 17.61
N HIS G 47 40.63 -33.22 16.55
CA HIS G 47 40.47 -34.66 16.50
C HIS G 47 41.60 -35.22 15.63
N VAL G 48 42.51 -35.97 16.26
CA VAL G 48 43.63 -36.58 15.53
C VAL G 48 43.60 -38.10 15.69
N SER G 49 43.41 -38.79 14.57
CA SER G 49 43.37 -40.24 14.58
C SER G 49 44.77 -40.79 14.82
N ALA G 50 44.85 -42.03 15.31
CA ALA G 50 46.11 -42.64 15.75
C ALA G 50 47.21 -42.59 14.68
N LYS G 51 47.09 -43.42 13.66
CA LYS G 51 48.02 -43.43 12.52
C LYS G 51 47.56 -44.42 11.45
N GLY G 52 48.50 -44.95 10.69
CA GLY G 52 48.20 -45.89 9.63
C GLY G 52 48.74 -45.43 8.29
N LYS G 53 48.80 -46.34 7.32
CA LYS G 53 49.27 -46.02 5.98
C LYS G 53 48.57 -46.87 4.93
N VAL G 56 50.29 -42.10 8.30
CA VAL G 56 49.51 -40.88 8.13
C VAL G 56 48.29 -40.84 9.06
N GLN G 57 48.12 -39.72 9.75
CA GLN G 57 47.00 -39.51 10.67
C GLN G 57 45.99 -38.51 10.10
N THR G 58 44.71 -38.64 10.48
CA THR G 58 43.70 -37.69 10.04
C THR G 58 43.52 -36.59 11.07
N ALA G 59 43.67 -35.33 10.66
CA ALA G 59 43.33 -34.25 11.59
C ALA G 59 42.05 -33.57 11.13
N TYR G 60 41.01 -33.61 11.97
CA TYR G 60 39.78 -32.92 11.64
C TYR G 60 39.19 -32.22 12.86
N ILE G 61 38.33 -31.25 12.62
CA ILE G 61 37.69 -30.49 13.67
C ILE G 61 36.19 -30.74 13.68
N ASP G 62 35.72 -31.43 14.72
CA ASP G 62 34.29 -31.61 14.92
C ASP G 62 33.70 -30.30 15.39
N TYR G 63 32.79 -29.75 14.60
CA TYR G 63 32.15 -28.48 14.95
C TYR G 63 30.63 -28.56 14.81
N SER G 64 29.94 -27.78 15.63
CA SER G 64 28.49 -27.72 15.59
C SER G 64 28.02 -27.07 14.30
N SER G 65 27.25 -27.81 13.52
CA SER G 65 26.71 -27.30 12.27
C SER G 65 25.30 -27.80 12.04
N LYS G 66 24.51 -27.01 11.35
CA LYS G 66 23.14 -27.36 11.05
C LYS G 66 22.98 -27.50 9.53
N ARG G 67 23.90 -26.87 8.80
CA ARG G 67 23.84 -26.86 7.34
C ARG G 67 24.73 -27.94 6.73
N TYR G 68 24.12 -28.83 5.96
CA TYR G 68 24.84 -29.93 5.35
C TYR G 68 25.56 -29.53 4.07
N ILE G 69 26.79 -30.01 3.92
CA ILE G 69 27.54 -29.83 2.69
C ILE G 69 27.93 -31.20 2.15
N PRO G 70 27.47 -31.52 0.92
CA PRO G 70 27.65 -32.85 0.31
C PRO G 70 29.10 -33.31 0.22
N SER G 71 29.38 -34.49 0.75
CA SER G 71 30.68 -35.13 0.60
C SER G 71 30.47 -36.59 0.24
N VAL G 72 31.37 -37.15 -0.56
CA VAL G 72 31.19 -38.50 -1.09
C VAL G 72 31.08 -39.55 0.02
N ASN G 73 30.38 -40.64 -0.31
CA ASN G 73 30.17 -41.78 0.60
C ASN G 73 29.23 -41.45 1.77
N ASP G 74 28.61 -40.27 1.74
CA ASP G 74 27.64 -39.91 2.76
C ASP G 74 26.28 -40.53 2.46
N PHE G 75 25.61 -41.03 3.48
CA PHE G 75 24.25 -41.54 3.35
C PHE G 75 23.27 -40.41 3.63
N VAL G 76 22.49 -40.03 2.63
CA VAL G 76 21.60 -38.88 2.75
C VAL G 76 20.15 -39.23 2.45
N ILE G 77 19.24 -38.47 3.04
CA ILE G 77 17.82 -38.56 2.77
C ILE G 77 17.35 -37.31 2.04
N GLY G 78 16.98 -37.46 0.77
CA GLY G 78 16.52 -36.34 -0.03
C GLY G 78 15.04 -36.42 -0.36
N VAL G 79 14.51 -35.34 -0.90
CA VAL G 79 13.14 -35.34 -1.39
C VAL G 79 13.11 -34.91 -2.84
N ILE G 80 12.42 -35.68 -3.68
CA ILE G 80 12.30 -35.36 -5.10
C ILE G 80 11.49 -34.10 -5.31
N ILE G 81 12.09 -33.10 -5.94
CA ILE G 81 11.43 -31.82 -6.17
C ILE G 81 11.27 -31.51 -7.66
N GLY G 82 11.83 -32.36 -8.51
CA GLY G 82 11.76 -32.15 -9.94
C GLY G 82 12.13 -33.36 -10.76
N THR G 83 11.61 -33.42 -11.98
CA THR G 83 11.91 -34.52 -12.90
C THR G 83 12.51 -33.96 -14.20
N PHE G 84 13.67 -34.49 -14.58
CA PHE G 84 14.33 -34.05 -15.80
C PHE G 84 14.36 -35.15 -16.86
N SER G 85 15.15 -34.94 -17.90
CA SER G 85 15.24 -35.88 -19.00
C SER G 85 15.92 -37.17 -18.60
N ASP G 86 17.06 -37.06 -17.91
CA ASP G 86 17.81 -38.23 -17.51
C ASP G 86 18.15 -38.25 -16.02
N SER G 87 17.46 -37.43 -15.23
CA SER G 87 17.76 -37.34 -13.81
C SER G 87 16.65 -36.72 -12.97
N TYR G 88 16.73 -36.95 -11.66
CA TYR G 88 15.85 -36.32 -10.69
C TYR G 88 16.54 -35.11 -10.07
N LYS G 89 15.76 -34.08 -9.79
CA LYS G 89 16.20 -32.95 -8.98
C LYS G 89 15.81 -33.24 -7.54
N VAL G 90 16.80 -33.27 -6.65
CA VAL G 90 16.57 -33.70 -5.27
C VAL G 90 16.98 -32.61 -4.28
N SER G 91 16.24 -32.50 -3.18
CA SER G 91 16.59 -31.57 -2.13
C SER G 91 17.03 -32.31 -0.87
N LEU G 92 18.27 -32.06 -0.44
CA LEU G 92 18.79 -32.67 0.77
C LEU G 92 18.48 -31.80 1.98
N GLN G 93 18.17 -30.54 1.71
CA GLN G 93 17.86 -29.58 2.76
C GLN G 93 17.22 -28.34 2.13
N ASN G 94 16.20 -27.79 2.78
CA ASN G 94 15.56 -26.58 2.29
C ASN G 94 16.55 -25.44 2.12
N PHE G 95 16.36 -24.67 1.04
CA PHE G 95 17.17 -23.48 0.71
C PHE G 95 18.57 -23.83 0.22
N SER G 96 18.93 -25.11 0.27
CA SER G 96 20.24 -25.54 -0.22
C SER G 96 20.22 -25.82 -1.71
N SER G 97 21.39 -25.81 -2.33
CA SER G 97 21.52 -26.17 -3.73
C SER G 97 21.10 -27.62 -3.93
N SER G 98 20.28 -27.86 -4.96
CA SER G 98 19.75 -29.20 -5.21
C SER G 98 20.85 -30.16 -5.68
N VAL G 99 20.51 -31.45 -5.66
CA VAL G 99 21.44 -32.53 -5.99
C VAL G 99 20.82 -33.38 -7.11
N SER G 100 21.65 -33.91 -7.99
CA SER G 100 21.16 -34.70 -9.12
C SER G 100 21.13 -36.20 -8.81
N LEU G 101 20.05 -36.86 -9.21
CA LEU G 101 19.95 -38.32 -9.05
C LEU G 101 19.63 -38.98 -10.39
N SER G 102 20.66 -39.52 -11.04
CA SER G 102 20.50 -40.10 -12.37
C SER G 102 19.42 -41.18 -12.46
N TYR G 103 18.76 -41.23 -13.60
CA TYR G 103 17.78 -42.28 -13.87
C TYR G 103 18.49 -43.63 -14.02
N MET G 104 19.70 -43.59 -14.56
CA MET G 104 20.53 -44.79 -14.66
C MET G 104 20.99 -45.27 -13.28
N ALA G 105 20.96 -44.36 -12.31
CA ALA G 105 21.50 -44.65 -10.98
C ALA G 105 20.54 -45.47 -10.12
N PHE G 106 20.10 -46.60 -10.66
CA PHE G 106 19.18 -47.48 -9.94
C PHE G 106 19.46 -48.94 -10.29
N PRO G 107 19.08 -49.87 -9.39
CA PRO G 107 19.26 -51.29 -9.71
C PRO G 107 18.31 -51.76 -10.80
N ASN G 108 18.80 -52.61 -11.70
CA ASN G 108 18.03 -53.11 -12.83
C ASN G 108 17.45 -51.97 -13.68
N ALA G 109 18.27 -50.97 -13.94
CA ALA G 109 17.80 -49.78 -14.65
C ALA G 109 18.42 -49.65 -16.03
N SER G 110 17.57 -49.45 -17.02
CA SER G 110 18.01 -49.21 -18.39
C SER G 110 17.22 -48.05 -18.97
N LYS G 111 17.44 -47.73 -20.23
CA LYS G 111 16.70 -46.64 -20.87
C LYS G 111 15.25 -47.05 -21.10
N LYS G 112 15.00 -48.36 -21.16
CA LYS G 112 13.66 -48.89 -21.35
C LYS G 112 12.95 -49.04 -20.00
N ASN G 113 13.70 -49.43 -18.98
CA ASN G 113 13.15 -49.60 -17.64
C ASN G 113 13.52 -48.45 -16.70
N ARG G 114 12.55 -47.58 -16.43
CA ARG G 114 12.81 -46.39 -15.62
C ARG G 114 12.29 -46.53 -14.20
N PRO G 115 12.91 -45.80 -13.25
CA PRO G 115 12.45 -45.81 -11.86
C PRO G 115 11.11 -45.11 -11.68
N THR G 116 10.33 -45.57 -10.70
CA THR G 116 9.00 -45.03 -10.45
C THR G 116 8.97 -44.13 -9.22
N LEU G 117 9.68 -43.02 -9.27
CA LEU G 117 9.67 -42.06 -8.18
C LEU G 117 9.07 -40.74 -8.62
N GLN G 118 8.18 -40.19 -7.81
CA GLN G 118 7.48 -38.96 -8.13
C GLN G 118 7.98 -37.79 -7.29
N VAL G 119 7.58 -36.59 -7.68
CA VAL G 119 7.88 -35.39 -6.91
C VAL G 119 7.22 -35.49 -5.53
N GLY G 120 8.02 -35.30 -4.49
CA GLY G 120 7.52 -35.37 -3.13
C GLY G 120 7.89 -36.67 -2.42
N ASP G 121 8.52 -37.59 -3.15
CA ASP G 121 8.93 -38.86 -2.58
C ASP G 121 10.25 -38.73 -1.80
N LEU G 122 10.36 -39.48 -0.70
CA LEU G 122 11.61 -39.54 0.05
C LEU G 122 12.53 -40.56 -0.58
N VAL G 123 13.78 -40.17 -0.79
CA VAL G 123 14.76 -41.09 -1.31
C VAL G 123 15.94 -41.21 -0.35
N TYR G 124 16.36 -42.45 -0.10
CA TYR G 124 17.54 -42.73 0.71
C TYR G 124 18.65 -43.13 -0.25
N ALA G 125 19.72 -42.34 -0.27
CA ALA G 125 20.75 -42.47 -1.28
C ALA G 125 22.16 -42.27 -0.74
N ARG G 126 23.16 -42.51 -1.59
CA ARG G 126 24.55 -42.29 -1.25
C ARG G 126 25.17 -41.22 -2.14
N VAL G 127 25.80 -40.23 -1.54
CA VAL G 127 26.52 -39.20 -2.30
C VAL G 127 27.71 -39.84 -3.02
N CYS G 128 27.58 -40.01 -4.33
CA CYS G 128 28.63 -40.67 -5.11
C CYS G 128 29.62 -39.66 -5.67
N THR G 129 29.14 -38.45 -5.95
CA THR G 129 30.01 -37.40 -6.49
C THR G 129 29.74 -36.07 -5.80
N ALA G 130 30.80 -35.43 -5.33
CA ALA G 130 30.69 -34.15 -4.62
C ALA G 130 31.82 -33.22 -5.01
N GLU G 131 32.00 -33.00 -6.31
CA GLU G 131 33.02 -32.09 -6.80
C GLU G 131 32.68 -30.66 -6.40
N LYS G 132 33.71 -29.86 -6.16
CA LYS G 132 33.53 -28.48 -5.70
C LYS G 132 33.14 -27.54 -6.83
N GLU G 133 33.23 -28.03 -8.07
CA GLU G 133 32.88 -27.22 -9.23
C GLU G 133 31.54 -27.64 -9.82
N LEU G 134 31.07 -28.83 -9.45
CA LEU G 134 29.86 -29.38 -10.05
C LEU G 134 28.75 -29.58 -9.04
N GLU G 135 27.53 -29.73 -9.55
CA GLU G 135 26.39 -30.12 -8.74
C GLU G 135 26.63 -31.52 -8.17
N ALA G 136 26.29 -31.72 -6.91
CA ALA G 136 26.48 -33.02 -6.26
C ALA G 136 25.61 -34.08 -6.90
N GLU G 137 26.06 -35.33 -6.84
CA GLU G 137 25.33 -36.46 -7.41
C GLU G 137 25.13 -37.55 -6.37
N ILE G 138 23.91 -38.10 -6.32
CA ILE G 138 23.62 -39.21 -5.42
C ILE G 138 23.22 -40.45 -6.21
N GLU G 139 23.16 -41.59 -5.52
CA GLU G 139 22.85 -42.85 -6.19
C GLU G 139 22.05 -43.78 -5.27
N CYS G 140 21.31 -44.70 -5.87
CA CYS G 140 20.49 -45.63 -5.11
C CYS G 140 20.86 -47.08 -5.42
N PHE G 141 22.15 -47.31 -5.62
CA PHE G 141 22.64 -48.63 -5.99
C PHE G 141 24.14 -48.74 -5.74
N ASP G 142 24.67 -49.97 -5.78
CA ASP G 142 26.11 -50.16 -5.70
C ASP G 142 26.69 -49.81 -7.06
N SER G 143 27.49 -48.75 -7.10
CA SER G 143 28.07 -48.26 -8.35
C SER G 143 28.92 -49.33 -9.05
N THR G 144 29.48 -50.24 -8.26
CA THR G 144 30.36 -51.28 -8.78
C THR G 144 29.57 -52.39 -9.49
N THR G 145 28.68 -53.03 -8.75
CA THR G 145 27.96 -54.19 -9.27
C THR G 145 26.66 -53.81 -10.00
N GLY G 146 26.01 -52.75 -9.52
CA GLY G 146 24.80 -52.26 -10.15
C GLY G 146 23.53 -52.83 -9.54
N ARG G 147 23.66 -53.50 -8.41
CA ARG G 147 22.49 -54.06 -7.73
C ARG G 147 22.11 -53.25 -6.51
N ASP G 148 21.01 -53.61 -5.88
CA ASP G 148 20.48 -52.88 -4.74
C ASP G 148 21.48 -52.85 -3.57
N ALA G 149 21.67 -51.68 -2.99
CA ALA G 149 22.60 -51.51 -1.87
C ALA G 149 21.89 -50.94 -0.65
N GLY G 150 20.62 -51.30 -0.48
CA GLY G 150 19.85 -50.87 0.66
C GLY G 150 19.34 -49.44 0.53
N PHE G 151 19.39 -48.92 -0.69
CA PHE G 151 18.92 -47.57 -0.98
C PHE G 151 17.57 -47.61 -1.68
N GLY G 152 16.91 -46.45 -1.78
CA GLY G 152 15.65 -46.37 -2.49
C GLY G 152 14.57 -45.56 -1.79
N ILE G 153 13.31 -45.82 -2.15
CA ILE G 153 12.21 -45.00 -1.66
C ILE G 153 11.92 -45.23 -0.17
N LEU G 154 11.49 -44.18 0.50
CA LEU G 154 11.02 -44.27 1.89
C LEU G 154 9.54 -43.90 1.93
N GLU G 155 8.70 -44.86 2.29
CA GLU G 155 7.25 -44.68 2.18
C GLU G 155 6.53 -44.53 3.53
N ASP G 156 5.62 -43.57 3.59
CA ASP G 156 4.66 -43.42 4.68
C ASP G 156 5.27 -43.26 6.07
N GLY G 157 6.44 -42.64 6.15
CA GLY G 157 7.06 -42.46 7.45
C GLY G 157 6.89 -41.06 7.98
N MET G 158 7.77 -40.65 8.87
CA MET G 158 7.84 -39.26 9.29
C MET G 158 9.29 -38.83 9.31
N ILE G 159 9.54 -37.62 8.84
CA ILE G 159 10.89 -37.10 8.75
C ILE G 159 11.16 -36.16 9.92
N ILE G 160 12.41 -36.11 10.36
CA ILE G 160 12.80 -35.31 11.52
C ILE G 160 14.03 -34.51 11.20
N ASP G 161 13.92 -33.18 11.34
CA ASP G 161 15.07 -32.31 11.14
C ASP G 161 15.97 -32.35 12.37
N VAL G 162 17.27 -32.46 12.14
CA VAL G 162 18.22 -32.64 13.23
C VAL G 162 19.58 -32.05 12.84
N ASN G 163 20.38 -31.65 13.82
CA ASN G 163 21.68 -31.08 13.52
C ASN G 163 22.64 -32.17 13.06
N LEU G 164 23.68 -31.77 12.32
CA LEU G 164 24.60 -32.72 11.70
C LEU G 164 25.32 -33.61 12.71
N ASN G 165 25.76 -33.02 13.81
CA ASN G 165 26.46 -33.75 14.85
C ASN G 165 25.64 -34.90 15.42
N PHE G 166 24.36 -34.63 15.67
CA PHE G 166 23.43 -35.64 16.19
C PHE G 166 23.28 -36.81 15.22
N ALA G 167 23.14 -36.50 13.93
CA ALA G 167 22.95 -37.51 12.91
C ALA G 167 24.21 -38.37 12.74
N ARG G 168 25.37 -37.72 12.68
CA ARG G 168 26.64 -38.43 12.54
C ARG G 168 26.85 -39.34 13.75
N GLN G 169 26.51 -38.82 14.93
CA GLN G 169 26.61 -39.58 16.16
C GLN G 169 25.64 -40.76 16.12
N LEU G 170 24.52 -40.58 15.45
CA LEU G 170 23.49 -41.60 15.38
C LEU G 170 23.87 -42.72 14.43
N LEU G 171 24.57 -42.37 13.36
CA LEU G 171 24.95 -43.36 12.36
C LEU G 171 26.22 -44.10 12.72
N PHE G 172 27.19 -43.41 13.33
CA PHE G 172 28.51 -43.99 13.54
C PHE G 172 28.76 -44.49 14.97
N ASN G 173 28.27 -43.77 15.96
CA ASN G 173 28.52 -44.15 17.36
C ASN G 173 27.51 -45.18 17.86
N ASN G 174 28.00 -46.39 18.13
CA ASN G 174 27.14 -47.49 18.56
C ASN G 174 26.82 -47.43 20.06
N ASP G 175 27.54 -46.59 20.79
CA ASP G 175 27.31 -46.41 22.22
C ASP G 175 26.23 -45.37 22.47
N PHE G 176 25.65 -44.85 21.40
CA PHE G 176 24.56 -43.89 21.48
C PHE G 176 23.27 -44.62 21.81
N PRO G 177 22.60 -44.21 22.91
CA PRO G 177 21.49 -44.96 23.49
C PRO G 177 20.11 -44.67 22.90
N LEU G 178 19.98 -43.63 22.07
CA LEU G 178 18.68 -43.23 21.54
C LEU G 178 17.97 -44.35 20.80
N LEU G 179 18.69 -45.01 19.90
CA LEU G 179 18.12 -46.14 19.17
C LEU G 179 17.74 -47.27 20.14
N LYS G 180 18.56 -47.47 21.16
CA LYS G 180 18.31 -48.52 22.14
C LYS G 180 17.10 -48.21 23.01
N VAL G 181 16.97 -46.96 23.44
CA VAL G 181 15.83 -46.59 24.29
C VAL G 181 14.56 -46.52 23.47
N LEU G 182 14.69 -46.32 22.16
CA LEU G 182 13.54 -46.37 21.26
C LEU G 182 13.09 -47.81 21.07
N ALA G 183 14.07 -48.71 20.87
CA ALA G 183 13.79 -50.13 20.67
C ALA G 183 13.16 -50.73 21.92
N ALA G 184 13.42 -50.11 23.07
CA ALA G 184 12.88 -50.58 24.34
C ALA G 184 11.37 -50.41 24.42
N HIS G 185 10.83 -49.48 23.62
CA HIS G 185 9.41 -49.18 23.68
C HIS G 185 8.61 -49.74 22.50
N THR G 186 9.13 -49.60 21.29
CA THR G 186 8.43 -50.11 20.10
C THR G 186 9.37 -50.61 19.02
N LYS G 187 8.81 -51.37 18.09
CA LYS G 187 9.50 -51.77 16.87
C LYS G 187 9.40 -50.63 15.87
N PHE G 188 10.50 -50.32 15.18
CA PHE G 188 10.51 -49.20 14.26
C PHE G 188 11.54 -49.37 13.15
N GLU G 189 11.27 -48.75 12.01
CA GLU G 189 12.24 -48.65 10.93
C GLU G 189 12.84 -47.25 10.96
N VAL G 190 14.15 -47.18 10.77
CA VAL G 190 14.82 -45.89 10.81
C VAL G 190 15.81 -45.76 9.65
N ALA G 191 15.84 -44.59 9.03
CA ALA G 191 16.84 -44.25 8.04
C ALA G 191 17.58 -43.00 8.51
N ILE G 192 18.90 -43.10 8.55
CA ILE G 192 19.70 -41.98 9.05
C ILE G 192 20.42 -41.28 7.92
N GLY G 193 20.13 -39.98 7.78
CA GLY G 193 20.74 -39.17 6.75
C GLY G 193 21.63 -38.09 7.33
N LEU G 194 22.93 -38.20 6.99
CA LEU G 194 23.96 -37.27 7.46
C LEU G 194 23.68 -35.82 7.08
N ASN G 195 22.71 -35.61 6.18
CA ASN G 195 22.29 -34.26 5.83
C ASN G 195 21.40 -33.65 6.91
N GLY G 196 21.25 -34.38 8.02
CA GLY G 196 20.49 -33.88 9.15
C GLY G 196 19.04 -34.29 9.06
N LYS G 197 18.79 -35.46 8.49
CA LYS G 197 17.41 -35.92 8.34
C LYS G 197 17.26 -37.33 8.90
N ILE G 198 16.26 -37.51 9.76
CA ILE G 198 16.01 -38.85 10.29
C ILE G 198 14.61 -39.33 9.95
N TRP G 199 14.54 -40.44 9.21
CA TRP G 199 13.26 -41.02 8.81
C TRP G 199 12.84 -42.13 9.78
N VAL G 200 11.61 -42.09 10.26
CA VAL G 200 11.11 -43.08 11.21
C VAL G 200 9.73 -43.59 10.82
N LYS G 201 9.55 -44.91 10.84
CA LYS G 201 8.21 -45.45 10.60
C LYS G 201 7.90 -46.65 11.51
N CYS G 202 6.79 -46.54 12.24
CA CYS G 202 6.28 -47.66 13.04
C CYS G 202 5.01 -48.20 12.41
N GLU G 203 4.59 -49.37 12.85
CA GLU G 203 3.35 -49.99 12.35
C GLU G 203 2.16 -49.14 12.74
N GLU G 204 2.17 -48.60 13.96
CA GLU G 204 1.10 -47.75 14.46
C GLU G 204 1.51 -46.28 14.42
N LEU G 205 0.59 -45.41 13.98
CA LEU G 205 0.85 -43.98 13.87
C LEU G 205 1.25 -43.37 15.22
N SER G 206 0.58 -43.82 16.27
CA SER G 206 0.85 -43.37 17.63
C SER G 206 2.33 -43.52 18.00
N ASN G 207 2.87 -44.70 17.73
CA ASN G 207 4.25 -45.02 18.05
C ASN G 207 5.24 -44.19 17.24
N THR G 208 4.93 -43.96 15.97
CA THR G 208 5.78 -43.14 15.12
C THR G 208 5.80 -41.71 15.65
N LEU G 209 4.63 -41.21 16.04
CA LEU G 209 4.52 -39.89 16.63
C LEU G 209 5.38 -39.78 17.90
N ALA G 210 5.25 -40.79 18.76
CA ALA G 210 6.05 -40.86 19.98
C ALA G 210 7.55 -40.80 19.66
N CYS G 211 8.00 -41.62 18.72
CA CYS G 211 9.38 -41.59 18.23
C CYS G 211 9.79 -40.20 17.76
N TYR G 212 8.94 -39.54 16.98
CA TYR G 212 9.23 -38.21 16.48
C TYR G 212 9.49 -37.25 17.63
N ARG G 213 8.52 -37.17 18.53
CA ARG G 213 8.59 -36.28 19.68
C ARG G 213 9.84 -36.52 20.53
N THR G 214 10.10 -37.79 20.86
CA THR G 214 11.23 -38.08 21.73
C THR G 214 12.57 -37.86 21.03
N ILE G 215 12.63 -38.12 19.72
CA ILE G 215 13.86 -37.89 18.98
C ILE G 215 14.18 -36.40 18.90
N MET G 216 13.15 -35.58 18.64
CA MET G 216 13.39 -34.14 18.58
C MET G 216 13.77 -33.56 19.95
N GLU G 217 13.04 -33.96 21.00
CA GLU G 217 13.38 -33.50 22.34
C GLU G 217 14.79 -33.94 22.74
N CYS G 218 15.15 -35.17 22.40
CA CYS G 218 16.51 -35.65 22.64
C CYS G 218 17.53 -34.83 21.86
N CYS G 219 17.16 -34.39 20.67
CA CYS G 219 18.06 -33.57 19.86
C CYS G 219 18.30 -32.21 20.51
N GLN G 220 17.27 -31.63 21.10
CA GLN G 220 17.44 -30.30 21.70
C GLN G 220 18.27 -30.33 22.98
N LYS G 221 18.31 -31.48 23.66
CA LYS G 221 19.05 -31.62 24.91
C LYS G 221 20.46 -32.15 24.69
N ASN G 222 21.44 -31.49 25.30
CA ASN G 222 22.84 -31.88 25.14
C ASN G 222 23.20 -33.14 25.93
N ASP G 223 22.58 -33.30 27.10
CA ASP G 223 22.88 -34.43 27.97
C ASP G 223 22.35 -35.73 27.37
N THR G 224 23.22 -36.74 27.32
CA THR G 224 22.92 -38.02 26.70
C THR G 224 22.12 -38.94 27.63
N ALA G 225 22.45 -38.91 28.92
CA ALA G 225 21.84 -39.81 29.90
C ALA G 225 20.35 -39.55 30.11
N ALA G 226 19.89 -38.36 29.75
CA ALA G 226 18.48 -37.98 29.95
C ALA G 226 17.53 -38.76 29.04
N PHE G 227 18.05 -39.18 27.89
CA PHE G 227 17.27 -39.80 26.81
C PHE G 227 16.20 -40.77 27.30
N LYS G 228 16.65 -41.81 28.01
CA LYS G 228 15.75 -42.81 28.58
C LYS G 228 14.52 -42.16 29.21
N ASP G 229 14.76 -41.30 30.20
CA ASP G 229 13.69 -40.59 30.90
C ASP G 229 12.73 -39.95 29.89
N ILE G 230 13.28 -39.15 28.98
CA ILE G 230 12.50 -38.48 27.96
C ILE G 230 11.61 -39.48 27.25
N ALA G 231 12.25 -40.55 26.75
CA ALA G 231 11.55 -41.59 26.02
C ALA G 231 10.36 -42.06 26.84
N LYS G 232 10.62 -42.37 28.11
CA LYS G 232 9.58 -42.81 29.04
C LYS G 232 8.41 -41.83 29.00
N ARG G 233 8.70 -40.57 29.31
CA ARG G 233 7.67 -39.54 29.44
C ARG G 233 6.96 -39.35 28.12
N GLN G 234 7.67 -39.67 27.03
CA GLN G 234 7.10 -39.44 25.72
C GLN G 234 6.26 -40.64 25.29
N PHE G 235 6.64 -41.83 25.75
CA PHE G 235 5.88 -43.01 25.37
C PHE G 235 4.78 -43.31 26.37
N LYS G 236 4.72 -42.50 27.43
CA LYS G 236 3.58 -42.51 28.33
C LYS G 236 2.36 -41.92 27.63
N GLU G 237 2.60 -41.40 26.43
CA GLU G 237 1.56 -40.90 25.53
C GLU G 237 0.78 -39.75 26.16
N ILE G 238 1.50 -38.75 26.63
CA ILE G 238 0.86 -37.54 27.15
C ILE G 238 0.38 -36.72 25.96
N LEU G 239 -0.92 -36.39 25.97
CA LEU G 239 -1.63 -35.71 24.87
C LEU G 239 -1.03 -35.89 23.48
N ASP H 8 -32.57 -29.79 -27.83
CA ASP H 8 -31.43 -30.61 -28.19
C ASP H 8 -30.89 -31.37 -26.98
N SER H 9 -29.89 -30.79 -26.32
CA SER H 9 -29.27 -31.41 -25.16
C SER H 9 -29.65 -30.68 -23.88
N GLN H 10 -29.36 -31.32 -22.75
CA GLN H 10 -29.63 -30.72 -21.45
C GLN H 10 -28.61 -29.64 -21.12
N ILE H 11 -29.09 -28.42 -20.90
CA ILE H 11 -28.23 -27.31 -20.50
C ILE H 11 -27.97 -27.32 -18.99
N VAL H 12 -26.71 -27.40 -18.61
CA VAL H 12 -26.37 -27.44 -17.19
C VAL H 12 -25.38 -26.35 -16.78
N THR H 13 -25.40 -26.01 -15.49
CA THR H 13 -24.52 -24.98 -14.95
C THR H 13 -23.60 -25.59 -13.90
N PRO H 14 -22.49 -24.91 -13.57
CA PRO H 14 -21.57 -25.45 -12.55
C PRO H 14 -22.26 -25.79 -11.23
N GLY H 15 -21.93 -26.95 -10.67
CA GLY H 15 -22.46 -27.37 -9.40
C GLY H 15 -23.79 -28.07 -9.50
N GLU H 16 -24.32 -28.19 -10.72
CA GLU H 16 -25.61 -28.83 -10.91
C GLU H 16 -25.47 -30.34 -11.01
N LEU H 17 -26.39 -31.05 -10.35
CA LEU H 17 -26.42 -32.51 -10.43
C LEU H 17 -26.79 -32.96 -11.83
N VAL H 18 -25.91 -33.75 -12.45
CA VAL H 18 -26.15 -34.28 -13.79
C VAL H 18 -26.87 -35.62 -13.71
N THR H 19 -26.39 -36.49 -12.83
CA THR H 19 -27.00 -37.80 -12.63
C THR H 19 -26.57 -38.40 -11.30
N ASP H 20 -27.47 -39.16 -10.68
CA ASP H 20 -27.16 -39.84 -9.42
C ASP H 20 -26.68 -41.26 -9.69
N ASP H 21 -26.58 -41.59 -10.97
CA ASP H 21 -26.14 -42.91 -11.40
C ASP H 21 -24.62 -43.00 -11.46
N PRO H 22 -24.04 -44.06 -10.86
CA PRO H 22 -22.59 -44.24 -10.82
C PRO H 22 -22.02 -45.07 -11.98
N ILE H 23 -22.88 -45.61 -12.84
CA ILE H 23 -22.42 -46.44 -13.96
C ILE H 23 -21.53 -45.68 -14.93
N TRP H 24 -21.87 -44.42 -15.18
CA TRP H 24 -21.19 -43.61 -16.18
C TRP H 24 -19.71 -43.38 -15.92
N MET H 25 -18.92 -43.39 -17.00
CA MET H 25 -17.57 -42.85 -16.97
C MET H 25 -17.73 -41.34 -17.04
N ARG H 26 -16.71 -40.60 -16.60
CA ARG H 26 -16.86 -39.15 -16.48
C ARG H 26 -15.80 -38.38 -17.24
N GLY H 27 -16.24 -37.64 -18.25
CA GLY H 27 -15.33 -36.87 -19.08
C GLY H 27 -15.18 -35.45 -18.60
N HIS H 28 -14.75 -34.58 -19.51
CA HIS H 28 -14.52 -33.18 -19.18
C HIS H 28 -15.82 -32.47 -18.83
N GLY H 29 -15.72 -31.45 -17.98
CA GLY H 29 -16.88 -30.67 -17.59
C GLY H 29 -17.63 -31.26 -16.42
N THR H 30 -17.09 -32.33 -15.84
CA THR H 30 -17.75 -32.99 -14.72
C THR H 30 -16.80 -33.29 -13.57
N TYR H 31 -17.36 -33.36 -12.37
CA TYR H 31 -16.66 -33.93 -11.23
C TYR H 31 -17.66 -34.79 -10.48
N PHE H 32 -17.24 -35.55 -9.48
CA PHE H 32 -18.20 -36.44 -8.84
C PHE H 32 -17.91 -36.79 -7.39
N LEU H 33 -18.99 -37.03 -6.66
CA LEU H 33 -18.93 -37.51 -5.30
C LEU H 33 -19.76 -38.79 -5.19
N ASP H 34 -19.07 -39.91 -5.00
CA ASP H 34 -19.70 -41.23 -5.02
C ASP H 34 -20.49 -41.43 -6.31
N ASN H 35 -21.79 -41.63 -6.17
CA ASN H 35 -22.66 -41.84 -7.33
C ASN H 35 -23.14 -40.53 -7.94
N MET H 36 -23.00 -39.45 -7.19
CA MET H 36 -23.43 -38.14 -7.65
C MET H 36 -22.46 -37.52 -8.65
N THR H 37 -22.96 -37.10 -9.80
CA THR H 37 -22.13 -36.46 -10.81
C THR H 37 -22.56 -35.01 -11.06
N TYR H 38 -21.63 -34.08 -10.86
CA TYR H 38 -21.92 -32.66 -11.01
C TYR H 38 -21.19 -32.03 -12.20
N SER H 39 -21.77 -30.95 -12.71
CA SER H 39 -21.17 -30.20 -13.81
C SER H 39 -20.16 -29.18 -13.28
N SER H 40 -19.07 -28.97 -14.02
CA SER H 40 -18.05 -28.02 -13.61
C SER H 40 -18.05 -26.78 -14.49
N VAL H 41 -18.86 -26.81 -15.55
CA VAL H 41 -18.94 -25.69 -16.49
C VAL H 41 -20.39 -25.39 -16.84
N ALA H 42 -20.59 -24.32 -17.61
CA ALA H 42 -21.89 -24.05 -18.19
C ALA H 42 -21.88 -24.54 -19.64
N GLY H 43 -22.74 -25.51 -19.94
CA GLY H 43 -22.78 -26.08 -21.27
C GLY H 43 -23.78 -27.21 -21.42
N THR H 44 -23.56 -28.02 -22.46
CA THR H 44 -24.50 -29.07 -22.81
C THR H 44 -24.03 -30.45 -22.36
N VAL H 45 -24.96 -31.24 -21.82
CA VAL H 45 -24.66 -32.61 -21.41
C VAL H 45 -24.43 -33.49 -22.63
N SER H 46 -23.36 -34.26 -22.60
CA SER H 46 -22.98 -35.13 -23.70
C SER H 46 -22.81 -36.57 -23.24
N ARG H 47 -23.55 -37.48 -23.89
CA ARG H 47 -23.44 -38.91 -23.60
C ARG H 47 -22.96 -39.66 -24.83
N VAL H 48 -21.69 -40.08 -24.80
CA VAL H 48 -21.14 -40.89 -25.89
C VAL H 48 -20.72 -42.24 -25.34
N ASN H 49 -21.46 -43.28 -25.69
CA ASN H 49 -21.30 -44.62 -25.10
C ASN H 49 -21.47 -44.55 -23.58
N ARG H 50 -20.42 -44.90 -22.85
CA ARG H 50 -20.47 -44.85 -21.39
C ARG H 50 -19.82 -43.57 -20.87
N LEU H 51 -19.28 -42.77 -21.80
CA LEU H 51 -18.62 -41.52 -21.42
C LEU H 51 -19.62 -40.38 -21.29
N LEU H 52 -19.79 -39.91 -20.06
CA LEU H 52 -20.63 -38.75 -19.78
C LEU H 52 -19.76 -37.53 -19.54
N SER H 53 -20.04 -36.45 -20.25
CA SER H 53 -19.28 -35.22 -20.08
C SER H 53 -20.16 -33.99 -20.25
N VAL H 54 -19.58 -32.82 -20.04
CA VAL H 54 -20.31 -31.57 -20.27
C VAL H 54 -19.48 -30.64 -21.14
N ILE H 55 -20.02 -30.30 -22.31
CA ILE H 55 -19.31 -29.47 -23.27
C ILE H 55 -19.62 -27.99 -23.07
N PRO H 56 -18.59 -27.19 -22.78
CA PRO H 56 -18.72 -25.75 -22.55
C PRO H 56 -19.17 -25.02 -23.81
N LEU H 57 -19.94 -23.95 -23.64
CA LEU H 57 -20.41 -23.16 -24.76
C LEU H 57 -19.24 -22.43 -25.42
N LYS H 58 -18.26 -22.08 -24.60
CA LYS H 58 -17.08 -21.36 -25.07
C LYS H 58 -15.82 -21.97 -24.50
N GLY H 59 -14.71 -21.83 -25.21
CA GLY H 59 -13.43 -22.34 -24.75
C GLY H 59 -12.36 -22.22 -25.81
N ARG H 60 -11.11 -22.18 -25.36
CA ARG H 60 -9.96 -22.11 -26.27
C ARG H 60 -9.81 -23.40 -27.06
N TYR H 61 -9.10 -23.31 -28.17
CA TYR H 61 -8.83 -24.48 -29.00
C TYR H 61 -8.07 -25.54 -28.21
N ALA H 62 -8.65 -26.74 -28.14
CA ALA H 62 -8.00 -27.87 -27.50
C ALA H 62 -7.44 -28.80 -28.58
N PRO H 63 -6.11 -28.78 -28.76
CA PRO H 63 -5.45 -29.58 -29.80
C PRO H 63 -5.71 -31.08 -29.68
N GLU H 64 -5.92 -31.72 -30.82
CA GLU H 64 -6.15 -33.16 -30.85
C GLU H 64 -5.20 -33.83 -31.84
N THR H 65 -4.84 -35.08 -31.56
CA THR H 65 -3.92 -35.81 -32.43
C THR H 65 -4.47 -35.96 -33.84
N GLY H 66 -3.70 -35.47 -34.82
CA GLY H 66 -4.08 -35.58 -36.20
C GLY H 66 -4.66 -34.29 -36.77
N ASP H 67 -4.81 -33.29 -35.91
CA ASP H 67 -5.37 -32.00 -36.32
C ASP H 67 -4.44 -31.25 -37.26
N HIS H 68 -5.03 -30.48 -38.16
CA HIS H 68 -4.29 -29.67 -39.11
C HIS H 68 -4.39 -28.20 -38.71
N VAL H 69 -3.28 -27.61 -38.28
CA VAL H 69 -3.34 -26.26 -37.75
C VAL H 69 -2.37 -25.29 -38.42
N VAL H 70 -2.68 -24.01 -38.28
CA VAL H 70 -1.77 -22.94 -38.67
C VAL H 70 -1.25 -22.30 -37.40
N GLY H 71 0.05 -22.06 -37.34
CA GLY H 71 0.64 -21.49 -36.14
C GLY H 71 1.74 -20.48 -36.41
N ARG H 72 2.09 -19.72 -35.37
CA ARG H 72 3.14 -18.72 -35.48
C ARG H 72 4.29 -19.05 -34.54
N ILE H 73 5.51 -18.99 -35.05
CA ILE H 73 6.69 -19.25 -34.24
C ILE H 73 6.81 -18.19 -33.13
N ALA H 74 6.68 -18.64 -31.89
CA ALA H 74 6.75 -17.74 -30.74
C ALA H 74 8.16 -17.72 -30.15
N GLU H 75 8.81 -18.88 -30.12
CA GLU H 75 10.11 -18.97 -29.46
C GLU H 75 11.06 -19.93 -30.16
N VAL H 76 12.33 -19.54 -30.25
CA VAL H 76 13.37 -20.43 -30.74
C VAL H 76 14.19 -20.94 -29.56
N GLY H 77 14.17 -22.25 -29.35
CA GLY H 77 14.81 -22.83 -28.18
C GLY H 77 15.80 -23.94 -28.46
N ASN H 78 15.93 -24.85 -27.49
CA ASN H 78 16.86 -25.96 -27.58
C ASN H 78 16.28 -27.14 -28.36
N LYS H 79 16.73 -27.31 -29.60
CA LYS H 79 16.31 -28.39 -30.48
C LYS H 79 14.80 -28.38 -30.75
N ARG H 80 14.17 -27.22 -30.57
CA ARG H 80 12.72 -27.14 -30.72
C ARG H 80 12.22 -25.71 -30.93
N TRP H 81 10.99 -25.59 -31.44
CA TRP H 81 10.32 -24.31 -31.59
C TRP H 81 9.09 -24.27 -30.70
N LYS H 82 8.76 -23.08 -30.20
CA LYS H 82 7.49 -22.87 -29.51
C LYS H 82 6.56 -22.11 -30.44
N VAL H 83 5.44 -22.74 -30.76
CA VAL H 83 4.49 -22.20 -31.74
C VAL H 83 3.16 -21.85 -31.10
N ASP H 84 2.67 -20.64 -31.41
CA ASP H 84 1.35 -20.21 -30.97
C ASP H 84 0.26 -20.77 -31.86
N ILE H 85 -0.63 -21.57 -31.28
CA ILE H 85 -1.74 -22.17 -32.00
C ILE H 85 -3.05 -21.50 -31.57
N GLY H 86 -3.01 -20.78 -30.47
CA GLY H 86 -4.18 -20.14 -29.93
C GLY H 86 -4.87 -20.99 -28.88
N GLY H 87 -4.18 -22.03 -28.43
CA GLY H 87 -4.69 -22.89 -27.39
C GLY H 87 -4.28 -22.40 -26.01
N LYS H 88 -4.50 -23.24 -25.00
CA LYS H 88 -4.17 -22.89 -23.63
C LYS H 88 -2.66 -22.82 -23.42
N GLN H 89 -1.91 -23.58 -24.23
CA GLN H 89 -0.46 -23.60 -24.10
C GLN H 89 0.21 -23.52 -25.46
N HIS H 90 1.44 -23.02 -25.48
CA HIS H 90 2.27 -23.06 -26.68
C HIS H 90 2.52 -24.50 -27.10
N ALA H 91 2.40 -24.78 -28.39
CA ALA H 91 2.73 -26.10 -28.91
C ALA H 91 4.23 -26.20 -29.15
N VAL H 92 4.76 -27.41 -29.18
CA VAL H 92 6.17 -27.58 -29.48
C VAL H 92 6.36 -28.16 -30.88
N LEU H 93 7.48 -27.80 -31.50
CA LEU H 93 7.85 -28.34 -32.79
C LEU H 93 9.29 -28.81 -32.71
N MET H 94 9.47 -30.11 -32.51
CA MET H 94 10.81 -30.69 -32.40
C MET H 94 11.60 -30.50 -33.69
N LEU H 95 12.91 -30.32 -33.54
CA LEU H 95 13.79 -30.16 -34.69
C LEU H 95 13.72 -31.38 -35.60
N GLY H 96 13.62 -32.56 -35.00
CA GLY H 96 13.54 -33.80 -35.75
C GLY H 96 12.15 -34.08 -36.27
N SER H 97 11.24 -33.13 -36.07
CA SER H 97 9.87 -33.28 -36.53
C SER H 97 9.58 -32.38 -37.73
N VAL H 98 10.63 -31.83 -38.32
CA VAL H 98 10.48 -31.00 -39.51
C VAL H 98 11.31 -31.57 -40.67
N ASN H 99 11.00 -31.10 -41.88
CA ASN H 99 11.80 -31.47 -43.05
C ASN H 99 12.92 -30.46 -43.28
N LEU H 100 14.13 -30.97 -43.49
CA LEU H 100 15.26 -30.12 -43.81
C LEU H 100 15.32 -29.91 -45.31
N PRO H 101 15.86 -28.78 -45.76
CA PRO H 101 15.92 -28.56 -47.21
C PRO H 101 16.60 -29.72 -47.93
N GLY H 102 15.79 -30.62 -48.48
CA GLY H 102 16.29 -31.70 -49.32
C GLY H 102 15.60 -33.03 -49.21
N GLY H 103 16.31 -34.07 -49.61
CA GLY H 103 15.79 -35.43 -49.50
C GLY H 103 16.03 -35.93 -48.10
N ILE H 104 15.52 -37.12 -47.83
CA ILE H 104 15.68 -37.80 -46.55
C ILE H 104 17.16 -37.92 -46.15
N LEU H 105 18.03 -37.93 -47.16
CA LEU H 105 19.43 -38.31 -47.02
C LEU H 105 20.22 -37.63 -45.88
N ARG H 106 20.05 -36.32 -45.70
CA ARG H 106 20.84 -35.62 -44.70
C ARG H 106 20.59 -36.17 -43.30
N ARG H 107 21.67 -36.49 -42.62
CA ARG H 107 21.61 -36.98 -41.26
C ARG H 107 21.60 -35.83 -40.27
N LYS H 108 21.26 -36.13 -39.02
CA LYS H 108 21.26 -35.14 -37.94
C LYS H 108 22.60 -34.41 -37.87
N SER H 109 22.56 -33.10 -37.77
CA SER H 109 23.76 -32.29 -37.65
C SER H 109 23.69 -31.43 -36.40
N GLU H 110 24.86 -30.96 -35.95
CA GLU H 110 24.92 -30.00 -34.86
C GLU H 110 24.90 -28.61 -35.47
N SER H 111 25.38 -28.51 -36.70
CA SER H 111 25.45 -27.24 -37.41
C SER H 111 24.06 -26.65 -37.68
N ASP H 112 23.17 -27.47 -38.21
CA ASP H 112 21.81 -27.00 -38.51
C ASP H 112 21.05 -26.69 -37.22
N GLU H 113 21.43 -27.35 -36.13
CA GLU H 113 20.92 -27.02 -34.81
C GLU H 113 21.34 -25.60 -34.42
N LEU H 114 22.50 -25.18 -34.91
CA LEU H 114 23.02 -23.86 -34.62
C LEU H 114 22.42 -22.79 -35.54
N GLN H 115 21.95 -23.22 -36.70
CA GLN H 115 21.31 -22.31 -37.65
C GLN H 115 19.81 -22.63 -37.80
N MET H 116 19.16 -22.95 -36.69
CA MET H 116 17.72 -23.20 -36.68
C MET H 116 16.93 -22.00 -37.18
N ARG H 117 17.44 -20.81 -36.87
CA ARG H 117 16.75 -19.56 -37.19
C ARG H 117 16.67 -19.32 -38.70
N SER H 118 17.52 -20.02 -39.47
CA SER H 118 17.51 -19.89 -40.92
C SER H 118 16.31 -20.62 -41.52
N PHE H 119 15.89 -21.70 -40.87
CA PHE H 119 14.71 -22.45 -41.29
C PHE H 119 13.45 -21.75 -40.79
N LEU H 120 13.35 -21.63 -39.46
CA LEU H 120 12.22 -20.96 -38.81
C LEU H 120 12.69 -19.98 -37.75
N LYS H 121 12.15 -18.77 -37.78
CA LYS H 121 12.50 -17.76 -36.80
C LYS H 121 11.25 -17.16 -36.16
N GLU H 122 11.46 -16.38 -35.11
CA GLU H 122 10.37 -15.72 -34.39
C GLU H 122 9.50 -14.88 -35.32
N GLY H 123 8.23 -15.26 -35.44
CA GLY H 123 7.29 -14.51 -36.25
C GLY H 123 6.78 -15.27 -37.46
N ASP H 124 7.55 -16.26 -37.91
CA ASP H 124 7.19 -17.05 -39.09
C ASP H 124 5.88 -17.79 -38.91
N LEU H 125 5.02 -17.71 -39.92
CA LEU H 125 3.80 -18.51 -39.97
C LEU H 125 4.08 -19.84 -40.64
N LEU H 126 3.52 -20.90 -40.09
CA LEU H 126 3.69 -22.22 -40.68
C LEU H 126 2.42 -23.04 -40.58
N ASN H 127 2.28 -23.96 -41.51
CA ASN H 127 1.19 -24.93 -41.50
C ASN H 127 1.73 -26.28 -41.02
N ALA H 128 1.08 -26.87 -40.02
CA ALA H 128 1.62 -28.07 -39.39
C ALA H 128 0.53 -29.03 -38.95
N GLU H 129 0.95 -30.23 -38.52
CA GLU H 129 0.02 -31.23 -38.01
C GLU H 129 0.32 -31.60 -36.57
N VAL H 130 -0.74 -31.80 -35.78
CA VAL H 130 -0.59 -32.26 -34.41
C VAL H 130 -0.28 -33.75 -34.38
N GLN H 131 1.00 -34.06 -34.18
CA GLN H 131 1.47 -35.44 -34.10
C GLN H 131 0.98 -36.15 -32.84
N SER H 132 1.20 -35.52 -31.69
CA SER H 132 0.80 -36.12 -30.41
C SER H 132 0.53 -35.05 -29.36
N LEU H 133 0.06 -35.48 -28.20
CA LEU H 133 -0.21 -34.56 -27.10
C LEU H 133 0.62 -34.91 -25.87
N PHE H 134 1.07 -33.88 -25.16
CA PHE H 134 1.72 -34.07 -23.88
C PHE H 134 0.68 -34.34 -22.81
N GLN H 135 1.12 -34.48 -21.57
CA GLN H 135 0.20 -34.81 -20.48
C GLN H 135 -0.73 -33.65 -20.15
N ASP H 136 -0.21 -32.43 -20.27
CA ASP H 136 -1.00 -31.23 -19.96
C ASP H 136 -2.01 -30.91 -21.06
N GLY H 137 -1.84 -31.55 -22.21
CA GLY H 137 -2.76 -31.36 -23.32
C GLY H 137 -2.18 -30.51 -24.43
N SER H 138 -0.98 -29.97 -24.20
CA SER H 138 -0.29 -29.19 -25.22
C SER H 138 0.10 -30.07 -26.40
N ALA H 139 0.20 -29.47 -27.57
CA ALA H 139 0.42 -30.22 -28.80
C ALA H 139 1.89 -30.36 -29.16
N SER H 140 2.26 -31.52 -29.68
CA SER H 140 3.53 -31.71 -30.33
C SER H 140 3.26 -31.69 -31.83
N LEU H 141 4.07 -30.93 -32.58
CA LEU H 141 3.79 -30.73 -34.00
C LEU H 141 4.80 -31.39 -34.93
N HIS H 142 4.38 -31.65 -36.16
CA HIS H 142 5.30 -32.07 -37.21
C HIS H 142 4.92 -31.42 -38.53
N THR H 143 5.93 -31.20 -39.37
CA THR H 143 5.75 -30.56 -40.66
C THR H 143 6.38 -31.36 -41.79
N ARG H 144 6.46 -32.67 -41.61
CA ARG H 144 7.22 -33.53 -42.50
C ARG H 144 6.59 -33.73 -43.88
N SER H 145 5.27 -33.61 -43.96
CA SER H 145 4.61 -33.69 -45.27
C SER H 145 4.97 -32.47 -46.12
N LEU H 146 4.93 -32.64 -47.44
CA LEU H 146 5.31 -31.59 -48.35
C LEU H 146 4.30 -30.43 -48.33
N LYS H 147 3.09 -30.71 -47.87
CA LYS H 147 2.05 -29.70 -47.77
C LYS H 147 2.23 -28.82 -46.53
N TYR H 148 3.08 -29.27 -45.62
CA TYR H 148 3.39 -28.51 -44.41
C TYR H 148 4.64 -27.65 -44.62
N GLY H 149 4.69 -26.50 -43.96
CA GLY H 149 5.84 -25.63 -44.04
C GLY H 149 5.53 -24.17 -43.81
N LYS H 150 6.51 -23.31 -44.05
CA LYS H 150 6.34 -21.87 -43.91
C LYS H 150 5.36 -21.32 -44.95
N LEU H 151 4.50 -20.41 -44.53
CA LEU H 151 3.44 -19.89 -45.41
C LEU H 151 3.86 -18.57 -46.08
N ARG H 152 3.53 -18.46 -47.37
CA ARG H 152 3.91 -17.29 -48.17
C ARG H 152 2.77 -16.77 -49.03
N ASN H 153 3.08 -15.73 -49.79
CA ASN H 153 2.21 -15.24 -50.86
C ASN H 153 0.78 -14.95 -50.43
N GLY H 154 0.60 -14.39 -49.24
CA GLY H 154 -0.74 -14.10 -48.79
C GLY H 154 -0.91 -13.37 -47.47
N MET H 155 -2.10 -13.48 -46.91
CA MET H 155 -2.49 -12.74 -45.73
C MET H 155 -3.05 -13.66 -44.67
N PHE H 156 -2.93 -13.25 -43.41
CA PHE H 156 -3.43 -14.04 -42.29
C PHE H 156 -4.70 -13.42 -41.71
N CYS H 157 -5.64 -14.28 -41.30
CA CYS H 157 -6.79 -13.81 -40.53
C CYS H 157 -7.24 -14.94 -39.62
N GLN H 158 -8.07 -14.64 -38.62
CA GLN H 158 -8.49 -15.69 -37.70
C GLN H 158 -9.95 -15.58 -37.25
N VAL H 159 -10.51 -16.74 -36.91
CA VAL H 159 -11.88 -16.84 -36.43
C VAL H 159 -11.88 -17.77 -35.20
N PRO H 160 -12.96 -17.76 -34.41
CA PRO H 160 -13.07 -18.75 -33.33
C PRO H 160 -12.94 -20.18 -33.86
N SER H 161 -12.19 -21.02 -33.15
CA SER H 161 -11.90 -22.39 -33.60
C SER H 161 -13.16 -23.24 -33.71
N SER H 162 -14.18 -22.91 -32.94
CA SER H 162 -15.44 -23.65 -32.96
C SER H 162 -16.19 -23.46 -34.27
N LEU H 163 -15.91 -22.37 -34.97
CA LEU H 163 -16.60 -22.04 -36.21
C LEU H 163 -16.01 -22.78 -37.41
N ILE H 164 -14.88 -23.43 -37.19
CA ILE H 164 -14.27 -24.22 -38.25
C ILE H 164 -14.87 -25.62 -38.28
N VAL H 165 -15.94 -25.79 -39.05
CA VAL H 165 -16.46 -27.12 -39.34
C VAL H 165 -15.34 -27.89 -40.04
N ARG H 166 -15.29 -29.20 -39.82
CA ARG H 166 -14.18 -30.02 -40.32
C ARG H 166 -14.53 -31.02 -41.40
N ALA H 167 -13.51 -31.39 -42.16
CA ALA H 167 -13.69 -32.29 -43.29
C ALA H 167 -12.42 -33.09 -43.56
N LYS H 168 -12.40 -33.77 -44.70
CA LYS H 168 -11.23 -34.54 -45.13
C LYS H 168 -10.02 -33.65 -45.28
N ASN H 169 -10.21 -32.52 -45.94
CA ASN H 169 -9.12 -31.57 -46.17
C ASN H 169 -9.45 -30.20 -45.60
N HIS H 170 -8.44 -29.37 -45.42
CA HIS H 170 -8.64 -28.01 -44.93
C HIS H 170 -7.85 -27.02 -45.78
N THR H 171 -7.22 -27.54 -46.83
CA THR H 171 -6.55 -26.70 -47.82
C THR H 171 -7.33 -26.80 -49.13
N HIS H 172 -7.87 -25.68 -49.59
CA HIS H 172 -8.78 -25.72 -50.73
C HIS H 172 -8.42 -24.71 -51.83
N ASN H 173 -8.69 -25.10 -53.08
CA ASN H 173 -8.55 -24.19 -54.21
C ASN H 173 -9.83 -23.42 -54.46
N LEU H 174 -9.73 -22.10 -54.40
CA LEU H 174 -10.88 -21.21 -54.56
C LEU H 174 -10.73 -20.35 -55.81
N PRO H 175 -11.85 -20.11 -56.52
CA PRO H 175 -11.92 -19.31 -57.74
C PRO H 175 -11.29 -17.93 -57.55
N GLY H 176 -10.62 -17.43 -58.59
CA GLY H 176 -9.85 -16.21 -58.49
C GLY H 176 -8.38 -16.55 -58.29
N ASN H 177 -8.09 -17.85 -58.33
CA ASN H 177 -6.75 -18.39 -58.11
C ASN H 177 -6.24 -18.14 -56.70
N ILE H 178 -7.06 -18.44 -55.70
CA ILE H 178 -6.63 -18.27 -54.32
C ILE H 178 -6.83 -19.54 -53.51
N THR H 179 -5.76 -20.01 -52.87
CA THR H 179 -5.84 -21.17 -52.00
C THR H 179 -6.06 -20.76 -50.55
N VAL H 180 -7.00 -21.42 -49.88
CA VAL H 180 -7.26 -21.16 -48.47
C VAL H 180 -6.74 -22.31 -47.61
N VAL H 181 -6.15 -21.94 -46.47
CA VAL H 181 -5.70 -22.89 -45.47
C VAL H 181 -6.45 -22.63 -44.17
N LEU H 182 -7.44 -23.47 -43.91
CA LEU H 182 -8.31 -23.33 -42.73
C LEU H 182 -7.83 -24.19 -41.58
N GLY H 183 -7.02 -23.60 -40.70
CA GLY H 183 -6.56 -24.31 -39.51
C GLY H 183 -7.72 -24.56 -38.55
N VAL H 184 -7.74 -25.75 -37.96
CA VAL H 184 -8.80 -26.13 -37.04
C VAL H 184 -8.80 -25.24 -35.80
N ASN H 185 -7.65 -24.65 -35.50
CA ASN H 185 -7.52 -23.75 -34.37
C ASN H 185 -8.10 -22.36 -34.65
N GLY H 186 -8.59 -22.16 -35.88
CA GLY H 186 -9.19 -20.89 -36.25
C GLY H 186 -8.23 -19.98 -36.99
N TYR H 187 -6.96 -20.36 -37.03
CA TYR H 187 -5.95 -19.60 -37.77
C TYR H 187 -6.06 -19.91 -39.25
N ILE H 188 -6.25 -18.87 -40.05
CA ILE H 188 -6.53 -19.02 -41.47
C ILE H 188 -5.51 -18.26 -42.34
N TRP H 189 -5.02 -18.95 -43.36
CA TRP H 189 -4.06 -18.35 -44.29
C TRP H 189 -4.63 -18.28 -45.72
N LEU H 190 -4.59 -17.10 -46.32
CA LEU H 190 -5.11 -16.94 -47.68
C LEU H 190 -3.98 -16.61 -48.64
N ARG H 191 -3.70 -17.51 -49.58
CA ARG H 191 -2.53 -17.35 -50.44
C ARG H 191 -2.85 -17.41 -51.94
N LYS H 192 -1.88 -17.00 -52.74
CA LYS H 192 -1.94 -17.19 -54.19
C LYS H 192 -1.75 -18.67 -54.48
N THR H 193 -2.63 -19.23 -55.31
CA THR H 193 -2.59 -20.65 -55.65
C THR H 193 -1.27 -21.01 -56.35
N SER H 194 -0.55 -21.96 -55.77
CA SER H 194 0.72 -22.39 -56.32
C SER H 194 0.54 -23.60 -57.23
N GLN H 195 1.61 -24.02 -57.88
CA GLN H 195 1.57 -25.19 -58.75
C GLN H 195 1.37 -26.46 -57.92
N MET H 196 1.86 -26.43 -56.68
CA MET H 196 1.64 -27.52 -55.75
C MET H 196 0.16 -27.60 -55.40
N ASP H 197 -0.42 -26.43 -55.14
CA ASP H 197 -1.85 -26.31 -54.86
C ASP H 197 -2.67 -26.72 -56.07
N LEU H 198 -2.16 -26.38 -57.25
CA LEU H 198 -2.82 -26.73 -58.51
C LEU H 198 -2.93 -28.24 -58.63
N ALA H 199 -1.92 -28.94 -58.13
CA ALA H 199 -1.83 -30.39 -58.26
C ALA H 199 -2.56 -31.12 -57.13
N ARG H 200 -3.88 -30.92 -57.05
CA ARG H 200 -4.74 -31.66 -56.13
C ARG H 200 -5.80 -32.41 -56.97
N ASP H 201 -5.52 -32.50 -58.27
CA ASP H 201 -6.24 -33.45 -59.11
C ASP H 201 -6.14 -34.84 -58.49
N THR H 202 -7.08 -35.71 -58.83
CA THR H 202 -7.26 -37.03 -58.21
C THR H 202 -7.03 -37.02 -56.69
N ILE H 226 5.85 -33.11 -65.54
CA ILE H 226 6.97 -32.90 -64.62
C ILE H 226 6.47 -32.53 -63.23
N THR H 227 5.84 -33.49 -62.56
CA THR H 227 5.31 -33.27 -61.21
C THR H 227 6.38 -33.51 -60.15
N ARG H 228 7.26 -34.47 -60.42
CA ARG H 228 8.35 -34.78 -59.51
C ARG H 228 9.29 -33.59 -59.40
N LEU H 229 9.60 -32.98 -60.54
CA LEU H 229 10.42 -31.79 -60.58
C LEU H 229 9.73 -30.64 -59.86
N GLU H 230 8.40 -30.62 -59.91
CA GLU H 230 7.63 -29.61 -59.18
C GLU H 230 7.81 -29.79 -57.68
N GLU H 231 7.65 -31.03 -57.22
CA GLU H 231 7.79 -31.33 -55.80
C GLU H 231 9.19 -31.01 -55.30
N GLU H 232 10.20 -31.34 -56.10
CA GLU H 232 11.59 -31.08 -55.72
C GLU H 232 11.94 -29.61 -55.85
N SER H 233 11.18 -28.89 -56.67
CA SER H 233 11.44 -27.47 -56.94
C SER H 233 11.30 -26.65 -55.67
N SER H 234 10.38 -27.06 -54.80
CA SER H 234 10.28 -26.46 -53.49
C SER H 234 11.44 -26.94 -52.61
N TRP H 235 12.65 -26.77 -53.14
CA TRP H 235 13.87 -26.99 -52.38
C TRP H 235 13.84 -26.09 -51.17
N GLN H 236 13.36 -24.87 -51.40
CA GLN H 236 13.17 -23.88 -50.37
C GLN H 236 11.76 -23.98 -49.79
N ILE H 237 11.66 -24.52 -48.59
CA ILE H 237 10.39 -24.55 -47.86
C ILE H 237 10.54 -23.70 -46.60
N TYR H 238 11.59 -22.90 -46.56
CA TYR H 238 11.85 -21.98 -45.46
C TYR H 238 12.25 -20.61 -45.99
N SER H 239 11.99 -20.38 -47.28
CA SER H 239 12.22 -19.07 -47.89
C SER H 239 11.27 -18.04 -47.34
N ASP H 240 11.78 -16.82 -47.15
CA ASP H 240 10.95 -15.72 -46.64
C ASP H 240 10.46 -14.82 -47.75
N GLU H 241 10.81 -15.16 -48.99
CA GLU H 241 10.45 -14.33 -50.13
C GLU H 241 9.15 -14.76 -50.78
N ASN H 242 8.34 -13.79 -51.19
CA ASN H 242 7.08 -14.07 -51.85
C ASN H 242 7.26 -14.22 -53.36
N ASP H 243 6.23 -14.75 -54.01
CA ASP H 243 6.16 -14.75 -55.47
C ASP H 243 6.25 -13.31 -55.95
N PRO H 244 7.30 -13.00 -56.73
CA PRO H 244 7.53 -11.63 -57.24
C PRO H 244 6.38 -11.13 -58.11
N SER H 245 5.56 -12.05 -58.60
CA SER H 245 4.43 -11.70 -59.45
C SER H 245 3.09 -12.03 -58.79
N ILE H 246 2.57 -11.09 -58.02
CA ILE H 246 1.23 -11.22 -57.45
C ILE H 246 0.34 -10.10 -57.99
N SER H 247 -0.49 -10.44 -58.98
CA SER H 247 -1.34 -9.48 -59.64
C SER H 247 -2.32 -8.80 -58.68
N ASN H 248 -2.77 -7.61 -59.05
CA ASN H 248 -3.72 -6.87 -58.21
C ASN H 248 -5.04 -7.61 -58.06
N ASN H 249 -5.42 -8.37 -59.09
CA ASN H 249 -6.63 -9.17 -59.04
C ASN H 249 -6.61 -10.15 -57.87
N ILE H 250 -5.54 -10.93 -57.77
CA ILE H 250 -5.38 -11.90 -56.70
C ILE H 250 -5.40 -11.24 -55.32
N ARG H 251 -4.79 -10.07 -55.22
CA ARG H 251 -4.78 -9.32 -53.96
C ARG H 251 -6.16 -8.84 -53.55
N GLN H 252 -6.89 -8.25 -54.49
CA GLN H 252 -8.26 -7.82 -54.26
C GLN H 252 -9.12 -9.01 -53.83
N ALA H 253 -8.94 -10.14 -54.50
CA ALA H 253 -9.69 -11.35 -54.19
C ALA H 253 -9.34 -11.87 -52.81
N ILE H 254 -8.08 -11.70 -52.42
CA ILE H 254 -7.62 -12.07 -51.08
C ILE H 254 -8.36 -11.23 -50.05
N CYS H 255 -8.40 -9.92 -50.29
CA CYS H 255 -9.12 -9.00 -49.40
C CYS H 255 -10.59 -9.39 -49.28
N ARG H 256 -11.20 -9.74 -50.42
CA ARG H 256 -12.61 -10.11 -50.44
C ARG H 256 -12.88 -11.41 -49.67
N TYR H 257 -12.05 -12.41 -49.89
CA TYR H 257 -12.16 -13.68 -49.16
C TYR H 257 -11.98 -13.46 -47.65
N ALA H 258 -11.02 -12.64 -47.29
CA ALA H 258 -10.79 -12.31 -45.88
C ALA H 258 -12.01 -11.66 -45.28
N ASN H 259 -12.55 -10.67 -45.97
CA ASN H 259 -13.72 -9.93 -45.49
C ASN H 259 -14.97 -10.79 -45.37
N VAL H 260 -15.16 -11.73 -46.30
CA VAL H 260 -16.36 -12.57 -46.25
C VAL H 260 -16.21 -13.69 -45.23
N ILE H 261 -14.97 -14.13 -44.98
CA ILE H 261 -14.72 -15.09 -43.92
C ILE H 261 -15.00 -14.43 -42.57
N LYS H 262 -14.52 -13.20 -42.41
CA LYS H 262 -14.81 -12.41 -41.22
C LYS H 262 -16.31 -12.16 -41.11
N ALA H 263 -16.99 -12.05 -42.25
CA ALA H 263 -18.42 -11.83 -42.28
C ALA H 263 -19.16 -13.06 -41.76
N LEU H 264 -18.73 -14.24 -42.20
CA LEU H 264 -19.30 -15.49 -41.71
C LEU H 264 -19.03 -15.67 -40.22
N ALA H 265 -17.85 -15.23 -39.78
CA ALA H 265 -17.50 -15.31 -38.36
C ALA H 265 -18.40 -14.40 -37.53
N PHE H 266 -18.68 -13.22 -38.06
CA PHE H 266 -19.54 -12.25 -37.39
C PHE H 266 -20.96 -12.77 -37.23
N CYS H 267 -21.43 -13.52 -38.23
CA CYS H 267 -22.77 -14.12 -38.19
C CYS H 267 -22.77 -15.43 -37.42
N GLU H 268 -21.59 -15.82 -36.93
CA GLU H 268 -21.40 -17.08 -36.22
C GLU H 268 -21.84 -18.27 -37.08
N ILE H 269 -21.58 -18.15 -38.39
CA ILE H 269 -21.83 -19.23 -39.33
C ILE H 269 -20.59 -20.11 -39.45
N GLY H 270 -20.78 -21.43 -39.39
CA GLY H 270 -19.68 -22.36 -39.54
C GLY H 270 -18.98 -22.21 -40.87
N ILE H 271 -17.66 -22.14 -40.84
CA ILE H 271 -16.89 -21.92 -42.05
C ILE H 271 -16.57 -23.22 -42.78
N THR H 272 -17.08 -23.33 -44.00
CA THR H 272 -16.75 -24.44 -44.88
C THR H 272 -16.31 -23.89 -46.23
N GLN H 273 -15.71 -24.72 -47.06
CA GLN H 273 -15.26 -24.31 -48.39
C GLN H 273 -16.40 -23.76 -49.23
N GLN H 274 -17.48 -24.52 -49.29
CA GLN H 274 -18.65 -24.15 -50.08
C GLN H 274 -19.25 -22.85 -49.57
N ARG H 275 -19.33 -22.70 -48.25
CA ARG H 275 -19.86 -21.48 -47.66
C ARG H 275 -18.94 -20.29 -47.95
N ILE H 276 -17.64 -20.55 -48.09
CA ILE H 276 -16.68 -19.50 -48.40
C ILE H 276 -16.84 -19.02 -49.84
N VAL H 277 -16.89 -19.95 -50.80
CA VAL H 277 -17.06 -19.55 -52.19
C VAL H 277 -18.44 -18.93 -52.42
N SER H 278 -19.45 -19.42 -51.71
CA SER H 278 -20.79 -18.86 -51.78
C SER H 278 -20.81 -17.45 -51.20
N ALA H 279 -20.07 -17.26 -50.11
CA ALA H 279 -19.92 -15.94 -49.50
C ALA H 279 -19.28 -14.97 -50.48
N TYR H 280 -18.24 -15.44 -51.15
CA TYR H 280 -17.51 -14.67 -52.15
C TYR H 280 -18.44 -14.21 -53.28
N GLU H 281 -19.09 -15.18 -53.92
CA GLU H 281 -19.99 -14.91 -55.02
C GLU H 281 -21.15 -14.00 -54.61
N ALA H 282 -21.71 -14.23 -53.44
CA ALA H 282 -22.80 -13.40 -52.93
C ALA H 282 -22.32 -11.99 -52.63
N SER H 283 -21.04 -11.88 -52.26
CA SER H 283 -20.45 -10.58 -51.94
C SER H 283 -20.13 -9.80 -53.20
N MET H 284 -20.02 -10.50 -54.33
CA MET H 284 -19.75 -9.83 -55.60
C MET H 284 -20.76 -8.73 -55.96
N VAL H 285 -21.91 -8.73 -55.29
CA VAL H 285 -22.90 -7.68 -55.42
C VAL H 285 -22.27 -6.31 -55.13
N TYR H 286 -21.47 -6.24 -54.07
CA TYR H 286 -20.78 -5.02 -53.70
C TYR H 286 -19.45 -4.92 -54.46
N SER H 287 -19.38 -4.01 -55.42
CA SER H 287 -18.23 -3.88 -56.30
C SER H 287 -16.97 -3.42 -55.56
N ASN H 288 -17.15 -2.68 -54.47
CA ASN H 288 -16.03 -2.28 -53.63
C ASN H 288 -15.93 -3.17 -52.41
N VAL H 289 -14.80 -3.87 -52.28
CA VAL H 289 -14.60 -4.84 -51.21
C VAL H 289 -14.71 -4.21 -49.81
N GLY H 290 -14.33 -2.94 -49.69
CA GLY H 290 -14.45 -2.21 -48.44
C GLY H 290 -15.84 -2.27 -47.82
N GLU H 291 -16.87 -2.18 -48.66
CA GLU H 291 -18.26 -2.24 -48.23
C GLU H 291 -18.56 -3.46 -47.36
N LEU H 292 -17.75 -4.50 -47.51
CA LEU H 292 -18.00 -5.76 -46.81
C LEU H 292 -17.66 -5.68 -45.32
N ILE H 293 -17.09 -4.56 -44.87
CA ILE H 293 -16.73 -4.47 -43.45
C ILE H 293 -17.85 -3.88 -42.58
N GLU H 294 -18.91 -3.38 -43.22
CA GLU H 294 -20.05 -2.84 -42.49
C GLU H 294 -20.92 -3.97 -41.95
N LYS H 295 -21.61 -3.70 -40.85
CA LYS H 295 -22.38 -4.71 -40.12
C LYS H 295 -23.52 -5.30 -40.94
N ASN H 296 -24.39 -4.44 -41.47
CA ASN H 296 -25.55 -4.90 -42.22
C ASN H 296 -25.19 -5.70 -43.46
N VAL H 297 -24.03 -5.40 -44.03
CA VAL H 297 -23.55 -6.13 -45.20
C VAL H 297 -23.13 -7.55 -44.81
N MET H 298 -22.41 -7.65 -43.70
CA MET H 298 -22.01 -8.95 -43.15
C MET H 298 -23.24 -9.81 -42.85
N GLU H 299 -24.18 -9.23 -42.11
CA GLU H 299 -25.42 -9.94 -41.78
C GLU H 299 -26.17 -10.35 -43.05
N SER H 300 -26.20 -9.47 -44.05
CA SER H 300 -26.89 -9.75 -45.31
C SER H 300 -26.25 -10.93 -46.03
N ILE H 301 -24.93 -10.96 -46.09
CA ILE H 301 -24.21 -12.06 -46.71
C ILE H 301 -24.51 -13.37 -45.98
N GLY H 302 -24.47 -13.32 -44.64
CA GLY H 302 -24.77 -14.48 -43.83
C GLY H 302 -26.15 -15.05 -44.08
N SER H 303 -27.18 -14.21 -43.94
CA SER H 303 -28.55 -14.64 -44.17
C SER H 303 -28.77 -15.09 -45.61
N ASP H 304 -28.03 -14.50 -46.54
CA ASP H 304 -28.10 -14.92 -47.94
C ASP H 304 -27.63 -16.36 -48.06
N ILE H 305 -26.50 -16.66 -47.42
CA ILE H 305 -25.96 -18.01 -47.45
C ILE H 305 -26.89 -19.02 -46.78
N LEU H 306 -27.38 -18.70 -45.60
CA LEU H 306 -28.28 -19.58 -44.87
C LEU H 306 -29.57 -19.85 -45.65
N THR H 307 -30.17 -18.78 -46.18
CA THR H 307 -31.38 -18.91 -46.98
C THR H 307 -31.11 -19.78 -48.20
N ALA H 308 -30.05 -19.48 -48.94
CA ALA H 308 -29.69 -20.24 -50.12
C ALA H 308 -29.50 -21.72 -49.79
N GLU H 309 -28.92 -21.99 -48.61
CA GLU H 309 -28.70 -23.36 -48.16
C GLU H 309 -29.99 -24.09 -47.84
N LYS H 310 -30.94 -23.37 -47.23
CA LYS H 310 -32.21 -23.96 -46.84
C LYS H 310 -33.10 -24.21 -48.06
N MET H 311 -33.00 -23.36 -49.06
CA MET H 311 -33.82 -23.47 -50.27
C MET H 311 -33.33 -24.59 -51.20
N ARG H 312 -32.03 -24.87 -51.17
CA ARG H 312 -31.45 -25.92 -52.01
C ARG H 312 -31.71 -27.31 -51.45
N PHE I 8 35.32 6.55 -60.42
CA PHE I 8 36.13 7.40 -59.56
C PHE I 8 36.71 6.63 -58.38
N GLN I 9 37.63 7.27 -57.66
CA GLN I 9 38.25 6.66 -56.49
C GLN I 9 37.33 6.73 -55.28
N PHE I 10 37.30 5.66 -54.50
CA PHE I 10 36.53 5.65 -53.26
C PHE I 10 37.15 6.62 -52.27
N PRO I 11 36.32 7.43 -51.59
CA PRO I 11 36.83 8.33 -50.55
C PRO I 11 37.42 7.50 -49.43
N GLU I 12 38.42 7.99 -48.72
CA GLU I 12 39.08 7.16 -47.71
C GLU I 12 38.58 7.43 -46.29
N ILE I 13 38.28 8.68 -45.97
CA ILE I 13 37.65 9.00 -44.69
C ILE I 13 36.14 8.78 -44.83
N ALA I 14 35.48 8.42 -43.74
CA ALA I 14 34.05 8.11 -43.79
C ALA I 14 33.29 8.58 -42.56
N TYR I 15 32.05 9.00 -42.79
CA TYR I 15 31.14 9.37 -41.70
C TYR I 15 29.74 8.85 -42.05
N PRO I 16 28.85 8.76 -41.04
CA PRO I 16 27.49 8.29 -41.30
C PRO I 16 26.74 9.13 -42.34
N GLY I 17 26.05 8.46 -43.26
CA GLY I 17 25.28 9.14 -44.28
C GLY I 17 26.09 9.49 -45.51
N LYS I 18 27.38 9.16 -45.48
CA LYS I 18 28.25 9.42 -46.62
C LYS I 18 28.24 8.25 -47.59
N LEU I 19 28.04 8.56 -48.88
CA LEU I 19 27.99 7.54 -49.92
C LEU I 19 29.40 7.23 -50.42
N ILE I 20 29.74 5.94 -50.47
CA ILE I 20 31.08 5.53 -50.86
C ILE I 20 31.18 5.27 -52.37
N CYS I 21 30.30 4.42 -52.86
CA CYS I 21 30.34 3.99 -54.26
C CYS I 21 28.99 3.38 -54.68
N PRO I 22 28.70 3.37 -55.98
CA PRO I 22 27.48 2.70 -56.45
C PRO I 22 27.53 1.20 -56.24
N GLN I 23 26.45 0.51 -56.60
CA GLN I 23 26.37 -0.93 -56.36
C GLN I 23 27.38 -1.71 -57.19
N TYR I 24 27.68 -1.21 -58.39
CA TYR I 24 28.62 -1.89 -59.27
C TYR I 24 29.63 -0.91 -59.88
N GLY I 25 30.62 -1.44 -60.59
CA GLY I 25 31.57 -0.59 -61.30
C GLY I 25 32.40 -1.36 -62.31
N THR I 26 32.75 -0.73 -63.44
CA THR I 26 33.52 -1.42 -64.46
C THR I 26 34.88 -0.79 -64.72
N GLU I 27 35.94 -1.50 -64.36
CA GLU I 27 37.30 -1.04 -64.58
C GLU I 27 38.30 -2.19 -64.45
N ASP I 33 36.44 -2.56 -67.95
CA ASP I 33 36.69 -3.99 -67.87
C ASP I 33 35.61 -4.71 -67.07
N ILE I 34 36.02 -5.68 -66.26
CA ILE I 34 35.13 -6.48 -65.42
C ILE I 34 34.26 -5.61 -64.52
N ILE I 35 33.13 -6.16 -64.08
CA ILE I 35 32.17 -5.38 -63.29
C ILE I 35 32.16 -5.76 -61.81
N PHE I 36 33.01 -5.10 -61.03
CA PHE I 36 33.01 -5.21 -59.57
C PHE I 36 31.61 -5.05 -58.99
N ASN I 37 31.25 -6.01 -58.15
CA ASN I 37 30.01 -6.02 -57.37
C ASN I 37 30.38 -5.62 -55.94
N TYR I 38 29.73 -4.59 -55.40
CA TYR I 38 30.12 -4.08 -54.10
C TYR I 38 29.28 -4.67 -52.97
N VAL I 39 29.94 -5.37 -52.05
CA VAL I 39 29.23 -5.94 -50.91
C VAL I 39 29.38 -5.07 -49.67
N PRO I 40 28.25 -4.66 -49.08
CA PRO I 40 28.23 -3.85 -47.86
C PRO I 40 28.67 -4.61 -46.63
N GLY I 41 29.92 -4.42 -46.22
CA GLY I 41 30.45 -5.06 -45.03
C GLY I 41 30.20 -4.24 -43.78
N PRO I 42 30.92 -4.57 -42.69
CA PRO I 42 30.81 -3.88 -41.40
C PRO I 42 31.07 -2.39 -41.51
N GLY I 43 30.11 -1.57 -41.10
CA GLY I 43 30.25 -0.13 -41.14
C GLY I 43 29.61 0.48 -42.38
N THR I 44 29.07 -0.37 -43.23
CA THR I 44 28.39 0.10 -44.43
C THR I 44 27.02 -0.56 -44.60
N LYS I 45 26.19 0.03 -45.45
CA LYS I 45 24.88 -0.52 -45.76
C LYS I 45 24.45 -0.11 -47.17
N LEU I 46 23.79 -1.01 -47.88
CA LEU I 46 23.32 -0.71 -49.22
C LEU I 46 22.00 0.04 -49.16
N ILE I 47 22.04 1.33 -49.42
CA ILE I 47 20.82 2.15 -49.38
C ILE I 47 20.47 2.67 -50.77
N GLN I 48 19.17 2.64 -51.09
CA GLN I 48 18.68 3.19 -52.34
C GLN I 48 18.24 4.64 -52.16
N TYR I 49 19.14 5.56 -52.49
CA TYR I 49 18.85 6.99 -52.43
C TYR I 49 18.08 7.47 -53.65
N GLU I 50 17.41 8.60 -53.49
CA GLU I 50 16.65 9.21 -54.58
C GLU I 50 17.29 10.54 -54.97
N HIS I 51 17.63 10.66 -56.25
CA HIS I 51 18.22 11.88 -56.79
C HIS I 51 17.63 12.21 -58.15
N ASN I 52 17.22 13.47 -58.34
CA ASN I 52 16.65 13.94 -59.59
C ASN I 52 15.42 13.15 -60.02
N GLY I 53 14.57 12.76 -59.07
CA GLY I 53 13.38 11.99 -59.35
C GLY I 53 13.71 10.60 -59.84
N ARG I 54 14.94 10.15 -59.58
CA ARG I 54 15.43 8.90 -60.12
C ARG I 54 16.22 8.11 -59.07
N THR I 55 16.37 6.81 -59.26
CA THR I 55 16.95 5.95 -58.23
C THR I 55 18.45 5.73 -58.35
N LEU I 56 19.13 5.75 -57.21
CA LEU I 56 20.55 5.43 -57.14
C LEU I 56 20.80 4.43 -56.01
N GLU I 57 21.44 3.31 -56.32
CA GLU I 57 21.75 2.30 -55.32
C GLU I 57 23.20 2.43 -54.86
N ALA I 58 23.41 2.83 -53.61
CA ALA I 58 24.76 3.14 -53.16
C ALA I 58 25.14 2.51 -51.83
N ILE I 59 26.42 2.16 -51.71
CA ILE I 59 27.01 1.72 -50.46
C ILE I 59 27.31 2.92 -49.57
N THR I 60 26.72 2.95 -48.39
CA THR I 60 26.86 4.09 -47.50
C THR I 60 27.50 3.73 -46.18
N ALA I 61 28.54 4.48 -45.82
CA ALA I 61 29.20 4.31 -44.53
C ALA I 61 28.24 4.64 -43.39
N THR I 62 28.21 3.78 -42.39
CA THR I 62 27.35 3.98 -41.23
C THR I 62 28.19 4.26 -39.99
N LEU I 63 29.50 4.37 -40.18
CA LEU I 63 30.43 4.61 -39.08
C LEU I 63 31.44 5.69 -39.41
N VAL I 64 32.21 6.09 -38.41
CA VAL I 64 33.29 7.04 -38.60
C VAL I 64 34.63 6.32 -38.61
N GLY I 65 35.36 6.45 -39.70
CA GLY I 65 36.67 5.82 -39.80
C GLY I 65 37.14 5.64 -41.23
N THR I 66 38.22 4.87 -41.39
CA THR I 66 38.78 4.61 -42.71
C THR I 66 38.03 3.50 -43.42
N VAL I 67 37.63 3.76 -44.65
CA VAL I 67 36.97 2.74 -45.45
C VAL I 67 38.02 1.78 -46.01
N ARG I 68 37.63 0.53 -46.18
CA ARG I 68 38.50 -0.47 -46.78
C ARG I 68 37.70 -1.29 -47.78
N CYS I 69 38.32 -1.55 -48.93
CA CYS I 69 37.70 -2.38 -49.96
C CYS I 69 38.59 -3.57 -50.24
N GLU I 70 38.50 -4.63 -49.44
CA GLU I 70 39.43 -5.71 -49.70
C GLU I 70 38.78 -6.92 -50.36
N GLU I 71 39.65 -7.72 -50.95
CA GLU I 71 39.31 -8.62 -52.04
C GLU I 71 39.34 -10.08 -51.60
N GLU I 72 38.20 -10.76 -51.70
CA GLU I 72 38.15 -12.16 -51.30
C GLU I 72 37.29 -13.03 -52.21
N LYS I 73 37.59 -14.32 -52.17
CA LYS I 73 37.16 -15.30 -53.16
C LYS I 73 35.74 -15.79 -52.90
N VAL I 106 31.97 -8.71 -62.25
CA VAL I 106 32.10 -10.16 -62.39
C VAL I 106 32.64 -10.78 -61.10
N LYS I 107 33.60 -10.10 -60.47
CA LYS I 107 34.13 -10.51 -59.19
C LYS I 107 33.84 -9.47 -58.11
N ASN I 108 33.18 -9.88 -57.03
CA ASN I 108 32.75 -8.91 -56.01
C ASN I 108 33.74 -8.69 -54.86
N ILE I 109 33.60 -7.51 -54.25
CA ILE I 109 34.60 -6.93 -53.37
C ILE I 109 33.96 -6.51 -52.05
N LEU I 110 34.68 -6.66 -50.94
CA LEU I 110 34.10 -6.32 -49.64
C LEU I 110 34.41 -4.89 -49.25
N VAL I 111 33.35 -4.10 -49.10
CA VAL I 111 33.48 -2.71 -48.67
C VAL I 111 33.05 -2.55 -47.21
N SER I 112 33.98 -2.17 -46.35
CA SER I 112 33.69 -1.98 -44.93
C SER I 112 34.29 -0.68 -44.41
N VAL I 113 33.99 -0.33 -43.16
CA VAL I 113 34.55 0.85 -42.53
C VAL I 113 35.10 0.52 -41.14
N LEU I 114 36.39 0.78 -40.94
CA LEU I 114 37.03 0.52 -39.66
C LEU I 114 37.27 1.82 -38.90
N PRO I 115 36.83 1.86 -37.63
CA PRO I 115 37.07 3.01 -36.75
C PRO I 115 38.56 3.25 -36.53
N GLY I 116 38.92 4.47 -36.13
CA GLY I 116 40.32 4.84 -35.98
C GLY I 116 40.92 5.25 -37.30
N THR I 117 42.18 5.69 -37.27
CA THR I 117 42.87 6.12 -38.49
C THR I 117 44.35 5.80 -38.43
N ASN I 134 32.06 -4.06 -28.45
CA ASN I 134 30.97 -4.08 -29.41
C ASN I 134 30.00 -5.21 -29.11
N LEU I 135 29.28 -5.66 -30.13
CA LEU I 135 28.31 -6.74 -29.97
C LEU I 135 28.87 -8.06 -30.49
N PRO I 136 28.68 -9.13 -29.72
CA PRO I 136 29.10 -10.48 -30.15
C PRO I 136 28.38 -10.91 -31.43
N LYS I 137 29.15 -11.19 -32.47
CA LYS I 137 28.60 -11.72 -33.72
C LYS I 137 29.18 -13.10 -33.97
N GLU I 138 28.54 -13.87 -34.84
CA GLU I 138 29.04 -15.19 -35.20
C GLU I 138 30.41 -15.09 -35.83
N GLY I 139 31.38 -15.79 -35.25
CA GLY I 139 32.75 -15.75 -35.73
C GLY I 139 33.63 -14.81 -34.94
N ASP I 140 33.02 -13.96 -34.11
CA ASP I 140 33.78 -13.03 -33.29
C ASP I 140 34.49 -13.73 -32.14
N ILE I 141 35.70 -13.29 -31.84
CA ILE I 141 36.44 -13.83 -30.70
C ILE I 141 36.13 -13.01 -29.46
N VAL I 142 35.58 -13.68 -28.45
CA VAL I 142 35.25 -13.03 -27.19
C VAL I 142 36.05 -13.60 -26.03
N LEU I 143 36.38 -12.73 -25.07
CA LEU I 143 37.06 -13.15 -23.85
C LEU I 143 36.03 -13.28 -22.73
N THR I 144 35.93 -14.46 -22.13
CA THR I 144 34.87 -14.75 -21.19
C THR I 144 35.38 -15.18 -19.82
N ARG I 145 34.49 -15.11 -18.83
CA ARG I 145 34.79 -15.60 -17.49
C ARG I 145 33.88 -16.77 -17.16
N VAL I 146 34.47 -17.92 -16.83
CA VAL I 146 33.69 -19.10 -16.48
C VAL I 146 32.92 -18.86 -15.19
N THR I 147 31.59 -18.90 -15.28
CA THR I 147 30.72 -18.64 -14.13
C THR I 147 30.15 -19.92 -13.52
N ARG I 148 29.66 -20.82 -14.38
CA ARG I 148 29.13 -22.10 -13.92
C ARG I 148 29.77 -23.27 -14.66
N LEU I 149 29.73 -24.44 -14.04
CA LEU I 149 30.20 -25.66 -14.69
C LEU I 149 29.22 -26.81 -14.44
N SER I 150 29.03 -27.63 -15.47
CA SER I 150 28.22 -28.84 -15.37
C SER I 150 28.71 -29.85 -16.38
N LEU I 151 28.36 -31.12 -16.18
CA LEU I 151 28.82 -32.21 -17.04
C LEU I 151 28.52 -31.98 -18.52
N GLN I 152 27.50 -31.18 -18.81
CA GLN I 152 27.06 -30.98 -20.18
C GLN I 152 27.65 -29.71 -20.79
N ARG I 153 27.78 -28.66 -19.99
CA ARG I 153 28.15 -27.36 -20.52
C ARG I 153 28.99 -26.53 -19.56
N ALA I 154 29.50 -25.41 -20.08
CA ALA I 154 30.18 -24.41 -19.27
C ALA I 154 29.51 -23.05 -19.49
N ASN I 155 28.97 -22.48 -18.43
CA ASN I 155 28.40 -21.14 -18.51
C ASN I 155 29.49 -20.09 -18.34
N VAL I 156 29.49 -19.11 -19.22
CA VAL I 156 30.48 -18.03 -19.16
C VAL I 156 29.81 -16.68 -19.27
N GLU I 157 30.53 -15.63 -18.90
CA GLU I 157 30.06 -14.27 -19.15
C GLU I 157 31.07 -13.53 -20.03
N ILE I 158 30.56 -12.88 -21.07
CA ILE I 158 31.39 -12.13 -22.00
C ILE I 158 31.92 -10.87 -21.30
N LEU I 159 33.24 -10.74 -21.23
CA LEU I 159 33.87 -9.60 -20.60
C LEU I 159 34.39 -8.61 -21.64
N ALA I 160 34.69 -9.13 -22.83
CA ALA I 160 35.22 -8.30 -23.90
C ALA I 160 34.95 -8.91 -25.27
N VAL I 161 34.65 -8.06 -26.24
CA VAL I 161 34.46 -8.51 -27.62
C VAL I 161 35.44 -7.80 -28.55
N GLU I 162 36.42 -8.56 -29.05
CA GLU I 162 37.43 -8.03 -29.96
C GLU I 162 38.20 -6.86 -29.37
N ASP I 163 38.91 -7.13 -28.26
CA ASP I 163 39.71 -6.12 -27.56
C ASP I 163 38.86 -4.91 -27.14
N LYS I 164 37.62 -5.16 -26.76
CA LYS I 164 36.70 -4.10 -26.36
C LYS I 164 35.82 -4.60 -25.22
N PRO I 165 36.00 -4.00 -24.03
CA PRO I 165 35.29 -4.46 -22.82
C PRO I 165 33.78 -4.25 -22.90
N SER I 166 33.02 -5.26 -22.49
CA SER I 166 31.57 -5.19 -22.52
C SER I 166 30.99 -5.81 -21.24
N PRO I 167 30.25 -5.02 -20.46
CA PRO I 167 29.96 -3.61 -20.74
C PRO I 167 31.15 -2.70 -20.41
N ILE I 168 31.03 -1.44 -20.78
CA ILE I 168 32.09 -0.47 -20.55
C ILE I 168 32.28 -0.22 -19.06
N ASP I 169 31.19 -0.27 -18.29
CA ASP I 169 31.26 -0.13 -16.85
C ASP I 169 30.79 -1.43 -16.19
N SER I 170 31.67 -2.06 -15.43
CA SER I 170 31.38 -3.35 -14.82
C SER I 170 30.57 -3.20 -13.54
N GLY I 171 30.50 -1.97 -13.03
CA GLY I 171 29.69 -1.67 -11.87
C GLY I 171 30.42 -1.84 -10.55
N ILE I 172 31.75 -1.75 -10.59
CA ILE I 172 32.56 -1.86 -9.38
C ILE I 172 32.21 -0.75 -8.40
N GLY I 173 32.12 -1.09 -7.12
CA GLY I 173 31.86 -0.10 -6.09
C GLY I 173 30.41 0.31 -5.97
N SER I 174 29.58 -0.20 -6.87
CA SER I 174 28.16 0.15 -6.89
C SER I 174 27.44 -0.42 -5.68
N ASN I 175 27.87 -1.60 -5.24
CA ASN I 175 27.17 -2.35 -4.21
C ASN I 175 27.78 -2.25 -2.82
N GLY I 176 28.86 -1.48 -2.69
CA GLY I 176 29.44 -1.25 -1.38
C GLY I 176 30.90 -1.62 -1.24
N SER I 177 31.25 -2.11 -0.05
CA SER I 177 32.64 -2.25 0.36
C SER I 177 33.18 -3.68 0.30
N GLY I 178 32.29 -4.66 0.19
CA GLY I 178 32.71 -6.05 0.18
C GLY I 178 33.07 -6.54 -1.21
N ILE I 179 32.91 -7.84 -1.41
CA ILE I 179 33.05 -8.43 -2.74
C ILE I 179 31.68 -8.89 -3.20
N VAL I 180 31.04 -8.09 -4.05
CA VAL I 180 29.66 -8.31 -4.43
C VAL I 180 29.50 -8.43 -5.94
N ALA I 181 28.68 -9.38 -6.37
CA ALA I 181 28.32 -9.54 -7.78
C ALA I 181 27.61 -8.30 -8.31
N ALA I 182 27.55 -8.18 -9.63
CA ALA I 182 26.96 -7.02 -10.30
C ALA I 182 25.57 -6.69 -9.76
N GLY I 183 24.78 -7.72 -9.49
CA GLY I 183 23.43 -7.51 -8.98
C GLY I 183 23.19 -8.05 -7.59
N GLY I 184 24.20 -7.98 -6.73
CA GLY I 184 24.09 -8.51 -5.39
C GLY I 184 23.80 -7.46 -4.33
N GLY I 185 23.52 -6.24 -4.77
CA GLY I 185 23.24 -5.16 -3.84
C GLY I 185 21.79 -4.69 -3.85
N SER I 186 21.57 -3.49 -3.34
CA SER I 186 20.24 -2.93 -3.22
C SER I 186 19.67 -2.50 -4.57
N GLY I 187 20.56 -2.07 -5.46
CA GLY I 187 20.16 -1.56 -6.76
C GLY I 187 19.46 -2.58 -7.63
N ALA I 188 19.85 -3.85 -7.48
CA ALA I 188 19.29 -4.91 -8.31
C ALA I 188 17.83 -5.18 -7.97
N ALA I 189 17.46 -4.96 -6.71
CA ALA I 189 16.09 -5.22 -6.27
C ALA I 189 15.14 -4.15 -6.79
N THR I 190 15.68 -2.98 -7.12
CA THR I 190 14.85 -1.84 -7.51
C THR I 190 15.09 -1.39 -8.95
N PHE I 191 15.56 -2.31 -9.79
CA PHE I 191 15.85 -1.98 -11.18
C PHE I 191 14.59 -1.89 -12.02
N SER I 192 14.52 -0.86 -12.86
CA SER I 192 13.37 -0.67 -13.75
C SER I 192 13.56 -1.39 -15.08
N VAL I 193 12.91 -2.54 -15.21
CA VAL I 193 12.96 -3.32 -16.45
C VAL I 193 12.25 -2.57 -17.57
N SER I 194 11.26 -1.77 -17.20
CA SER I 194 10.44 -1.05 -18.16
C SER I 194 11.20 0.07 -18.88
N GLN I 195 12.18 0.64 -18.22
CA GLN I 195 12.83 1.84 -18.74
C GLN I 195 14.29 1.63 -19.16
N ALA I 196 14.84 0.46 -18.86
CA ALA I 196 16.23 0.18 -19.22
C ALA I 196 16.41 -1.22 -19.79
N SER I 197 17.49 -1.41 -20.54
CA SER I 197 17.82 -2.68 -21.15
C SER I 197 18.21 -3.71 -20.10
N SER I 198 19.22 -3.37 -19.30
CA SER I 198 19.70 -4.25 -18.25
C SER I 198 20.33 -3.45 -17.11
N ASP I 199 20.71 -4.15 -16.05
CA ASP I 199 21.27 -3.50 -14.88
C ASP I 199 22.72 -3.08 -15.10
N LEU I 200 23.30 -2.43 -14.09
CA LEU I 200 24.63 -1.83 -14.16
C LEU I 200 25.72 -2.71 -14.76
N GLY I 201 26.04 -3.81 -14.08
CA GLY I 201 27.14 -4.64 -14.53
C GLY I 201 26.73 -5.84 -15.35
N GLU I 202 25.51 -5.82 -15.90
CA GLU I 202 25.00 -6.96 -16.63
C GLU I 202 25.78 -7.23 -17.91
N THR I 203 26.10 -8.50 -18.13
CA THR I 203 26.93 -8.91 -19.24
C THR I 203 26.18 -9.80 -20.20
N PHE I 204 26.64 -9.87 -21.44
CA PHE I 204 26.15 -10.89 -22.36
C PHE I 204 26.60 -12.25 -21.83
N ARG I 205 25.68 -13.19 -21.73
CA ARG I 205 26.00 -14.51 -21.21
C ARG I 205 26.24 -15.48 -22.36
N GLY I 206 27.10 -16.47 -22.13
CA GLY I 206 27.42 -17.45 -23.14
C GLY I 206 27.50 -18.87 -22.63
N ILE I 207 27.47 -19.83 -23.55
CA ILE I 207 27.55 -21.24 -23.20
C ILE I 207 28.55 -21.97 -24.10
N ILE I 208 29.47 -22.70 -23.47
CA ILE I 208 30.37 -23.59 -24.19
C ILE I 208 29.98 -25.04 -23.87
N ARG I 209 29.21 -25.64 -24.76
CA ARG I 209 28.80 -27.04 -24.59
C ARG I 209 30.02 -27.96 -24.66
N SER I 210 29.91 -29.11 -24.02
CA SER I 210 31.02 -30.07 -23.97
C SER I 210 31.42 -30.51 -25.36
N GLN I 211 30.45 -30.61 -26.27
CA GLN I 211 30.71 -31.00 -27.65
C GLN I 211 31.52 -29.92 -28.37
N ASP I 212 31.31 -28.67 -28.00
CA ASP I 212 31.93 -27.55 -28.69
C ASP I 212 33.22 -27.11 -28.02
N VAL I 213 33.75 -27.95 -27.14
CA VAL I 213 35.03 -27.66 -26.50
C VAL I 213 36.20 -28.05 -27.40
N ARG I 214 36.15 -29.28 -27.91
CA ARG I 214 37.22 -29.81 -28.75
C ARG I 214 36.77 -30.02 -30.19
N SER I 215 37.75 -30.17 -31.09
CA SER I 215 37.44 -30.48 -32.48
C SER I 215 37.23 -31.98 -32.63
N THR I 216 38.02 -32.75 -31.89
CA THR I 216 37.95 -34.20 -31.93
C THR I 216 37.64 -34.77 -30.56
N ASP I 217 37.28 -36.04 -30.52
CA ASP I 217 36.94 -36.74 -29.27
C ASP I 217 35.80 -36.01 -28.56
N ARG I 218 34.92 -35.41 -29.35
CA ARG I 218 33.83 -34.59 -28.84
C ARG I 218 32.83 -35.38 -28.00
N ASP I 219 32.79 -36.68 -28.21
CA ASP I 219 31.81 -37.54 -27.56
C ASP I 219 32.07 -37.68 -26.06
N ARG I 220 33.34 -37.78 -25.67
CA ARG I 220 33.68 -38.00 -24.28
C ARG I 220 34.61 -36.92 -23.72
N VAL I 221 34.09 -35.70 -23.65
CA VAL I 221 34.84 -34.58 -23.11
C VAL I 221 34.45 -34.28 -21.67
N LYS I 222 35.44 -34.23 -20.78
CA LYS I 222 35.21 -33.83 -19.40
C LYS I 222 35.48 -32.34 -19.21
N VAL I 223 34.42 -31.56 -19.03
CA VAL I 223 34.54 -30.11 -18.94
C VAL I 223 35.27 -29.67 -17.68
N ILE I 224 35.33 -30.55 -16.68
CA ILE I 224 36.00 -30.26 -15.43
C ILE I 224 37.52 -30.26 -15.62
N GLU I 225 37.98 -30.96 -16.65
CA GLU I 225 39.40 -31.01 -16.98
C GLU I 225 39.75 -29.94 -18.00
N CYS I 226 38.74 -29.21 -18.46
CA CYS I 226 38.96 -28.17 -19.47
C CYS I 226 38.92 -26.77 -18.86
N PHE I 227 37.90 -26.52 -18.04
CA PHE I 227 37.74 -25.20 -17.44
C PHE I 227 37.50 -25.29 -15.93
N LYS I 228 37.69 -24.15 -15.26
CA LYS I 228 37.36 -24.01 -13.85
C LYS I 228 36.67 -22.67 -13.64
N PRO I 229 35.80 -22.58 -12.63
CA PRO I 229 35.16 -21.29 -12.33
C PRO I 229 36.20 -20.18 -12.12
N GLY I 230 35.98 -19.03 -12.73
CA GLY I 230 36.90 -17.92 -12.61
C GLY I 230 37.90 -17.84 -13.74
N ASP I 231 38.05 -18.93 -14.48
CA ASP I 231 38.98 -18.96 -15.60
C ASP I 231 38.58 -17.95 -16.66
N ILE I 232 39.58 -17.34 -17.29
CA ILE I 232 39.36 -16.49 -18.44
C ILE I 232 39.61 -17.31 -19.69
N VAL I 233 38.55 -17.49 -20.47
CA VAL I 233 38.56 -18.33 -21.65
C VAL I 233 38.34 -17.55 -22.94
N ARG I 234 39.25 -17.73 -23.90
CA ARG I 234 39.13 -17.13 -25.22
C ARG I 234 38.29 -18.04 -26.11
N ALA I 235 37.14 -17.54 -26.56
CA ALA I 235 36.21 -18.36 -27.32
C ALA I 235 35.76 -17.69 -28.60
N GLN I 236 35.07 -18.44 -29.46
CA GLN I 236 34.50 -17.90 -30.69
C GLN I 236 33.00 -18.14 -30.71
N VAL I 237 32.24 -17.18 -31.23
CA VAL I 237 30.79 -17.29 -31.26
C VAL I 237 30.29 -18.17 -32.40
N LEU I 238 29.69 -19.30 -32.05
CA LEU I 238 29.04 -20.18 -33.01
C LEU I 238 27.71 -19.61 -33.48
N SER I 239 26.83 -19.34 -32.52
CA SER I 239 25.46 -18.92 -32.82
C SER I 239 24.98 -17.82 -31.89
N LEU I 240 23.96 -17.08 -32.32
CA LEU I 240 23.35 -16.05 -31.50
C LEU I 240 22.58 -16.69 -30.34
N GLY I 241 22.18 -17.93 -30.52
CA GLY I 241 21.45 -18.67 -29.50
C GLY I 241 20.10 -18.06 -29.19
N ASP I 242 19.81 -17.92 -27.90
CA ASP I 242 18.56 -17.33 -27.45
C ASP I 242 18.82 -15.99 -26.77
N GLY I 243 17.81 -15.48 -26.06
CA GLY I 243 17.92 -14.20 -25.39
C GLY I 243 18.87 -14.23 -24.20
N THR I 244 19.01 -15.40 -23.59
CA THR I 244 19.83 -15.54 -22.39
C THR I 244 21.30 -15.80 -22.73
N ASN I 245 21.55 -16.69 -23.68
CA ASN I 245 22.91 -17.14 -23.95
C ASN I 245 23.32 -17.16 -25.41
N TYR I 246 24.55 -16.71 -25.67
CA TYR I 246 25.23 -17.00 -26.92
C TYR I 246 25.78 -18.41 -26.83
N TYR I 247 26.00 -19.04 -27.98
CA TYR I 247 26.66 -20.35 -27.98
C TYR I 247 28.08 -20.19 -28.48
N LEU I 248 29.04 -20.61 -27.68
CA LEU I 248 30.45 -20.39 -27.97
C LEU I 248 31.20 -21.69 -28.18
N THR I 249 32.42 -21.59 -28.69
CA THR I 249 33.28 -22.74 -28.92
C THR I 249 34.73 -22.42 -28.62
N THR I 250 35.48 -23.43 -28.20
CA THR I 250 36.92 -23.30 -27.96
C THR I 250 37.67 -24.27 -28.84
N ALA I 251 36.97 -24.85 -29.81
CA ALA I 251 37.54 -25.89 -30.66
C ALA I 251 38.51 -25.35 -31.70
N ARG I 252 39.58 -24.72 -31.22
CA ARG I 252 40.65 -24.24 -32.06
C ARG I 252 41.88 -24.02 -31.19
N ASN I 253 43.06 -24.02 -31.82
CA ASN I 253 44.31 -23.90 -31.08
C ASN I 253 44.46 -22.59 -30.32
N ASP I 254 43.90 -21.52 -30.88
CA ASP I 254 44.01 -20.19 -30.27
C ASP I 254 42.85 -19.93 -29.31
N LEU I 255 41.97 -20.92 -29.15
CA LEU I 255 40.80 -20.76 -28.30
C LEU I 255 40.91 -21.63 -27.04
N GLY I 256 40.50 -21.07 -25.91
CA GLY I 256 40.54 -21.79 -24.65
C GLY I 256 40.97 -20.92 -23.48
N VAL I 257 41.40 -21.58 -22.41
CA VAL I 257 41.81 -20.89 -21.19
C VAL I 257 43.03 -20.00 -21.45
N VAL I 258 42.87 -18.70 -21.25
CA VAL I 258 43.99 -17.78 -21.38
C VAL I 258 44.42 -17.28 -19.99
N PHE I 259 43.55 -17.40 -19.01
CA PHE I 259 43.93 -17.11 -17.63
C PHE I 259 43.29 -18.06 -16.64
N ALA I 260 44.02 -18.38 -15.57
CA ALA I 260 43.54 -19.32 -14.56
C ALA I 260 44.28 -19.16 -13.25
N ARG I 261 43.62 -19.52 -12.16
CA ARG I 261 44.24 -19.48 -10.84
C ARG I 261 44.12 -20.84 -10.17
N ALA I 262 45.14 -21.21 -9.40
CA ALA I 262 45.12 -22.47 -8.68
C ALA I 262 44.00 -22.46 -7.65
N ALA I 263 43.57 -23.66 -7.25
CA ALA I 263 42.52 -23.83 -6.25
C ALA I 263 41.24 -23.08 -6.63
N ASN I 264 40.87 -23.16 -7.91
CA ASN I 264 39.64 -22.58 -8.42
C ASN I 264 39.48 -21.09 -8.15
N GLY I 265 40.53 -20.32 -8.45
CA GLY I 265 40.47 -18.89 -8.33
C GLY I 265 40.99 -18.36 -7.01
N ALA I 266 41.21 -19.28 -6.07
CA ALA I 266 41.66 -18.91 -4.73
C ALA I 266 43.18 -18.69 -4.68
N GLY I 267 43.93 -19.48 -5.42
CA GLY I 267 45.38 -19.43 -5.37
C GLY I 267 45.97 -18.36 -6.27
N GLY I 268 47.27 -18.50 -6.53
CA GLY I 268 47.96 -17.57 -7.41
C GLY I 268 47.80 -17.96 -8.88
N LEU I 269 48.19 -17.05 -9.77
CA LEU I 269 48.06 -17.29 -11.20
C LEU I 269 48.96 -18.42 -11.69
N MET I 270 48.41 -19.27 -12.54
CA MET I 270 49.17 -20.33 -13.18
C MET I 270 49.49 -19.95 -14.62
N TYR I 271 50.56 -20.52 -15.17
CA TYR I 271 50.92 -20.26 -16.55
C TYR I 271 50.77 -21.54 -17.38
N ALA I 272 50.47 -21.37 -18.66
CA ALA I 272 50.27 -22.49 -19.56
C ALA I 272 51.60 -23.16 -19.89
N THR I 273 51.70 -24.46 -19.60
CA THR I 273 52.91 -25.22 -19.87
C THR I 273 52.73 -26.09 -21.11
N ASP I 274 51.60 -26.78 -21.19
CA ASP I 274 51.31 -27.66 -22.31
C ASP I 274 49.85 -27.50 -22.74
N TRP I 275 49.53 -28.03 -23.93
CA TRP I 275 48.20 -27.91 -24.52
C TRP I 275 47.06 -28.19 -23.56
N GLN I 276 47.28 -29.16 -22.67
CA GLN I 276 46.24 -29.55 -21.72
C GLN I 276 46.68 -29.39 -20.27
N MET I 277 47.64 -28.50 -20.01
CA MET I 277 48.13 -28.37 -18.64
C MET I 277 48.77 -27.02 -18.32
N MET I 278 48.38 -26.47 -17.17
CA MET I 278 49.05 -25.31 -16.60
C MET I 278 49.72 -25.71 -15.30
N THR I 279 50.56 -24.84 -14.77
CA THR I 279 51.18 -25.13 -13.48
C THR I 279 51.40 -23.85 -12.67
N SER I 280 51.45 -24.00 -11.36
CA SER I 280 51.66 -22.87 -10.46
C SER I 280 53.14 -22.71 -10.14
N PRO I 281 53.65 -21.48 -10.26
CA PRO I 281 55.08 -21.19 -10.06
C PRO I 281 55.56 -21.41 -8.62
N VAL I 282 54.72 -21.08 -7.64
CA VAL I 282 55.11 -21.16 -6.24
C VAL I 282 54.95 -22.56 -5.64
N THR I 283 53.93 -23.30 -6.11
CA THR I 283 53.66 -24.63 -5.60
C THR I 283 54.37 -25.70 -6.43
N GLY I 284 54.36 -25.51 -7.74
CA GLY I 284 54.95 -26.48 -8.65
C GLY I 284 53.90 -27.48 -9.13
N ALA I 285 52.76 -27.48 -8.45
CA ALA I 285 51.66 -28.37 -8.80
C ALA I 285 51.08 -28.05 -10.18
N THR I 286 50.58 -29.07 -10.85
CA THR I 286 50.01 -28.90 -12.18
C THR I 286 48.50 -29.08 -12.16
N GLU I 287 47.80 -28.29 -12.97
CA GLU I 287 46.36 -28.40 -13.09
C GLU I 287 45.98 -28.56 -14.55
N LYS I 288 44.91 -29.33 -14.80
CA LYS I 288 44.51 -29.68 -16.16
C LYS I 288 43.47 -28.71 -16.73
N ARG I 289 43.81 -28.08 -17.86
CA ARG I 289 42.90 -27.16 -18.56
C ARG I 289 42.91 -27.44 -20.05
N LYS I 290 42.11 -26.69 -20.80
CA LYS I 290 42.28 -26.62 -22.24
C LYS I 290 42.87 -25.27 -22.60
N CYS I 291 44.18 -25.21 -22.71
CA CYS I 291 44.88 -23.95 -22.88
C CYS I 291 44.85 -23.44 -24.31
N ALA I 292 44.49 -22.17 -24.47
CA ALA I 292 44.63 -21.50 -25.75
C ALA I 292 46.11 -21.25 -26.00
N LYS I 293 46.56 -21.51 -27.22
CA LYS I 293 47.96 -21.32 -27.57
C LYS I 293 48.34 -19.85 -27.55
N PRO I 294 49.27 -19.46 -26.66
CA PRO I 294 49.83 -18.11 -26.70
C PRO I 294 50.69 -17.94 -27.94
N PHE I 295 51.12 -16.72 -28.24
CA PHE I 295 51.86 -16.40 -29.47
C PHE I 295 51.31 -17.13 -30.70
N ARG J 13 -36.75 7.34 -16.42
CA ARG J 13 -37.02 5.91 -16.62
C ARG J 13 -36.99 5.15 -15.31
N ARG J 14 -37.88 4.17 -15.17
CA ARG J 14 -37.90 3.32 -13.99
C ARG J 14 -37.98 1.84 -14.38
N LYS J 15 -37.42 0.98 -13.54
CA LYS J 15 -37.45 -0.45 -13.79
C LYS J 15 -38.37 -1.17 -12.81
N ARG J 16 -39.18 -2.09 -13.33
CA ARG J 16 -40.04 -2.93 -12.50
C ARG J 16 -39.22 -4.11 -12.00
N LEU J 17 -39.52 -4.57 -10.79
CA LEU J 17 -38.74 -5.65 -10.19
C LEU J 17 -39.61 -6.84 -9.77
N ALA J 18 -38.99 -7.76 -9.03
CA ALA J 18 -39.56 -9.09 -8.79
C ALA J 18 -40.92 -9.11 -8.09
N ASP J 19 -41.06 -8.34 -7.01
CA ASP J 19 -42.25 -8.46 -6.18
C ASP J 19 -42.94 -7.13 -5.91
N GLY J 20 -43.67 -6.63 -6.90
CA GLY J 20 -44.37 -5.36 -6.79
C GLY J 20 -43.43 -4.21 -6.46
N LEU J 21 -42.19 -4.33 -6.93
CA LEU J 21 -41.15 -3.37 -6.61
C LEU J 21 -40.72 -2.59 -7.85
N SER J 22 -40.00 -1.49 -7.64
CA SER J 22 -39.50 -0.66 -8.73
C SER J 22 -38.27 0.12 -8.31
N VAL J 23 -37.61 0.74 -9.28
CA VAL J 23 -36.48 1.58 -8.97
C VAL J 23 -36.30 2.69 -10.01
N THR J 24 -36.00 3.89 -9.51
CA THR J 24 -35.63 5.02 -10.35
C THR J 24 -34.35 5.61 -9.78
N GLN J 25 -33.87 6.69 -10.39
CA GLN J 25 -32.64 7.33 -9.92
C GLN J 25 -32.89 8.76 -9.45
N LYS J 26 -32.90 8.95 -8.13
CA LYS J 26 -32.97 10.29 -7.58
C LYS J 26 -31.62 10.99 -7.77
N VAL J 27 -31.61 11.99 -8.64
CA VAL J 27 -30.41 12.74 -8.94
C VAL J 27 -30.58 14.20 -8.55
N PHE J 28 -29.61 14.76 -7.87
CA PHE J 28 -29.67 16.17 -7.50
C PHE J 28 -28.27 16.75 -7.30
N VAL J 29 -28.18 18.00 -6.85
CA VAL J 29 -26.88 18.63 -6.64
C VAL J 29 -26.72 19.20 -5.23
N ARG J 30 -25.86 18.57 -4.44
CA ARG J 30 -25.53 19.07 -3.11
C ARG J 30 -24.53 20.21 -3.22
N SER J 31 -24.75 21.25 -2.43
CA SER J 31 -23.89 22.43 -2.45
C SER J 31 -23.21 22.65 -1.11
N ARG J 32 -22.26 21.79 -0.77
CA ARG J 32 -21.43 21.99 0.42
C ARG J 32 -20.67 23.29 0.24
N ASN J 33 -20.42 23.98 1.36
CA ASN J 33 -19.88 25.34 1.33
C ASN J 33 -18.63 25.49 0.47
N GLY J 34 -18.79 26.23 -0.63
CA GLY J 34 -17.70 26.51 -1.53
C GLY J 34 -17.60 25.54 -2.68
N GLY J 35 -18.55 24.63 -2.80
CA GLY J 35 -18.47 23.59 -3.81
C GLY J 35 -19.79 23.07 -4.37
N ALA J 36 -19.68 22.30 -5.45
CA ALA J 36 -20.82 21.64 -6.07
C ALA J 36 -20.55 20.16 -6.30
N THR J 37 -21.45 19.31 -5.83
CA THR J 37 -21.28 17.87 -6.01
C THR J 37 -22.60 17.20 -6.36
N LYS J 38 -22.65 16.57 -7.53
CA LYS J 38 -23.87 15.92 -7.96
C LYS J 38 -24.01 14.56 -7.27
N ILE J 39 -25.20 14.32 -6.72
CA ILE J 39 -25.47 13.12 -5.96
C ILE J 39 -26.52 12.26 -6.66
N VAL J 40 -26.21 10.98 -6.77
CA VAL J 40 -27.09 10.01 -7.40
C VAL J 40 -27.42 8.89 -6.43
N ARG J 41 -28.71 8.62 -6.25
CA ARG J 41 -29.14 7.52 -5.39
C ARG J 41 -30.24 6.73 -6.09
N GLU J 42 -30.44 5.49 -5.66
CA GLU J 42 -31.53 4.70 -6.22
C GLU J 42 -32.75 4.80 -5.32
N HIS J 43 -33.89 5.14 -5.93
CA HIS J 43 -35.14 5.33 -5.23
C HIS J 43 -36.10 4.21 -5.58
N TYR J 44 -36.35 3.32 -4.62
CA TYR J 44 -37.21 2.17 -4.86
C TYR J 44 -38.68 2.50 -4.61
N LEU J 45 -39.54 2.03 -5.52
CA LEU J 45 -40.98 2.22 -5.40
C LEU J 45 -41.66 0.92 -5.00
N ARG J 46 -42.70 1.00 -4.20
CA ARG J 46 -43.31 -0.21 -3.65
C ARG J 46 -44.82 -0.26 -3.85
N SER J 47 -45.40 -1.43 -3.60
CA SER J 47 -46.84 -1.64 -3.75
C SER J 47 -47.44 -2.26 -2.51
N ASP J 48 -46.74 -2.14 -1.39
CA ASP J 48 -47.19 -2.75 -0.14
C ASP J 48 -47.30 -1.73 1.00
N ILE J 49 -47.32 -0.45 0.67
CA ILE J 49 -47.46 0.59 1.68
C ILE J 49 -48.90 0.65 2.19
N PRO J 50 -49.11 0.37 3.47
CA PRO J 50 -50.45 0.33 4.08
C PRO J 50 -51.00 1.71 4.40
N CYS J 51 -52.31 1.89 4.21
CA CYS J 51 -52.98 3.14 4.54
C CYS J 51 -53.25 3.23 6.04
N LEU J 52 -53.12 2.09 6.72
CA LEU J 52 -53.25 2.00 8.17
C LEU J 52 -54.64 2.39 8.67
N SER J 53 -55.66 2.16 7.84
CA SER J 53 -57.05 2.44 8.21
C SER J 53 -57.78 1.16 8.60
N ARG J 54 -58.61 1.24 9.64
CA ARG J 54 -59.35 0.09 10.12
C ARG J 54 -60.50 -0.24 9.15
N SER J 55 -60.77 0.68 8.23
CA SER J 55 -61.87 0.52 7.29
C SER J 55 -61.44 -0.18 6.00
N CYS J 56 -60.15 -0.15 5.70
CA CYS J 56 -59.64 -0.71 4.45
C CYS J 56 -59.48 -2.22 4.49
N THR J 57 -59.97 -2.90 3.45
CA THR J 57 -59.94 -4.35 3.38
C THR J 57 -58.77 -4.87 2.54
N LYS J 58 -58.40 -4.11 1.52
CA LYS J 58 -57.38 -4.52 0.56
C LYS J 58 -55.95 -4.49 1.14
N CYS J 59 -55.60 -3.38 1.78
CA CYS J 59 -54.24 -3.19 2.31
C CYS J 59 -53.76 -4.23 3.33
N PRO J 60 -54.63 -4.68 4.26
CA PRO J 60 -54.13 -5.68 5.22
C PRO J 60 -53.66 -7.00 4.60
N GLN J 61 -53.97 -7.21 3.32
CA GLN J 61 -53.57 -8.45 2.65
C GLN J 61 -52.20 -8.33 1.99
N ILE J 62 -51.94 -7.18 1.37
CA ILE J 62 -50.69 -6.94 0.64
C ILE J 62 -49.56 -6.52 1.57
N VAL J 63 -49.89 -6.31 2.83
CA VAL J 63 -48.89 -5.85 3.80
C VAL J 63 -47.95 -6.98 4.21
N VAL J 64 -46.71 -6.62 4.56
CA VAL J 64 -45.71 -7.60 4.97
C VAL J 64 -45.08 -7.20 6.31
N PRO J 65 -44.61 -8.19 7.08
CA PRO J 65 -44.04 -7.92 8.41
C PRO J 65 -42.68 -7.24 8.36
N ASP J 66 -42.29 -6.60 9.45
CA ASP J 66 -41.01 -5.90 9.50
C ASP J 66 -39.87 -6.85 9.85
N ALA J 67 -38.79 -6.29 10.39
CA ALA J 67 -37.62 -7.08 10.77
C ALA J 67 -37.88 -7.95 12.00
N GLN J 68 -38.89 -7.57 12.78
CA GLN J 68 -39.27 -8.32 13.98
C GLN J 68 -40.38 -9.30 13.64
N ASN J 69 -40.71 -9.36 12.34
CA ASN J 69 -41.80 -10.20 11.81
C ASN J 69 -43.13 -9.69 12.35
N GLU J 70 -43.41 -8.41 12.07
CA GLU J 70 -44.54 -7.69 12.65
C GLU J 70 -45.34 -6.94 11.61
N LEU J 71 -46.66 -7.19 11.58
CA LEU J 71 -47.56 -6.56 10.64
C LEU J 71 -48.14 -5.28 11.21
N PRO J 72 -47.74 -4.12 10.65
CA PRO J 72 -48.06 -2.78 11.16
C PRO J 72 -49.52 -2.63 11.53
N LYS J 73 -49.77 -2.01 12.68
CA LYS J 73 -51.12 -1.86 13.21
C LYS J 73 -51.93 -0.86 12.39
N PHE J 74 -53.12 -1.27 11.98
CA PHE J 74 -54.07 -0.37 11.34
C PHE J 74 -54.84 0.37 12.43
N ILE J 75 -54.53 1.65 12.62
CA ILE J 75 -55.03 2.37 13.78
C ILE J 75 -56.04 3.47 13.45
N LEU J 76 -56.00 4.00 12.23
CA LEU J 76 -56.94 5.04 11.83
C LEU J 76 -58.38 4.54 11.95
N SER J 77 -59.18 5.32 12.68
CA SER J 77 -60.55 4.92 13.04
C SER J 77 -61.43 4.64 11.83
N ASP J 78 -62.16 3.53 11.90
CA ASP J 78 -63.15 3.17 10.88
C ASP J 78 -64.22 4.26 10.78
N SER J 79 -64.55 4.85 11.92
CA SER J 79 -65.49 5.95 11.97
C SER J 79 -64.82 7.18 12.57
N PRO J 80 -64.26 8.05 11.72
CA PRO J 80 -63.59 9.27 12.19
C PRO J 80 -64.60 10.34 12.60
N LEU J 81 -64.10 11.49 13.02
CA LEU J 81 -64.93 12.64 13.28
C LEU J 81 -65.66 13.06 12.01
N GLU J 82 -66.98 13.19 12.07
CA GLU J 82 -67.75 13.57 10.91
C GLU J 82 -68.29 15.00 11.00
N LEU J 83 -68.11 15.74 9.91
CA LEU J 83 -68.47 17.16 9.88
C LEU J 83 -69.68 17.41 8.99
N SER J 84 -69.92 18.68 8.68
CA SER J 84 -71.02 19.05 7.80
C SER J 84 -70.62 18.87 6.34
N ALA J 85 -71.61 18.60 5.49
CA ALA J 85 -71.39 18.48 4.04
C ALA J 85 -70.77 19.76 3.48
N PRO J 86 -69.93 19.63 2.42
CA PRO J 86 -69.55 18.41 1.71
C PRO J 86 -68.39 17.67 2.36
N ILE J 87 -68.42 17.57 3.68
CA ILE J 87 -67.43 16.80 4.43
C ILE J 87 -68.13 15.84 5.37
N GLY J 88 -68.05 14.55 5.03
CA GLY J 88 -68.38 13.49 5.95
C GLY J 88 -67.23 12.49 5.97
N LYS J 89 -67.04 11.84 7.11
CA LYS J 89 -66.16 10.68 7.18
C LYS J 89 -64.71 11.10 6.85
N HIS J 90 -64.21 12.17 7.48
CA HIS J 90 -62.95 12.80 7.05
C HIS J 90 -61.74 12.40 7.88
N TYR J 91 -60.63 12.22 7.17
CA TYR J 91 -59.30 12.13 7.76
C TYR J 91 -58.57 13.43 7.48
N VAL J 92 -57.57 13.75 8.28
CA VAL J 92 -56.82 14.98 8.10
C VAL J 92 -55.44 14.72 7.52
N VAL J 93 -55.14 15.34 6.38
CA VAL J 93 -53.79 15.31 5.83
C VAL J 93 -53.13 16.67 6.05
N LEU J 94 -52.02 16.68 6.78
CA LEU J 94 -51.39 17.92 7.18
C LEU J 94 -50.36 18.43 6.17
N ASP J 95 -50.07 19.71 6.27
CA ASP J 95 -48.98 20.33 5.52
C ASP J 95 -47.91 20.76 6.51
N THR J 96 -46.68 20.92 6.03
CA THR J 96 -45.55 21.29 6.87
C THR J 96 -45.81 22.51 7.74
N ASN J 97 -46.30 23.57 7.10
CA ASN J 97 -46.57 24.83 7.79
C ASN J 97 -47.59 24.67 8.92
N VAL J 98 -48.68 23.96 8.63
CA VAL J 98 -49.73 23.73 9.62
C VAL J 98 -49.18 23.00 10.84
N VAL J 99 -48.29 22.04 10.61
CA VAL J 99 -47.64 21.33 11.70
C VAL J 99 -46.77 22.29 12.51
N LEU J 100 -45.95 23.08 11.81
CA LEU J 100 -45.05 24.03 12.47
C LEU J 100 -45.79 25.07 13.32
N GLN J 101 -46.95 25.52 12.87
CA GLN J 101 -47.68 26.58 13.55
C GLN J 101 -48.65 26.06 14.61
N ALA J 102 -49.21 24.87 14.38
CA ALA J 102 -50.23 24.34 15.28
C ALA J 102 -49.83 23.01 15.88
N ILE J 103 -48.52 22.81 16.07
CA ILE J 103 -48.02 21.58 16.68
C ILE J 103 -48.63 21.36 18.06
N ASP J 104 -48.84 22.45 18.80
CA ASP J 104 -49.36 22.35 20.16
C ASP J 104 -50.87 22.07 20.16
N LEU J 105 -51.50 22.32 19.01
CA LEU J 105 -52.92 22.00 18.86
C LEU J 105 -53.07 20.56 18.39
N LEU J 106 -52.07 20.08 17.64
CA LEU J 106 -52.04 18.68 17.22
C LEU J 106 -51.86 17.77 18.42
N GLU J 107 -51.41 18.33 19.53
CA GLU J 107 -51.21 17.57 20.76
C GLU J 107 -52.42 17.68 21.68
N ASN J 108 -53.35 18.56 21.31
CA ASN J 108 -54.55 18.78 22.12
C ASN J 108 -55.47 17.56 22.11
N PRO J 109 -55.77 17.02 23.30
CA PRO J 109 -56.51 15.77 23.48
C PRO J 109 -57.92 15.76 22.86
N ASN J 110 -58.46 16.93 22.56
CA ASN J 110 -59.85 17.01 22.09
C ASN J 110 -60.00 17.52 20.67
N CYS J 111 -58.96 17.32 19.84
CA CYS J 111 -59.04 17.64 18.42
C CYS J 111 -57.95 16.91 17.66
N PHE J 112 -58.13 16.78 16.34
CA PHE J 112 -57.21 16.04 15.48
C PHE J 112 -57.02 14.61 15.99
N PHE J 113 -58.09 13.82 15.95
CA PHE J 113 -58.07 12.45 16.44
C PHE J 113 -57.51 11.48 15.41
N ASP J 114 -57.78 11.75 14.13
CA ASP J 114 -57.31 10.91 13.04
C ASP J 114 -56.55 11.73 12.01
N VAL J 115 -55.22 11.67 12.09
CA VAL J 115 -54.37 12.48 11.24
C VAL J 115 -53.37 11.63 10.46
N ILE J 116 -53.31 11.85 9.15
CA ILE J 116 -52.30 11.24 8.32
C ILE J 116 -51.13 12.19 8.13
N VAL J 117 -49.93 11.73 8.47
CA VAL J 117 -48.73 12.53 8.28
C VAL J 117 -47.91 11.95 7.14
N PRO J 118 -47.95 12.61 5.96
CA PRO J 118 -47.16 12.17 4.80
C PRO J 118 -45.68 12.14 5.12
N GLN J 119 -44.94 11.24 4.48
CA GLN J 119 -43.50 11.13 4.67
C GLN J 119 -42.79 12.43 4.33
N ILE J 120 -43.20 13.04 3.22
CA ILE J 120 -42.54 14.24 2.72
C ILE J 120 -42.73 15.42 3.69
N VAL J 121 -43.89 15.45 4.35
CA VAL J 121 -44.16 16.45 5.37
C VAL J 121 -43.26 16.22 6.57
N LEU J 122 -43.12 14.95 6.95
CA LEU J 122 -42.25 14.55 8.04
C LEU J 122 -40.82 15.02 7.78
N ASP J 123 -40.36 14.80 6.55
CA ASP J 123 -39.02 15.20 6.14
C ASP J 123 -38.84 16.72 6.15
N GLU J 124 -39.82 17.45 5.62
CA GLU J 124 -39.75 18.91 5.61
C GLU J 124 -39.69 19.49 7.02
N VAL J 125 -40.62 19.03 7.86
CA VAL J 125 -40.67 19.46 9.26
C VAL J 125 -39.35 19.14 9.95
N ARG J 126 -38.81 17.96 9.65
CA ARG J 126 -37.51 17.56 10.20
C ARG J 126 -36.41 18.53 9.80
N ASN J 127 -36.39 18.90 8.52
CA ASN J 127 -35.38 19.80 8.00
C ASN J 127 -35.44 21.19 8.60
N LYS J 128 -36.66 21.70 8.80
CA LYS J 128 -36.81 23.06 9.30
C LYS J 128 -36.87 23.16 10.83
N SER J 129 -37.33 22.10 11.49
CA SER J 129 -37.34 22.07 12.95
C SER J 129 -37.33 20.65 13.51
N TYR J 130 -36.19 20.26 14.06
CA TYR J 130 -36.02 18.92 14.62
C TYR J 130 -36.84 18.63 15.89
N PRO J 131 -36.95 19.61 16.82
CA PRO J 131 -37.78 19.31 17.99
C PRO J 131 -39.25 19.06 17.64
N VAL J 132 -39.81 19.89 16.77
CA VAL J 132 -41.19 19.72 16.33
C VAL J 132 -41.35 18.37 15.62
N TYR J 133 -40.34 17.99 14.86
CA TYR J 133 -40.29 16.68 14.23
C TYR J 133 -40.31 15.56 15.27
N THR J 134 -39.65 15.80 16.40
CA THR J 134 -39.60 14.82 17.48
C THR J 134 -40.96 14.70 18.15
N ARG J 135 -41.64 15.83 18.32
CA ARG J 135 -42.98 15.83 18.91
C ARG J 135 -44.00 15.15 18.00
N LEU J 136 -43.86 15.37 16.70
CA LEU J 136 -44.73 14.74 15.71
C LEU J 136 -44.49 13.24 15.68
N ARG J 137 -43.21 12.84 15.71
CA ARG J 137 -42.86 11.43 15.77
C ARG J 137 -43.38 10.81 17.06
N THR J 138 -43.42 11.60 18.13
CA THR J 138 -43.97 11.14 19.40
C THR J 138 -45.46 10.91 19.26
N LEU J 139 -46.14 11.79 18.53
CA LEU J 139 -47.56 11.65 18.26
C LEU J 139 -47.83 10.37 17.47
N CYS J 140 -47.00 10.11 16.46
CA CYS J 140 -47.18 8.93 15.61
C CYS J 140 -46.80 7.64 16.36
N ARG J 141 -45.95 7.77 17.36
CA ARG J 141 -45.45 6.62 18.11
C ARG J 141 -46.43 6.17 19.19
N ASP J 142 -47.01 7.13 19.91
CA ASP J 142 -47.88 6.83 21.04
C ASP J 142 -49.35 6.85 20.67
N SER J 143 -49.65 6.51 19.41
CA SER J 143 -51.03 6.49 18.94
C SER J 143 -51.86 5.44 19.68
N ASP J 144 -53.06 5.84 20.07
CA ASP J 144 -53.97 4.95 20.79
C ASP J 144 -55.43 5.25 20.47
N ASP J 145 -56.32 4.90 21.40
CA ASP J 145 -57.75 5.14 21.23
C ASP J 145 -58.06 6.63 21.23
N HIS J 146 -57.31 7.38 22.02
CA HIS J 146 -57.54 8.81 22.19
C HIS J 146 -57.03 9.61 20.99
N LYS J 147 -55.86 9.25 20.48
CA LYS J 147 -55.28 9.95 19.34
C LYS J 147 -54.61 9.01 18.35
N ARG J 148 -54.79 9.28 17.06
CA ARG J 148 -54.30 8.41 16.01
C ARG J 148 -53.53 9.19 14.95
N PHE J 149 -52.21 9.04 14.97
CA PHE J 149 -51.33 9.66 13.99
C PHE J 149 -50.54 8.60 13.24
N ILE J 150 -50.58 8.64 11.91
CA ILE J 150 -49.82 7.68 11.12
C ILE J 150 -48.83 8.36 10.19
N VAL J 151 -47.81 7.61 9.79
CA VAL J 151 -46.87 8.07 8.78
C VAL J 151 -47.07 7.27 7.51
N PHE J 152 -47.22 7.97 6.39
CA PHE J 152 -47.41 7.33 5.10
C PHE J 152 -46.29 7.67 4.15
N HIS J 153 -45.55 6.65 3.73
CA HIS J 153 -44.42 6.85 2.84
C HIS J 153 -44.89 7.02 1.41
N ASN J 154 -45.41 8.21 1.11
CA ASN J 154 -45.90 8.55 -0.22
C ASN J 154 -44.79 8.53 -1.26
N GLU J 155 -43.56 8.75 -0.81
CA GLU J 155 -42.41 8.81 -1.70
C GLU J 155 -42.01 7.42 -2.19
N PHE J 156 -42.31 6.40 -1.40
CA PHE J 156 -41.89 5.04 -1.72
C PHE J 156 -43.01 4.24 -2.40
N SER J 157 -44.20 4.81 -2.46
CA SER J 157 -45.31 4.16 -3.15
C SER J 157 -45.41 4.69 -4.57
N GLU J 158 -45.50 3.78 -5.54
CA GLU J 158 -45.59 4.18 -6.94
C GLU J 158 -46.92 4.86 -7.23
N HIS J 159 -47.93 4.54 -6.42
CA HIS J 159 -49.26 5.12 -6.58
C HIS J 159 -49.27 6.62 -6.29
N THR J 160 -48.32 7.07 -5.46
CA THR J 160 -48.33 8.44 -4.98
C THR J 160 -47.07 9.23 -5.34
N PHE J 161 -46.03 8.53 -5.78
CA PHE J 161 -44.76 9.19 -6.08
C PHE J 161 -44.84 10.05 -7.35
N VAL J 162 -44.61 11.35 -7.19
CA VAL J 162 -44.52 12.24 -8.34
C VAL J 162 -43.06 12.62 -8.58
N GLU J 163 -42.67 12.71 -9.84
CA GLU J 163 -41.30 13.06 -10.19
C GLU J 163 -41.19 14.52 -10.60
N ARG J 164 -40.07 15.14 -10.23
CA ARG J 164 -39.87 16.57 -10.41
C ARG J 164 -39.77 16.98 -11.87
N LEU J 165 -40.55 17.98 -12.25
CA LEU J 165 -40.48 18.57 -13.58
C LEU J 165 -39.28 19.51 -13.66
N PRO J 166 -38.75 19.73 -14.88
CA PRO J 166 -37.65 20.69 -15.04
C PRO J 166 -38.11 22.13 -14.75
N ASN J 167 -37.16 22.97 -14.33
CA ASN J 167 -37.44 24.37 -14.04
C ASN J 167 -38.55 24.55 -13.00
N GLU J 168 -38.53 23.71 -11.98
CA GLU J 168 -39.53 23.75 -10.91
C GLU J 168 -38.86 23.63 -9.56
N THR J 169 -39.16 24.57 -8.66
CA THR J 169 -38.56 24.56 -7.33
C THR J 169 -39.06 23.36 -6.53
N ILE J 170 -38.37 23.06 -5.43
CA ILE J 170 -38.69 21.88 -4.62
C ILE J 170 -40.08 21.97 -4.00
N ASN J 171 -40.52 23.18 -3.71
CA ASN J 171 -41.80 23.42 -3.04
C ASN J 171 -43.00 22.93 -3.84
N ASP J 172 -43.01 23.26 -5.13
CA ASP J 172 -44.08 22.85 -6.04
C ASP J 172 -44.19 21.33 -6.10
N ARG J 173 -43.03 20.68 -6.16
CA ARG J 173 -42.97 19.23 -6.21
C ARG J 173 -43.47 18.60 -4.92
N ASN J 174 -43.04 19.16 -3.79
CA ASN J 174 -43.49 18.69 -2.48
C ASN J 174 -45.01 18.77 -2.34
N ASN J 175 -45.55 19.94 -2.62
CA ASN J 175 -46.98 20.17 -2.49
C ASN J 175 -47.80 19.37 -3.51
N ARG J 176 -47.23 19.12 -4.68
CA ARG J 176 -47.87 18.28 -5.67
C ARG J 176 -47.86 16.82 -5.21
N ALA J 177 -46.84 16.47 -4.43
CA ALA J 177 -46.76 15.13 -3.86
C ALA J 177 -47.79 14.94 -2.76
N ILE J 178 -47.94 15.95 -1.93
CA ILE J 178 -48.98 15.94 -0.89
C ILE J 178 -50.35 15.87 -1.54
N ARG J 179 -50.49 16.62 -2.63
CA ARG J 179 -51.73 16.66 -3.39
C ARG J 179 -52.08 15.28 -3.95
N LYS J 180 -51.08 14.63 -4.54
CA LYS J 180 -51.25 13.29 -5.11
C LYS J 180 -51.57 12.29 -4.01
N THR J 181 -50.96 12.50 -2.84
CA THR J 181 -51.25 11.68 -1.66
C THR J 181 -52.72 11.79 -1.29
N CYS J 182 -53.21 13.02 -1.19
CA CYS J 182 -54.61 13.27 -0.87
C CYS J 182 -55.54 12.66 -1.91
N GLN J 183 -55.15 12.75 -3.17
CA GLN J 183 -55.94 12.23 -4.28
C GLN J 183 -56.07 10.70 -4.20
N TRP J 184 -54.92 10.04 -4.05
CA TRP J 184 -54.91 8.59 -3.91
C TRP J 184 -55.73 8.18 -2.70
N TYR J 185 -55.66 8.99 -1.65
CA TYR J 185 -56.43 8.72 -0.44
C TYR J 185 -57.92 8.78 -0.67
N SER J 186 -58.37 9.84 -1.32
CA SER J 186 -59.77 10.00 -1.63
C SER J 186 -60.25 8.83 -2.49
N GLU J 187 -59.48 8.50 -3.52
CA GLU J 187 -59.86 7.40 -4.42
C GLU J 187 -59.84 6.04 -3.72
N HIS J 188 -59.04 5.93 -2.66
CA HIS J 188 -58.84 4.65 -1.98
C HIS J 188 -59.86 4.41 -0.88
N LEU J 189 -60.31 5.49 -0.26
CA LEU J 189 -61.17 5.39 0.92
C LEU J 189 -62.63 5.64 0.58
N LYS J 190 -62.87 6.19 -0.61
CA LYS J 190 -64.23 6.48 -1.08
C LYS J 190 -65.21 5.29 -1.12
N PRO J 191 -64.75 4.06 -1.43
CA PRO J 191 -65.66 2.91 -1.31
C PRO J 191 -66.24 2.75 0.08
N TYR J 192 -65.61 3.40 1.06
CA TYR J 192 -66.16 3.46 2.40
C TYR J 192 -66.71 4.85 2.65
N ASP J 193 -66.28 5.79 1.81
CA ASP J 193 -66.68 7.19 1.85
C ASP J 193 -65.80 8.05 2.76
N ILE J 194 -64.78 7.48 3.37
CA ILE J 194 -63.80 8.37 4.03
C ILE J 194 -63.21 9.45 3.10
N ASN J 195 -63.53 10.72 3.34
CA ASN J 195 -62.89 11.86 2.65
C ASN J 195 -61.60 12.28 3.36
N VAL J 196 -60.78 13.06 2.68
CA VAL J 196 -59.53 13.52 3.27
C VAL J 196 -59.50 15.04 3.11
N VAL J 197 -59.07 15.72 4.16
CA VAL J 197 -59.02 17.17 4.13
C VAL J 197 -57.57 17.62 4.22
N LEU J 198 -57.07 18.19 3.13
CA LEU J 198 -55.73 18.73 3.13
C LEU J 198 -55.71 20.10 3.78
N VAL J 199 -55.24 20.14 5.02
CA VAL J 199 -55.16 21.39 5.76
C VAL J 199 -53.83 22.09 5.47
N THR J 200 -53.89 23.25 4.84
CA THR J 200 -52.70 24.01 4.47
C THR J 200 -52.99 25.50 4.38
N ASN J 201 -51.93 26.32 4.49
CA ASN J 201 -52.09 27.77 4.48
C ASN J 201 -51.36 28.46 3.32
N ASP J 202 -51.11 27.72 2.25
CA ASP J 202 -50.13 28.16 1.25
C ASP J 202 -50.69 28.29 -0.18
N ARG J 203 -52.01 28.47 -0.31
CA ARG J 203 -52.65 28.72 -1.61
C ARG J 203 -52.25 27.70 -2.67
N LEU J 204 -52.34 26.42 -2.32
CA LEU J 204 -51.74 25.36 -3.14
C LEU J 204 -52.37 25.16 -4.53
N ASN J 205 -53.69 24.98 -4.58
CA ASN J 205 -54.31 24.46 -5.80
C ASN J 205 -55.15 25.47 -6.60
N ARG J 206 -54.73 25.72 -7.84
CA ARG J 206 -55.57 26.39 -8.82
C ARG J 206 -56.41 25.31 -9.50
N GLU J 207 -57.74 25.49 -9.49
CA GLU J 207 -58.71 24.48 -9.92
C GLU J 207 -58.26 23.56 -11.05
N ALA J 208 -58.09 22.27 -10.71
CA ALA J 208 -57.67 21.27 -11.69
C ALA J 208 -58.52 20.01 -11.56
N ALA J 209 -58.45 19.14 -12.56
CA ALA J 209 -59.24 17.91 -12.57
C ALA J 209 -58.74 16.90 -11.56
N ASN J 216 -61.59 16.30 -7.37
CA ASN J 216 -60.49 17.00 -6.71
C ASN J 216 -60.47 16.73 -5.21
N ILE J 217 -59.83 17.63 -4.46
CA ILE J 217 -59.62 17.43 -3.02
C ILE J 217 -60.10 18.62 -2.20
N ILE J 218 -60.71 18.33 -1.04
CA ILE J 218 -61.07 19.35 -0.07
C ILE J 218 -59.83 20.05 0.50
N THR J 219 -59.69 21.33 0.20
CA THR J 219 -58.54 22.09 0.67
C THR J 219 -58.98 23.25 1.57
N LYS J 220 -58.74 23.11 2.87
CA LYS J 220 -59.13 24.13 3.82
C LYS J 220 -57.94 24.60 4.66
N SER J 221 -57.88 25.89 4.92
CA SER J 221 -56.81 26.44 5.76
C SER J 221 -57.02 26.01 7.20
N LEU J 222 -56.07 26.37 8.05
CA LEU J 222 -56.15 25.99 9.46
C LEU J 222 -57.40 26.56 10.13
N VAL J 223 -57.57 27.88 10.04
CA VAL J 223 -58.70 28.55 10.68
C VAL J 223 -60.04 28.04 10.14
N GLN J 224 -60.07 27.73 8.85
CA GLN J 224 -61.27 27.20 8.20
C GLN J 224 -61.61 25.83 8.76
N TYR J 225 -60.61 24.97 8.89
CA TYR J 225 -60.84 23.65 9.44
C TYR J 225 -61.27 23.74 10.90
N ILE J 226 -60.70 24.71 11.61
CA ILE J 226 -61.08 24.94 13.00
C ILE J 226 -62.55 25.33 13.11
N GLU J 227 -63.00 26.18 12.20
CA GLU J 227 -64.38 26.65 12.25
C GLU J 227 -65.40 25.59 11.84
N LEU J 228 -64.94 24.55 11.14
CA LEU J 228 -65.83 23.46 10.73
C LEU J 228 -65.98 22.43 11.84
N LEU J 229 -65.23 22.62 12.92
CA LEU J 229 -65.23 21.71 14.05
C LEU J 229 -66.39 21.99 15.00
N PRO J 230 -66.86 20.95 15.71
CA PRO J 230 -67.90 21.11 16.72
C PRO J 230 -67.44 21.94 17.90
N ASN J 231 -66.21 21.71 18.35
CA ASN J 231 -65.67 22.40 19.53
C ASN J 231 -64.78 23.58 19.16
N ALA J 232 -65.19 24.32 18.14
CA ALA J 232 -64.40 25.44 17.62
C ALA J 232 -64.14 26.51 18.68
N ASP J 233 -65.18 26.89 19.42
CA ASP J 233 -65.06 27.95 20.43
C ASP J 233 -64.04 27.60 21.52
N ASP J 234 -63.83 26.31 21.75
CA ASP J 234 -62.86 25.86 22.74
C ASP J 234 -61.43 26.06 22.27
N ILE J 235 -61.21 25.88 20.97
CA ILE J 235 -59.85 25.84 20.44
C ILE J 235 -59.54 26.91 19.40
N ARG J 236 -60.49 27.79 19.15
CA ARG J 236 -60.32 28.84 18.14
C ARG J 236 -59.13 29.76 18.45
N ASP J 237 -58.84 29.94 19.74
CA ASP J 237 -57.80 30.86 20.17
C ASP J 237 -56.51 30.15 20.57
N SER J 238 -56.35 28.90 20.15
CA SER J 238 -55.14 28.15 20.40
C SER J 238 -54.25 28.17 19.15
N ILE J 239 -54.37 29.24 18.37
CA ILE J 239 -53.68 29.37 17.11
C ILE J 239 -52.93 30.70 17.05
N PRO J 240 -51.67 30.67 16.59
CA PRO J 240 -50.91 31.90 16.36
C PRO J 240 -51.63 32.85 15.40
N GLN J 241 -51.43 34.15 15.60
CA GLN J 241 -52.13 35.17 14.80
C GLN J 241 -51.34 35.55 13.55
N ASP J 256 -46.32 53.86 19.48
CA ASP J 256 -45.39 54.08 18.38
C ASP J 256 -44.02 53.50 18.74
N PHE J 257 -44.03 52.63 19.75
CA PHE J 257 -42.87 51.86 20.21
C PHE J 257 -42.23 51.08 19.05
N THR J 258 -40.91 51.16 18.90
CA THR J 258 -40.24 50.43 17.82
C THR J 258 -38.86 49.90 18.23
N PHE J 259 -38.73 48.59 18.28
CA PHE J 259 -37.44 47.93 18.52
C PHE J 259 -36.55 48.06 17.29
N PRO J 260 -35.23 48.13 17.50
CA PRO J 260 -34.31 48.05 16.36
C PRO J 260 -34.31 46.66 15.74
N GLU J 261 -34.54 46.59 14.43
CA GLU J 261 -34.63 45.31 13.73
C GLU J 261 -33.30 44.57 13.73
N TYR J 262 -33.37 43.24 13.82
CA TYR J 262 -32.17 42.40 13.84
C TYR J 262 -31.34 42.58 12.58
N TYR J 263 -30.02 42.45 12.74
CA TYR J 263 -29.10 42.50 11.61
C TYR J 263 -29.34 41.34 10.65
N SER J 264 -28.79 41.44 9.45
CA SER J 264 -28.88 40.36 8.48
C SER J 264 -27.80 39.31 8.75
N THR J 265 -27.94 38.15 8.11
CA THR J 265 -27.02 37.04 8.34
C THR J 265 -25.61 37.35 7.84
N ALA J 266 -25.53 37.96 6.67
CA ALA J 266 -24.24 38.36 6.11
C ALA J 266 -23.56 39.38 7.01
N ARG J 267 -24.36 40.29 7.56
CA ARG J 267 -23.85 41.33 8.45
C ARG J 267 -23.33 40.75 9.77
N VAL J 268 -24.04 39.77 10.33
CA VAL J 268 -23.63 39.22 11.61
C VAL J 268 -22.45 38.26 11.46
N MET J 269 -22.41 37.47 10.39
CA MET J 269 -21.29 36.56 10.18
C MET J 269 -20.04 37.35 9.79
N GLY J 270 -20.24 38.40 9.02
CA GLY J 270 -19.16 39.32 8.69
C GLY J 270 -18.65 39.97 9.96
N GLY J 271 -19.57 40.33 10.85
CA GLY J 271 -19.22 40.95 12.11
C GLY J 271 -18.50 40.01 13.06
N LEU J 272 -18.77 38.72 12.92
CA LEU J 272 -18.14 37.71 13.75
C LEU J 272 -16.74 37.36 13.24
N LYS J 273 -16.58 37.33 11.92
CA LYS J 273 -15.28 37.01 11.33
C LYS J 273 -14.27 38.13 11.57
N ASN J 274 -14.77 39.35 11.75
CA ASN J 274 -13.91 40.49 12.01
C ASN J 274 -13.70 40.74 13.50
N GLY J 275 -14.34 39.92 14.33
CA GLY J 275 -14.22 40.05 15.78
C GLY J 275 -14.99 41.24 16.32
N VAL J 276 -15.87 41.80 15.50
CA VAL J 276 -16.68 42.95 15.90
C VAL J 276 -17.82 42.54 16.82
N LEU J 277 -18.49 41.45 16.47
CA LEU J 277 -19.61 40.95 17.26
C LEU J 277 -19.20 39.75 18.10
N TYR J 278 -19.98 39.45 19.14
CA TYR J 278 -19.69 38.31 20.00
C TYR J 278 -20.95 37.49 20.25
N GLN J 279 -20.85 36.17 20.08
CA GLN J 279 -22.01 35.31 20.33
C GLN J 279 -21.95 34.65 21.70
N GLY J 280 -23.12 34.36 22.25
CA GLY J 280 -23.21 33.70 23.54
C GLY J 280 -24.63 33.69 24.06
N ASN J 281 -24.86 32.95 25.14
CA ASN J 281 -26.18 32.87 25.75
C ASN J 281 -26.37 33.91 26.85
N ILE J 282 -27.52 34.58 26.83
CA ILE J 282 -27.79 35.66 27.75
C ILE J 282 -28.52 35.19 28.99
N GLN J 283 -28.08 35.66 30.15
CA GLN J 283 -28.77 35.37 31.40
C GLN J 283 -29.37 36.65 31.98
N ILE J 284 -30.66 36.62 32.28
CA ILE J 284 -31.35 37.77 32.83
C ILE J 284 -31.15 37.83 34.35
N SER J 285 -31.02 39.05 34.88
CA SER J 285 -30.90 39.26 36.31
C SER J 285 -32.03 38.58 37.08
N GLU J 286 -31.73 38.14 38.30
CA GLU J 286 -32.69 37.38 39.10
C GLU J 286 -33.84 38.25 39.60
N TYR J 287 -33.57 39.55 39.76
CA TYR J 287 -34.58 40.45 40.32
C TYR J 287 -34.84 41.66 39.42
N ASN J 288 -34.26 41.65 38.23
CA ASN J 288 -34.52 42.70 37.25
C ASN J 288 -34.63 42.10 35.84
N PHE J 289 -35.83 42.11 35.29
CA PHE J 289 -36.08 41.43 34.03
C PHE J 289 -35.64 42.27 32.83
N LEU J 290 -35.20 43.49 33.09
CA LEU J 290 -34.70 44.36 32.03
C LEU J 290 -33.19 44.56 32.13
N GLU J 291 -32.55 43.80 33.02
CA GLU J 291 -31.10 43.75 33.07
C GLU J 291 -30.63 42.32 32.81
N GLY J 292 -29.75 42.17 31.82
CA GLY J 292 -29.21 40.86 31.49
C GLY J 292 -27.71 40.94 31.36
N SER J 293 -27.09 39.82 31.00
CA SER J 293 -25.66 39.78 30.79
C SER J 293 -25.27 38.61 29.90
N VAL J 294 -24.14 38.74 29.22
CA VAL J 294 -23.63 37.67 28.37
C VAL J 294 -22.21 37.27 28.75
N SER J 295 -22.01 35.96 28.98
CA SER J 295 -20.70 35.42 29.25
C SER J 295 -19.84 35.45 28.00
N LEU J 296 -18.67 36.07 28.10
CA LEU J 296 -17.75 36.17 26.96
C LEU J 296 -16.37 35.62 27.32
N PRO J 297 -15.76 34.88 26.39
CA PRO J 297 -14.50 34.14 26.56
C PRO J 297 -13.35 34.92 27.20
N ARG J 298 -12.95 36.04 26.61
CA ARG J 298 -11.79 36.78 27.09
C ARG J 298 -12.15 37.81 28.15
N PHE J 299 -13.45 38.05 28.34
CA PHE J 299 -13.90 39.05 29.31
C PHE J 299 -13.99 38.47 30.72
N SER J 300 -13.45 39.22 31.68
CA SER J 300 -13.41 38.79 33.08
C SER J 300 -14.81 38.66 33.67
N LYS J 301 -15.64 39.69 33.46
CA LYS J 301 -17.03 39.65 33.88
C LYS J 301 -17.95 39.49 32.67
N PRO J 302 -19.16 38.95 32.88
CA PRO J 302 -20.13 38.93 31.79
C PRO J 302 -20.60 40.34 31.43
N VAL J 303 -20.66 40.63 30.13
CA VAL J 303 -21.00 41.99 29.67
C VAL J 303 -22.48 42.29 29.88
N LEU J 304 -22.77 43.44 30.49
CA LEU J 304 -24.15 43.80 30.80
C LEU J 304 -24.96 44.19 29.56
N ILE J 305 -26.26 43.93 29.63
CA ILE J 305 -27.20 44.35 28.60
C ILE J 305 -28.43 44.95 29.29
N VAL J 306 -28.55 46.28 29.24
CA VAL J 306 -29.59 46.97 30.01
C VAL J 306 -30.60 47.68 29.12
N GLY J 307 -31.88 47.54 29.44
CA GLY J 307 -32.94 48.23 28.73
C GLY J 307 -33.68 47.34 27.75
N GLN J 308 -34.91 47.73 27.41
CA GLN J 308 -35.72 46.97 26.46
C GLN J 308 -35.03 46.86 25.11
N LYS J 309 -34.64 48.00 24.55
CA LYS J 309 -34.01 48.06 23.22
C LYS J 309 -32.74 47.24 23.13
N ASN J 310 -31.85 47.41 24.10
CA ASN J 310 -30.58 46.72 24.10
C ASN J 310 -30.78 45.21 24.23
N LEU J 311 -31.76 44.81 25.02
CA LEU J 311 -32.14 43.41 25.12
C LEU J 311 -32.73 42.94 23.79
N ASN J 312 -33.48 43.83 23.15
CA ASN J 312 -34.02 43.61 21.81
C ASN J 312 -34.81 42.31 21.67
N ARG J 313 -35.86 42.19 22.48
CA ARG J 313 -36.82 41.09 22.39
C ARG J 313 -36.19 39.71 22.61
N ALA J 314 -35.02 39.68 23.25
CA ALA J 314 -34.35 38.42 23.58
C ALA J 314 -34.96 37.81 24.83
N PHE J 315 -34.89 36.49 24.94
CA PHE J 315 -35.42 35.80 26.10
C PHE J 315 -34.29 35.22 26.95
N ASN J 316 -34.61 34.90 28.20
CA ASN J 316 -33.64 34.29 29.10
C ASN J 316 -33.22 32.92 28.59
N GLY J 317 -31.93 32.74 28.38
CA GLY J 317 -31.41 31.47 27.90
C GLY J 317 -31.18 31.45 26.39
N ASP J 318 -31.70 32.46 25.70
CA ASP J 318 -31.56 32.57 24.25
C ASP J 318 -30.09 32.69 23.82
N GLN J 319 -29.76 32.09 22.68
CA GLN J 319 -28.42 32.26 22.11
C GLN J 319 -28.41 33.46 21.18
N VAL J 320 -27.66 34.49 21.59
CA VAL J 320 -27.70 35.78 20.91
C VAL J 320 -26.33 36.21 20.39
N ILE J 321 -26.37 37.18 19.48
CA ILE J 321 -25.18 37.87 19.01
C ILE J 321 -25.25 39.32 19.49
N VAL J 322 -24.18 39.79 20.11
CA VAL J 322 -24.17 41.13 20.69
C VAL J 322 -23.02 42.00 20.15
N GLU J 323 -23.24 43.30 20.25
CA GLU J 323 -22.30 44.32 19.83
C GLU J 323 -22.04 45.28 20.99
N LEU J 324 -20.78 45.63 21.19
CA LEU J 324 -20.39 46.49 22.31
C LEU J 324 -20.86 47.92 22.12
N LEU J 325 -21.54 48.46 23.12
CA LEU J 325 -21.99 49.84 23.11
C LEU J 325 -20.82 50.78 23.39
N PRO J 326 -20.96 52.06 22.99
CA PRO J 326 -19.94 53.07 23.32
C PRO J 326 -19.77 53.21 24.83
N GLN J 327 -18.62 53.74 25.25
CA GLN J 327 -18.35 53.96 26.67
C GLN J 327 -19.33 54.97 27.26
N SER J 328 -19.97 55.73 26.37
CA SER J 328 -20.98 56.71 26.76
C SER J 328 -22.19 56.06 27.45
N GLU J 329 -22.49 54.82 27.07
CA GLU J 329 -23.67 54.14 27.59
C GLU J 329 -23.33 52.96 28.48
N TRP J 330 -22.10 52.95 29.00
CA TRP J 330 -21.71 51.95 29.99
C TRP J 330 -22.45 52.23 31.30
N LYS J 331 -22.84 51.17 31.99
CA LYS J 331 -23.67 51.33 33.19
C LYS J 331 -23.19 50.49 34.37
N ALA J 332 -23.47 50.98 35.57
CA ALA J 332 -23.21 50.22 36.79
C ALA J 332 -24.32 49.21 37.00
N PRO J 333 -23.98 48.00 37.48
CA PRO J 333 -24.95 46.93 37.78
C PRO J 333 -26.13 47.47 38.58
N SER J 334 -27.33 47.30 38.03
CA SER J 334 -28.54 47.90 38.59
C SER J 334 -28.87 47.37 39.97
N SER J 335 -29.34 48.26 40.84
CA SER J 335 -29.79 47.89 42.17
C SER J 335 -31.29 48.08 42.29
N ILE J 336 -32.00 47.77 41.20
CA ILE J 336 -33.45 47.93 41.17
C ILE J 336 -34.13 46.57 41.04
N VAL J 337 -35.33 46.47 41.63
CA VAL J 337 -36.13 45.27 41.49
C VAL J 337 -37.30 45.55 40.56
N LEU J 338 -37.25 44.97 39.37
CA LEU J 338 -38.25 45.27 38.36
C LEU J 338 -38.91 44.00 37.82
N ASP J 339 -40.24 44.01 37.81
CA ASP J 339 -41.04 42.88 37.34
C ASP J 339 -41.86 43.29 36.13
N SER J 340 -42.35 42.32 35.37
CA SER J 340 -43.22 42.62 34.23
C SER J 340 -44.56 43.16 34.72
N GLU J 341 -44.94 42.78 35.94
CA GLU J 341 -46.15 43.29 36.57
C GLU J 341 -46.01 44.76 36.96
N HIS J 342 -44.82 45.14 37.41
CA HIS J 342 -44.57 46.47 37.91
C HIS J 342 -43.78 47.32 36.91
N PHE J 343 -44.08 47.15 35.63
CA PHE J 343 -43.44 47.94 34.59
C PHE J 343 -44.47 48.43 33.58
N ASP J 344 -45.21 49.47 33.96
CA ASP J 344 -46.31 50.06 33.18
C ASP J 344 -47.06 49.06 32.31
N ILE J 369 -17.66 53.49 15.97
CA ILE J 369 -18.24 53.07 14.70
C ILE J 369 -17.18 52.45 13.79
N SER J 370 -15.93 52.91 13.91
CA SER J 370 -14.84 52.34 13.13
C SER J 370 -14.38 51.02 13.74
N ASP J 371 -13.93 50.10 12.89
CA ASP J 371 -13.60 48.73 13.29
C ASP J 371 -12.46 48.66 14.31
N LYS J 372 -11.34 49.31 13.99
CA LYS J 372 -10.17 49.33 14.87
C LYS J 372 -10.53 49.87 16.25
N GLN J 373 -11.33 50.93 16.25
CA GLN J 373 -11.80 51.51 17.49
C GLN J 373 -12.81 50.58 18.17
N ARG J 374 -13.46 49.71 17.41
CA ARG J 374 -14.36 48.75 18.02
C ARG J 374 -13.58 47.68 18.81
N ARG J 375 -12.49 47.19 18.22
CA ARG J 375 -11.71 46.17 18.94
C ARG J 375 -10.88 46.79 20.07
N LEU J 376 -10.42 48.03 19.89
CA LEU J 376 -9.75 48.72 20.99
C LEU J 376 -10.79 49.07 22.05
N LEU J 377 -12.05 49.18 21.64
CA LEU J 377 -13.16 49.36 22.55
C LEU J 377 -13.37 48.08 23.34
N ALA J 378 -13.09 46.95 22.72
CA ALA J 378 -13.09 45.68 23.44
C ALA J 378 -11.96 45.65 24.47
N LYS J 379 -10.80 46.19 24.09
CA LYS J 379 -9.68 46.30 25.01
C LYS J 379 -10.04 47.14 26.23
N ASP J 380 -10.54 48.35 25.98
CA ASP J 380 -10.98 49.25 27.05
C ASP J 380 -12.10 48.60 27.87
N ALA J 381 -12.91 47.79 27.21
CA ALA J 381 -14.00 47.08 27.87
C ALA J 381 -13.44 46.12 28.90
N MET J 382 -12.44 45.35 28.51
CA MET J 382 -11.76 44.44 29.45
C MET J 382 -11.11 45.19 30.61
N ILE J 383 -10.26 46.15 30.27
CA ILE J 383 -9.45 46.84 31.26
C ILE J 383 -10.31 47.68 32.22
N ALA J 384 -11.50 48.08 31.79
CA ALA J 384 -12.42 48.79 32.67
C ALA J 384 -13.29 47.79 33.42
N GLN J 385 -13.47 46.62 32.83
CA GLN J 385 -14.23 45.55 33.47
C GLN J 385 -13.52 45.09 34.72
N ARG J 386 -12.19 45.07 34.66
CA ARG J 386 -11.40 44.65 35.81
C ARG J 386 -11.53 45.57 37.03
N SER J 387 -11.60 46.88 36.79
CA SER J 387 -11.40 47.84 37.88
C SER J 387 -12.46 48.93 38.05
N LYS J 388 -13.48 48.97 37.20
CA LYS J 388 -14.48 50.05 37.31
C LYS J 388 -15.81 49.55 37.85
N LYS J 389 -16.46 50.40 38.65
CA LYS J 389 -17.79 50.11 39.16
C LYS J 389 -18.78 50.06 38.00
N ILE J 390 -18.79 51.11 37.19
CA ILE J 390 -19.59 51.14 35.98
C ILE J 390 -19.03 50.15 34.96
N GLN J 391 -19.78 49.08 34.71
CA GLN J 391 -19.33 48.01 33.82
C GLN J 391 -19.71 48.28 32.37
N PRO J 392 -18.88 47.81 31.43
CA PRO J 392 -19.17 47.92 29.99
C PRO J 392 -20.45 47.19 29.61
N THR J 393 -21.23 47.79 28.72
CA THR J 393 -22.49 47.21 28.30
C THR J 393 -22.47 46.80 26.83
N ALA J 394 -23.55 46.15 26.38
CA ALA J 394 -23.69 45.72 25.00
C ALA J 394 -25.15 45.69 24.59
N LYS J 395 -25.40 45.39 23.32
CA LYS J 395 -26.76 45.27 22.81
C LYS J 395 -26.86 44.06 21.90
N VAL J 396 -27.98 43.35 21.95
CA VAL J 396 -28.13 42.18 21.08
C VAL J 396 -28.62 42.63 19.71
N VAL J 397 -28.12 41.99 18.66
CA VAL J 397 -28.42 42.39 17.30
C VAL J 397 -28.96 41.22 16.47
N TYR J 398 -28.87 40.01 17.04
CA TYR J 398 -29.35 38.83 16.34
C TYR J 398 -29.61 37.68 17.32
N ILE J 399 -30.71 36.97 17.12
CA ILE J 399 -31.02 35.80 17.91
C ILE J 399 -30.63 34.53 17.16
N GLN J 400 -29.58 33.86 17.62
CA GLN J 400 -29.13 32.63 16.96
C GLN J 400 -30.01 31.44 17.33
N ARG J 401 -30.31 31.29 18.61
CA ARG J 401 -31.17 30.18 19.05
C ARG J 401 -32.21 30.64 20.06
N ARG J 402 -33.37 30.00 20.06
CA ARG J 402 -34.46 30.40 20.96
C ARG J 402 -35.14 29.25 21.68
N SER J 403 -35.12 29.35 23.01
CA SER J 403 -35.76 28.40 23.91
C SER J 403 -37.22 28.20 23.48
N TRP J 404 -38.05 29.19 23.80
CA TRP J 404 -39.48 29.23 23.47
C TRP J 404 -40.23 27.94 23.75
N ARG J 405 -40.04 27.40 24.95
CA ARG J 405 -40.87 26.29 25.43
C ARG J 405 -42.23 26.83 25.87
N GLN J 406 -43.11 25.96 26.34
CA GLN J 406 -44.41 26.38 26.83
C GLN J 406 -44.26 27.08 28.19
N TYR J 407 -44.98 28.17 28.39
CA TYR J 407 -44.82 28.95 29.62
C TYR J 407 -46.08 28.96 30.48
N VAL J 408 -45.89 28.74 31.78
CA VAL J 408 -47.02 28.78 32.70
C VAL J 408 -47.22 30.19 33.24
N GLY J 409 -48.44 30.69 33.17
CA GLY J 409 -48.75 32.03 33.62
C GLY J 409 -50.16 32.21 34.13
N GLN J 410 -50.52 33.47 34.36
CA GLN J 410 -51.85 33.82 34.88
C GLN J 410 -52.29 35.16 34.30
N LEU J 411 -53.55 35.24 33.88
CA LEU J 411 -54.06 36.46 33.25
C LEU J 411 -54.03 37.66 34.20
N ALA J 412 -53.60 38.80 33.66
CA ALA J 412 -53.58 40.04 34.41
C ALA J 412 -54.98 40.68 34.41
N PRO J 413 -55.55 40.87 35.60
CA PRO J 413 -56.90 41.42 35.76
C PRO J 413 -57.08 42.78 35.10
N SER J 414 -55.99 43.53 34.95
CA SER J 414 -56.03 44.87 34.39
C SER J 414 -56.48 44.90 32.93
N SER J 415 -56.04 43.91 32.16
CA SER J 415 -56.23 43.93 30.71
C SER J 415 -57.53 43.27 30.24
N VAL J 416 -58.28 42.69 31.17
CA VAL J 416 -59.50 41.99 30.81
C VAL J 416 -60.75 42.84 31.02
N ASP J 417 -61.85 42.42 30.41
CA ASP J 417 -63.14 43.09 30.56
C ASP J 417 -64.26 42.04 30.63
N PRO J 418 -64.79 41.82 31.83
CA PRO J 418 -65.84 40.81 32.07
C PRO J 418 -67.10 41.04 31.25
N GLN J 419 -67.42 42.30 30.99
CA GLN J 419 -68.64 42.64 30.26
C GLN J 419 -68.57 42.23 28.78
N SER J 420 -67.42 42.49 28.16
CA SER J 420 -67.24 42.23 26.73
C SER J 420 -67.44 40.75 26.39
N SER J 421 -68.43 40.47 25.56
CA SER J 421 -68.72 39.11 25.12
C SER J 421 -67.88 38.75 23.90
N SER J 422 -67.34 39.76 23.24
CA SER J 422 -66.54 39.56 22.04
C SER J 422 -65.08 39.21 22.36
N THR J 423 -64.34 38.76 21.34
CA THR J 423 -62.93 38.45 21.49
C THR J 423 -62.15 39.69 21.92
N GLN J 424 -61.17 39.51 22.79
CA GLN J 424 -60.38 40.64 23.25
C GLN J 424 -58.92 40.29 23.49
N ASN J 425 -58.12 41.35 23.65
CA ASN J 425 -56.71 41.23 23.96
C ASN J 425 -56.47 41.33 25.46
N VAL J 426 -55.83 40.31 26.02
CA VAL J 426 -55.49 40.30 27.44
C VAL J 426 -53.99 40.07 27.61
N PHE J 427 -53.49 40.31 28.82
CA PHE J 427 -52.09 40.07 29.12
C PHE J 427 -51.93 38.93 30.13
N VAL J 428 -50.96 38.06 29.87
CA VAL J 428 -50.64 36.98 30.80
C VAL J 428 -49.28 37.23 31.45
N ILE J 429 -49.28 37.18 32.78
CA ILE J 429 -48.08 37.30 33.59
C ILE J 429 -47.49 35.92 33.84
N LEU J 430 -46.28 35.69 33.33
CA LEU J 430 -45.65 34.38 33.43
C LEU J 430 -45.10 34.12 34.83
N MET J 431 -45.05 32.85 35.22
CA MET J 431 -44.48 32.44 36.50
C MET J 431 -43.01 32.83 36.60
N ASP J 432 -42.27 32.60 35.53
CA ASP J 432 -40.86 32.98 35.46
C ASP J 432 -40.74 34.50 35.46
N LYS J 433 -40.15 35.04 36.52
CA LYS J 433 -40.10 36.50 36.69
C LYS J 433 -38.96 37.14 35.92
N CYS J 434 -38.30 36.36 35.06
CA CYS J 434 -37.26 36.87 34.19
C CYS J 434 -37.81 37.14 32.79
N LEU J 435 -39.12 37.01 32.64
CA LEU J 435 -39.76 37.09 31.33
C LEU J 435 -40.83 38.17 31.28
N PRO J 436 -41.04 38.77 30.11
CA PRO J 436 -42.07 39.79 29.93
C PRO J 436 -43.49 39.20 30.01
N LYS J 437 -44.49 40.06 30.03
CA LYS J 437 -45.87 39.61 29.96
C LYS J 437 -46.25 39.42 28.48
N VAL J 438 -47.11 38.43 28.21
CA VAL J 438 -47.41 38.09 26.82
C VAL J 438 -48.85 38.51 26.46
N ARG J 439 -49.05 38.93 25.21
CA ARG J 439 -50.40 39.29 24.78
C ARG J 439 -51.13 38.10 24.15
N ILE J 440 -52.33 37.83 24.67
CA ILE J 440 -53.16 36.71 24.22
C ILE J 440 -54.52 37.21 23.73
N ARG J 441 -55.04 36.60 22.66
CA ARG J 441 -56.39 36.90 22.22
C ARG J 441 -57.36 35.81 22.65
N THR J 442 -58.45 36.18 23.30
CA THR J 442 -59.43 35.19 23.74
C THR J 442 -60.82 35.76 24.05
N ARG J 443 -61.79 34.86 24.13
CA ARG J 443 -63.15 35.21 24.53
C ARG J 443 -63.50 34.52 25.84
N ARG J 444 -62.57 33.72 26.35
CA ARG J 444 -62.76 32.97 27.59
C ARG J 444 -62.06 33.66 28.75
N ALA J 445 -61.88 34.97 28.63
CA ALA J 445 -61.12 35.74 29.61
C ALA J 445 -61.69 35.64 31.02
N ALA J 446 -63.02 35.78 31.13
CA ALA J 446 -63.67 35.78 32.43
C ALA J 446 -63.63 34.39 33.09
N GLU J 447 -63.32 33.38 32.30
CA GLU J 447 -63.23 32.01 32.80
C GLU J 447 -61.81 31.66 33.21
N LEU J 448 -60.84 32.29 32.56
CA LEU J 448 -59.43 32.03 32.82
C LEU J 448 -58.82 33.03 33.79
N LEU J 449 -59.68 33.82 34.44
CA LEU J 449 -59.22 34.97 35.22
C LEU J 449 -58.31 34.59 36.38
N ASP J 450 -58.76 33.66 37.22
CA ASP J 450 -57.94 33.21 38.33
C ASP J 450 -57.60 31.74 38.19
N LYS J 451 -57.13 31.35 37.01
CA LYS J 451 -56.70 29.99 36.76
C LYS J 451 -55.29 29.98 36.16
N ARG J 452 -54.44 29.08 36.64
CA ARG J 452 -53.12 28.90 36.09
C ARG J 452 -53.20 28.30 34.69
N ILE J 453 -52.67 29.00 33.71
CA ILE J 453 -52.78 28.55 32.33
C ILE J 453 -51.41 28.31 31.69
N VAL J 454 -51.41 27.57 30.59
CA VAL J 454 -50.22 27.37 29.79
C VAL J 454 -50.35 28.10 28.46
N ILE J 455 -49.32 28.84 28.09
CA ILE J 455 -49.34 29.58 26.83
C ILE J 455 -48.14 29.26 25.98
N SER J 456 -48.24 29.59 24.69
CA SER J 456 -47.12 29.46 23.77
C SER J 456 -46.84 30.82 23.13
N ILE J 457 -45.56 31.13 22.97
CA ILE J 457 -45.16 32.41 22.40
C ILE J 457 -44.83 32.25 20.92
N ASP J 458 -45.54 33.00 20.09
CA ASP J 458 -45.49 32.83 18.64
C ASP J 458 -44.43 33.69 17.98
N SER J 459 -44.46 34.99 18.24
CA SER J 459 -43.50 35.92 17.66
C SER J 459 -43.46 37.24 18.42
N TRP J 460 -42.43 38.03 18.14
CA TRP J 460 -42.30 39.35 18.76
C TRP J 460 -41.85 40.36 17.72
N PRO J 461 -42.80 41.00 17.02
CA PRO J 461 -42.52 42.02 16.01
C PRO J 461 -41.89 43.26 16.62
N THR J 462 -41.22 44.06 15.79
CA THR J 462 -40.56 45.26 16.25
C THR J 462 -41.57 46.35 16.64
N THR J 463 -42.78 46.20 16.13
CA THR J 463 -43.83 47.20 16.36
C THR J 463 -44.52 47.00 17.70
N HIS J 464 -44.57 45.75 18.17
CA HIS J 464 -45.23 45.42 19.41
C HIS J 464 -44.30 45.54 20.61
N LYS J 465 -44.80 46.17 21.67
CA LYS J 465 -44.03 46.38 22.89
C LYS J 465 -43.86 45.07 23.65
N TYR J 466 -44.80 44.16 23.45
CA TYR J 466 -44.79 42.87 24.12
C TYR J 466 -44.86 41.73 23.10
N PRO J 467 -44.46 40.51 23.51
CA PRO J 467 -44.56 39.38 22.59
C PRO J 467 -46.00 38.89 22.40
N LEU J 468 -46.26 38.34 21.21
CA LEU J 468 -47.57 37.77 20.88
C LEU J 468 -47.59 36.28 21.18
N GLY J 469 -48.70 35.81 21.76
CA GLY J 469 -48.82 34.40 22.08
C GLY J 469 -50.23 33.88 21.96
N HIS J 470 -50.42 32.60 22.32
CA HIS J 470 -51.73 31.99 22.31
C HIS J 470 -51.92 31.02 23.48
N PHE J 471 -53.17 30.88 23.91
CA PHE J 471 -53.55 29.99 24.99
C PHE J 471 -53.37 28.52 24.59
N VAL J 472 -52.96 27.69 25.55
CA VAL J 472 -52.80 26.28 25.29
C VAL J 472 -53.71 25.43 26.18
N ARG J 473 -53.54 25.55 27.49
CA ARG J 473 -54.22 24.67 28.43
C ARG J 473 -54.49 25.34 29.78
N ASP J 474 -55.63 25.01 30.37
CA ASP J 474 -55.99 25.46 31.71
C ASP J 474 -55.62 24.38 32.73
N LEU J 475 -54.91 24.75 33.78
CA LEU J 475 -54.40 23.79 34.74
C LEU J 475 -55.23 23.72 36.02
N GLY J 476 -56.04 24.75 36.25
CA GLY J 476 -56.90 24.79 37.43
C GLY J 476 -56.82 26.12 38.17
N THR J 477 -57.68 26.28 39.18
CA THR J 477 -57.71 27.50 39.98
C THR J 477 -56.39 27.70 40.71
N ILE J 478 -55.99 28.96 40.88
CA ILE J 478 -54.80 29.30 41.66
C ILE J 478 -54.93 28.77 43.09
N GLU J 479 -53.79 28.46 43.71
CA GLU J 479 -53.71 27.95 45.08
C GLU J 479 -54.41 26.60 45.23
N SER J 480 -54.58 25.91 44.11
CA SER J 480 -55.02 24.52 44.14
C SER J 480 -53.77 23.66 44.15
N ALA J 481 -53.79 22.58 44.94
CA ALA J 481 -52.66 21.68 45.03
C ALA J 481 -52.28 21.14 43.65
N GLN J 482 -53.27 20.60 42.95
CA GLN J 482 -53.06 20.03 41.62
C GLN J 482 -52.55 21.06 40.63
N ALA J 483 -53.23 22.20 40.58
CA ALA J 483 -52.90 23.27 39.64
C ALA J 483 -51.47 23.78 39.85
N GLU J 484 -51.14 24.15 41.09
CA GLU J 484 -49.82 24.67 41.40
C GLU J 484 -48.72 23.64 41.22
N THR J 485 -49.02 22.38 41.54
CA THR J 485 -48.06 21.30 41.37
C THR J 485 -47.74 21.08 39.89
N GLU J 486 -48.79 20.94 39.08
CA GLU J 486 -48.63 20.68 37.66
C GLU J 486 -47.96 21.87 36.97
N ALA J 487 -48.34 23.07 37.40
CA ALA J 487 -47.72 24.29 36.88
C ALA J 487 -46.24 24.31 37.20
N LEU J 488 -45.91 23.96 38.44
CA LEU J 488 -44.53 23.92 38.90
C LEU J 488 -43.69 22.93 38.09
N LEU J 489 -44.21 21.72 37.93
CA LEU J 489 -43.49 20.69 37.18
C LEU J 489 -43.35 21.05 35.71
N LEU J 490 -44.35 21.75 35.17
CA LEU J 490 -44.33 22.17 33.78
C LEU J 490 -43.31 23.29 33.54
N GLU J 491 -43.23 24.22 34.49
CA GLU J 491 -42.30 25.34 34.37
C GLU J 491 -40.84 24.88 34.32
N HIS J 492 -40.57 23.72 34.88
CA HIS J 492 -39.22 23.19 34.89
C HIS J 492 -39.11 21.94 34.02
N ASP J 493 -40.13 21.72 33.20
CA ASP J 493 -40.16 20.64 32.23
C ASP J 493 -39.90 19.28 32.85
N VAL J 494 -40.55 19.02 33.97
CA VAL J 494 -40.43 17.73 34.65
C VAL J 494 -41.52 16.77 34.19
N GLU J 495 -41.10 15.62 33.66
CA GLU J 495 -42.05 14.60 33.21
C GLU J 495 -42.79 13.98 34.38
N TYR J 496 -44.11 14.12 34.39
CA TYR J 496 -44.93 13.64 35.49
C TYR J 496 -46.05 12.71 35.03
N ARG J 497 -46.09 12.44 33.72
CA ARG J 497 -47.07 11.50 33.17
C ARG J 497 -46.73 10.08 33.60
N PRO J 498 -47.76 9.22 33.73
CA PRO J 498 -47.55 7.83 34.12
C PRO J 498 -46.74 7.05 33.09
N PHE J 499 -46.05 6.00 33.54
CA PHE J 499 -45.27 5.16 32.64
C PHE J 499 -46.17 4.42 31.65
N SER J 500 -45.70 4.30 30.41
CA SER J 500 -46.42 3.56 29.39
C SER J 500 -46.34 2.06 29.67
N LYS J 501 -47.14 1.27 28.96
CA LYS J 501 -47.16 -0.17 29.18
C LYS J 501 -45.89 -0.82 28.62
N LYS J 502 -45.32 -0.20 27.58
CA LYS J 502 -44.06 -0.69 27.01
C LYS J 502 -42.95 -0.66 28.07
N VAL J 503 -43.06 0.29 28.99
CA VAL J 503 -42.13 0.39 30.10
C VAL J 503 -42.44 -0.67 31.16
N LEU J 504 -43.72 -0.83 31.46
CA LEU J 504 -44.16 -1.79 32.47
C LEU J 504 -43.89 -3.23 32.07
N GLU J 505 -43.73 -3.46 30.76
CA GLU J 505 -43.45 -4.79 30.24
C GLU J 505 -41.98 -5.15 30.40
N CYS J 506 -41.15 -4.14 30.64
CA CYS J 506 -39.74 -4.35 30.89
C CYS J 506 -39.51 -4.82 32.32
N LEU J 507 -40.54 -4.72 33.14
CA LEU J 507 -40.50 -5.20 34.51
C LEU J 507 -40.48 -6.72 34.54
N PRO J 508 -39.86 -7.30 35.59
CA PRO J 508 -39.89 -8.76 35.78
C PRO J 508 -41.31 -9.29 35.83
N ALA J 509 -41.57 -10.36 35.09
CA ALA J 509 -42.92 -10.93 35.00
C ALA J 509 -43.41 -11.45 36.35
N GLU J 510 -42.46 -11.80 37.22
CA GLU J 510 -42.79 -12.28 38.56
C GLU J 510 -43.53 -11.21 39.35
N GLY J 511 -43.11 -9.96 39.21
CA GLY J 511 -43.73 -8.84 39.90
C GLY J 511 -43.20 -8.70 41.32
N HIS J 512 -44.11 -8.42 42.26
CA HIS J 512 -43.75 -8.40 43.67
C HIS J 512 -43.25 -9.79 44.13
N ASP J 513 -43.68 -10.83 43.41
CA ASP J 513 -43.31 -12.22 43.69
C ASP J 513 -41.89 -12.58 43.25
N TRP J 514 -41.03 -11.57 43.11
CA TRP J 514 -39.65 -11.80 42.72
C TRP J 514 -38.85 -12.15 43.98
N LYS J 515 -38.09 -13.25 43.93
CA LYS J 515 -37.21 -13.62 45.05
C LYS J 515 -35.76 -13.84 44.65
N ALA J 516 -34.86 -13.34 45.48
CA ALA J 516 -33.45 -13.71 45.43
C ALA J 516 -33.30 -15.18 45.83
N PRO J 517 -32.65 -15.97 44.96
CA PRO J 517 -32.48 -17.42 45.17
C PRO J 517 -31.81 -17.74 46.51
N THR J 518 -32.38 -18.69 47.24
CA THR J 518 -31.85 -19.09 48.55
C THR J 518 -30.42 -19.60 48.44
N LYS J 519 -30.26 -20.69 47.69
CA LYS J 519 -28.94 -21.20 47.38
C LYS J 519 -28.54 -20.74 45.99
N LEU J 520 -27.31 -20.25 45.85
CA LEU J 520 -26.85 -19.70 44.59
C LEU J 520 -26.40 -20.78 43.61
N ASP J 521 -26.18 -21.99 44.13
CA ASP J 521 -25.72 -23.10 43.31
C ASP J 521 -26.87 -23.78 42.57
N ASP J 522 -28.08 -23.27 42.79
CA ASP J 522 -29.29 -23.83 42.18
C ASP J 522 -29.20 -23.85 40.66
N PRO J 523 -29.18 -25.05 40.06
CA PRO J 523 -29.06 -25.23 38.62
C PRO J 523 -30.18 -24.51 37.84
N GLU J 524 -31.32 -24.34 38.48
CA GLU J 524 -32.47 -23.67 37.87
C GLU J 524 -32.26 -22.15 37.83
N ALA J 525 -31.95 -21.58 38.99
CA ALA J 525 -31.69 -20.14 39.10
C ALA J 525 -30.52 -19.73 38.22
N VAL J 526 -29.52 -20.61 38.12
CA VAL J 526 -28.36 -20.36 37.27
C VAL J 526 -28.73 -20.60 35.80
N SER J 527 -29.70 -21.47 35.56
CA SER J 527 -30.20 -21.66 34.20
C SER J 527 -30.90 -20.41 33.70
N LYS J 528 -31.53 -19.68 34.61
CA LYS J 528 -32.16 -18.40 34.27
C LYS J 528 -31.20 -17.23 34.35
N ASP J 529 -30.07 -17.44 35.04
CA ASP J 529 -29.13 -16.36 35.27
C ASP J 529 -27.71 -16.91 35.49
N PRO J 530 -26.88 -16.86 34.44
CA PRO J 530 -25.52 -17.39 34.52
C PRO J 530 -24.60 -16.57 35.42
N LEU J 531 -24.73 -15.25 35.38
CA LEU J 531 -23.84 -14.35 36.12
C LEU J 531 -23.99 -14.49 37.63
N LEU J 532 -25.05 -15.17 38.05
CA LEU J 532 -25.36 -15.37 39.46
C LEU J 532 -24.23 -16.08 40.21
N THR J 533 -23.39 -16.81 39.48
CA THR J 533 -22.28 -17.54 40.09
C THR J 533 -21.21 -16.61 40.65
N LYS J 534 -21.13 -15.40 40.10
CA LYS J 534 -20.14 -14.42 40.55
C LYS J 534 -20.68 -13.64 41.75
N ARG J 535 -22.01 -13.63 41.89
CA ARG J 535 -22.68 -12.96 42.99
C ARG J 535 -22.26 -13.56 44.33
N LYS J 536 -21.71 -12.72 45.21
CA LYS J 536 -21.23 -13.17 46.50
C LYS J 536 -22.32 -13.17 47.56
N ASP J 537 -22.28 -14.15 48.47
CA ASP J 537 -23.27 -14.25 49.53
C ASP J 537 -22.78 -13.49 50.77
N LEU J 538 -23.44 -12.39 51.07
CA LEU J 538 -23.09 -11.59 52.25
C LEU J 538 -24.28 -11.52 53.21
N ARG J 539 -25.14 -12.52 53.15
CA ARG J 539 -26.34 -12.56 53.99
C ARG J 539 -26.01 -12.84 55.46
N ASP J 540 -24.74 -13.11 55.74
CA ASP J 540 -24.30 -13.32 57.12
C ASP J 540 -23.96 -11.99 57.78
N LYS J 541 -23.88 -10.93 56.98
CA LYS J 541 -23.52 -9.61 57.49
C LYS J 541 -24.70 -8.93 58.18
N LEU J 542 -24.43 -8.34 59.34
CA LEU J 542 -25.43 -7.59 60.08
C LEU J 542 -25.59 -6.19 59.51
N ILE J 543 -26.35 -6.09 58.42
CA ILE J 543 -26.46 -4.86 57.65
C ILE J 543 -27.74 -4.09 57.99
N CYS J 544 -27.61 -2.80 58.29
CA CYS J 544 -28.78 -1.98 58.56
C CYS J 544 -28.81 -0.74 57.66
N SER J 545 -30.00 -0.17 57.50
CA SER J 545 -30.16 1.05 56.72
C SER J 545 -30.69 2.19 57.58
N ILE J 546 -30.15 3.39 57.37
CA ILE J 546 -30.59 4.57 58.11
C ILE J 546 -31.12 5.63 57.14
N ASP J 547 -32.36 6.06 57.36
CA ASP J 547 -33.06 6.94 56.41
C ASP J 547 -34.03 7.87 57.13
N PRO J 548 -34.51 8.93 56.44
CA PRO J 548 -35.54 9.79 57.01
C PRO J 548 -36.83 9.01 57.30
N PRO J 549 -37.68 9.53 58.22
CA PRO J 549 -38.88 8.81 58.63
C PRO J 549 -39.86 8.54 57.48
N GLY J 550 -39.94 9.45 56.52
CA GLY J 550 -40.86 9.30 55.40
C GLY J 550 -40.34 8.40 54.29
N CYS J 551 -39.20 7.77 54.53
CA CYS J 551 -38.53 7.00 53.48
C CYS J 551 -39.27 5.72 53.10
N VAL J 552 -39.29 5.44 51.80
CA VAL J 552 -39.90 4.21 51.28
C VAL J 552 -38.90 3.44 50.42
N ASP J 553 -38.08 4.16 49.66
CA ASP J 553 -37.10 3.53 48.77
C ASP J 553 -35.70 3.60 49.35
N ILE J 554 -35.18 2.45 49.78
CA ILE J 554 -33.87 2.38 50.42
C ILE J 554 -32.76 2.08 49.41
N ASN J 555 -31.87 3.03 49.21
CA ASN J 555 -30.77 2.86 48.26
C ASN J 555 -29.51 2.31 48.91
N ASP J 556 -29.28 2.71 50.16
CA ASP J 556 -28.03 2.38 50.84
C ASP J 556 -28.27 1.56 52.11
N ALA J 557 -27.27 0.78 52.48
CA ALA J 557 -27.29 0.03 53.74
C ALA J 557 -25.87 -0.24 54.19
N LEU J 558 -25.61 -0.19 55.49
CA LEU J 558 -24.24 -0.27 55.97
C LEU J 558 -24.01 -1.40 56.96
N HIS J 559 -22.75 -1.83 57.09
CA HIS J 559 -22.38 -2.78 58.14
C HIS J 559 -20.93 -2.61 58.54
N ALA J 560 -20.60 -3.07 59.74
CA ALA J 560 -19.23 -3.04 60.23
C ALA J 560 -18.96 -4.18 61.20
N LYS J 561 -17.83 -4.87 61.00
CA LYS J 561 -17.41 -5.94 61.90
C LYS J 561 -15.90 -5.95 62.10
N LYS J 562 -15.44 -6.35 63.29
CA LYS J 562 -13.99 -6.30 63.54
C LYS J 562 -13.23 -7.49 62.97
N LEU J 563 -12.03 -7.19 62.49
CA LEU J 563 -11.14 -8.16 61.89
C LEU J 563 -10.08 -8.54 62.90
N PRO J 564 -9.63 -9.80 62.84
CA PRO J 564 -8.52 -10.30 63.66
C PRO J 564 -7.28 -9.41 63.52
N ASN J 565 -7.19 -8.69 62.40
CA ASN J 565 -6.04 -7.82 62.15
C ASN J 565 -6.02 -6.66 63.13
N GLY J 566 -7.14 -6.44 63.81
CA GLY J 566 -7.33 -5.23 64.61
C GLY J 566 -7.97 -4.19 63.72
N ASN J 567 -8.00 -4.48 62.41
CA ASN J 567 -8.65 -3.62 61.43
C ASN J 567 -10.16 -3.74 61.46
N TRP J 568 -10.83 -2.93 60.64
CA TRP J 568 -12.29 -2.91 60.57
C TRP J 568 -12.78 -3.28 59.17
N GLU J 569 -13.76 -4.17 59.10
CA GLU J 569 -14.45 -4.44 57.83
C GLU J 569 -15.72 -3.61 57.74
N VAL J 570 -15.76 -2.73 56.74
CA VAL J 570 -16.90 -1.84 56.56
C VAL J 570 -17.56 -2.04 55.19
N GLY J 571 -18.84 -2.42 55.20
CA GLY J 571 -19.56 -2.66 53.97
C GLY J 571 -20.62 -1.63 53.65
N VAL J 572 -20.50 -1.03 52.48
CA VAL J 572 -21.54 -0.14 51.97
C VAL J 572 -22.24 -0.82 50.80
N HIS J 573 -23.54 -1.06 50.97
CA HIS J 573 -24.31 -1.84 50.02
C HIS J 573 -25.38 -0.99 49.34
N ILE J 574 -25.37 -1.00 48.01
CA ILE J 574 -26.25 -0.17 47.21
C ILE J 574 -27.23 -1.02 46.43
N ALA J 575 -28.45 -0.52 46.21
CA ALA J 575 -29.46 -1.25 45.46
C ALA J 575 -28.95 -1.62 44.06
N ASP J 576 -28.97 -2.91 43.75
CA ASP J 576 -28.52 -3.41 42.45
C ASP J 576 -29.59 -3.21 41.39
N VAL J 577 -29.73 -1.97 40.92
CA VAL J 577 -30.76 -1.62 39.94
C VAL J 577 -30.40 -2.13 38.55
N THR J 578 -29.11 -2.19 38.25
CA THR J 578 -28.61 -2.68 36.97
C THR J 578 -29.17 -4.06 36.61
N HIS J 579 -29.33 -4.90 37.63
CA HIS J 579 -29.85 -6.25 37.45
C HIS J 579 -31.26 -6.27 36.88
N PHE J 580 -31.97 -5.15 37.01
CA PHE J 580 -33.35 -5.07 36.57
C PHE J 580 -33.54 -4.16 35.35
N VAL J 581 -32.71 -3.13 35.23
CA VAL J 581 -32.79 -2.24 34.07
C VAL J 581 -31.69 -2.54 33.05
N LYS J 582 -32.08 -2.73 31.81
CA LYS J 582 -31.13 -3.07 30.75
C LYS J 582 -31.13 -2.02 29.65
N PRO J 583 -29.95 -1.69 29.13
CA PRO J 583 -29.78 -0.71 28.04
C PRO J 583 -30.62 -1.03 26.80
N GLY J 584 -31.30 -0.04 26.26
CA GLY J 584 -32.08 -0.22 25.04
C GLY J 584 -33.56 -0.39 25.31
N THR J 585 -33.87 -0.93 26.49
CA THR J 585 -35.27 -1.15 26.88
C THR J 585 -35.98 0.18 27.10
N ALA J 586 -37.31 0.15 26.97
CA ALA J 586 -38.12 1.35 27.14
C ALA J 586 -38.00 1.90 28.55
N LEU J 587 -37.85 1.00 29.51
CA LEU J 587 -37.68 1.37 30.92
C LEU J 587 -36.41 2.19 31.11
N ASP J 588 -35.33 1.74 30.48
CA ASP J 588 -34.06 2.45 30.56
C ASP J 588 -34.11 3.76 29.78
N ALA J 589 -34.93 3.81 28.75
CA ALA J 589 -35.08 5.02 27.96
C ALA J 589 -35.80 6.11 28.75
N GLU J 590 -36.92 5.73 29.37
CA GLU J 590 -37.69 6.66 30.18
C GLU J 590 -36.89 7.04 31.43
N GLY J 591 -36.12 6.09 31.93
CA GLY J 591 -35.27 6.34 33.09
C GLY J 591 -34.11 7.25 32.74
N ALA J 592 -33.72 7.26 31.47
CA ALA J 592 -32.65 8.12 30.99
C ALA J 592 -33.17 9.53 30.75
N ALA J 593 -34.36 9.61 30.17
CA ALA J 593 -35.01 10.89 29.91
C ALA J 593 -35.23 11.65 31.22
N ARG J 594 -35.72 10.93 32.23
CA ARG J 594 -35.84 11.49 33.57
C ARG J 594 -34.51 11.34 34.29
N GLY J 595 -33.70 12.39 34.28
CA GLY J 595 -32.36 12.33 34.84
C GLY J 595 -32.33 11.88 36.29
N THR J 596 -33.38 12.24 37.03
CA THR J 596 -33.45 11.88 38.44
C THR J 596 -34.89 11.90 38.93
N SER J 597 -35.10 11.34 40.11
CA SER J 597 -36.37 11.49 40.79
C SER J 597 -36.50 12.92 41.29
N VAL J 598 -37.63 13.54 41.01
CA VAL J 598 -37.87 14.90 41.46
C VAL J 598 -38.68 14.86 42.75
N TYR J 599 -38.21 15.58 43.76
CA TYR J 599 -38.82 15.55 45.08
C TYR J 599 -39.53 16.84 45.45
N LEU J 600 -40.85 16.81 45.39
CA LEU J 600 -41.66 17.93 45.83
C LEU J 600 -41.99 17.77 47.30
N VAL J 601 -42.67 18.77 47.86
CA VAL J 601 -42.95 18.77 49.30
C VAL J 601 -43.98 17.72 49.67
N ASP J 602 -44.96 17.51 48.79
CA ASP J 602 -46.03 16.55 49.06
C ASP J 602 -45.86 15.26 48.26
N LYS J 603 -45.46 15.40 47.01
CA LYS J 603 -45.35 14.25 46.10
C LYS J 603 -43.92 14.00 45.66
N ARG J 604 -43.68 12.80 45.15
CA ARG J 604 -42.38 12.43 44.61
C ARG J 604 -42.55 11.88 43.20
N ILE J 605 -41.82 12.46 42.25
CA ILE J 605 -41.85 11.98 40.88
C ILE J 605 -40.74 10.96 40.67
N ASP J 606 -41.11 9.69 40.56
CA ASP J 606 -40.13 8.61 40.45
C ASP J 606 -39.43 8.60 39.09
N MET J 607 -38.19 8.12 39.09
CA MET J 607 -37.45 7.91 37.86
C MET J 607 -37.84 6.58 37.24
N LEU J 608 -37.79 5.54 38.06
CA LEU J 608 -38.16 4.19 37.65
C LEU J 608 -39.54 3.83 38.20
N PRO J 609 -40.23 2.88 37.54
CA PRO J 609 -41.52 2.39 38.05
C PRO J 609 -41.42 1.93 39.51
N MET J 610 -42.52 2.05 40.25
CA MET J 610 -42.51 1.79 41.69
C MET J 610 -42.00 0.39 42.03
N LEU J 611 -42.54 -0.61 41.34
CA LEU J 611 -42.20 -2.02 41.55
C LEU J 611 -40.72 -2.25 41.76
N LEU J 612 -39.90 -1.53 41.00
CA LEU J 612 -38.45 -1.59 41.19
C LEU J 612 -38.05 -0.79 42.42
N GLY J 613 -38.48 0.46 42.47
CA GLY J 613 -38.08 1.39 43.51
C GLY J 613 -38.67 1.12 44.88
N THR J 614 -39.98 0.87 44.92
CA THR J 614 -40.67 0.66 46.20
C THR J 614 -40.43 -0.75 46.74
N ASP J 615 -40.15 -1.69 45.85
CA ASP J 615 -40.03 -3.08 46.25
C ASP J 615 -38.73 -3.74 45.79
N LEU J 616 -38.71 -4.17 44.53
CA LEU J 616 -37.68 -5.10 44.06
C LEU J 616 -36.23 -4.66 44.31
N CYS J 617 -35.92 -3.40 44.10
CA CYS J 617 -34.53 -2.96 44.21
C CYS J 617 -34.22 -2.41 45.61
N SER J 618 -35.24 -1.89 46.28
CA SER J 618 -35.07 -1.31 47.60
C SER J 618 -34.49 -2.31 48.60
N LEU J 619 -33.54 -1.86 49.40
CA LEU J 619 -32.91 -2.72 50.40
C LEU J 619 -33.76 -2.82 51.65
N LYS J 620 -34.97 -3.36 51.49
CA LYS J 620 -35.89 -3.54 52.60
C LYS J 620 -35.34 -4.55 53.61
N PRO J 621 -35.69 -4.38 54.89
CA PRO J 621 -35.21 -5.29 55.92
C PRO J 621 -35.92 -6.64 55.92
N TYR J 622 -35.31 -7.62 56.58
CA TYR J 622 -35.91 -8.94 56.83
C TYR J 622 -36.08 -9.79 55.58
N VAL J 623 -35.67 -9.27 54.42
CA VAL J 623 -35.77 -10.04 53.18
C VAL J 623 -34.46 -10.02 52.40
N ASP J 624 -34.20 -11.10 51.68
CA ASP J 624 -33.02 -11.17 50.82
C ASP J 624 -33.19 -10.19 49.65
N ARG J 625 -32.18 -9.37 49.39
CA ARG J 625 -32.21 -8.45 48.28
C ARG J 625 -30.85 -8.41 47.59
N PHE J 626 -30.87 -8.27 46.26
CA PHE J 626 -29.65 -8.11 45.50
C PHE J 626 -29.05 -6.73 45.74
N ALA J 627 -27.73 -6.66 45.71
CA ALA J 627 -27.04 -5.39 45.91
C ALA J 627 -25.71 -5.36 45.17
N PHE J 628 -25.21 -4.15 44.93
CA PHE J 628 -23.81 -3.98 44.56
C PHE J 628 -23.10 -3.48 45.81
N SER J 629 -22.13 -4.26 46.26
CA SER J 629 -21.50 -4.01 47.55
C SER J 629 -20.05 -3.59 47.43
N VAL J 630 -19.72 -2.49 48.10
CA VAL J 630 -18.36 -2.03 48.25
C VAL J 630 -17.87 -2.40 49.65
N ILE J 631 -16.94 -3.35 49.71
CA ILE J 631 -16.43 -3.82 50.98
C ILE J 631 -15.03 -3.25 51.22
N TRP J 632 -14.82 -2.73 52.43
CA TRP J 632 -13.57 -2.09 52.79
C TRP J 632 -12.87 -2.75 53.96
N GLU J 633 -11.55 -2.72 53.91
CA GLU J 633 -10.73 -3.02 55.08
C GLU J 633 -10.03 -1.71 55.50
N LEU J 634 -10.41 -1.22 56.67
CA LEU J 634 -9.93 0.06 57.21
C LEU J 634 -9.00 -0.09 58.39
N ASP J 635 -8.04 0.83 58.50
CA ASP J 635 -7.28 1.01 59.72
C ASP J 635 -8.20 1.58 60.79
N ASP J 636 -7.76 1.58 62.04
CA ASP J 636 -8.54 2.19 63.11
C ASP J 636 -8.62 3.70 62.90
N SER J 637 -7.62 4.23 62.19
CA SER J 637 -7.60 5.64 61.83
C SER J 637 -8.45 5.91 60.59
N ALA J 638 -9.23 4.90 60.20
CA ALA J 638 -10.13 4.97 59.05
C ALA J 638 -9.41 5.23 57.73
N ASN J 639 -8.12 4.91 57.69
CA ASN J 639 -7.38 4.93 56.43
C ASN J 639 -7.64 3.63 55.67
N ILE J 640 -7.81 3.73 54.37
CA ILE J 640 -8.14 2.56 53.55
C ILE J 640 -6.91 1.68 53.29
N VAL J 641 -6.93 0.47 53.82
CA VAL J 641 -5.85 -0.46 53.56
C VAL J 641 -6.28 -1.48 52.50
N ASN J 642 -7.59 -1.62 52.29
CA ASN J 642 -8.10 -2.49 51.23
C ASN J 642 -9.51 -2.12 50.79
N VAL J 643 -9.84 -2.45 49.54
CA VAL J 643 -11.17 -2.19 48.99
C VAL J 643 -11.51 -3.15 47.84
N ASN J 644 -12.71 -3.72 47.90
CA ASN J 644 -13.20 -4.60 46.84
C ASN J 644 -14.64 -4.26 46.44
N PHE J 645 -14.97 -4.55 45.19
CA PHE J 645 -16.30 -4.26 44.65
C PHE J 645 -16.94 -5.54 44.12
N MET J 646 -18.00 -6.00 44.77
CA MET J 646 -18.63 -7.25 44.37
C MET J 646 -20.14 -7.15 44.29
N LYS J 647 -20.74 -7.75 43.27
CA LYS J 647 -22.18 -7.92 43.25
C LYS J 647 -22.56 -9.00 44.24
N SER J 648 -23.52 -8.71 45.10
CA SER J 648 -23.82 -9.58 46.23
C SER J 648 -25.31 -9.76 46.49
N VAL J 649 -25.64 -10.68 47.39
CA VAL J 649 -26.98 -10.83 47.92
C VAL J 649 -26.92 -10.62 49.43
N ILE J 650 -27.80 -9.75 49.94
CA ILE J 650 -27.78 -9.42 51.36
C ILE J 650 -29.15 -9.60 52.00
N ARG J 651 -29.23 -9.34 53.29
CA ARG J 651 -30.50 -9.25 54.00
C ARG J 651 -30.38 -8.26 55.14
N SER J 652 -31.05 -7.13 55.01
CA SER J 652 -31.00 -6.10 56.04
C SER J 652 -31.69 -6.56 57.31
N ARG J 653 -30.98 -6.47 58.43
CA ARG J 653 -31.49 -6.87 59.73
C ARG J 653 -32.42 -5.81 60.33
N GLU J 654 -32.26 -4.57 59.88
CA GLU J 654 -33.05 -3.46 60.41
C GLU J 654 -33.06 -2.25 59.49
N ALA J 655 -34.20 -1.56 59.44
CA ALA J 655 -34.32 -0.30 58.71
C ALA J 655 -34.58 0.85 59.68
N PHE J 656 -33.50 1.45 60.17
CA PHE J 656 -33.60 2.50 61.17
C PHE J 656 -33.96 3.85 60.59
N SER J 657 -34.60 4.67 61.43
CA SER J 657 -34.72 6.09 61.14
C SER J 657 -33.48 6.76 61.74
N TYR J 658 -33.21 8.01 61.36
CA TYR J 658 -32.02 8.70 61.83
C TYR J 658 -32.02 8.86 63.36
N GLU J 659 -33.14 9.30 63.92
CA GLU J 659 -33.22 9.47 65.36
C GLU J 659 -33.41 8.14 66.08
N GLN J 660 -33.95 7.15 65.38
CA GLN J 660 -34.03 5.80 65.92
C GLN J 660 -32.63 5.22 66.07
N ALA J 661 -31.83 5.38 65.02
CA ALA J 661 -30.45 4.92 65.02
C ALA J 661 -29.63 5.67 66.06
N GLN J 662 -29.83 6.99 66.13
CA GLN J 662 -29.11 7.81 67.10
C GLN J 662 -29.46 7.42 68.53
N LEU J 663 -30.75 7.23 68.79
CA LEU J 663 -31.22 6.79 70.10
C LEU J 663 -30.62 5.45 70.48
N ARG J 664 -30.68 4.50 69.55
CA ARG J 664 -30.15 3.15 69.80
C ARG J 664 -28.64 3.19 70.04
N ILE J 665 -27.95 4.11 69.36
CA ILE J 665 -26.51 4.27 69.52
C ILE J 665 -26.17 4.84 70.90
N ASP J 666 -26.92 5.86 71.32
CA ASP J 666 -26.66 6.51 72.61
C ASP J 666 -27.16 5.67 73.78
N ASP J 667 -28.11 4.78 73.50
CA ASP J 667 -28.69 3.92 74.53
C ASP J 667 -27.67 2.88 75.02
N LYS J 668 -27.31 2.96 76.29
CA LYS J 668 -26.27 2.10 76.85
C LYS J 668 -26.78 0.75 77.35
N THR J 669 -28.10 0.57 77.37
CA THR J 669 -28.66 -0.71 77.80
C THR J 669 -28.65 -1.71 76.64
N GLN J 670 -28.62 -1.19 75.41
CA GLN J 670 -28.54 -2.04 74.24
C GLN J 670 -27.09 -2.23 73.81
N ASN J 671 -26.60 -3.47 73.89
CA ASN J 671 -25.24 -3.76 73.50
C ASN J 671 -25.14 -4.89 72.49
N ASP J 672 -26.19 -5.06 71.69
CA ASP J 672 -26.19 -6.07 70.64
C ASP J 672 -25.11 -5.77 69.62
N GLU J 673 -24.59 -6.83 68.99
CA GLU J 673 -23.48 -6.71 68.04
C GLU J 673 -23.77 -5.71 66.92
N LEU J 674 -25.04 -5.66 66.49
CA LEU J 674 -25.46 -4.71 65.47
C LEU J 674 -25.21 -3.27 65.92
N THR J 675 -25.67 -2.96 67.13
CA THR J 675 -25.48 -1.64 67.72
C THR J 675 -23.99 -1.29 67.82
N MET J 676 -23.19 -2.28 68.20
CA MET J 676 -21.74 -2.09 68.29
C MET J 676 -21.17 -1.71 66.93
N GLY J 677 -21.61 -2.41 65.89
CA GLY J 677 -21.19 -2.11 64.53
C GLY J 677 -21.61 -0.71 64.11
N MET J 678 -22.78 -0.28 64.59
CA MET J 678 -23.28 1.05 64.28
C MET J 678 -22.43 2.13 64.94
N ARG J 679 -22.07 1.91 66.20
CA ARG J 679 -21.20 2.84 66.93
C ARG J 679 -19.83 2.93 66.26
N ALA J 680 -19.34 1.79 65.84
CA ALA J 680 -18.10 1.71 65.07
C ALA J 680 -18.16 2.58 63.83
N LEU J 681 -19.22 2.38 63.06
CA LEU J 681 -19.45 3.16 61.86
C LEU J 681 -19.50 4.65 62.18
N LEU J 682 -20.08 4.98 63.33
CA LEU J 682 -20.16 6.37 63.78
C LEU J 682 -18.76 6.95 63.94
N LYS J 683 -17.96 6.35 64.82
CA LYS J 683 -16.65 6.91 65.13
C LYS J 683 -15.74 6.92 63.91
N LEU J 684 -15.82 5.86 63.10
CA LEU J 684 -15.08 5.81 61.85
C LEU J 684 -15.47 6.98 60.93
N SER J 685 -16.77 7.24 60.84
CA SER J 685 -17.27 8.36 60.05
C SER J 685 -16.72 9.68 60.59
N VAL J 686 -16.63 9.79 61.91
CA VAL J 686 -16.07 10.98 62.54
C VAL J 686 -14.62 11.20 62.10
N LYS J 687 -13.83 10.12 62.14
CA LYS J 687 -12.43 10.19 61.73
C LYS J 687 -12.31 10.59 60.26
N LEU J 688 -13.09 9.93 59.41
CA LEU J 688 -13.15 10.27 57.99
C LEU J 688 -13.43 11.76 57.78
N LYS J 689 -14.45 12.26 58.48
CA LYS J 689 -14.85 13.65 58.35
C LYS J 689 -13.76 14.61 58.83
N GLN J 690 -13.03 14.21 59.86
CA GLN J 690 -11.90 15.02 60.32
C GLN J 690 -10.82 15.09 59.24
N LYS J 691 -10.53 13.94 58.64
CA LYS J 691 -9.55 13.89 57.56
C LYS J 691 -9.98 14.76 56.38
N ARG J 692 -11.27 14.79 56.10
CA ARG J 692 -11.78 15.62 55.01
C ARG J 692 -11.74 17.10 55.36
N LEU J 693 -11.97 17.42 56.63
CA LEU J 693 -11.89 18.80 57.10
C LEU J 693 -10.48 19.33 56.98
N GLU J 694 -9.50 18.49 57.32
CA GLU J 694 -8.10 18.87 57.16
C GLU J 694 -7.71 18.88 55.68
N ALA J 695 -8.44 18.10 54.89
CA ALA J 695 -8.22 18.07 53.44
C ALA J 695 -8.72 19.35 52.80
N GLY J 696 -9.64 20.04 53.48
CA GLY J 696 -10.15 21.32 53.00
C GLY J 696 -11.56 21.26 52.44
N ALA J 697 -12.37 20.36 52.97
CA ALA J 697 -13.75 20.21 52.51
C ALA J 697 -14.60 21.41 52.92
N LEU J 698 -15.65 21.67 52.14
CA LEU J 698 -16.53 22.80 52.38
C LEU J 698 -18.00 22.37 52.46
N ASN J 699 -18.23 21.14 52.91
CA ASN J 699 -19.58 20.58 52.97
C ASN J 699 -20.52 21.39 53.87
N LEU J 700 -21.75 21.53 53.42
CA LEU J 700 -22.76 22.27 54.16
C LEU J 700 -24.14 21.67 53.95
N ALA J 701 -24.73 21.14 55.02
CA ALA J 701 -26.05 20.54 54.95
C ALA J 701 -27.14 21.61 55.03
N SER J 702 -27.97 21.68 53.99
CA SER J 702 -29.06 22.62 53.95
C SER J 702 -30.30 22.05 54.64
N PRO J 703 -31.11 22.93 55.26
CA PRO J 703 -32.35 22.50 55.91
C PRO J 703 -33.26 21.71 54.99
N GLU J 704 -33.56 20.46 55.35
CA GLU J 704 -34.49 19.64 54.60
C GLU J 704 -35.86 19.69 55.25
N VAL J 705 -36.84 20.19 54.51
CA VAL J 705 -38.18 20.37 55.05
C VAL J 705 -39.25 19.69 54.20
N LYS J 706 -40.09 18.90 54.86
CA LYS J 706 -41.19 18.22 54.19
C LYS J 706 -42.48 18.32 54.98
N VAL J 707 -43.61 18.20 54.28
CA VAL J 707 -44.91 18.28 54.94
C VAL J 707 -45.81 17.12 54.55
N HIS J 708 -46.82 16.87 55.38
CA HIS J 708 -47.75 15.77 55.17
C HIS J 708 -48.99 15.94 56.05
N MET J 709 -49.79 16.96 55.74
CA MET J 709 -51.02 17.23 56.50
C MET J 709 -52.02 16.10 56.30
N ASP J 710 -51.95 15.46 55.13
CA ASP J 710 -52.62 14.19 54.83
C ASP J 710 -54.15 14.24 54.76
N SER J 711 -54.75 15.42 54.93
CA SER J 711 -56.20 15.56 54.82
C SER J 711 -56.66 17.01 54.69
N GLU J 712 -57.85 17.19 54.12
CA GLU J 712 -58.46 18.51 53.92
C GLU J 712 -57.53 19.48 53.18
N GLU J 718 -48.13 22.39 59.27
CA GLU J 718 -47.39 21.20 59.65
C GLU J 718 -45.88 21.46 59.59
N VAL J 719 -45.38 21.59 58.36
CA VAL J 719 -43.97 21.87 58.05
C VAL J 719 -42.97 21.14 58.98
N GLU J 720 -42.89 19.83 58.80
CA GLU J 720 -41.95 19.01 59.57
C GLU J 720 -40.50 19.34 59.17
N ILE J 721 -39.65 19.56 60.16
CA ILE J 721 -38.26 19.93 59.93
C ILE J 721 -37.29 18.81 60.32
N LYS J 722 -36.44 18.43 59.37
CA LYS J 722 -35.40 17.43 59.64
C LYS J 722 -34.37 17.97 60.63
N LYS J 723 -34.07 17.19 61.66
CA LYS J 723 -33.11 17.61 62.67
C LYS J 723 -31.70 17.12 62.33
N LEU J 724 -30.71 17.76 62.93
CA LEU J 724 -29.32 17.41 62.70
C LEU J 724 -28.84 16.39 63.72
N LEU J 725 -28.44 15.22 63.24
CA LEU J 725 -28.01 14.13 64.11
C LEU J 725 -26.68 13.56 63.63
N ALA J 726 -25.98 12.86 64.52
CA ALA J 726 -24.69 12.27 64.19
C ALA J 726 -24.83 11.18 63.13
N THR J 727 -26.00 10.58 63.05
CA THR J 727 -26.27 9.51 62.10
C THR J 727 -26.28 10.03 60.66
N ASN J 728 -26.66 11.30 60.50
CA ASN J 728 -26.60 11.96 59.21
C ASN J 728 -25.17 11.94 58.67
N SER J 729 -24.24 12.36 59.53
CA SER J 729 -22.81 12.31 59.23
C SER J 729 -22.35 10.88 58.98
N LEU J 730 -22.81 9.97 59.85
CA LEU J 730 -22.49 8.55 59.74
C LEU J 730 -22.75 8.03 58.33
N VAL J 731 -23.96 8.25 57.83
CA VAL J 731 -24.32 7.79 56.50
C VAL J 731 -23.55 8.57 55.42
N GLU J 732 -23.52 9.89 55.57
CA GLU J 732 -22.91 10.77 54.57
C GLU J 732 -21.46 10.41 54.26
N GLU J 733 -20.64 10.25 55.30
CA GLU J 733 -19.21 10.00 55.12
C GLU J 733 -18.93 8.73 54.31
N PHE J 734 -19.67 7.67 54.60
CA PHE J 734 -19.50 6.40 53.91
C PHE J 734 -20.09 6.43 52.50
N MET J 735 -21.15 7.22 52.30
CA MET J 735 -21.65 7.43 50.95
C MET J 735 -20.59 8.11 50.10
N LEU J 736 -19.97 9.14 50.67
CA LEU J 736 -18.88 9.86 50.01
C LEU J 736 -17.74 8.92 49.67
N LEU J 737 -17.30 8.15 50.67
CA LEU J 737 -16.22 7.18 50.49
C LEU J 737 -16.53 6.22 49.34
N ALA J 738 -17.76 5.70 49.34
CA ALA J 738 -18.23 4.81 48.29
C ALA J 738 -18.11 5.44 46.93
N ASN J 739 -18.69 6.63 46.78
CA ASN J 739 -18.64 7.35 45.52
C ASN J 739 -17.22 7.61 45.02
N ILE J 740 -16.33 7.96 45.93
CA ILE J 740 -14.93 8.18 45.60
C ILE J 740 -14.27 6.91 45.05
N SER J 741 -14.32 5.85 45.84
CA SER J 741 -13.70 4.58 45.46
C SER J 741 -14.22 4.07 44.12
N VAL J 742 -15.55 4.07 43.99
CA VAL J 742 -16.19 3.65 42.74
C VAL J 742 -15.72 4.52 41.57
N ALA J 743 -15.62 5.83 41.80
CA ALA J 743 -15.14 6.75 40.78
C ALA J 743 -13.75 6.34 40.29
N ARG J 744 -12.83 6.17 41.22
CA ARG J 744 -11.47 5.75 40.88
C ARG J 744 -11.44 4.45 40.10
N LYS J 745 -12.18 3.45 40.59
CA LYS J 745 -12.21 2.14 39.93
C LYS J 745 -12.74 2.21 38.50
N ILE J 746 -13.89 2.87 38.30
CA ILE J 746 -14.48 2.91 36.97
C ILE J 746 -13.70 3.81 36.03
N TYR J 747 -12.94 4.77 36.58
CA TYR J 747 -12.09 5.59 35.74
C TYR J 747 -10.88 4.78 35.29
N ASP J 748 -10.36 3.96 36.18
CA ASP J 748 -9.27 3.05 35.82
C ASP J 748 -9.73 2.05 34.77
N ALA J 749 -10.97 1.61 34.89
CA ALA J 749 -11.54 0.67 33.91
C ALA J 749 -11.72 1.32 32.54
N PHE J 750 -12.53 2.37 32.49
CA PHE J 750 -12.78 3.08 31.24
C PHE J 750 -12.37 4.54 31.35
N PRO J 751 -11.09 4.83 31.08
CA PRO J 751 -10.51 6.18 31.25
C PRO J 751 -11.09 7.25 30.33
N GLN J 752 -12.00 6.88 29.43
CA GLN J 752 -12.53 7.83 28.47
C GLN J 752 -14.01 8.15 28.69
N THR J 753 -14.79 7.16 29.12
CA THR J 753 -16.24 7.33 29.21
C THR J 753 -16.76 7.04 30.61
N ALA J 754 -15.87 7.16 31.59
CA ALA J 754 -16.25 6.99 32.99
C ALA J 754 -17.26 8.05 33.40
N MET J 755 -18.37 7.62 33.99
CA MET J 755 -19.40 8.53 34.43
C MET J 755 -19.02 9.21 35.75
N LEU J 756 -18.58 10.46 35.66
CA LEU J 756 -18.05 11.17 36.82
C LEU J 756 -18.81 12.47 37.09
N ARG J 757 -18.52 13.10 38.22
CA ARG J 757 -19.12 14.37 38.59
C ARG J 757 -18.08 15.30 39.20
N ARG J 758 -17.90 16.47 38.61
CA ARG J 758 -16.87 17.40 39.04
C ARG J 758 -17.46 18.71 39.56
N HIS J 759 -16.64 19.48 40.26
CA HIS J 759 -17.03 20.81 40.72
C HIS J 759 -15.92 21.80 40.44
N ALA J 760 -16.10 22.62 39.41
CA ALA J 760 -15.07 23.56 38.99
C ALA J 760 -14.91 24.70 40.00
N ALA J 761 -13.68 25.19 40.13
CA ALA J 761 -13.39 26.31 41.01
C ALA J 761 -13.92 27.60 40.40
N PRO J 762 -14.48 28.48 41.26
CA PRO J 762 -15.09 29.74 40.83
C PRO J 762 -14.07 30.87 40.67
N PRO J 763 -14.39 31.87 39.84
CA PRO J 763 -13.52 33.06 39.76
C PRO J 763 -13.76 33.96 40.96
N SER J 764 -12.81 34.82 41.28
CA SER J 764 -12.83 35.57 42.53
C SER J 764 -14.01 36.57 42.64
N THR J 765 -14.77 36.75 41.55
CA THR J 765 -15.81 37.78 41.43
C THR J 765 -17.07 37.52 42.28
N ASN J 766 -17.63 36.32 42.03
CA ASN J 766 -18.76 35.80 42.77
C ASN J 766 -18.54 35.99 44.26
N PHE J 767 -17.29 35.86 44.69
CA PHE J 767 -16.95 35.98 46.10
C PHE J 767 -16.66 37.37 46.67
N GLU J 768 -15.89 38.22 45.97
CA GLU J 768 -15.60 39.55 46.57
C GLU J 768 -16.75 40.56 46.42
N ILE J 769 -17.87 40.19 45.77
CA ILE J 769 -19.04 41.06 46.08
C ILE J 769 -19.47 40.78 47.54
N LEU J 770 -19.53 39.50 47.88
CA LEU J 770 -19.88 39.07 49.22
C LEU J 770 -18.85 39.58 50.24
N ASN J 771 -17.58 39.43 49.90
CA ASN J 771 -16.48 39.90 50.74
C ASN J 771 -16.59 41.39 50.96
N GLU J 772 -16.88 42.11 49.88
CA GLU J 772 -17.14 43.55 49.96
C GLU J 772 -18.18 43.82 51.04
N MET J 773 -19.32 43.15 50.96
CA MET J 773 -20.35 43.29 51.99
C MET J 773 -19.79 43.02 53.40
N LEU J 774 -19.04 41.93 53.51
CA LEU J 774 -18.50 41.46 54.79
C LEU J 774 -17.61 42.50 55.47
N ASN J 775 -16.50 42.87 54.84
CA ASN J 775 -15.59 43.80 55.50
C ASN J 775 -16.06 45.25 55.40
N THR J 776 -17.17 45.48 54.70
CA THR J 776 -17.82 46.77 54.80
C THR J 776 -18.63 46.83 56.10
N ARG J 777 -19.28 45.72 56.45
CA ARG J 777 -20.16 45.72 57.61
C ARG J 777 -19.67 44.89 58.80
N LYS J 778 -19.19 43.68 58.52
CA LYS J 778 -18.80 42.77 59.61
C LYS J 778 -17.29 42.83 59.90
N ASN J 779 -16.57 43.63 59.11
CA ASN J 779 -15.13 43.74 59.20
C ASN J 779 -14.45 42.38 59.11
N MET J 780 -14.90 41.57 58.15
CA MET J 780 -14.38 40.22 57.96
C MET J 780 -14.12 39.94 56.49
N SER J 781 -13.34 38.91 56.21
CA SER J 781 -13.00 38.57 54.84
C SER J 781 -12.83 37.06 54.64
N ILE J 782 -12.80 36.65 53.38
CA ILE J 782 -12.62 35.24 53.03
C ILE J 782 -11.50 35.09 52.00
N SER J 783 -10.67 34.08 52.17
CA SER J 783 -9.56 33.84 51.25
C SER J 783 -9.98 32.88 50.14
N LEU J 784 -9.74 33.29 48.89
CA LEU J 784 -10.18 32.51 47.74
C LEU J 784 -9.02 31.79 47.06
N GLU J 785 -7.86 31.84 47.70
CA GLU J 785 -6.65 31.22 47.15
C GLU J 785 -6.79 29.72 47.02
N SER J 786 -7.16 29.06 48.11
CA SER J 786 -7.34 27.60 48.09
C SER J 786 -8.67 27.20 48.73
N SER J 787 -9.02 25.93 48.58
CA SER J 787 -10.22 25.39 49.20
C SER J 787 -10.09 25.41 50.72
N LYS J 788 -8.91 25.04 51.20
CA LYS J 788 -8.66 25.01 52.64
C LYS J 788 -8.53 26.42 53.20
N ALA J 789 -8.02 27.32 52.36
CA ALA J 789 -7.95 28.74 52.71
C ALA J 789 -9.35 29.28 52.96
N LEU J 790 -10.26 29.00 52.03
CA LEU J 790 -11.64 29.43 52.16
C LEU J 790 -12.31 28.73 53.33
N ALA J 791 -11.93 27.47 53.56
CA ALA J 791 -12.51 26.66 54.62
C ALA J 791 -12.22 27.26 55.99
N ASP J 792 -10.94 27.43 56.30
CA ASP J 792 -10.56 27.95 57.61
C ASP J 792 -10.84 29.45 57.75
N SER J 793 -10.80 30.19 56.64
CA SER J 793 -11.18 31.59 56.68
C SER J 793 -12.68 31.70 56.97
N LEU J 794 -13.41 30.65 56.59
CA LEU J 794 -14.83 30.54 56.96
C LEU J 794 -14.97 30.19 58.44
N ASP J 795 -14.07 29.34 58.93
CA ASP J 795 -14.07 28.98 60.35
C ASP J 795 -13.78 30.21 61.21
N ARG J 796 -13.07 31.18 60.63
CA ARG J 796 -12.76 32.43 61.32
C ARG J 796 -14.03 33.27 61.54
N CYS J 797 -14.89 33.29 60.54
CA CYS J 797 -16.09 34.12 60.55
C CYS J 797 -17.07 33.74 61.65
N VAL J 798 -16.98 34.42 62.79
CA VAL J 798 -17.88 34.15 63.92
C VAL J 798 -18.36 35.45 64.56
N ASP J 799 -19.67 35.55 64.79
CA ASP J 799 -20.23 36.66 65.55
C ASP J 799 -20.46 36.22 66.99
N PRO J 800 -20.04 37.04 67.96
CA PRO J 800 -20.17 36.71 69.37
C PRO J 800 -21.62 36.65 69.85
N GLU J 801 -22.41 37.67 69.52
CA GLU J 801 -23.77 37.76 70.02
C GLU J 801 -24.76 36.96 69.18
N ASP J 802 -24.33 36.51 68.01
CA ASP J 802 -25.17 35.71 67.13
C ASP J 802 -24.40 34.50 66.59
N PRO J 803 -24.59 33.33 67.22
CA PRO J 803 -23.87 32.10 66.89
C PRO J 803 -24.22 31.54 65.51
N TYR J 804 -25.39 31.89 64.99
CA TYR J 804 -25.86 31.30 63.73
C TYR J 804 -25.26 31.97 62.50
N PHE J 805 -24.85 33.22 62.66
CA PHE J 805 -24.34 34.05 61.56
C PHE J 805 -23.30 33.36 60.68
N ASN J 806 -22.42 32.59 61.31
CA ASN J 806 -21.37 31.86 60.60
C ASN J 806 -21.93 30.94 59.51
N THR J 807 -22.92 30.15 59.87
CA THR J 807 -23.55 29.22 58.93
C THR J 807 -24.19 29.97 57.77
N LEU J 808 -24.76 31.14 58.07
CA LEU J 808 -25.33 32.01 57.05
C LEU J 808 -24.27 32.43 56.05
N VAL J 809 -23.12 32.86 56.58
CA VAL J 809 -21.98 33.19 55.75
C VAL J 809 -21.60 32.01 54.86
N ARG J 810 -21.59 30.81 55.42
CA ARG J 810 -21.29 29.61 54.64
C ARG J 810 -22.33 29.37 53.54
N ILE J 811 -23.59 29.71 53.82
CA ILE J 811 -24.66 29.55 52.86
C ILE J 811 -24.45 30.46 51.65
N MET J 812 -24.30 31.75 51.91
CA MET J 812 -24.06 32.71 50.82
C MET J 812 -22.77 32.38 50.07
N SER J 813 -21.76 31.96 50.83
CA SER J 813 -20.49 31.52 50.25
C SER J 813 -20.69 30.39 49.25
N THR J 814 -21.50 29.40 49.63
CA THR J 814 -21.78 28.28 48.74
C THR J 814 -22.59 28.75 47.53
N ARG J 815 -23.44 29.75 47.74
CA ARG J 815 -24.23 30.30 46.64
C ARG J 815 -23.34 31.03 45.64
N CYS J 816 -22.19 31.51 46.10
CA CYS J 816 -21.23 32.15 45.20
C CYS J 816 -20.52 31.12 44.32
N MET J 817 -20.42 29.89 44.81
CA MET J 817 -19.65 28.86 44.12
C MET J 817 -20.27 28.43 42.79
N MET J 818 -19.47 27.75 41.98
CA MET J 818 -19.90 27.27 40.68
C MET J 818 -20.79 26.03 40.84
N ALA J 819 -21.60 25.75 39.82
CA ALA J 819 -22.45 24.57 39.84
C ALA J 819 -21.63 23.32 39.51
N ALA J 820 -21.87 22.25 40.25
CA ALA J 820 -21.24 20.97 39.95
C ALA J 820 -21.90 20.35 38.73
N GLN J 821 -21.17 19.50 38.01
CA GLN J 821 -21.69 18.95 36.75
C GLN J 821 -21.26 17.50 36.50
N TYR J 822 -22.14 16.76 35.85
CA TYR J 822 -21.84 15.40 35.40
C TYR J 822 -21.08 15.43 34.09
N PHE J 823 -20.20 14.46 33.88
CA PHE J 823 -19.40 14.42 32.66
C PHE J 823 -18.77 13.05 32.44
N TYR J 824 -18.42 12.76 31.20
CA TYR J 824 -17.61 11.59 30.89
C TYR J 824 -16.15 12.00 30.88
N SER J 825 -15.27 11.11 31.36
CA SER J 825 -13.89 11.46 31.65
C SER J 825 -13.07 11.93 30.45
N GLY J 826 -13.45 11.51 29.25
CA GLY J 826 -12.71 11.86 28.05
C GLY J 826 -12.82 13.33 27.66
N ALA J 827 -13.86 13.99 28.15
CA ALA J 827 -14.12 15.38 27.78
C ALA J 827 -13.19 16.36 28.48
N TYR J 828 -12.51 15.90 29.53
CA TYR J 828 -11.63 16.76 30.31
C TYR J 828 -10.28 16.12 30.60
N SER J 829 -9.30 16.96 30.94
CA SER J 829 -8.03 16.48 31.45
C SER J 829 -8.23 16.06 32.90
N TYR J 830 -7.35 15.21 33.41
CA TYR J 830 -7.50 14.67 34.77
C TYR J 830 -7.57 15.74 35.87
N PRO J 831 -6.70 16.77 35.84
CA PRO J 831 -6.78 17.75 36.93
C PRO J 831 -8.09 18.54 36.96
N ASP J 832 -8.93 18.38 35.94
CA ASP J 832 -10.24 19.02 35.91
C ASP J 832 -11.30 18.13 36.55
N PHE J 833 -10.90 16.93 36.95
CA PHE J 833 -11.82 16.00 37.61
C PHE J 833 -12.11 16.47 39.03
N ARG J 834 -11.26 17.35 39.55
CA ARG J 834 -11.28 17.76 40.94
C ARG J 834 -12.63 18.35 41.36
N HIS J 835 -13.09 17.92 42.54
CA HIS J 835 -14.32 18.46 43.12
C HIS J 835 -13.96 19.51 44.16
N TYR J 836 -14.03 20.77 43.75
CA TYR J 836 -13.60 21.90 44.57
C TYR J 836 -14.28 21.96 45.94
N GLY J 837 -15.53 21.50 46.00
CA GLY J 837 -16.29 21.53 47.23
C GLY J 837 -15.88 20.47 48.22
N LEU J 838 -15.71 19.24 47.73
CA LEU J 838 -15.35 18.10 48.57
C LEU J 838 -13.85 18.02 48.82
N ALA J 839 -13.09 18.86 48.12
CA ALA J 839 -11.63 18.89 48.20
C ALA J 839 -11.02 17.52 47.88
N VAL J 840 -11.48 16.92 46.79
CA VAL J 840 -10.92 15.65 46.32
C VAL J 840 -10.61 15.75 44.82
N ASP J 841 -9.75 14.87 44.34
CA ASP J 841 -9.30 14.90 42.96
C ASP J 841 -10.30 14.28 41.99
N ILE J 842 -11.20 13.45 42.49
CA ILE J 842 -12.17 12.77 41.64
C ILE J 842 -13.42 12.37 42.44
N TYR J 843 -14.57 12.33 41.76
CA TYR J 843 -15.84 12.02 42.42
C TYR J 843 -16.92 11.66 41.42
N THR J 844 -17.90 10.87 41.86
CA THR J 844 -19.06 10.55 41.05
C THR J 844 -20.25 10.21 41.93
N HIS J 845 -21.35 9.80 41.30
CA HIS J 845 -22.51 9.31 42.05
C HIS J 845 -22.73 7.82 41.77
N PHE J 846 -22.76 7.02 42.83
CA PHE J 846 -22.92 5.57 42.70
C PHE J 846 -23.99 5.04 43.65
N THR J 847 -24.24 5.77 44.72
CA THR J 847 -25.01 5.26 45.86
C THR J 847 -26.54 5.33 45.75
N SER J 848 -27.06 5.94 44.69
CA SER J 848 -28.51 6.14 44.60
C SER J 848 -29.09 5.88 43.20
N PRO J 849 -29.04 4.62 42.75
CA PRO J 849 -29.46 4.24 41.39
C PRO J 849 -30.97 4.24 41.20
N ILE J 850 -31.71 4.15 42.30
CA ILE J 850 -33.16 4.18 42.21
C ILE J 850 -33.66 5.56 41.81
N ARG J 851 -32.96 6.61 42.25
CA ARG J 851 -33.45 7.96 42.07
C ARG J 851 -32.56 8.85 41.20
N ARG J 852 -31.46 8.30 40.68
CA ARG J 852 -30.62 9.01 39.69
C ARG J 852 -30.07 8.06 38.64
N TYR J 853 -30.01 8.52 37.39
CA TYR J 853 -29.54 7.70 36.29
C TYR J 853 -28.01 7.64 36.24
N CYS J 854 -27.37 8.67 36.79
CA CYS J 854 -25.91 8.71 36.84
C CYS J 854 -25.38 7.51 37.60
N ASP J 855 -26.01 7.23 38.75
CA ASP J 855 -25.67 6.07 39.55
C ASP J 855 -25.86 4.79 38.74
N VAL J 856 -26.85 4.77 37.85
CA VAL J 856 -27.11 3.61 37.02
C VAL J 856 -25.95 3.36 36.06
N VAL J 857 -25.54 4.42 35.36
CA VAL J 857 -24.41 4.33 34.45
C VAL J 857 -23.15 3.90 35.20
N ALA J 858 -22.91 4.52 36.35
CA ALA J 858 -21.74 4.20 37.16
C ALA J 858 -21.79 2.74 37.64
N HIS J 859 -22.99 2.24 37.86
CA HIS J 859 -23.20 0.87 38.29
C HIS J 859 -22.85 -0.10 37.17
N ARG J 860 -23.34 0.18 35.97
CA ARG J 860 -23.01 -0.63 34.80
C ARG J 860 -21.50 -0.64 34.54
N GLN J 861 -20.88 0.53 34.67
CA GLN J 861 -19.45 0.66 34.44
C GLN J 861 -18.64 -0.03 35.54
N LEU J 862 -19.19 -0.09 36.75
CA LEU J 862 -18.51 -0.79 37.84
C LEU J 862 -18.65 -2.29 37.64
N ALA J 863 -19.76 -2.71 37.04
CA ALA J 863 -19.97 -4.10 36.67
C ALA J 863 -18.99 -4.50 35.59
N GLY J 864 -18.71 -3.58 34.67
CA GLY J 864 -17.73 -3.82 33.64
C GLY J 864 -16.31 -3.80 34.15
N ALA J 865 -16.07 -3.01 35.19
CA ALA J 865 -14.75 -2.86 35.76
C ALA J 865 -14.24 -4.14 36.42
N ILE J 866 -15.14 -4.90 37.03
CA ILE J 866 -14.76 -6.09 37.79
C ILE J 866 -14.90 -7.38 36.98
N GLY J 867 -15.34 -7.25 35.73
CA GLY J 867 -15.48 -8.39 34.85
C GLY J 867 -16.76 -9.17 35.06
N TYR J 868 -17.66 -8.65 35.88
CA TYR J 868 -18.94 -9.29 36.13
C TYR J 868 -19.77 -9.38 34.85
N GLU J 869 -19.75 -8.30 34.07
CA GLU J 869 -20.57 -8.20 32.87
C GLU J 869 -19.98 -7.18 31.91
N PRO J 870 -19.91 -7.52 30.61
CA PRO J 870 -19.40 -6.59 29.60
C PRO J 870 -20.24 -5.32 29.49
N LEU J 871 -19.59 -4.17 29.62
CA LEU J 871 -20.27 -2.87 29.58
C LEU J 871 -21.00 -2.64 28.27
N SER J 872 -22.18 -2.04 28.35
CA SER J 872 -22.98 -1.73 27.17
C SER J 872 -22.25 -0.77 26.24
N LEU J 873 -22.52 -0.89 24.94
CA LEU J 873 -21.92 -0.03 23.93
C LEU J 873 -22.34 1.44 24.13
N THR J 874 -23.57 1.64 24.58
CA THR J 874 -24.12 2.98 24.76
C THR J 874 -23.39 3.78 25.83
N HIS J 875 -22.62 3.10 26.67
CA HIS J 875 -21.82 3.78 27.70
C HIS J 875 -20.35 3.71 27.35
N ARG J 876 -20.06 3.22 26.15
CA ARG J 876 -18.69 3.16 25.65
C ARG J 876 -18.50 4.13 24.48
N ASP J 877 -19.61 4.71 24.03
CA ASP J 877 -19.58 5.70 22.96
C ASP J 877 -19.68 7.11 23.54
N LYS J 878 -18.72 7.97 23.19
CA LYS J 878 -18.59 9.29 23.81
C LYS J 878 -19.76 10.22 23.52
N ASN J 879 -20.31 10.14 22.30
CA ASN J 879 -21.41 11.04 21.91
C ASN J 879 -22.69 10.78 22.71
N LYS J 880 -23.10 9.52 22.77
CA LYS J 880 -24.28 9.13 23.52
C LYS J 880 -24.14 9.52 24.99
N MET J 881 -22.94 9.32 25.53
CA MET J 881 -22.66 9.67 26.92
C MET J 881 -22.66 11.18 27.12
N ASP J 882 -22.31 11.92 26.08
CA ASP J 882 -22.36 13.37 26.10
C ASP J 882 -23.80 13.84 26.21
N MET J 883 -24.65 13.28 25.35
CA MET J 883 -26.09 13.55 25.40
C MET J 883 -26.65 13.24 26.79
N ILE J 884 -26.28 12.07 27.30
CA ILE J 884 -26.71 11.62 28.63
C ILE J 884 -26.30 12.60 29.72
N CYS J 885 -25.03 13.01 29.71
CA CYS J 885 -24.51 13.93 30.72
C CYS J 885 -25.20 15.28 30.69
N ARG J 886 -25.37 15.84 29.50
CA ARG J 886 -26.07 17.12 29.38
C ARG J 886 -27.49 16.99 29.89
N ASN J 887 -28.15 15.90 29.50
CA ASN J 887 -29.53 15.66 29.93
C ASN J 887 -29.69 15.52 31.43
N ILE J 888 -28.82 14.74 32.06
CA ILE J 888 -28.93 14.51 33.50
C ILE J 888 -28.49 15.75 34.29
N ASN J 889 -27.63 16.57 33.69
CA ASN J 889 -27.29 17.86 34.28
C ASN J 889 -28.51 18.76 34.33
N ARG J 890 -29.14 18.92 33.16
CA ARG J 890 -30.34 19.75 33.04
C ARG J 890 -31.45 19.26 33.97
N LYS J 891 -31.67 17.95 33.98
CA LYS J 891 -32.72 17.34 34.81
C LYS J 891 -32.43 17.48 36.31
N HIS J 892 -31.17 17.33 36.69
CA HIS J 892 -30.77 17.53 38.08
C HIS J 892 -31.08 18.96 38.52
N ARG J 893 -30.57 19.92 37.75
CA ARG J 893 -30.80 21.34 38.04
C ARG J 893 -32.29 21.68 38.12
N ASN J 894 -33.06 21.22 37.14
CA ASN J 894 -34.49 21.44 37.11
C ASN J 894 -35.20 20.84 38.32
N ALA J 895 -34.73 19.68 38.77
CA ALA J 895 -35.28 19.03 39.94
C ALA J 895 -35.03 19.87 41.19
N GLN J 896 -33.82 20.39 41.30
CA GLN J 896 -33.46 21.28 42.40
C GLN J 896 -34.38 22.49 42.45
N PHE J 897 -34.50 23.16 41.30
CA PHE J 897 -35.35 24.35 41.19
C PHE J 897 -36.79 24.03 41.57
N ALA J 898 -37.29 22.90 41.07
CA ALA J 898 -38.66 22.48 41.36
C ALA J 898 -38.87 22.28 42.86
N GLY J 899 -37.93 21.60 43.49
CA GLY J 899 -37.98 21.36 44.92
C GLY J 899 -38.04 22.66 45.71
N ARG J 900 -37.10 23.56 45.43
CA ARG J 900 -37.07 24.84 46.12
C ARG J 900 -38.35 25.64 45.91
N ALA J 901 -38.86 25.63 44.69
CA ALA J 901 -40.07 26.37 44.36
C ALA J 901 -41.27 25.83 45.15
N SER J 902 -41.38 24.51 45.21
CA SER J 902 -42.47 23.87 45.94
C SER J 902 -42.39 24.19 47.42
N ILE J 903 -41.18 24.11 47.98
CA ILE J 903 -40.96 24.45 49.37
C ILE J 903 -41.36 25.89 49.67
N GLU J 904 -40.92 26.82 48.83
CA GLU J 904 -41.25 28.23 48.99
C GLU J 904 -42.75 28.45 48.96
N TYR J 905 -43.41 27.87 47.97
CA TYR J 905 -44.86 27.99 47.83
C TYR J 905 -45.57 27.49 49.08
N TYR J 906 -45.26 26.27 49.52
CA TYR J 906 -45.99 25.68 50.63
C TYR J 906 -45.73 26.43 51.94
N VAL J 907 -44.46 26.75 52.21
CA VAL J 907 -44.12 27.50 53.41
C VAL J 907 -44.84 28.84 53.44
N GLY J 908 -44.89 29.50 52.28
CA GLY J 908 -45.63 30.74 52.14
C GLY J 908 -47.10 30.54 52.49
N GLN J 909 -47.67 29.43 52.02
CA GLN J 909 -49.08 29.13 52.28
C GLN J 909 -49.35 28.89 53.77
N VAL J 910 -48.40 28.24 54.44
CA VAL J 910 -48.54 28.00 55.88
C VAL J 910 -48.44 29.29 56.67
N MET J 911 -47.45 30.11 56.35
CA MET J 911 -47.28 31.39 57.04
C MET J 911 -48.46 32.32 56.78
N ARG J 912 -49.12 32.15 55.64
CA ARG J 912 -50.28 32.96 55.30
C ARG J 912 -51.53 32.50 56.04
N ASN J 913 -51.83 31.21 55.94
CA ASN J 913 -52.98 30.63 56.63
C ASN J 913 -52.83 30.77 58.14
N ASN J 914 -51.65 30.43 58.64
CA ASN J 914 -51.33 30.57 60.05
C ASN J 914 -50.43 31.76 60.30
N GLU J 915 -50.97 32.78 60.98
CA GLU J 915 -50.18 33.96 61.35
C GLU J 915 -48.96 33.53 62.15
N SER J 916 -47.79 33.62 61.51
CA SER J 916 -46.57 33.11 62.13
C SER J 916 -45.38 34.05 61.97
N THR J 917 -44.64 34.23 63.05
CA THR J 917 -43.40 35.02 63.04
C THR J 917 -42.19 34.10 62.95
N GLU J 918 -41.31 34.37 62.00
CA GLU J 918 -40.07 33.61 61.87
C GLU J 918 -38.87 34.52 61.82
N THR J 919 -37.69 34.02 62.18
CA THR J 919 -36.49 34.83 62.11
C THR J 919 -35.92 34.79 60.69
N GLY J 920 -35.26 35.86 60.29
CA GLY J 920 -34.69 35.95 58.95
C GLY J 920 -33.45 36.79 58.88
N TYR J 921 -32.74 36.70 57.76
CA TYR J 921 -31.53 37.49 57.54
C TYR J 921 -31.56 38.19 56.19
N VAL J 922 -31.42 39.51 56.20
CA VAL J 922 -31.33 40.27 54.95
C VAL J 922 -30.06 39.88 54.19
N ILE J 923 -30.22 39.29 53.01
CA ILE J 923 -29.05 38.83 52.26
C ILE J 923 -28.79 39.65 51.00
N LYS J 924 -29.73 40.53 50.66
CA LYS J 924 -29.57 41.43 49.53
C LYS J 924 -30.40 42.70 49.70
N VAL J 925 -29.82 43.85 49.40
CA VAL J 925 -30.51 45.12 49.57
C VAL J 925 -30.60 45.90 48.26
N PHE J 926 -31.80 46.36 47.94
CA PHE J 926 -32.02 47.20 46.76
C PHE J 926 -32.64 48.52 47.21
N ASN J 927 -32.82 49.44 46.26
CA ASN J 927 -33.40 50.73 46.57
C ASN J 927 -34.93 50.68 46.66
N ASN J 928 -35.50 49.60 46.15
CA ASN J 928 -36.95 49.46 46.13
C ASN J 928 -37.41 48.12 46.69
N GLY J 929 -36.53 47.42 47.40
CA GLY J 929 -36.87 46.16 48.02
C GLY J 929 -35.70 45.44 48.67
N ILE J 930 -36.00 44.53 49.58
CA ILE J 930 -34.97 43.73 50.24
C ILE J 930 -35.27 42.24 50.09
N VAL J 931 -34.23 41.43 50.01
CA VAL J 931 -34.41 39.98 49.92
C VAL J 931 -33.90 39.31 51.20
N VAL J 932 -34.79 38.64 51.92
CA VAL J 932 -34.41 38.03 53.19
C VAL J 932 -34.45 36.51 53.11
N LEU J 933 -33.77 35.87 54.04
CA LEU J 933 -33.74 34.41 54.10
C LEU J 933 -34.24 33.92 55.44
N VAL J 934 -35.33 33.15 55.41
CA VAL J 934 -35.75 32.40 56.58
C VAL J 934 -34.96 31.09 56.60
N PRO J 935 -34.07 30.96 57.58
CA PRO J 935 -33.04 29.91 57.66
C PRO J 935 -33.58 28.52 58.00
N LYS J 936 -34.61 28.43 58.84
CA LYS J 936 -35.11 27.14 59.27
C LYS J 936 -35.81 26.40 58.13
N PHE J 937 -36.18 27.14 57.08
CA PHE J 937 -36.75 26.53 55.88
C PHE J 937 -35.75 26.56 54.73
N GLY J 938 -34.70 27.37 54.89
CA GLY J 938 -33.74 27.57 53.84
C GLY J 938 -34.41 28.26 52.66
N VAL J 939 -35.33 29.15 52.97
CA VAL J 939 -36.16 29.78 51.94
C VAL J 939 -35.91 31.28 51.85
N GLU J 940 -35.70 31.79 50.64
CA GLU J 940 -35.51 33.22 50.46
C GLU J 940 -36.77 33.86 49.87
N GLY J 941 -36.99 35.12 50.21
CA GLY J 941 -38.14 35.85 49.72
C GLY J 941 -37.85 37.32 49.46
N LEU J 942 -38.65 37.91 48.57
CA LEU J 942 -38.49 39.30 48.18
C LEU J 942 -39.59 40.19 48.77
N ILE J 943 -39.18 41.17 49.54
CA ILE J 943 -40.09 42.16 50.10
C ILE J 943 -39.96 43.48 49.35
N ARG J 944 -41.06 43.92 48.75
CA ARG J 944 -41.05 45.17 47.99
C ARG J 944 -41.23 46.38 48.89
N LEU J 945 -40.68 47.51 48.46
CA LEU J 945 -40.71 48.74 49.26
C LEU J 945 -42.12 49.28 49.53
N ASP J 946 -43.05 49.00 48.62
CA ASP J 946 -44.43 49.49 48.69
C ASP J 946 -45.14 48.85 49.86
N ASN J 947 -44.86 47.57 49.93
CA ASN J 947 -45.26 46.59 50.91
C ASN J 947 -44.53 46.73 52.23
N LEU J 948 -43.22 46.91 52.14
CA LEU J 948 -42.36 47.20 53.28
C LEU J 948 -42.63 48.56 53.94
N THR J 949 -42.88 49.58 53.12
CA THR J 949 -43.07 50.93 53.63
C THR J 949 -44.07 51.75 52.85
N GLU J 950 -44.81 52.59 53.56
CA GLU J 950 -45.56 53.66 52.93
C GLU J 950 -44.56 54.78 52.66
N ASP J 951 -44.88 55.66 51.71
CA ASP J 951 -43.97 56.72 51.29
C ASP J 951 -42.59 56.15 50.88
N PRO J 952 -42.54 55.49 49.72
CA PRO J 952 -41.28 54.92 49.23
C PRO J 952 -40.36 55.97 48.61
N ASN J 953 -40.95 57.06 48.14
CA ASN J 953 -40.20 58.13 47.50
C ASN J 953 -39.21 58.81 48.44
N SER J 954 -39.52 58.79 49.74
CA SER J 954 -38.66 59.41 50.73
C SER J 954 -37.50 58.50 51.13
N ALA J 955 -37.66 57.21 50.89
CA ALA J 955 -36.65 56.22 51.27
C ALA J 955 -35.31 56.47 50.60
N ALA J 956 -34.24 56.13 51.30
CA ALA J 956 -32.89 56.37 50.78
C ALA J 956 -32.08 55.08 50.69
N PHE J 957 -31.34 54.93 49.59
CA PHE J 957 -30.51 53.75 49.38
C PHE J 957 -29.04 54.07 49.38
N ASP J 958 -28.33 53.57 50.39
CA ASP J 958 -26.89 53.74 50.49
C ASP J 958 -26.20 52.51 49.92
N GLU J 959 -25.66 52.66 48.71
CA GLU J 959 -25.10 51.54 47.96
C GLU J 959 -23.79 51.02 48.56
N VAL J 960 -23.03 51.92 49.18
CA VAL J 960 -21.73 51.54 49.75
C VAL J 960 -21.89 50.86 51.10
N GLU J 961 -22.82 51.37 51.92
CA GLU J 961 -23.09 50.80 53.24
C GLU J 961 -24.04 49.62 53.17
N TYR J 962 -24.60 49.38 51.99
CA TYR J 962 -25.64 48.37 51.80
C TYR J 962 -26.79 48.63 52.77
N LYS J 963 -27.35 49.83 52.68
CA LYS J 963 -28.34 50.26 53.65
C LYS J 963 -29.60 50.77 52.97
N LEU J 964 -30.75 50.39 53.52
CA LEU J 964 -32.02 50.93 53.06
C LEU J 964 -32.73 51.63 54.20
N THR J 965 -32.90 52.94 54.07
CA THR J 965 -33.59 53.73 55.09
C THR J 965 -35.01 54.03 54.65
N PHE J 966 -35.97 53.67 55.50
CA PHE J 966 -37.38 53.89 55.18
C PHE J 966 -38.21 54.01 56.46
N VAL J 967 -39.44 54.50 56.31
CA VAL J 967 -40.38 54.56 57.41
C VAL J 967 -41.44 53.48 57.26
N PRO J 968 -41.47 52.52 58.20
CA PRO J 968 -42.47 51.45 58.22
C PRO J 968 -43.89 52.01 58.16
N THR J 969 -44.79 51.29 57.49
CA THR J 969 -46.14 51.79 57.26
C THR J 969 -46.95 51.97 58.54
N ASN J 970 -46.95 50.94 59.39
CA ASN J 970 -47.86 50.90 60.53
C ASN J 970 -47.69 52.10 61.49
N SER J 971 -46.48 52.45 61.88
CA SER J 971 -46.24 53.77 62.48
C SER J 971 -44.79 54.21 62.24
N ASP J 972 -44.61 55.51 62.05
CA ASP J 972 -43.38 56.08 61.52
C ASP J 972 -42.29 56.46 62.51
N LYS J 973 -41.06 56.26 62.07
CA LYS J 973 -39.83 56.54 62.79
C LYS J 973 -38.80 56.01 61.83
N PRO J 974 -37.70 56.74 61.63
CA PRO J 974 -36.72 56.31 60.62
C PRO J 974 -36.17 54.93 60.93
N ARG J 975 -36.17 54.04 59.94
CA ARG J 975 -35.60 52.71 60.12
C ARG J 975 -34.52 52.41 59.09
N ASP J 976 -33.34 52.06 59.59
CA ASP J 976 -32.23 51.66 58.75
C ASP J 976 -32.13 50.14 58.73
N VAL J 977 -32.12 49.57 57.52
CA VAL J 977 -31.95 48.13 57.38
C VAL J 977 -30.69 47.83 56.57
N TYR J 978 -29.73 47.19 57.23
CA TYR J 978 -28.48 46.82 56.59
C TYR J 978 -28.58 45.39 56.05
N VAL J 979 -27.60 45.00 55.25
CA VAL J 979 -27.46 43.61 54.87
C VAL J 979 -26.99 42.84 56.10
N PHE J 980 -27.25 41.53 56.13
CA PHE J 980 -26.86 40.65 57.23
C PHE J 980 -27.63 40.89 58.53
N ASP J 981 -28.59 41.82 58.51
CA ASP J 981 -29.37 42.12 59.71
C ASP J 981 -30.36 41.02 60.06
N LYS J 982 -30.38 40.64 61.33
CA LYS J 982 -31.37 39.70 61.82
C LYS J 982 -32.70 40.41 62.01
N VAL J 983 -33.72 39.97 61.27
CA VAL J 983 -35.03 40.60 61.32
C VAL J 983 -36.13 39.58 61.61
N GLU J 984 -37.32 40.09 61.89
CA GLU J 984 -38.47 39.23 62.12
C GLU J 984 -39.44 39.33 60.96
N VAL J 985 -39.70 38.18 60.32
CA VAL J 985 -40.51 38.14 59.13
C VAL J 985 -41.87 37.48 59.38
N GLN J 986 -42.87 38.02 58.71
CA GLN J 986 -44.31 37.65 58.78
C GLN J 986 -44.94 37.73 57.41
N VAL J 987 -45.94 36.88 57.20
CA VAL J 987 -46.53 36.76 55.89
C VAL J 987 -48.03 37.00 55.87
N ARG J 988 -48.41 38.02 55.09
CA ARG J 988 -49.78 38.32 54.77
C ARG J 988 -49.85 38.53 53.26
N SER J 989 -50.85 38.00 52.58
CA SER J 989 -50.94 38.18 51.13
C SER J 989 -52.14 39.01 50.72
N VAL J 990 -51.81 40.17 50.14
CA VAL J 990 -52.73 41.12 49.57
C VAL J 990 -52.27 41.26 48.12
N MET J 991 -53.07 41.82 47.22
CA MET J 991 -52.57 42.12 45.88
C MET J 991 -52.81 43.59 45.54
N ASP J 992 -51.76 44.26 45.05
CA ASP J 992 -51.80 45.69 44.74
C ASP J 992 -52.12 46.52 45.98
N GLU J 1001 -47.41 37.34 50.01
CA GLU J 1001 -46.46 38.45 50.03
C GLU J 1001 -45.68 38.52 51.35
N LEU J 1002 -44.36 38.47 51.26
CA LEU J 1002 -43.50 38.53 52.44
C LEU J 1002 -43.56 39.91 53.08
N LEU J 1003 -43.42 39.97 54.40
CA LEU J 1003 -43.54 41.22 55.13
C LEU J 1003 -42.62 41.27 56.35
N LEU J 1004 -42.31 42.48 56.79
CA LEU J 1004 -41.40 42.69 57.90
C LEU J 1004 -42.16 43.02 59.19
N LYS J 1005 -41.81 42.33 60.27
CA LYS J 1005 -42.47 42.54 61.56
C LYS J 1005 -41.82 43.68 62.32
N ASP K 6 13.00 4.08 -67.25
CA ASP K 6 14.41 3.94 -66.91
C ASP K 6 14.80 4.92 -65.79
N ASP K 7 14.35 4.63 -64.57
CA ASP K 7 14.63 5.50 -63.43
C ASP K 7 16.08 5.42 -63.00
N LYS K 8 16.71 4.29 -63.27
CA LYS K 8 18.10 4.05 -62.88
C LYS K 8 19.03 5.11 -63.45
N LEU K 9 20.12 5.38 -62.76
CA LEU K 9 21.12 6.33 -63.24
C LEU K 9 22.38 5.63 -63.71
N ASN K 10 23.02 6.22 -64.71
CA ASN K 10 24.30 5.69 -65.20
C ASN K 10 25.35 5.72 -64.09
N LEU K 11 26.33 4.81 -64.19
CA LEU K 11 27.39 4.73 -63.19
C LEU K 11 28.12 6.06 -63.03
N GLU K 12 28.33 6.76 -64.14
CA GLU K 12 28.96 8.09 -64.09
C GLU K 12 28.02 9.08 -63.43
N GLU K 13 26.76 9.06 -63.83
CA GLU K 13 25.73 9.89 -63.22
C GLU K 13 25.60 9.57 -61.73
N SER K 14 25.74 8.28 -61.41
CA SER K 14 25.66 7.81 -60.03
C SER K 14 26.82 8.36 -59.20
N TRP K 15 28.03 8.32 -59.76
CA TRP K 15 29.21 8.84 -59.10
C TRP K 15 29.09 10.35 -58.90
N LYS K 16 28.57 11.04 -59.91
CA LYS K 16 28.27 12.45 -59.81
C LYS K 16 27.38 12.69 -58.60
N ALA K 17 26.18 12.11 -58.65
CA ALA K 17 25.18 12.25 -57.59
C ALA K 17 25.77 11.96 -56.21
N ILE K 18 26.65 10.97 -56.14
CA ILE K 18 27.37 10.67 -54.90
C ILE K 18 28.23 11.85 -54.47
N LYS K 19 28.98 12.41 -55.42
CA LYS K 19 29.83 13.56 -55.14
C LYS K 19 29.02 14.77 -54.68
N GLU K 20 27.81 14.93 -55.20
CA GLU K 20 26.97 16.07 -54.84
C GLU K 20 26.25 15.87 -53.51
N MET K 21 25.86 14.64 -53.21
CA MET K 21 25.24 14.33 -51.93
C MET K 21 26.24 14.44 -50.79
N ASN K 22 27.40 13.81 -50.97
CA ASN K 22 28.43 13.76 -49.94
C ASN K 22 29.02 15.12 -49.57
N HIS K 23 28.69 16.13 -50.37
CA HIS K 23 29.22 17.47 -50.13
C HIS K 23 28.75 18.05 -48.80
N TYR K 24 29.72 18.54 -48.03
CA TYR K 24 29.42 19.28 -46.80
C TYR K 24 30.44 20.39 -46.66
N CYS K 25 30.18 21.33 -45.74
CA CYS K 25 31.07 22.48 -45.57
C CYS K 25 32.00 22.30 -44.38
N PHE K 26 33.17 21.74 -44.64
CA PHE K 26 34.19 21.53 -43.62
C PHE K 26 34.65 22.86 -43.06
N LEU K 27 35.02 22.86 -41.79
CA LEU K 27 35.45 24.05 -41.11
C LEU K 27 36.46 23.64 -40.05
N LYS K 28 37.68 24.17 -40.20
CA LYS K 28 38.83 23.69 -39.46
C LYS K 28 38.78 24.09 -37.98
N ASN K 29 38.31 25.29 -37.68
CA ASN K 29 38.42 25.76 -36.29
C ASN K 29 37.12 25.83 -35.49
N ASP K 30 37.29 25.58 -34.21
CA ASP K 30 36.23 25.20 -33.31
C ASP K 30 35.72 26.39 -32.50
N PRO K 31 34.40 26.61 -32.51
CA PRO K 31 33.81 27.74 -31.78
C PRO K 31 33.67 27.43 -30.30
N ASP K 38 33.95 32.83 -23.67
CA ASP K 38 32.67 32.16 -23.92
C ASP K 38 32.85 30.65 -23.98
N PHE K 39 31.76 29.93 -23.72
CA PHE K 39 31.78 28.47 -23.67
C PHE K 39 32.83 27.97 -22.69
N ALA K 40 32.91 28.64 -21.54
CA ALA K 40 33.89 28.31 -20.52
C ALA K 40 33.64 26.94 -19.92
N PHE K 41 32.41 26.45 -20.08
CA PHE K 41 32.02 25.14 -19.55
C PHE K 41 32.58 23.99 -20.39
N THR K 42 32.45 24.11 -21.70
CA THR K 42 33.05 23.14 -22.61
C THR K 42 34.55 23.06 -22.42
N ASN K 43 35.20 24.23 -22.46
CA ASN K 43 36.61 24.35 -22.12
C ASN K 43 36.88 23.70 -20.76
N PHE K 44 36.02 23.97 -19.78
CA PHE K 44 36.18 23.40 -18.43
C PHE K 44 36.27 21.87 -18.47
N ILE K 45 35.37 21.25 -19.22
CA ILE K 45 35.28 19.80 -19.26
C ILE K 45 36.43 19.20 -20.05
N ILE K 46 36.95 19.95 -21.02
CA ILE K 46 38.06 19.48 -21.84
C ILE K 46 39.37 20.24 -21.53
N LYS K 47 40.01 19.90 -20.41
CA LYS K 47 41.39 20.34 -20.07
C LYS K 47 42.41 19.30 -19.72
N ASP K 48 43.63 19.60 -20.17
CA ASP K 48 44.85 19.05 -19.58
C ASP K 48 44.79 17.57 -19.27
N LYS K 70 57.00 6.09 -22.92
CA LYS K 70 56.40 5.46 -21.76
C LYS K 70 55.74 4.12 -22.13
N LYS K 71 55.85 3.15 -21.23
CA LYS K 71 55.25 1.82 -21.40
C LYS K 71 55.68 1.16 -22.70
N HIS K 72 56.97 0.90 -22.84
CA HIS K 72 57.52 0.30 -24.06
C HIS K 72 57.82 -1.19 -23.87
N ASN K 73 57.58 -1.69 -22.66
CA ASN K 73 57.94 -3.06 -22.30
C ASN K 73 57.10 -4.12 -23.00
N ASN K 74 55.78 -3.91 -23.04
CA ASN K 74 54.83 -4.82 -23.69
C ASN K 74 54.70 -6.19 -23.00
N GLU K 75 55.52 -6.41 -21.97
CA GLU K 75 55.46 -7.65 -21.21
C GLU K 75 54.29 -7.63 -20.23
N LEU K 76 53.70 -6.46 -20.05
CA LEU K 76 52.63 -6.28 -19.06
C LEU K 76 51.25 -6.56 -19.64
N LEU K 77 51.12 -6.49 -20.96
CA LEU K 77 49.82 -6.66 -21.60
C LEU K 77 49.61 -8.05 -22.19
N GLY K 78 50.40 -9.02 -21.72
CA GLY K 78 50.30 -10.38 -22.22
C GLY K 78 49.83 -11.36 -21.16
N ILE K 79 49.86 -12.65 -21.50
CA ILE K 79 49.48 -13.71 -20.56
C ILE K 79 50.48 -13.75 -19.40
N PHE K 80 49.99 -14.12 -18.23
CA PHE K 80 50.85 -14.26 -17.06
C PHE K 80 52.02 -15.20 -17.31
N VAL K 81 53.22 -14.64 -17.29
CA VAL K 81 54.44 -15.43 -17.28
C VAL K 81 55.18 -15.11 -15.98
N PRO K 82 55.43 -16.13 -15.16
CA PRO K 82 56.04 -15.93 -13.83
C PRO K 82 57.44 -15.31 -13.92
N CYS K 83 57.68 -14.30 -13.08
CA CYS K 83 58.97 -13.62 -13.02
C CYS K 83 60.07 -14.60 -12.64
N ASN K 84 59.74 -15.52 -11.75
CA ASN K 84 60.67 -16.54 -11.26
C ASN K 84 61.24 -17.40 -12.37
N LEU K 85 60.38 -17.81 -13.30
CA LEU K 85 60.66 -18.84 -14.29
C LEU K 85 62.00 -18.72 -14.99
N PRO K 86 62.76 -19.82 -15.04
CA PRO K 86 64.04 -19.91 -15.78
C PRO K 86 63.80 -20.01 -17.29
N LYS K 87 64.82 -19.70 -18.08
CA LYS K 87 64.68 -19.67 -19.53
C LYS K 87 64.47 -21.06 -20.14
N THR K 88 65.11 -22.06 -19.55
CA THR K 88 65.04 -23.43 -20.04
C THR K 88 63.61 -23.96 -20.05
N THR K 89 62.91 -23.76 -18.93
CA THR K 89 61.53 -24.23 -18.80
C THR K 89 60.59 -23.45 -19.74
N ARG K 90 60.91 -22.18 -19.96
CA ARG K 90 60.17 -21.39 -20.95
C ARG K 90 60.32 -22.03 -22.32
N LYS K 91 61.56 -22.40 -22.65
CA LYS K 91 61.83 -23.11 -23.90
C LYS K 91 61.07 -24.42 -23.96
N VAL K 92 60.92 -25.07 -22.81
CA VAL K 92 60.13 -26.30 -22.72
C VAL K 92 58.68 -26.04 -23.09
N ALA K 93 58.11 -24.97 -22.55
CA ALA K 93 56.71 -24.60 -22.83
C ALA K 93 56.50 -24.26 -24.30
N ILE K 94 57.36 -23.39 -24.83
CA ILE K 94 57.29 -23.00 -26.23
C ILE K 94 57.41 -24.23 -27.13
N GLU K 95 58.31 -25.13 -26.75
CA GLU K 95 58.49 -26.38 -27.46
C GLU K 95 57.20 -27.19 -27.48
N ASN K 96 56.61 -27.36 -26.31
CA ASN K 96 55.37 -28.10 -26.15
C ASN K 96 54.24 -27.52 -27.00
N PHE K 97 54.20 -26.20 -27.12
CA PHE K 97 53.14 -25.55 -27.89
C PHE K 97 53.45 -25.49 -29.38
N ASN K 98 54.71 -25.72 -29.75
CA ASN K 98 55.07 -25.80 -31.16
C ASN K 98 54.69 -27.16 -31.74
N ARG K 99 54.73 -28.19 -30.89
CA ARG K 99 54.26 -29.51 -31.27
C ARG K 99 52.75 -29.46 -31.47
N PRO K 100 52.22 -30.29 -32.38
CA PRO K 100 50.79 -30.30 -32.69
C PRO K 100 49.90 -30.54 -31.46
N SER K 101 48.73 -29.91 -31.45
CA SER K 101 47.76 -30.12 -30.38
C SER K 101 47.07 -31.47 -30.56
N PRO K 102 46.52 -32.05 -29.47
CA PRO K 102 45.81 -33.33 -29.55
C PRO K 102 44.75 -33.34 -30.66
N ASP K 103 44.05 -32.21 -30.81
CA ASP K 103 43.12 -32.02 -31.91
C ASP K 103 43.81 -32.23 -33.25
N ASP K 104 45.00 -31.66 -33.41
CA ASP K 104 45.76 -31.79 -34.65
C ASP K 104 46.14 -33.26 -34.91
N ILE K 105 46.63 -33.94 -33.89
CA ILE K 105 47.03 -35.33 -34.00
C ILE K 105 45.85 -36.21 -34.46
N ILE K 106 44.75 -36.15 -33.72
CA ILE K 106 43.58 -36.96 -34.05
C ILE K 106 43.02 -36.61 -35.44
N GLN K 107 42.97 -35.31 -35.72
CA GLN K 107 42.48 -34.81 -37.01
C GLN K 107 43.29 -35.35 -38.19
N SER K 108 44.61 -35.19 -38.12
CA SER K 108 45.50 -35.67 -39.18
C SER K 108 45.42 -37.19 -39.31
N ALA K 109 45.32 -37.88 -38.18
CA ALA K 109 45.17 -39.33 -38.18
C ALA K 109 43.91 -39.76 -38.93
N GLN K 110 42.80 -39.09 -38.61
CA GLN K 110 41.52 -39.39 -39.24
C GLN K 110 41.53 -39.03 -40.73
N LEU K 111 42.26 -37.98 -41.09
CA LEU K 111 42.36 -37.59 -42.49
C LEU K 111 43.16 -38.60 -43.31
N ASN K 112 44.29 -39.03 -42.75
CA ASN K 112 45.13 -40.03 -43.41
C ASN K 112 44.39 -41.37 -43.57
N ALA K 113 43.76 -41.80 -42.48
CA ALA K 113 42.96 -43.03 -42.48
C ALA K 113 41.82 -42.93 -43.49
N PHE K 114 41.22 -41.75 -43.57
CA PHE K 114 40.18 -41.48 -44.56
C PHE K 114 40.73 -41.65 -45.98
N ASN K 115 41.88 -41.03 -46.25
CA ASN K 115 42.49 -41.09 -47.58
C ASN K 115 42.78 -42.52 -48.02
N MET K 116 43.37 -43.31 -47.12
CA MET K 116 43.73 -44.68 -47.45
C MET K 116 42.50 -45.61 -47.50
N ASN K 117 41.44 -45.24 -46.78
CA ASN K 117 40.18 -45.97 -46.86
C ASN K 117 39.43 -45.68 -48.16
N ILE K 118 39.45 -44.43 -48.60
CA ILE K 118 38.77 -44.11 -49.85
C ILE K 118 39.57 -44.62 -51.05
N PHE K 119 40.90 -44.60 -50.97
CA PHE K 119 41.70 -45.22 -52.04
C PHE K 119 41.45 -46.72 -52.05
N GLU K 120 41.36 -47.32 -50.87
CA GLU K 120 41.26 -48.78 -50.87
C GLU K 120 39.89 -49.18 -51.45
N MET K 121 38.86 -48.38 -51.12
CA MET K 121 37.54 -48.58 -51.69
C MET K 121 37.56 -48.43 -53.22
N LEU K 122 38.02 -47.27 -53.69
CA LEU K 122 38.01 -46.97 -55.12
C LEU K 122 38.86 -47.97 -55.89
N ARG K 123 39.74 -48.64 -55.17
CA ARG K 123 40.64 -49.63 -55.78
C ARG K 123 39.88 -50.93 -55.92
N ILE K 124 39.20 -51.33 -54.85
CA ILE K 124 38.35 -52.52 -54.90
C ILE K 124 37.29 -52.41 -55.99
N ASP K 125 36.85 -51.20 -56.32
CA ASP K 125 35.88 -51.06 -57.41
C ASP K 125 36.39 -50.44 -58.71
N GLU K 126 37.64 -49.98 -58.72
CA GLU K 126 38.26 -49.54 -59.96
C GLU K 126 39.71 -49.94 -59.91
N GLY K 127 40.10 -50.78 -60.87
CA GLY K 127 41.42 -51.38 -60.88
C GLY K 127 42.57 -50.39 -60.82
N LEU K 128 43.75 -50.91 -60.53
CA LEU K 128 44.95 -50.09 -60.42
C LEU K 128 46.12 -50.67 -61.21
N ARG K 129 46.56 -49.95 -62.25
CA ARG K 129 47.89 -50.10 -62.87
C ARG K 129 48.14 -49.04 -63.95
N LEU K 130 49.42 -48.91 -64.32
CA LEU K 130 49.93 -47.69 -64.94
C LEU K 130 50.05 -47.70 -66.47
N LYS K 131 49.85 -46.52 -67.07
CA LYS K 131 50.30 -46.17 -68.42
C LYS K 131 49.53 -46.73 -69.62
N ILE K 132 48.45 -47.48 -69.40
CA ILE K 132 47.61 -47.84 -70.53
C ILE K 132 46.14 -47.91 -70.11
N TYR K 133 45.27 -47.50 -71.04
CA TYR K 133 43.87 -47.24 -70.73
C TYR K 133 42.93 -47.73 -71.84
N LYS K 134 41.96 -48.55 -71.45
CA LYS K 134 40.92 -49.00 -72.37
C LYS K 134 39.57 -48.43 -71.94
N ASP K 135 38.96 -47.62 -72.80
CA ASP K 135 37.73 -46.90 -72.44
C ASP K 135 36.53 -47.84 -72.24
N THR K 136 35.60 -47.41 -71.40
CA THR K 136 34.40 -48.17 -71.11
C THR K 136 33.29 -47.28 -70.57
N ILE K 142 46.51 -42.29 -63.93
CA ILE K 142 45.82 -43.19 -64.85
C ILE K 142 45.36 -44.45 -64.11
N GLY K 143 46.11 -44.83 -63.08
CA GLY K 143 45.86 -46.05 -62.34
C GLY K 143 44.45 -46.18 -61.80
N ILE K 144 44.05 -45.26 -60.93
CA ILE K 144 42.75 -45.34 -60.27
C ILE K 144 41.68 -44.53 -60.98
N GLY K 145 41.07 -45.15 -61.99
CA GLY K 145 39.96 -44.55 -62.72
C GLY K 145 40.26 -43.20 -63.34
N HIS K 146 41.45 -43.05 -63.91
CA HIS K 146 41.85 -41.79 -64.53
C HIS K 146 42.43 -42.02 -65.92
N LYS K 175 55.00 -46.23 -60.96
CA LYS K 175 55.00 -45.50 -59.70
C LYS K 175 53.60 -45.40 -59.12
N ASP K 176 53.39 -46.03 -57.97
CA ASP K 176 52.11 -45.91 -57.28
C ASP K 176 52.19 -44.81 -56.23
N GLU K 177 53.23 -43.98 -56.31
CA GLU K 177 53.26 -42.75 -55.55
C GLU K 177 52.33 -41.78 -56.25
N ALA K 178 52.01 -42.10 -57.50
CA ALA K 178 50.97 -41.41 -58.26
C ALA K 178 49.62 -41.43 -57.53
N GLU K 179 49.59 -42.09 -56.38
CA GLU K 179 48.50 -41.95 -55.42
C GLU K 179 48.21 -40.49 -55.13
N LYS K 180 49.23 -39.63 -55.14
CA LYS K 180 49.03 -38.20 -54.97
C LYS K 180 48.02 -37.69 -55.99
N LEU K 181 48.23 -38.09 -57.25
CA LEU K 181 47.31 -37.77 -58.33
C LEU K 181 45.90 -38.23 -57.97
N PHE K 182 45.79 -39.46 -57.45
CA PHE K 182 44.50 -39.95 -56.97
C PHE K 182 43.91 -38.95 -55.98
N ASN K 183 44.68 -38.56 -54.97
CA ASN K 183 44.24 -37.55 -54.03
C ASN K 183 43.85 -36.28 -54.77
N GLN K 184 44.71 -35.86 -55.71
CA GLN K 184 44.43 -34.68 -56.53
C GLN K 184 43.07 -34.80 -57.18
N ASP K 185 42.75 -36.00 -57.64
CA ASP K 185 41.46 -36.24 -58.28
C ASP K 185 40.36 -36.15 -57.23
N VAL K 186 40.56 -36.86 -56.12
CA VAL K 186 39.52 -36.99 -55.10
C VAL K 186 39.05 -35.63 -54.61
N ASP K 187 40.00 -34.80 -54.20
CA ASP K 187 39.70 -33.47 -53.71
C ASP K 187 38.85 -32.70 -54.72
N ALA K 188 39.15 -32.86 -56.00
CA ALA K 188 38.42 -32.17 -57.05
C ALA K 188 36.93 -32.46 -56.90
N ALA K 189 36.61 -33.75 -56.76
CA ALA K 189 35.23 -34.17 -56.54
C ALA K 189 34.66 -33.39 -55.36
N VAL K 190 35.37 -33.44 -54.24
CA VAL K 190 35.00 -32.66 -53.06
C VAL K 190 34.86 -31.19 -53.45
N ARG K 191 35.90 -30.66 -54.09
CA ARG K 191 35.89 -29.28 -54.56
C ARG K 191 34.67 -29.05 -55.45
N GLY K 192 34.39 -30.02 -56.30
CA GLY K 192 33.28 -29.94 -57.22
C GLY K 192 31.94 -30.15 -56.54
N ILE K 193 31.93 -30.89 -55.43
CA ILE K 193 30.68 -31.26 -54.79
C ILE K 193 30.17 -30.10 -53.91
N LEU K 194 31.05 -29.54 -53.09
CA LEU K 194 30.69 -28.51 -52.12
C LEU K 194 30.16 -27.26 -52.82
N ARG K 195 30.74 -26.96 -53.98
CA ARG K 195 30.38 -25.78 -54.75
C ARG K 195 28.89 -25.64 -55.05
N ASN K 196 28.34 -26.63 -55.74
CA ASN K 196 26.91 -26.63 -56.04
C ASN K 196 26.11 -26.67 -54.74
N ALA K 197 25.02 -25.92 -54.67
CA ALA K 197 24.39 -25.58 -53.38
C ALA K 197 23.36 -26.59 -52.89
N LYS K 198 22.95 -27.51 -53.77
CA LYS K 198 21.97 -28.53 -53.41
C LYS K 198 22.55 -29.58 -52.48
N LEU K 199 23.81 -29.93 -52.74
CA LEU K 199 24.47 -31.08 -52.19
C LEU K 199 25.07 -30.73 -50.83
N LYS K 200 25.54 -29.49 -50.72
CA LYS K 200 26.38 -29.04 -49.62
C LYS K 200 25.82 -29.43 -48.24
N PRO K 201 24.51 -29.26 -47.98
CA PRO K 201 24.01 -29.75 -46.70
C PRO K 201 24.22 -31.25 -46.45
N VAL K 202 23.82 -32.10 -47.39
CA VAL K 202 23.88 -33.54 -47.16
C VAL K 202 25.33 -34.03 -47.05
N TYR K 203 26.23 -33.45 -47.83
CA TYR K 203 27.65 -33.81 -47.73
C TYR K 203 28.20 -33.34 -46.39
N ASP K 204 27.79 -32.16 -45.95
CA ASP K 204 28.20 -31.63 -44.65
C ASP K 204 27.68 -32.52 -43.51
N SER K 205 26.56 -33.19 -43.73
CA SER K 205 25.94 -34.00 -42.69
C SER K 205 26.37 -35.46 -42.73
N LEU K 206 26.88 -35.91 -43.86
CA LEU K 206 27.33 -37.30 -43.99
C LEU K 206 28.63 -37.55 -43.23
N ASP K 207 28.71 -38.71 -42.59
CA ASP K 207 29.95 -39.12 -41.93
C ASP K 207 30.90 -39.74 -42.94
N ALA K 208 32.16 -39.91 -42.53
CA ALA K 208 33.28 -40.23 -43.42
C ALA K 208 33.02 -41.31 -44.46
N VAL K 209 32.22 -42.31 -44.12
CA VAL K 209 32.04 -43.47 -45.00
C VAL K 209 30.91 -43.27 -46.03
N ARG K 210 29.81 -42.62 -45.65
CA ARG K 210 28.76 -42.31 -46.61
C ARG K 210 29.24 -41.15 -47.43
N ARG K 211 30.07 -40.32 -46.80
CA ARG K 211 30.77 -39.26 -47.47
C ARG K 211 31.66 -39.88 -48.54
N ALA K 212 32.31 -40.99 -48.20
CA ALA K 212 33.16 -41.69 -49.14
C ALA K 212 32.37 -42.30 -50.29
N ALA K 213 31.17 -42.79 -49.98
CA ALA K 213 30.29 -43.34 -51.02
C ALA K 213 29.82 -42.24 -51.97
N LEU K 214 29.56 -41.06 -51.40
CA LEU K 214 29.12 -39.93 -52.19
C LEU K 214 30.23 -39.38 -53.08
N ILE K 215 31.45 -39.34 -52.55
CA ILE K 215 32.63 -38.94 -53.33
C ILE K 215 32.83 -39.94 -54.46
N ASN K 216 32.63 -41.20 -54.10
CA ASN K 216 32.64 -42.35 -55.01
C ASN K 216 31.69 -42.11 -56.18
N MET K 217 30.48 -41.65 -55.89
CA MET K 217 29.50 -41.33 -56.93
C MET K 217 29.91 -40.09 -57.73
N VAL K 218 30.54 -39.14 -57.07
CA VAL K 218 31.03 -37.93 -57.73
C VAL K 218 32.42 -38.15 -58.30
N ALA K 227 26.72 -35.92 -64.83
CA ALA K 227 25.79 -34.91 -64.31
C ALA K 227 24.37 -35.47 -64.23
N GLY K 228 23.98 -36.24 -65.23
CA GLY K 228 22.65 -36.82 -65.28
C GLY K 228 22.53 -38.11 -64.48
N PHE K 229 23.54 -38.38 -63.67
CA PHE K 229 23.57 -39.62 -62.88
C PHE K 229 22.52 -39.63 -61.77
N THR K 230 22.07 -38.43 -61.37
CA THR K 230 21.11 -38.30 -60.28
C THR K 230 19.81 -39.05 -60.56
N ASN K 231 19.39 -39.87 -59.59
CA ASN K 231 18.19 -40.69 -59.74
C ASN K 231 17.30 -40.68 -58.51
N SER K 232 17.47 -39.65 -57.68
CA SER K 232 16.65 -39.41 -56.48
C SER K 232 16.91 -40.41 -55.34
N LEU K 233 18.09 -41.01 -55.33
CA LEU K 233 18.58 -41.80 -54.19
C LEU K 233 17.63 -42.90 -53.70
N ARG K 234 17.04 -43.64 -54.63
CA ARG K 234 16.13 -44.73 -54.28
C ARG K 234 15.99 -45.72 -55.43
N ASN K 255 38.23 -48.49 -64.57
CA ASN K 255 37.24 -47.46 -64.87
C ASN K 255 35.83 -47.93 -64.53
N GLN K 256 35.67 -49.23 -64.29
CA GLN K 256 34.37 -49.79 -63.96
C GLN K 256 34.50 -51.05 -63.10
N THR K 257 33.42 -51.38 -62.40
CA THR K 257 33.39 -52.58 -61.55
C THR K 257 32.25 -53.50 -61.94
N PRO K 258 32.43 -54.81 -61.72
CA PRO K 258 31.31 -55.75 -61.89
C PRO K 258 30.23 -55.50 -60.84
N ASN K 259 30.64 -55.25 -59.60
CA ASN K 259 29.71 -55.01 -58.50
C ASN K 259 30.09 -53.79 -57.66
N ARG K 260 29.37 -52.70 -57.90
CA ARG K 260 29.61 -51.43 -57.22
C ARG K 260 28.32 -50.97 -56.55
N ALA K 261 27.21 -51.26 -57.22
CA ALA K 261 25.87 -50.94 -56.73
C ALA K 261 25.66 -51.52 -55.33
N LYS K 262 25.84 -52.83 -55.21
CA LYS K 262 25.77 -53.49 -53.90
C LYS K 262 26.74 -52.82 -52.94
N ARG K 263 28.00 -52.77 -53.34
CA ARG K 263 29.06 -52.21 -52.50
C ARG K 263 28.82 -50.76 -52.08
N VAL K 264 28.65 -49.87 -53.05
CA VAL K 264 28.49 -48.44 -52.74
C VAL K 264 27.17 -48.09 -52.08
N ILE K 265 26.06 -48.62 -52.57
CA ILE K 265 24.75 -48.28 -51.99
C ILE K 265 24.62 -48.86 -50.57
N THR K 266 25.02 -50.13 -50.41
CA THR K 266 25.04 -50.72 -49.08
C THR K 266 25.93 -49.89 -48.19
N THR K 267 27.12 -49.55 -48.66
CA THR K 267 28.01 -48.65 -47.92
C THR K 267 27.29 -47.36 -47.56
N PHE K 268 26.39 -46.91 -48.44
CA PHE K 268 25.74 -45.61 -48.24
C PHE K 268 24.73 -45.64 -47.11
N ARG K 269 24.03 -46.76 -46.89
CA ARG K 269 23.11 -46.75 -45.75
C ARG K 269 23.32 -47.84 -44.65
N THR K 270 24.46 -48.54 -44.68
CA THR K 270 24.95 -49.31 -43.52
C THR K 270 25.95 -48.43 -42.78
N GLY K 271 26.62 -47.57 -43.54
CA GLY K 271 27.62 -46.69 -42.99
C GLY K 271 28.86 -47.41 -42.46
N THR K 272 29.27 -48.47 -43.16
CA THR K 272 30.47 -49.21 -42.78
C THR K 272 31.27 -49.61 -44.02
N TRP K 273 32.53 -49.98 -43.81
CA TRP K 273 33.39 -50.46 -44.90
C TRP K 273 33.32 -51.99 -45.01
N ASP K 274 32.33 -52.59 -44.36
CA ASP K 274 32.30 -54.05 -44.17
C ASP K 274 32.23 -54.84 -45.49
N ALA K 275 31.49 -54.32 -46.47
CA ALA K 275 31.31 -55.03 -47.74
C ALA K 275 32.62 -55.08 -48.51
N TYR K 276 33.47 -54.08 -48.29
CA TYR K 276 34.74 -53.97 -48.99
C TYR K 276 35.85 -54.79 -48.37
N LYS K 277 35.77 -55.00 -47.06
CA LYS K 277 36.83 -55.63 -46.28
C LYS K 277 37.25 -57.00 -46.82
N ASN K 278 36.28 -57.82 -47.21
CA ASN K 278 36.57 -59.16 -47.69
C ASN K 278 37.13 -59.18 -49.11
#